data_6F2X
#
_entry.id   6F2X
#
_entity_poly.entity_id   1
_entity_poly.type   'polypeptide(L)'
_entity_poly.pdbx_seq_one_letter_code
;GESPQLVIFDLDGTLTDSARGIVSSFRHALNHIGAPVPEGDLATHIVGPPMHETLRAMGLGESAEEAIVAYRADYSARGW
AMNSLFDGIGPLLADLRTAGVRLAVATSKAEPTARRILRHFGIEQHFEVIAGASTDGSRGSKVDVLAHALAQLRPLPERL
VMVGDRSHDVDGAAAHGIDTVVVGWGYGRADFIDKTSTTVVTHAATIDELREALGV
;
_entity_poly.pdbx_strand_id   A
#
# COMPACT_ATOMS: atom_id res chain seq x y z
N GLY A 1 -16.18 4.17 20.67
CA GLY A 1 -15.74 2.95 19.97
C GLY A 1 -14.54 2.32 20.65
N GLU A 2 -14.45 1.00 20.58
CA GLU A 2 -13.38 0.28 21.22
C GLU A 2 -12.22 0.10 20.25
N SER A 3 -11.70 1.22 19.76
CA SER A 3 -10.61 1.22 18.80
C SER A 3 -9.26 0.98 19.51
N PRO A 4 -8.21 0.65 18.73
CA PRO A 4 -6.87 0.48 19.28
C PRO A 4 -6.23 1.83 19.61
N GLN A 5 -4.93 1.83 19.84
CA GLN A 5 -4.22 3.07 20.15
C GLN A 5 -3.58 3.63 18.89
N LEU A 6 -3.25 2.77 17.96
CA LEU A 6 -2.64 3.22 16.71
C LEU A 6 -2.94 2.22 15.60
N VAL A 7 -3.34 2.75 14.46
CA VAL A 7 -3.68 1.94 13.29
C VAL A 7 -2.74 2.27 12.14
N ILE A 8 -1.94 1.29 11.73
CA ILE A 8 -1.05 1.46 10.61
C ILE A 8 -1.74 1.03 9.32
N PHE A 9 -1.93 1.97 8.43
CA PHE A 9 -2.59 1.68 7.16
C PHE A 9 -1.58 1.55 6.04
N ASP A 10 -1.99 0.86 4.98
CA ASP A 10 -1.22 0.79 3.75
C ASP A 10 -1.44 2.09 2.97
N LEU A 11 -0.45 2.52 2.21
CA LEU A 11 -0.54 3.77 1.50
C LEU A 11 -0.39 3.58 -0.01
N ASP A 12 -0.18 2.34 -0.43
CA ASP A 12 0.05 2.07 -1.85
C ASP A 12 -1.25 1.72 -2.59
N GLY A 13 -1.97 0.73 -2.10
CA GLY A 13 -3.17 0.30 -2.80
C GLY A 13 -4.44 0.43 -1.97
N THR A 14 -4.28 0.48 -0.67
CA THR A 14 -5.42 0.54 0.23
C THR A 14 -5.84 1.99 0.49
N LEU A 15 -4.92 2.93 0.28
CA LEU A 15 -5.19 4.32 0.54
C LEU A 15 -5.66 5.06 -0.73
N THR A 16 -5.09 4.71 -1.87
CA THR A 16 -5.40 5.41 -3.10
C THR A 16 -5.47 4.45 -4.29
N ASP A 17 -6.10 4.91 -5.37
CA ASP A 17 -6.20 4.11 -6.58
C ASP A 17 -4.94 4.30 -7.41
N SER A 18 -3.89 3.59 -7.01
CA SER A 18 -2.64 3.68 -7.72
C SER A 18 -2.73 3.03 -9.10
N ALA A 19 -3.71 2.14 -9.26
CA ALA A 19 -3.90 1.41 -10.52
C ALA A 19 -3.84 2.33 -11.74
N ARG A 20 -4.68 3.36 -11.73
CA ARG A 20 -4.74 4.33 -12.83
C ARG A 20 -3.34 4.89 -13.14
N GLY A 21 -2.72 5.46 -12.14
CA GLY A 21 -1.40 6.04 -12.30
C GLY A 21 -0.33 5.05 -12.70
N ILE A 22 -0.36 3.87 -12.10
CA ILE A 22 0.63 2.86 -12.38
C ILE A 22 0.51 2.35 -13.81
N VAL A 23 -0.71 2.06 -14.25
CA VAL A 23 -0.94 1.60 -15.63
C VAL A 23 -0.39 2.62 -16.63
N SER A 24 -0.53 3.89 -16.31
CA SER A 24 -0.02 4.95 -17.17
C SER A 24 1.49 4.80 -17.40
N SER A 25 2.24 4.80 -16.30
CA SER A 25 3.68 4.67 -16.37
C SER A 25 4.10 3.27 -16.83
N PHE A 26 3.33 2.26 -16.43
CA PHE A 26 3.60 0.88 -16.82
C PHE A 26 3.57 0.73 -18.34
N ARG A 27 2.58 1.35 -18.97
CA ARG A 27 2.49 1.34 -20.41
C ARG A 27 3.71 2.00 -21.03
N HIS A 28 4.09 3.15 -20.48
CA HIS A 28 5.25 3.90 -20.99
C HIS A 28 6.54 3.10 -20.84
N ALA A 29 6.75 2.53 -19.67
CA ALA A 29 7.96 1.77 -19.38
C ALA A 29 8.18 0.64 -20.39
N LEU A 30 7.19 -0.23 -20.52
CA LEU A 30 7.28 -1.35 -21.43
C LEU A 30 7.39 -0.91 -22.89
N ASN A 31 6.65 0.13 -23.26
CA ASN A 31 6.68 0.61 -24.64
C ASN A 31 8.04 1.23 -24.97
N HIS A 32 8.68 1.80 -23.96
CA HIS A 32 10.00 2.42 -24.10
C HIS A 32 11.07 1.40 -24.45
N ILE A 33 10.90 0.18 -23.98
CA ILE A 33 11.89 -0.88 -24.23
C ILE A 33 11.48 -1.76 -25.41
N GLY A 34 10.42 -1.37 -26.11
CA GLY A 34 9.99 -2.12 -27.28
C GLY A 34 9.13 -3.32 -26.94
N ALA A 35 8.69 -3.39 -25.70
CA ALA A 35 7.87 -4.49 -25.25
C ALA A 35 6.39 -4.14 -25.35
N PRO A 36 5.53 -5.11 -25.66
CA PRO A 36 4.08 -4.90 -25.72
C PRO A 36 3.49 -4.65 -24.33
N VAL A 37 2.21 -4.31 -24.27
CA VAL A 37 1.55 -4.01 -23.01
C VAL A 37 0.10 -4.50 -23.05
N PRO A 38 -0.21 -5.51 -22.23
CA PRO A 38 -1.56 -6.05 -22.14
C PRO A 38 -2.46 -5.13 -21.31
N GLU A 39 -3.59 -4.71 -21.88
CA GLU A 39 -4.51 -3.83 -21.18
C GLU A 39 -5.69 -4.61 -20.59
N GLY A 40 -6.50 -3.94 -19.79
CA GLY A 40 -7.67 -4.58 -19.22
C GLY A 40 -7.46 -5.01 -17.78
N ASP A 41 -7.29 -6.31 -17.58
CA ASP A 41 -7.16 -6.89 -16.24
C ASP A 41 -5.79 -6.64 -15.63
N LEU A 42 -4.88 -6.11 -16.42
CA LEU A 42 -3.53 -5.84 -15.95
C LEU A 42 -3.54 -4.78 -14.86
N ALA A 43 -4.58 -3.94 -14.86
CA ALA A 43 -4.72 -2.89 -13.87
C ALA A 43 -4.76 -3.47 -12.46
N THR A 44 -5.69 -4.38 -12.22
CA THR A 44 -5.81 -5.02 -10.92
C THR A 44 -4.71 -6.06 -10.69
N HIS A 45 -4.27 -6.69 -11.77
CA HIS A 45 -3.27 -7.77 -11.66
C HIS A 45 -1.87 -7.24 -11.29
N ILE A 46 -1.65 -5.95 -11.43
CA ILE A 46 -0.37 -5.36 -11.03
C ILE A 46 -0.46 -4.80 -9.61
N VAL A 47 -1.67 -4.83 -9.05
CA VAL A 47 -1.88 -4.36 -7.69
C VAL A 47 -1.70 -5.52 -6.73
N GLY A 48 -0.71 -5.39 -5.86
CA GLY A 48 -0.43 -6.43 -4.90
C GLY A 48 1.07 -6.61 -4.67
N PRO A 49 1.80 -7.07 -5.69
CA PRO A 49 3.24 -7.24 -5.61
C PRO A 49 3.97 -5.93 -5.91
N PRO A 50 5.14 -5.70 -5.28
CA PRO A 50 5.94 -4.50 -5.52
C PRO A 50 6.26 -4.33 -7.00
N MET A 51 6.18 -3.10 -7.50
CA MET A 51 6.38 -2.83 -8.93
C MET A 51 7.71 -3.42 -9.42
N HIS A 52 8.73 -3.33 -8.58
CA HIS A 52 10.06 -3.86 -8.92
C HIS A 52 9.95 -5.34 -9.29
N GLU A 53 9.26 -6.10 -8.45
CA GLU A 53 9.11 -7.53 -8.67
C GLU A 53 8.04 -7.81 -9.72
N THR A 54 7.00 -6.99 -9.74
CA THR A 54 5.93 -7.13 -10.72
C THR A 54 6.48 -7.00 -12.14
N LEU A 55 7.35 -6.02 -12.35
CA LEU A 55 7.98 -5.82 -13.65
C LEU A 55 8.90 -7.00 -13.96
N ARG A 56 9.55 -7.52 -12.93
CA ARG A 56 10.43 -8.66 -13.06
C ARG A 56 9.60 -9.91 -13.38
N ALA A 57 8.35 -9.91 -12.93
CA ALA A 57 7.43 -11.01 -13.16
C ALA A 57 6.84 -10.96 -14.56
N MET A 58 6.87 -9.78 -15.15
CA MET A 58 6.35 -9.58 -16.49
C MET A 58 7.37 -10.04 -17.54
N GLY A 59 8.57 -10.39 -17.08
CA GLY A 59 9.59 -10.90 -17.97
C GLY A 59 10.85 -10.07 -17.99
N LEU A 60 10.86 -8.96 -17.25
CA LEU A 60 12.01 -8.08 -17.22
C LEU A 60 13.04 -8.53 -16.20
N GLY A 61 14.27 -8.71 -16.66
CA GLY A 61 15.35 -9.09 -15.77
C GLY A 61 16.63 -8.37 -16.12
N GLU A 62 16.91 -8.29 -17.42
CA GLU A 62 18.12 -7.64 -17.90
C GLU A 62 17.91 -6.13 -18.05
N SER A 63 16.87 -5.74 -18.78
CA SER A 63 16.57 -4.34 -18.99
C SER A 63 15.56 -3.84 -17.96
N ALA A 64 15.46 -4.57 -16.85
CA ALA A 64 14.53 -4.22 -15.78
C ALA A 64 14.86 -2.85 -15.19
N GLU A 65 16.15 -2.56 -15.05
CA GLU A 65 16.59 -1.30 -14.45
C GLU A 65 16.17 -0.11 -15.31
N GLU A 66 16.30 -0.27 -16.62
CA GLU A 66 15.92 0.76 -17.57
C GLU A 66 14.42 1.07 -17.48
N ALA A 67 13.62 0.01 -17.43
CA ALA A 67 12.18 0.18 -17.33
C ALA A 67 11.77 0.77 -15.98
N ILE A 68 12.47 0.36 -14.92
CA ILE A 68 12.21 0.88 -13.57
C ILE A 68 12.38 2.40 -13.52
N VAL A 69 13.52 2.90 -14.01
CA VAL A 69 13.78 4.34 -13.97
C VAL A 69 12.79 5.10 -14.85
N ALA A 70 12.36 4.47 -15.94
CA ALA A 70 11.37 5.05 -16.84
C ALA A 70 10.03 5.18 -16.13
N TYR A 71 9.65 4.12 -15.40
CA TYR A 71 8.42 4.12 -14.62
C TYR A 71 8.45 5.22 -13.57
N ARG A 72 9.56 5.32 -12.85
CA ARG A 72 9.73 6.31 -11.80
C ARG A 72 9.57 7.72 -12.35
N ALA A 73 10.26 8.00 -13.45
CA ALA A 73 10.20 9.32 -14.07
C ALA A 73 8.80 9.69 -14.52
N ASP A 74 8.14 8.75 -15.20
CA ASP A 74 6.79 8.99 -15.71
C ASP A 74 5.79 9.14 -14.57
N TYR A 75 5.97 8.32 -13.53
CA TYR A 75 5.10 8.37 -12.37
C TYR A 75 5.27 9.71 -11.65
N SER A 76 6.51 10.16 -11.56
CA SER A 76 6.81 11.43 -10.92
C SER A 76 6.38 12.60 -11.80
N ALA A 77 6.07 12.32 -13.06
CA ALA A 77 5.69 13.35 -14.00
C ALA A 77 4.18 13.44 -14.14
N ARG A 78 3.51 12.30 -14.25
CA ARG A 78 2.08 12.28 -14.46
C ARG A 78 1.35 11.35 -13.49
N GLY A 79 2.08 10.43 -12.87
CA GLY A 79 1.46 9.46 -11.97
C GLY A 79 0.80 10.08 -10.76
N TRP A 80 1.30 11.24 -10.34
CA TRP A 80 0.78 11.94 -9.17
C TRP A 80 -0.62 12.50 -9.43
N ALA A 81 -0.93 12.74 -10.70
CA ALA A 81 -2.23 13.31 -11.07
C ALA A 81 -3.20 12.22 -11.49
N MET A 82 -2.70 11.01 -11.62
CA MET A 82 -3.51 9.87 -12.00
C MET A 82 -3.92 9.07 -10.77
N ASN A 83 -4.39 9.76 -9.74
CA ASN A 83 -4.78 9.10 -8.50
C ASN A 83 -5.91 9.86 -7.81
N SER A 84 -6.54 9.22 -6.83
CA SER A 84 -7.67 9.81 -6.10
C SER A 84 -7.96 8.98 -4.85
N LEU A 85 -8.92 9.40 -4.04
CA LEU A 85 -9.26 8.65 -2.82
C LEU A 85 -10.68 8.90 -2.32
N PHE A 86 -11.38 9.87 -2.89
CA PHE A 86 -12.74 10.17 -2.47
C PHE A 86 -13.65 8.95 -2.57
N ASP A 87 -13.98 8.41 -1.39
CA ASP A 87 -14.85 7.25 -1.26
C ASP A 87 -15.12 7.04 0.24
N GLY A 88 -15.34 5.81 0.66
CA GLY A 88 -15.61 5.54 2.07
C GLY A 88 -14.40 5.79 2.95
N ILE A 89 -13.23 5.86 2.34
CA ILE A 89 -11.99 6.10 3.07
C ILE A 89 -12.00 7.46 3.75
N GLY A 90 -12.51 8.45 3.03
CA GLY A 90 -12.59 9.81 3.54
C GLY A 90 -13.30 9.89 4.88
N PRO A 91 -14.60 9.57 4.95
CA PRO A 91 -15.36 9.60 6.20
C PRO A 91 -14.79 8.62 7.23
N LEU A 92 -14.14 7.56 6.75
CA LEU A 92 -13.53 6.58 7.63
C LEU A 92 -12.45 7.24 8.48
N LEU A 93 -11.53 7.94 7.81
CA LEU A 93 -10.44 8.62 8.50
C LEU A 93 -10.99 9.62 9.50
N ALA A 94 -12.08 10.28 9.14
CA ALA A 94 -12.74 11.24 10.02
C ALA A 94 -13.33 10.55 11.25
N ASP A 95 -14.02 9.44 11.03
CA ASP A 95 -14.64 8.71 12.13
C ASP A 95 -13.58 8.12 13.06
N LEU A 96 -12.53 7.54 12.48
CA LEU A 96 -11.42 6.99 13.26
C LEU A 96 -10.83 8.08 14.17
N ARG A 97 -10.70 9.28 13.61
CA ARG A 97 -10.17 10.42 14.35
C ARG A 97 -11.11 10.77 15.51
N THR A 98 -12.40 10.63 15.26
CA THR A 98 -13.43 10.91 16.25
C THR A 98 -13.31 9.98 17.46
N ALA A 99 -12.94 8.73 17.20
CA ALA A 99 -12.82 7.74 18.26
C ALA A 99 -11.60 8.01 19.15
N GLY A 100 -10.68 8.81 18.65
CA GLY A 100 -9.52 9.17 19.44
C GLY A 100 -8.32 8.27 19.20
N VAL A 101 -8.39 7.46 18.14
CA VAL A 101 -7.30 6.56 17.81
C VAL A 101 -6.26 7.28 16.94
N ARG A 102 -4.99 6.97 17.15
CA ARG A 102 -3.92 7.56 16.36
C ARG A 102 -3.69 6.76 15.08
N LEU A 103 -3.63 7.44 13.95
CA LEU A 103 -3.46 6.79 12.66
C LEU A 103 -2.07 7.06 12.10
N ALA A 104 -1.55 6.10 11.35
CA ALA A 104 -0.25 6.22 10.70
C ALA A 104 -0.20 5.27 9.50
N VAL A 105 0.86 5.37 8.71
CA VAL A 105 0.99 4.54 7.52
C VAL A 105 2.42 4.02 7.39
N ALA A 106 2.56 2.76 6.99
CA ALA A 106 3.89 2.22 6.75
C ALA A 106 3.91 1.40 5.47
N THR A 107 3.91 2.13 4.37
CA THR A 107 4.00 1.60 3.01
C THR A 107 4.10 2.80 2.08
N SER A 108 5.02 2.80 1.13
CA SER A 108 5.15 3.94 0.25
C SER A 108 5.80 3.57 -1.07
N LYS A 109 5.36 4.23 -2.12
CA LYS A 109 5.98 4.11 -3.44
C LYS A 109 7.38 4.69 -3.33
N ALA A 110 7.46 5.73 -2.51
CA ALA A 110 8.69 6.44 -2.18
C ALA A 110 8.34 7.50 -1.14
N GLU A 111 8.98 7.46 0.02
CA GLU A 111 8.67 8.39 1.11
C GLU A 111 8.61 9.86 0.65
N PRO A 112 9.63 10.39 -0.05
CA PRO A 112 9.61 11.78 -0.53
C PRO A 112 8.38 12.06 -1.40
N THR A 113 8.03 11.11 -2.24
CA THR A 113 6.88 11.24 -3.11
C THR A 113 5.58 11.15 -2.29
N ALA A 114 5.58 10.26 -1.30
CA ALA A 114 4.42 10.09 -0.42
C ALA A 114 4.15 11.38 0.33
N ARG A 115 5.20 12.04 0.79
CA ARG A 115 5.10 13.30 1.49
C ARG A 115 4.37 14.32 0.61
N ARG A 116 4.75 14.37 -0.65
CA ARG A 116 4.14 15.27 -1.61
C ARG A 116 2.69 14.90 -1.91
N ILE A 117 2.44 13.62 -2.17
CA ILE A 117 1.10 13.14 -2.50
C ILE A 117 0.11 13.38 -1.36
N LEU A 118 0.47 12.94 -0.16
CA LEU A 118 -0.40 13.10 1.00
C LEU A 118 -0.63 14.57 1.34
N ARG A 119 0.37 15.40 1.05
CA ARG A 119 0.26 16.83 1.27
C ARG A 119 -0.71 17.43 0.26
N HIS A 120 -0.64 16.92 -0.97
CA HIS A 120 -1.51 17.37 -2.06
C HIS A 120 -2.98 17.11 -1.71
N PHE A 121 -3.27 15.92 -1.20
CA PHE A 121 -4.62 15.55 -0.83
C PHE A 121 -5.04 16.24 0.46
N GLY A 122 -4.06 16.55 1.30
CA GLY A 122 -4.34 17.25 2.55
C GLY A 122 -4.63 16.31 3.70
N ILE A 123 -4.15 15.08 3.60
CA ILE A 123 -4.35 14.11 4.66
C ILE A 123 -3.04 13.75 5.34
N GLU A 124 -1.98 14.44 4.94
CA GLU A 124 -0.63 14.20 5.47
C GLU A 124 -0.59 14.41 6.98
N GLN A 125 -0.99 15.60 7.42
CA GLN A 125 -0.96 15.94 8.85
C GLN A 125 -2.04 15.17 9.62
N HIS A 126 -2.87 14.45 8.89
CA HIS A 126 -3.94 13.67 9.50
C HIS A 126 -3.41 12.34 10.02
N PHE A 127 -2.14 12.09 9.71
CA PHE A 127 -1.46 10.88 10.18
C PHE A 127 -0.26 11.26 11.04
N GLU A 128 0.04 10.42 12.02
CA GLU A 128 1.15 10.67 12.93
C GLU A 128 2.50 10.48 12.22
N VAL A 129 2.68 9.32 11.63
CA VAL A 129 3.94 9.03 10.97
C VAL A 129 3.71 8.46 9.57
N ILE A 130 4.39 9.03 8.60
CA ILE A 130 4.30 8.55 7.23
C ILE A 130 5.60 7.85 6.86
N ALA A 131 5.52 6.55 6.60
CA ALA A 131 6.71 5.78 6.24
C ALA A 131 6.36 4.71 5.24
N GLY A 132 7.37 4.09 4.63
CA GLY A 132 7.11 3.01 3.70
C GLY A 132 8.33 2.58 2.93
N ALA A 133 9.05 3.53 2.36
CA ALA A 133 10.22 3.23 1.56
C ALA A 133 11.17 4.40 1.52
N SER A 134 12.23 4.31 2.31
CA SER A 134 13.23 5.37 2.36
C SER A 134 14.13 5.28 1.14
N THR A 135 14.59 4.07 0.86
CA THR A 135 15.47 3.82 -0.28
C THR A 135 15.24 2.41 -0.82
N ASP A 136 15.56 2.21 -2.09
CA ASP A 136 15.44 0.89 -2.71
C ASP A 136 16.76 0.17 -2.61
N GLY A 137 16.90 -0.66 -1.59
CA GLY A 137 18.14 -1.37 -1.36
C GLY A 137 17.97 -2.86 -1.38
N SER A 138 18.88 -3.56 -0.73
CA SER A 138 18.85 -5.01 -0.69
C SER A 138 18.52 -5.51 0.71
N ARG A 139 18.61 -6.84 0.90
CA ARG A 139 18.31 -7.49 2.18
C ARG A 139 16.81 -7.47 2.47
N GLY A 140 16.42 -8.03 3.61
CA GLY A 140 15.02 -8.09 3.97
C GLY A 140 14.59 -6.94 4.85
N SER A 141 14.46 -5.77 4.25
CA SER A 141 14.04 -4.57 4.98
C SER A 141 12.51 -4.51 5.06
N LYS A 142 11.89 -5.68 5.05
CA LYS A 142 10.44 -5.82 5.07
C LYS A 142 9.84 -5.53 6.44
N VAL A 143 10.64 -5.65 7.49
CA VAL A 143 10.16 -5.41 8.85
C VAL A 143 10.55 -4.01 9.33
N ASP A 144 11.67 -3.51 8.83
CA ASP A 144 12.19 -2.22 9.24
C ASP A 144 11.19 -1.09 9.06
N VAL A 145 10.41 -1.15 7.98
CA VAL A 145 9.39 -0.14 7.71
C VAL A 145 8.52 0.14 8.94
N LEU A 146 7.87 -0.90 9.44
CA LEU A 146 6.99 -0.77 10.60
C LEU A 146 7.80 -0.54 11.87
N ALA A 147 8.94 -1.23 11.96
CA ALA A 147 9.83 -1.14 13.12
C ALA A 147 10.32 0.29 13.35
N HIS A 148 10.85 0.91 12.30
CA HIS A 148 11.39 2.25 12.40
C HIS A 148 10.27 3.25 12.67
N ALA A 149 9.13 3.03 12.04
CA ALA A 149 7.96 3.90 12.23
C ALA A 149 7.53 3.89 13.69
N LEU A 150 7.60 2.73 14.32
CA LEU A 150 7.20 2.57 15.71
C LEU A 150 8.16 3.29 16.65
N ALA A 151 9.46 3.23 16.34
CA ALA A 151 10.46 3.88 17.17
C ALA A 151 10.33 5.39 17.07
N GLN A 152 9.71 5.87 16.01
CA GLN A 152 9.48 7.29 15.85
C GLN A 152 8.22 7.74 16.61
N LEU A 153 7.19 6.90 16.59
CA LEU A 153 5.93 7.22 17.25
C LEU A 153 5.95 6.80 18.72
N ARG A 154 7.12 6.47 19.25
CA ARG A 154 7.24 6.04 20.64
C ARG A 154 6.81 7.15 21.61
N PRO A 155 6.48 6.77 22.86
CA PRO A 155 6.54 5.37 23.32
C PRO A 155 5.54 4.47 22.61
N LEU A 156 5.74 3.17 22.71
CA LEU A 156 4.91 2.20 22.02
C LEU A 156 3.61 1.94 22.78
N PRO A 157 2.47 2.19 22.11
CA PRO A 157 1.15 2.00 22.71
C PRO A 157 0.77 0.53 22.88
N GLU A 158 -0.23 0.27 23.71
CA GLU A 158 -0.67 -1.07 24.02
C GLU A 158 -1.37 -1.74 22.82
N ARG A 159 -2.25 -1.01 22.16
CA ARG A 159 -3.03 -1.56 21.05
C ARG A 159 -2.51 -1.07 19.70
N LEU A 160 -2.09 -2.01 18.87
CA LEU A 160 -1.59 -1.71 17.53
C LEU A 160 -2.23 -2.65 16.52
N VAL A 161 -2.53 -2.13 15.34
CA VAL A 161 -3.12 -2.96 14.29
C VAL A 161 -2.78 -2.40 12.91
N MET A 162 -2.63 -3.29 11.93
CA MET A 162 -2.36 -2.86 10.57
C MET A 162 -3.54 -3.16 9.67
N VAL A 163 -3.65 -2.41 8.60
CA VAL A 163 -4.68 -2.61 7.61
C VAL A 163 -4.05 -2.62 6.23
N GLY A 164 -4.05 -3.79 5.60
CA GLY A 164 -3.43 -3.93 4.30
C GLY A 164 -4.27 -4.74 3.34
N ASP A 165 -3.61 -5.34 2.37
CA ASP A 165 -4.28 -6.13 1.34
C ASP A 165 -3.35 -7.24 0.81
N ARG A 166 -2.08 -7.19 1.20
CA ARG A 166 -1.12 -8.13 0.66
C ARG A 166 -0.40 -8.92 1.76
N SER A 167 0.23 -10.00 1.35
CA SER A 167 0.99 -10.85 2.27
C SER A 167 2.22 -10.12 2.82
N HIS A 168 2.57 -8.99 2.20
CA HIS A 168 3.72 -8.22 2.63
C HIS A 168 3.44 -7.53 3.95
N ASP A 169 2.26 -6.92 4.07
CA ASP A 169 1.89 -6.17 5.26
C ASP A 169 1.44 -7.11 6.38
N VAL A 170 0.71 -8.15 6.03
CA VAL A 170 0.21 -9.11 7.02
C VAL A 170 1.36 -9.86 7.71
N ASP A 171 2.41 -10.16 6.94
CA ASP A 171 3.56 -10.88 7.49
C ASP A 171 4.42 -9.97 8.33
N GLY A 172 4.63 -8.74 7.85
CA GLY A 172 5.45 -7.77 8.58
C GLY A 172 4.85 -7.43 9.93
N ALA A 173 3.55 -7.14 9.94
CA ALA A 173 2.86 -6.80 11.17
C ALA A 173 2.91 -7.94 12.15
N ALA A 174 2.68 -9.16 11.64
CA ALA A 174 2.70 -10.36 12.48
C ALA A 174 4.12 -10.65 12.96
N ALA A 175 5.12 -10.27 12.17
CA ALA A 175 6.52 -10.48 12.53
C ALA A 175 6.89 -9.70 13.79
N HIS A 176 6.28 -8.53 13.99
CA HIS A 176 6.55 -7.74 15.18
C HIS A 176 5.52 -8.04 16.27
N GLY A 177 4.56 -8.89 15.93
CA GLY A 177 3.53 -9.26 16.87
C GLY A 177 2.38 -8.28 16.89
N ILE A 178 2.07 -7.72 15.73
CA ILE A 178 0.99 -6.78 15.59
C ILE A 178 -0.11 -7.37 14.72
N ASP A 179 -1.32 -7.34 15.24
CA ASP A 179 -2.46 -7.88 14.52
C ASP A 179 -2.79 -7.02 13.31
N THR A 180 -3.41 -7.62 12.31
CA THR A 180 -3.70 -6.92 11.08
C THR A 180 -4.99 -7.40 10.44
N VAL A 181 -5.59 -6.54 9.63
CA VAL A 181 -6.82 -6.86 8.93
C VAL A 181 -6.63 -6.53 7.45
N VAL A 182 -6.73 -7.53 6.59
CA VAL A 182 -6.55 -7.32 5.17
C VAL A 182 -7.89 -7.05 4.49
N VAL A 183 -7.88 -6.14 3.54
CA VAL A 183 -9.08 -5.78 2.81
C VAL A 183 -9.14 -6.54 1.50
N GLY A 184 -10.13 -6.19 0.70
CA GLY A 184 -10.26 -6.78 -0.62
C GLY A 184 -10.40 -5.70 -1.66
N TRP A 185 -9.39 -4.84 -1.73
CA TRP A 185 -9.41 -3.71 -2.65
C TRP A 185 -9.12 -4.14 -4.08
N GLY A 186 -8.23 -5.13 -4.25
CA GLY A 186 -7.87 -5.56 -5.57
C GLY A 186 -7.72 -7.07 -5.68
N TYR A 187 -7.25 -7.53 -6.83
CA TYR A 187 -7.02 -8.94 -7.07
C TYR A 187 -5.77 -9.09 -7.93
N GLY A 188 -4.65 -9.41 -7.28
CA GLY A 188 -3.39 -9.52 -7.98
C GLY A 188 -3.16 -10.89 -8.59
N ARG A 189 -1.89 -11.23 -8.79
CA ARG A 189 -1.54 -12.52 -9.38
C ARG A 189 -0.55 -13.27 -8.48
N ALA A 190 0.34 -12.53 -7.84
CA ALA A 190 1.34 -13.12 -6.95
C ALA A 190 0.79 -13.35 -5.55
N ASP A 191 -0.48 -13.71 -5.47
CA ASP A 191 -1.12 -13.95 -4.17
C ASP A 191 -0.62 -15.23 -3.52
N PHE A 192 -0.52 -16.29 -4.32
CA PHE A 192 -0.13 -17.60 -3.82
C PHE A 192 1.38 -17.72 -3.68
N ILE A 193 1.83 -17.94 -2.46
CA ILE A 193 3.25 -18.14 -2.18
C ILE A 193 3.50 -19.57 -1.77
N ASP A 194 4.77 -19.97 -1.72
CA ASP A 194 5.15 -21.32 -1.34
C ASP A 194 5.33 -21.41 0.17
N LYS A 195 5.85 -20.33 0.75
CA LYS A 195 6.08 -20.28 2.19
C LYS A 195 4.96 -19.51 2.88
N THR A 196 3.95 -20.23 3.33
CA THR A 196 2.81 -19.62 3.98
C THR A 196 2.72 -20.05 5.45
N SER A 197 3.24 -19.21 6.33
CA SER A 197 3.18 -19.49 7.76
C SER A 197 1.93 -18.88 8.39
N THR A 198 1.59 -17.67 7.93
CA THR A 198 0.43 -16.96 8.42
C THR A 198 -0.78 -17.17 7.50
N THR A 199 -1.68 -18.03 7.92
CA THR A 199 -2.87 -18.33 7.13
C THR A 199 -4.11 -17.60 7.66
N VAL A 200 -4.11 -17.31 8.96
CA VAL A 200 -5.26 -16.66 9.59
C VAL A 200 -5.16 -15.15 9.55
N VAL A 201 -6.24 -14.50 9.15
CA VAL A 201 -6.32 -13.05 9.06
C VAL A 201 -7.74 -12.62 8.68
N THR A 202 -8.22 -11.53 9.26
CA THR A 202 -9.55 -11.02 8.96
C THR A 202 -9.56 -10.32 7.60
N HIS A 203 -10.63 -10.50 6.85
CA HIS A 203 -10.74 -9.90 5.51
C HIS A 203 -11.94 -8.98 5.41
N ALA A 204 -11.68 -7.73 5.09
CA ALA A 204 -12.73 -6.74 4.93
C ALA A 204 -13.03 -6.50 3.45
N ALA A 205 -14.25 -6.82 3.04
CA ALA A 205 -14.66 -6.63 1.66
C ALA A 205 -14.90 -5.15 1.35
N THR A 206 -15.83 -4.54 2.08
CA THR A 206 -16.15 -3.14 1.87
C THR A 206 -15.53 -2.27 2.97
N ILE A 207 -15.74 -0.96 2.88
CA ILE A 207 -15.15 0.00 3.80
C ILE A 207 -15.84 -0.07 5.17
N ASP A 208 -17.12 -0.41 5.18
CA ASP A 208 -17.87 -0.50 6.42
C ASP A 208 -17.38 -1.65 7.31
N GLU A 209 -16.77 -2.65 6.70
CA GLU A 209 -16.22 -3.77 7.44
C GLU A 209 -14.98 -3.33 8.21
N LEU A 210 -14.26 -2.38 7.64
CA LEU A 210 -13.09 -1.81 8.27
C LEU A 210 -13.44 -1.11 9.57
N ARG A 211 -14.39 -0.17 9.49
CA ARG A 211 -14.80 0.60 10.67
C ARG A 211 -15.27 -0.30 11.81
N GLU A 212 -16.09 -1.31 11.51
CA GLU A 212 -16.60 -2.19 12.54
C GLU A 212 -15.49 -3.10 13.07
N ALA A 213 -14.55 -3.48 12.20
CA ALA A 213 -13.44 -4.32 12.62
C ALA A 213 -12.50 -3.55 13.55
N LEU A 214 -12.22 -2.30 13.20
CA LEU A 214 -11.34 -1.45 14.00
C LEU A 214 -12.03 -1.05 15.30
N GLY A 215 -13.36 -1.04 15.26
CA GLY A 215 -14.12 -0.72 16.44
C GLY A 215 -14.27 0.76 16.66
N VAL A 216 -14.58 1.48 15.60
CA VAL A 216 -14.77 2.92 15.69
C VAL A 216 -16.25 3.24 15.93
N GLY A 1 -17.48 0.97 19.44
CA GLY A 1 -16.60 -0.19 19.20
C GLY A 1 -15.33 -0.10 20.01
N GLU A 2 -14.53 -1.16 19.98
CA GLU A 2 -13.28 -1.22 20.71
C GLU A 2 -12.12 -0.82 19.80
N SER A 3 -11.77 0.45 19.82
CA SER A 3 -10.70 0.96 18.98
C SER A 3 -9.34 0.74 19.65
N PRO A 4 -8.30 0.43 18.84
CA PRO A 4 -6.95 0.23 19.35
C PRO A 4 -6.26 1.57 19.66
N GLN A 5 -4.95 1.53 19.78
CA GLN A 5 -4.19 2.74 20.06
C GLN A 5 -3.65 3.38 18.79
N LEU A 6 -3.26 2.55 17.83
CA LEU A 6 -2.72 3.07 16.59
C LEU A 6 -2.95 2.09 15.43
N VAL A 7 -3.27 2.64 14.26
CA VAL A 7 -3.53 1.85 13.07
C VAL A 7 -2.67 2.32 11.90
N ILE A 8 -1.89 1.42 11.32
CA ILE A 8 -1.06 1.76 10.17
C ILE A 8 -1.73 1.29 8.88
N PHE A 9 -1.81 2.19 7.92
CA PHE A 9 -2.36 1.87 6.60
C PHE A 9 -1.23 1.92 5.57
N ASP A 10 -1.26 0.99 4.62
CA ASP A 10 -0.27 1.02 3.54
C ASP A 10 -0.71 2.02 2.47
N LEU A 11 0.21 2.86 2.03
CA LEU A 11 -0.10 3.86 1.03
C LEU A 11 -0.18 3.20 -0.35
N ASP A 12 -1.36 2.66 -0.65
CA ASP A 12 -1.60 2.00 -1.92
C ASP A 12 -3.11 1.97 -2.20
N GLY A 13 -3.53 1.00 -3.00
CA GLY A 13 -4.91 0.87 -3.40
C GLY A 13 -5.86 0.54 -2.28
N THR A 14 -5.34 0.32 -1.08
CA THR A 14 -6.17 0.04 0.08
C THR A 14 -6.73 1.34 0.66
N LEU A 15 -6.02 2.44 0.40
CA LEU A 15 -6.45 3.73 0.90
C LEU A 15 -6.89 4.63 -0.24
N THR A 16 -5.95 4.99 -1.11
CA THR A 16 -6.21 5.87 -2.23
C THR A 16 -6.15 5.11 -3.56
N ASP A 17 -6.79 5.63 -4.59
CA ASP A 17 -6.71 5.02 -5.91
C ASP A 17 -5.43 5.46 -6.59
N SER A 18 -4.73 4.52 -7.19
CA SER A 18 -3.50 4.83 -7.87
C SER A 18 -3.36 3.98 -9.13
N ALA A 19 -4.39 3.18 -9.42
CA ALA A 19 -4.42 2.36 -10.64
C ALA A 19 -4.10 3.22 -11.85
N ARG A 20 -4.63 4.44 -11.86
CA ARG A 20 -4.35 5.40 -12.92
C ARG A 20 -2.86 5.57 -13.14
N GLY A 21 -2.13 5.80 -12.05
CA GLY A 21 -0.69 5.98 -12.14
C GLY A 21 0.03 4.70 -12.49
N ILE A 22 -0.50 3.59 -12.02
CA ILE A 22 0.08 2.29 -12.28
C ILE A 22 -0.08 1.90 -13.74
N VAL A 23 -1.32 1.96 -14.22
CA VAL A 23 -1.64 1.59 -15.59
C VAL A 23 -0.85 2.42 -16.60
N SER A 24 -0.77 3.72 -16.33
CA SER A 24 -0.03 4.64 -17.19
C SER A 24 1.45 4.26 -17.27
N SER A 25 2.06 4.10 -16.10
CA SER A 25 3.48 3.75 -16.02
C SER A 25 3.74 2.37 -16.63
N PHE A 26 2.83 1.43 -16.37
CA PHE A 26 2.93 0.08 -16.91
C PHE A 26 3.00 0.09 -18.43
N ARG A 27 2.12 0.86 -19.05
CA ARG A 27 2.06 0.96 -20.50
C ARG A 27 3.37 1.54 -21.06
N HIS A 28 3.83 2.63 -20.46
CA HIS A 28 5.03 3.30 -20.92
C HIS A 28 6.26 2.40 -20.74
N ALA A 29 6.31 1.68 -19.62
CA ALA A 29 7.43 0.77 -19.34
C ALA A 29 7.56 -0.31 -20.42
N LEU A 30 6.50 -1.10 -20.60
CA LEU A 30 6.50 -2.16 -21.59
C LEU A 30 6.73 -1.61 -23.01
N ASN A 31 6.27 -0.39 -23.25
CA ASN A 31 6.44 0.24 -24.54
C ASN A 31 7.90 0.62 -24.77
N HIS A 32 8.56 1.09 -23.70
CA HIS A 32 9.96 1.51 -23.78
C HIS A 32 10.88 0.34 -24.07
N ILE A 33 10.49 -0.85 -23.64
CA ILE A 33 11.35 -2.03 -23.83
C ILE A 33 10.98 -2.79 -25.11
N GLY A 34 9.89 -2.38 -25.75
CA GLY A 34 9.47 -3.06 -26.96
C GLY A 34 8.93 -4.45 -26.68
N ALA A 35 8.00 -4.52 -25.73
CA ALA A 35 7.40 -5.79 -25.36
C ALA A 35 5.89 -5.74 -25.54
N PRO A 36 5.23 -6.89 -25.72
CA PRO A 36 3.78 -6.96 -25.86
C PRO A 36 3.08 -6.35 -24.65
N VAL A 37 2.01 -5.62 -24.87
CA VAL A 37 1.31 -4.96 -23.79
C VAL A 37 -0.15 -4.77 -24.13
N PRO A 38 -1.02 -5.51 -23.44
CA PRO A 38 -2.46 -5.40 -23.64
C PRO A 38 -2.97 -4.05 -23.14
N GLU A 39 -3.59 -3.31 -24.03
CA GLU A 39 -4.05 -1.95 -23.72
C GLU A 39 -5.52 -1.94 -23.32
N GLY A 40 -5.96 -3.04 -22.73
CA GLY A 40 -7.34 -3.15 -22.29
C GLY A 40 -7.50 -2.84 -20.81
N ASP A 41 -8.44 -3.52 -20.16
CA ASP A 41 -8.69 -3.30 -18.73
C ASP A 41 -7.68 -4.04 -17.88
N LEU A 42 -6.42 -3.65 -18.00
CA LEU A 42 -5.34 -4.28 -17.26
C LEU A 42 -5.29 -3.80 -15.82
N ALA A 43 -6.10 -2.80 -15.50
CA ALA A 43 -6.12 -2.23 -14.16
C ALA A 43 -6.43 -3.30 -13.12
N THR A 44 -7.49 -4.06 -13.35
CA THR A 44 -7.91 -5.10 -12.42
C THR A 44 -6.96 -6.31 -12.46
N HIS A 45 -6.24 -6.47 -13.56
CA HIS A 45 -5.34 -7.61 -13.71
C HIS A 45 -4.01 -7.39 -12.98
N ILE A 46 -3.64 -6.14 -12.78
CA ILE A 46 -2.36 -5.81 -12.15
C ILE A 46 -2.52 -5.43 -10.69
N VAL A 47 -3.74 -5.18 -10.25
CA VAL A 47 -3.98 -4.82 -8.86
C VAL A 47 -4.10 -6.07 -7.99
N GLY A 48 -3.12 -6.26 -7.14
CA GLY A 48 -3.09 -7.43 -6.26
C GLY A 48 -1.66 -7.80 -5.90
N PRO A 49 -0.92 -8.41 -6.83
CA PRO A 49 0.48 -8.76 -6.63
C PRO A 49 1.39 -7.57 -6.92
N PRO A 50 2.54 -7.47 -6.22
CA PRO A 50 3.50 -6.39 -6.45
C PRO A 50 3.97 -6.36 -7.90
N MET A 51 4.33 -5.17 -8.36
CA MET A 51 4.70 -4.98 -9.76
C MET A 51 5.99 -5.70 -10.14
N HIS A 52 6.66 -6.31 -9.17
CA HIS A 52 7.84 -7.11 -9.46
C HIS A 52 7.41 -8.47 -9.97
N GLU A 53 6.54 -9.11 -9.21
CA GLU A 53 6.02 -10.42 -9.59
C GLU A 53 5.02 -10.27 -10.73
N THR A 54 4.24 -9.20 -10.70
CA THR A 54 3.25 -8.93 -11.74
C THR A 54 3.94 -8.71 -13.09
N LEU A 55 5.05 -8.00 -13.10
CA LEU A 55 5.79 -7.74 -14.34
C LEU A 55 6.32 -9.04 -14.92
N ARG A 56 6.77 -9.93 -14.03
CA ARG A 56 7.28 -11.23 -14.46
C ARG A 56 6.13 -12.14 -14.90
N ALA A 57 4.95 -11.88 -14.35
CA ALA A 57 3.77 -12.68 -14.65
C ALA A 57 3.19 -12.32 -16.01
N MET A 58 3.50 -11.12 -16.47
CA MET A 58 3.01 -10.64 -17.76
C MET A 58 3.83 -11.21 -18.90
N GLY A 59 4.89 -11.94 -18.56
CA GLY A 59 5.73 -12.55 -19.57
C GLY A 59 7.01 -11.80 -19.81
N LEU A 60 7.66 -11.39 -18.73
CA LEU A 60 8.91 -10.65 -18.83
C LEU A 60 9.81 -10.94 -17.64
N GLY A 61 10.99 -11.46 -17.91
CA GLY A 61 11.93 -11.73 -16.84
C GLY A 61 13.33 -11.27 -17.20
N GLU A 62 13.51 -10.91 -18.46
CA GLU A 62 14.81 -10.47 -18.94
C GLU A 62 14.95 -8.97 -18.82
N SER A 63 14.05 -8.24 -19.47
CA SER A 63 14.08 -6.78 -19.46
C SER A 63 13.23 -6.23 -18.32
N ALA A 64 12.98 -7.07 -17.32
CA ALA A 64 12.17 -6.67 -16.17
C ALA A 64 12.83 -5.52 -15.41
N GLU A 65 14.16 -5.52 -15.41
CA GLU A 65 14.92 -4.49 -14.71
C GLU A 65 14.72 -3.13 -15.37
N GLU A 66 14.72 -3.14 -16.70
CA GLU A 66 14.52 -1.94 -17.49
C GLU A 66 13.09 -1.42 -17.32
N ALA A 67 12.15 -2.33 -17.34
CA ALA A 67 10.74 -1.98 -17.22
C ALA A 67 10.42 -1.43 -15.82
N ILE A 68 10.91 -2.10 -14.78
CA ILE A 68 10.62 -1.69 -13.41
C ILE A 68 11.20 -0.30 -13.08
N VAL A 69 12.39 0.00 -13.62
CA VAL A 69 13.01 1.28 -13.34
C VAL A 69 12.30 2.39 -14.11
N ALA A 70 11.82 2.08 -15.30
CA ALA A 70 11.08 3.03 -16.11
C ALA A 70 9.72 3.30 -15.47
N TYR A 71 9.11 2.23 -14.96
CA TYR A 71 7.84 2.31 -14.26
C TYR A 71 7.94 3.26 -13.08
N ARG A 72 9.02 3.12 -12.31
CA ARG A 72 9.26 3.97 -11.16
C ARG A 72 9.47 5.41 -11.58
N ALA A 73 10.24 5.59 -12.65
CA ALA A 73 10.55 6.92 -13.17
C ALA A 73 9.27 7.63 -13.61
N ASP A 74 8.41 6.92 -14.33
CA ASP A 74 7.14 7.46 -14.79
C ASP A 74 6.23 7.75 -13.61
N TYR A 75 6.24 6.84 -12.64
CA TYR A 75 5.45 6.98 -11.43
C TYR A 75 5.84 8.27 -10.70
N SER A 76 7.12 8.45 -10.52
CA SER A 76 7.65 9.61 -9.81
C SER A 76 7.60 10.88 -10.66
N ALA A 77 7.35 10.73 -11.96
CA ALA A 77 7.34 11.89 -12.86
C ALA A 77 5.92 12.34 -13.21
N ARG A 78 5.08 11.41 -13.62
CA ARG A 78 3.71 11.74 -14.02
C ARG A 78 2.69 10.95 -13.20
N GLY A 79 3.10 9.77 -12.73
CA GLY A 79 2.21 8.91 -11.97
C GLY A 79 1.79 9.50 -10.64
N TRP A 80 2.59 10.42 -10.10
CA TRP A 80 2.29 11.03 -8.81
C TRP A 80 1.08 11.95 -8.92
N ALA A 81 0.74 12.34 -10.14
CA ALA A 81 -0.39 13.22 -10.36
C ALA A 81 -1.66 12.40 -10.61
N MET A 82 -1.47 11.10 -10.79
CA MET A 82 -2.59 10.20 -11.04
C MET A 82 -3.05 9.54 -9.75
N ASN A 83 -3.81 10.29 -8.96
CA ASN A 83 -4.34 9.80 -7.69
C ASN A 83 -5.60 10.57 -7.34
N SER A 84 -6.53 9.90 -6.66
CA SER A 84 -7.78 10.51 -6.25
C SER A 84 -8.42 9.69 -5.13
N LEU A 85 -8.87 10.38 -4.09
CA LEU A 85 -9.58 9.74 -2.99
C LEU A 85 -11.04 9.53 -3.37
N PHE A 86 -11.79 8.90 -2.48
CA PHE A 86 -13.19 8.63 -2.75
C PHE A 86 -13.97 8.54 -1.45
N ASP A 87 -15.29 8.47 -1.57
CA ASP A 87 -16.16 8.40 -0.42
C ASP A 87 -15.99 7.09 0.32
N GLY A 88 -15.91 7.18 1.62
CA GLY A 88 -15.65 6.02 2.44
C GLY A 88 -14.39 6.22 3.26
N ILE A 89 -13.28 6.46 2.58
CA ILE A 89 -12.01 6.73 3.22
C ILE A 89 -12.08 8.00 4.08
N GLY A 90 -12.74 9.02 3.52
CA GLY A 90 -12.90 10.28 4.23
C GLY A 90 -13.53 10.10 5.62
N PRO A 91 -14.78 9.61 5.70
CA PRO A 91 -15.44 9.35 6.97
C PRO A 91 -14.70 8.31 7.81
N LEU A 92 -13.97 7.42 7.15
CA LEU A 92 -13.20 6.39 7.84
C LEU A 92 -12.21 7.04 8.80
N LEU A 93 -11.35 7.89 8.26
CA LEU A 93 -10.34 8.57 9.04
C LEU A 93 -10.98 9.51 10.06
N ALA A 94 -12.15 10.05 9.70
CA ALA A 94 -12.89 10.94 10.60
C ALA A 94 -13.41 10.17 11.81
N ASP A 95 -14.06 9.04 11.55
CA ASP A 95 -14.56 8.18 12.61
C ASP A 95 -13.41 7.76 13.53
N LEU A 96 -12.33 7.32 12.91
CA LEU A 96 -11.14 6.86 13.63
C LEU A 96 -10.58 7.95 14.55
N ARG A 97 -10.36 9.14 13.99
CA ARG A 97 -9.79 10.24 14.76
C ARG A 97 -10.72 10.61 15.91
N THR A 98 -12.02 10.58 15.64
CA THR A 98 -13.02 10.89 16.66
C THR A 98 -12.98 9.88 17.81
N ALA A 99 -12.78 8.61 17.47
CA ALA A 99 -12.75 7.54 18.48
C ALA A 99 -11.51 7.64 19.36
N GLY A 100 -10.52 8.40 18.89
CA GLY A 100 -9.32 8.61 19.67
C GLY A 100 -8.17 7.75 19.22
N VAL A 101 -8.42 6.90 18.25
CA VAL A 101 -7.37 6.01 17.75
C VAL A 101 -6.47 6.78 16.79
N ARG A 102 -5.16 6.67 17.02
CA ARG A 102 -4.20 7.38 16.21
C ARG A 102 -3.95 6.64 14.91
N LEU A 103 -3.94 7.35 13.80
CA LEU A 103 -3.71 6.72 12.51
C LEU A 103 -2.31 7.05 12.01
N ALA A 104 -1.72 6.11 11.29
CA ALA A 104 -0.41 6.31 10.72
C ALA A 104 -0.38 5.69 9.33
N VAL A 105 0.55 6.12 8.50
CA VAL A 105 0.61 5.61 7.15
C VAL A 105 2.03 5.25 6.75
N ALA A 106 2.20 4.00 6.35
CA ALA A 106 3.48 3.52 5.88
C ALA A 106 3.45 3.47 4.36
N THR A 107 4.33 4.23 3.73
CA THR A 107 4.35 4.27 2.29
C THR A 107 5.34 3.25 1.73
N SER A 108 4.82 2.33 0.95
CA SER A 108 5.62 1.30 0.32
C SER A 108 6.30 1.83 -0.94
N LYS A 109 6.27 3.15 -1.08
CA LYS A 109 6.87 3.81 -2.23
C LYS A 109 8.09 4.63 -1.80
N ALA A 110 7.82 5.80 -1.22
CA ALA A 110 8.87 6.70 -0.73
C ALA A 110 8.23 7.87 0.00
N GLU A 111 8.97 8.46 0.94
CA GLU A 111 8.48 9.62 1.68
C GLU A 111 8.11 10.75 0.72
N PRO A 112 9.02 11.15 -0.20
CA PRO A 112 8.75 12.25 -1.14
C PRO A 112 7.48 11.99 -1.94
N THR A 113 7.34 10.76 -2.44
CA THR A 113 6.18 10.38 -3.24
C THR A 113 4.90 10.51 -2.43
N ALA A 114 4.90 9.91 -1.24
CA ALA A 114 3.73 9.94 -0.38
C ALA A 114 3.41 11.34 0.10
N ARG A 115 4.46 12.14 0.34
CA ARG A 115 4.28 13.49 0.82
C ARG A 115 3.58 14.35 -0.23
N ARG A 116 3.81 14.04 -1.51
CA ARG A 116 3.17 14.77 -2.60
C ARG A 116 1.69 14.39 -2.66
N ILE A 117 1.43 13.10 -2.51
CA ILE A 117 0.07 12.57 -2.56
C ILE A 117 -0.76 13.08 -1.37
N LEU A 118 -0.17 12.99 -0.19
CA LEU A 118 -0.83 13.43 1.03
C LEU A 118 -1.04 14.94 1.03
N ARG A 119 -0.13 15.66 0.40
CA ARG A 119 -0.21 17.11 0.31
C ARG A 119 -1.32 17.49 -0.67
N HIS A 120 -1.45 16.70 -1.73
CA HIS A 120 -2.48 16.91 -2.75
C HIS A 120 -3.87 16.90 -2.12
N PHE A 121 -4.11 15.91 -1.27
CA PHE A 121 -5.40 15.79 -0.60
C PHE A 121 -5.47 16.69 0.63
N GLY A 122 -4.33 16.89 1.28
CA GLY A 122 -4.29 17.70 2.48
C GLY A 122 -4.77 16.93 3.69
N ILE A 123 -4.32 15.69 3.80
CA ILE A 123 -4.74 14.81 4.89
C ILE A 123 -3.55 14.33 5.71
N GLU A 124 -2.36 14.88 5.45
CA GLU A 124 -1.15 14.45 6.13
C GLU A 124 -1.18 14.82 7.61
N GLN A 125 -1.80 15.95 7.92
CA GLN A 125 -1.88 16.44 9.29
C GLN A 125 -2.88 15.62 10.09
N HIS A 126 -3.72 14.86 9.40
CA HIS A 126 -4.68 14.00 10.06
C HIS A 126 -4.01 12.72 10.53
N PHE A 127 -2.85 12.44 9.96
CA PHE A 127 -2.08 11.28 10.36
C PHE A 127 -1.08 11.66 11.44
N GLU A 128 -0.81 10.74 12.35
CA GLU A 128 0.11 10.99 13.44
C GLU A 128 1.55 10.93 12.94
N VAL A 129 1.93 9.79 12.38
CA VAL A 129 3.28 9.59 11.89
C VAL A 129 3.26 9.11 10.44
N ILE A 130 3.91 9.86 9.58
CA ILE A 130 4.01 9.47 8.17
C ILE A 130 5.28 8.65 7.97
N ALA A 131 5.13 7.35 7.84
CA ALA A 131 6.28 6.47 7.66
C ALA A 131 6.70 6.46 6.21
N GLY A 132 7.66 7.32 5.88
CA GLY A 132 8.11 7.43 4.52
C GLY A 132 9.41 6.70 4.27
N ALA A 133 9.39 5.81 3.28
CA ALA A 133 10.59 5.09 2.90
C ALA A 133 11.60 6.05 2.28
N SER A 134 12.82 6.04 2.78
CA SER A 134 13.85 6.94 2.30
C SER A 134 14.69 6.29 1.20
N THR A 135 14.81 4.97 1.26
CA THR A 135 15.61 4.25 0.30
C THR A 135 14.92 2.95 -0.09
N ASP A 136 15.29 2.39 -1.23
CA ASP A 136 14.75 1.11 -1.70
C ASP A 136 14.96 0.04 -0.64
N GLY A 137 16.22 -0.21 -0.32
CA GLY A 137 16.57 -1.17 0.70
C GLY A 137 16.22 -2.60 0.32
N SER A 138 17.15 -3.28 -0.33
CA SER A 138 16.95 -4.66 -0.69
C SER A 138 17.34 -5.54 0.50
N ARG A 139 16.51 -5.49 1.52
CA ARG A 139 16.75 -6.21 2.76
C ARG A 139 15.57 -7.11 3.08
N GLY A 140 14.73 -7.35 2.08
CA GLY A 140 13.54 -8.17 2.28
C GLY A 140 12.29 -7.33 2.26
N SER A 141 11.36 -7.65 3.15
CA SER A 141 10.11 -6.89 3.22
C SER A 141 10.34 -5.60 4.02
N LYS A 142 9.33 -4.75 4.08
CA LYS A 142 9.44 -3.47 4.76
C LYS A 142 9.06 -3.61 6.23
N VAL A 143 9.63 -4.62 6.87
CA VAL A 143 9.38 -4.89 8.29
C VAL A 143 10.05 -3.81 9.15
N ASP A 144 11.06 -3.17 8.57
CA ASP A 144 11.82 -2.14 9.26
C ASP A 144 11.11 -0.80 9.22
N VAL A 145 10.48 -0.50 8.08
CA VAL A 145 9.72 0.74 7.95
C VAL A 145 8.60 0.81 8.97
N LEU A 146 7.92 -0.32 9.17
CA LEU A 146 6.85 -0.38 10.16
C LEU A 146 7.43 -0.20 11.56
N ALA A 147 8.51 -0.94 11.84
CA ALA A 147 9.19 -0.86 13.13
C ALA A 147 9.72 0.55 13.40
N HIS A 148 10.30 1.16 12.38
CA HIS A 148 10.87 2.50 12.50
C HIS A 148 9.77 3.52 12.80
N ALA A 149 8.62 3.34 12.17
CA ALA A 149 7.48 4.22 12.40
C ALA A 149 7.07 4.19 13.87
N LEU A 150 7.07 2.99 14.44
CA LEU A 150 6.71 2.79 15.83
C LEU A 150 7.79 3.36 16.76
N ALA A 151 9.03 3.29 16.33
CA ALA A 151 10.14 3.83 17.12
C ALA A 151 10.11 5.35 17.15
N GLN A 152 9.47 5.95 16.17
CA GLN A 152 9.33 7.40 16.12
C GLN A 152 8.18 7.87 17.01
N LEU A 153 7.11 7.09 17.03
CA LEU A 153 5.94 7.43 17.82
C LEU A 153 6.03 6.85 19.24
N ARG A 154 7.22 6.40 19.61
CA ARG A 154 7.44 5.78 20.92
C ARG A 154 7.05 6.72 22.07
N PRO A 155 6.75 6.15 23.25
CA PRO A 155 6.78 4.70 23.47
C PRO A 155 5.71 3.97 22.67
N LEU A 156 6.02 2.74 22.28
CA LEU A 156 5.12 1.93 21.46
C LEU A 156 3.80 1.66 22.19
N PRO A 157 2.67 1.84 21.49
CA PRO A 157 1.34 1.65 22.05
C PRO A 157 0.99 0.19 22.30
N GLU A 158 0.04 -0.04 23.20
CA GLU A 158 -0.40 -1.38 23.55
C GLU A 158 -1.08 -2.09 22.39
N ARG A 159 -2.13 -1.46 21.86
CA ARG A 159 -2.91 -2.05 20.77
C ARG A 159 -2.50 -1.48 19.44
N LEU A 160 -2.08 -2.36 18.55
CA LEU A 160 -1.61 -1.97 17.23
C LEU A 160 -2.22 -2.90 16.17
N VAL A 161 -2.63 -2.33 15.05
CA VAL A 161 -3.18 -3.13 13.96
C VAL A 161 -2.69 -2.60 12.62
N MET A 162 -2.32 -3.52 11.73
CA MET A 162 -1.77 -3.18 10.44
C MET A 162 -2.75 -3.48 9.33
N VAL A 163 -3.15 -2.45 8.60
CA VAL A 163 -4.05 -2.63 7.48
C VAL A 163 -3.25 -2.75 6.19
N GLY A 164 -3.08 -3.98 5.77
CA GLY A 164 -2.22 -4.26 4.63
C GLY A 164 -2.96 -4.32 3.31
N ASP A 165 -2.18 -4.22 2.25
CA ASP A 165 -2.67 -4.25 0.89
C ASP A 165 -2.31 -5.57 0.22
N ARG A 166 -1.15 -6.11 0.62
CA ARG A 166 -0.64 -7.34 0.01
C ARG A 166 -0.16 -8.31 1.10
N SER A 167 0.28 -9.48 0.66
CA SER A 167 0.73 -10.51 1.57
C SER A 167 2.16 -10.27 2.07
N HIS A 168 2.88 -9.35 1.42
CA HIS A 168 4.26 -9.07 1.81
C HIS A 168 4.30 -8.14 3.02
N ASP A 169 3.38 -7.20 3.06
CA ASP A 169 3.26 -6.27 4.18
C ASP A 169 2.61 -6.98 5.36
N VAL A 170 1.69 -7.87 5.04
CA VAL A 170 1.05 -8.71 6.04
C VAL A 170 2.11 -9.59 6.71
N ASP A 171 3.03 -10.08 5.89
CA ASP A 171 4.16 -10.88 6.36
C ASP A 171 5.01 -10.09 7.37
N GLY A 172 5.25 -8.84 7.04
CA GLY A 172 6.04 -7.98 7.91
C GLY A 172 5.38 -7.72 9.25
N ALA A 173 4.08 -7.47 9.22
CA ALA A 173 3.33 -7.20 10.44
C ALA A 173 3.29 -8.44 11.32
N ALA A 174 3.10 -9.59 10.70
CA ALA A 174 3.05 -10.86 11.42
C ALA A 174 4.42 -11.21 11.99
N ALA A 175 5.47 -10.87 11.24
CA ALA A 175 6.83 -11.14 11.67
C ALA A 175 7.19 -10.34 12.92
N HIS A 176 6.56 -9.18 13.07
CA HIS A 176 6.82 -8.33 14.23
C HIS A 176 5.75 -8.50 15.31
N GLY A 177 4.93 -9.54 15.14
CA GLY A 177 3.89 -9.84 16.12
C GLY A 177 2.84 -8.76 16.22
N ILE A 178 2.30 -8.38 15.07
CA ILE A 178 1.27 -7.36 15.00
C ILE A 178 0.05 -7.91 14.30
N ASP A 179 -1.13 -7.56 14.81
CA ASP A 179 -2.38 -8.02 14.21
C ASP A 179 -2.61 -7.32 12.88
N THR A 180 -2.81 -8.08 11.83
CA THR A 180 -2.96 -7.52 10.51
C THR A 180 -4.32 -7.86 9.90
N VAL A 181 -4.78 -6.99 9.03
CA VAL A 181 -6.03 -7.18 8.31
C VAL A 181 -5.87 -6.65 6.89
N VAL A 182 -6.35 -7.40 5.91
CA VAL A 182 -6.22 -6.99 4.52
C VAL A 182 -7.51 -6.32 4.05
N VAL A 183 -7.37 -5.26 3.27
CA VAL A 183 -8.54 -4.58 2.71
C VAL A 183 -8.37 -4.38 1.23
N GLY A 184 -9.37 -4.77 0.44
CA GLY A 184 -9.26 -4.65 -1.00
C GLY A 184 -10.56 -4.22 -1.64
N TRP A 185 -10.49 -3.15 -2.43
CA TRP A 185 -11.68 -2.63 -3.11
C TRP A 185 -11.87 -3.34 -4.46
N GLY A 186 -10.95 -4.22 -4.80
CA GLY A 186 -11.04 -4.92 -6.07
C GLY A 186 -11.28 -6.40 -5.88
N TYR A 187 -10.89 -7.19 -6.88
CA TYR A 187 -11.05 -8.65 -6.80
C TYR A 187 -9.98 -9.26 -5.92
N GLY A 188 -10.32 -10.37 -5.29
CA GLY A 188 -9.36 -11.08 -4.46
C GLY A 188 -8.35 -11.83 -5.30
N ARG A 189 -7.15 -11.95 -4.77
CA ARG A 189 -6.07 -12.64 -5.46
C ARG A 189 -4.97 -13.02 -4.48
N ALA A 190 -4.55 -12.04 -3.69
CA ALA A 190 -3.51 -12.23 -2.68
C ALA A 190 -4.12 -12.71 -1.36
N ASP A 191 -5.21 -13.46 -1.44
CA ASP A 191 -5.90 -13.94 -0.25
C ASP A 191 -5.03 -14.86 0.58
N PHE A 192 -4.08 -15.54 -0.06
CA PHE A 192 -3.20 -16.46 0.64
C PHE A 192 -1.77 -16.33 0.11
N ILE A 193 -0.82 -16.86 0.86
CA ILE A 193 0.58 -16.83 0.47
C ILE A 193 1.28 -18.09 0.98
N ASP A 194 2.15 -18.67 0.15
CA ASP A 194 2.89 -19.86 0.53
C ASP A 194 4.27 -19.48 1.05
N LYS A 195 4.52 -19.77 2.31
CA LYS A 195 5.79 -19.43 2.94
C LYS A 195 5.93 -20.15 4.28
N THR A 196 5.31 -19.58 5.30
CA THR A 196 5.35 -20.13 6.64
C THR A 196 4.32 -19.41 7.50
N SER A 197 3.83 -20.08 8.55
CA SER A 197 2.83 -19.49 9.43
C SER A 197 1.56 -19.17 8.64
N THR A 198 1.27 -20.03 7.67
CA THR A 198 0.14 -19.85 6.77
C THR A 198 -1.19 -19.89 7.53
N THR A 199 -1.81 -18.71 7.66
CA THR A 199 -3.09 -18.59 8.32
C THR A 199 -4.03 -17.76 7.45
N VAL A 200 -5.33 -17.95 7.62
CA VAL A 200 -6.31 -17.21 6.83
C VAL A 200 -6.33 -15.76 7.25
N VAL A 201 -5.99 -14.88 6.32
CA VAL A 201 -5.96 -13.45 6.61
C VAL A 201 -7.33 -12.82 6.44
N THR A 202 -7.87 -12.33 7.54
CA THR A 202 -9.16 -11.66 7.53
C THR A 202 -9.08 -10.43 6.64
N HIS A 203 -10.01 -10.32 5.71
CA HIS A 203 -9.97 -9.22 4.75
C HIS A 203 -11.34 -8.55 4.63
N ALA A 204 -11.33 -7.24 4.57
CA ALA A 204 -12.56 -6.45 4.46
C ALA A 204 -12.88 -6.15 3.00
N ALA A 205 -14.12 -6.42 2.62
CA ALA A 205 -14.60 -6.16 1.27
C ALA A 205 -14.99 -4.69 1.11
N THR A 206 -15.77 -4.19 2.05
CA THR A 206 -16.23 -2.81 2.00
C THR A 206 -15.60 -1.96 3.10
N ILE A 207 -15.79 -0.65 3.02
CA ILE A 207 -15.20 0.29 3.96
C ILE A 207 -15.86 0.17 5.34
N ASP A 208 -17.13 -0.20 5.34
CA ASP A 208 -17.88 -0.33 6.60
C ASP A 208 -17.29 -1.42 7.47
N GLU A 209 -16.76 -2.47 6.84
CA GLU A 209 -16.16 -3.59 7.57
C GLU A 209 -14.85 -3.15 8.20
N LEU A 210 -14.11 -2.32 7.48
CA LEU A 210 -12.83 -1.79 7.94
C LEU A 210 -13.02 -1.01 9.23
N ARG A 211 -13.86 0.02 9.17
CA ARG A 211 -14.11 0.88 10.32
C ARG A 211 -14.72 0.11 11.50
N GLU A 212 -15.65 -0.80 11.25
CA GLU A 212 -16.26 -1.56 12.34
C GLU A 212 -15.22 -2.49 12.98
N ALA A 213 -14.32 -3.01 12.17
CA ALA A 213 -13.25 -3.87 12.66
C ALA A 213 -12.27 -3.08 13.51
N LEU A 214 -12.05 -1.83 13.13
CA LEU A 214 -11.16 -0.95 13.87
C LEU A 214 -11.81 -0.48 15.17
N GLY A 215 -13.13 -0.57 15.23
CA GLY A 215 -13.85 -0.24 16.45
C GLY A 215 -14.26 1.22 16.56
N VAL A 216 -14.80 1.79 15.49
CA VAL A 216 -15.27 3.16 15.53
C VAL A 216 -16.78 3.19 15.70
N GLY A 1 -17.37 0.20 18.95
CA GLY A 1 -16.51 -0.94 19.34
C GLY A 1 -15.33 -0.51 20.20
N GLU A 2 -14.37 -1.40 20.40
CA GLU A 2 -13.17 -1.07 21.15
C GLU A 2 -12.00 -0.92 20.19
N SER A 3 -11.64 0.33 19.95
CA SER A 3 -10.57 0.66 19.01
C SER A 3 -9.21 0.36 19.60
N PRO A 4 -8.19 0.13 18.74
CA PRO A 4 -6.82 -0.06 19.19
C PRO A 4 -6.15 1.26 19.51
N GLN A 5 -4.85 1.25 19.70
CA GLN A 5 -4.13 2.46 20.03
C GLN A 5 -3.58 3.13 18.78
N LEU A 6 -3.07 2.33 17.85
CA LEU A 6 -2.51 2.89 16.62
C LEU A 6 -2.80 1.97 15.43
N VAL A 7 -3.25 2.58 14.34
CA VAL A 7 -3.58 1.84 13.14
C VAL A 7 -2.66 2.27 12.00
N ILE A 8 -1.90 1.32 11.47
CA ILE A 8 -0.99 1.59 10.37
C ILE A 8 -1.72 1.41 9.04
N PHE A 9 -1.89 2.49 8.31
CA PHE A 9 -2.54 2.46 7.02
C PHE A 9 -1.52 2.65 5.91
N ASP A 10 -1.75 2.00 4.78
CA ASP A 10 -0.91 2.25 3.61
C ASP A 10 -1.54 3.40 2.83
N LEU A 11 -0.89 3.85 1.78
CA LEU A 11 -1.40 4.96 1.00
C LEU A 11 -1.92 4.45 -0.33
N ASP A 12 -1.04 3.85 -1.11
CA ASP A 12 -1.40 3.39 -2.44
C ASP A 12 -2.03 2.01 -2.38
N GLY A 13 -3.25 1.91 -2.91
CA GLY A 13 -3.95 0.65 -2.94
C GLY A 13 -5.00 0.56 -1.85
N THR A 14 -4.65 1.06 -0.68
CA THR A 14 -5.54 1.05 0.46
C THR A 14 -6.31 2.37 0.56
N LEU A 15 -5.64 3.47 0.24
CA LEU A 15 -6.25 4.78 0.30
C LEU A 15 -6.54 5.30 -1.11
N THR A 16 -5.51 5.31 -1.94
CA THR A 16 -5.62 5.79 -3.30
C THR A 16 -5.70 4.64 -4.30
N ASP A 17 -6.37 4.86 -5.44
CA ASP A 17 -6.36 3.87 -6.51
C ASP A 17 -5.04 3.99 -7.23
N SER A 18 -4.04 3.31 -6.70
CA SER A 18 -2.71 3.35 -7.28
C SER A 18 -2.60 2.33 -8.39
N ALA A 19 -3.68 1.58 -8.62
CA ALA A 19 -3.67 0.53 -9.61
C ALA A 19 -3.54 1.14 -11.00
N ARG A 20 -4.35 2.15 -11.26
CA ARG A 20 -4.33 2.85 -12.55
C ARG A 20 -2.94 3.41 -12.82
N GLY A 21 -2.36 4.03 -11.78
CA GLY A 21 -1.03 4.61 -11.91
C GLY A 21 0.04 3.59 -12.19
N ILE A 22 -0.03 2.44 -11.50
CA ILE A 22 0.96 1.38 -11.68
C ILE A 22 0.81 0.72 -13.05
N VAL A 23 -0.43 0.45 -13.46
CA VAL A 23 -0.69 -0.16 -14.76
C VAL A 23 -0.16 0.73 -15.89
N SER A 24 -0.28 2.03 -15.72
CA SER A 24 0.21 2.98 -16.72
C SER A 24 1.72 2.89 -16.85
N SER A 25 2.42 3.01 -15.72
CA SER A 25 3.87 2.94 -15.70
C SER A 25 4.37 1.54 -16.09
N PHE A 26 3.66 0.50 -15.63
CA PHE A 26 4.01 -0.88 -15.96
C PHE A 26 4.01 -1.09 -17.48
N ARG A 27 3.00 -0.55 -18.15
CA ARG A 27 2.90 -0.64 -19.59
C ARG A 27 4.06 0.10 -20.26
N HIS A 28 4.32 1.31 -19.79
CA HIS A 28 5.41 2.11 -20.33
C HIS A 28 6.75 1.44 -20.10
N ALA A 29 6.92 0.84 -18.93
CA ALA A 29 8.15 0.13 -18.60
C ALA A 29 8.40 -1.05 -19.55
N LEU A 30 7.45 -1.98 -19.59
CA LEU A 30 7.56 -3.16 -20.44
C LEU A 30 7.74 -2.78 -21.91
N ASN A 31 7.01 -1.75 -22.35
CA ASN A 31 7.11 -1.30 -23.73
C ASN A 31 8.49 -0.73 -24.02
N HIS A 32 9.04 0.00 -23.05
CA HIS A 32 10.35 0.61 -23.18
C HIS A 32 11.46 -0.42 -23.30
N ILE A 33 11.30 -1.55 -22.63
CA ILE A 33 12.33 -2.58 -22.64
C ILE A 33 12.12 -3.57 -23.79
N GLY A 34 11.01 -3.41 -24.50
CA GLY A 34 10.72 -4.29 -25.63
C GLY A 34 10.22 -5.65 -25.17
N ALA A 35 9.36 -5.64 -24.17
CA ALA A 35 8.79 -6.87 -23.65
C ALA A 35 7.30 -6.88 -23.86
N PRO A 36 6.68 -8.07 -23.98
CA PRO A 36 5.24 -8.20 -24.15
C PRO A 36 4.49 -7.56 -22.98
N VAL A 37 3.36 -6.94 -23.27
CA VAL A 37 2.59 -6.26 -22.24
C VAL A 37 1.12 -6.16 -22.63
N PRO A 38 0.24 -6.73 -21.81
CA PRO A 38 -1.20 -6.72 -22.03
C PRO A 38 -1.84 -5.46 -21.45
N GLU A 39 -2.59 -4.74 -22.28
CA GLU A 39 -3.25 -3.53 -21.81
C GLU A 39 -4.65 -3.85 -21.32
N GLY A 40 -4.82 -3.86 -20.01
CA GLY A 40 -6.11 -4.15 -19.41
C GLY A 40 -6.04 -4.11 -17.90
N ASP A 41 -6.96 -4.80 -17.24
CA ASP A 41 -6.99 -4.85 -15.78
C ASP A 41 -5.97 -5.83 -15.21
N LEU A 42 -4.72 -5.61 -15.57
CA LEU A 42 -3.62 -6.46 -15.08
C LEU A 42 -3.35 -6.15 -13.61
N ALA A 43 -4.04 -5.14 -13.08
CA ALA A 43 -3.87 -4.69 -11.71
C ALA A 43 -4.26 -5.77 -10.71
N THR A 44 -5.36 -6.46 -10.99
CA THR A 44 -5.84 -7.50 -10.08
C THR A 44 -4.85 -8.67 -10.06
N HIS A 45 -4.11 -8.82 -11.15
CA HIS A 45 -3.14 -9.89 -11.27
C HIS A 45 -1.79 -9.52 -10.64
N ILE A 46 -1.53 -8.22 -10.51
CA ILE A 46 -0.23 -7.77 -10.00
C ILE A 46 -0.32 -7.32 -8.53
N VAL A 47 -1.51 -7.37 -7.95
CA VAL A 47 -1.68 -6.97 -6.56
C VAL A 47 -1.35 -8.13 -5.61
N GLY A 48 -0.30 -7.94 -4.82
CA GLY A 48 0.10 -8.97 -3.88
C GLY A 48 1.60 -9.01 -3.68
N PRO A 49 2.35 -9.54 -4.67
CA PRO A 49 3.81 -9.62 -4.63
C PRO A 49 4.45 -8.25 -4.93
N PRO A 50 5.75 -8.10 -4.60
CA PRO A 50 6.48 -6.85 -4.83
C PRO A 50 6.72 -6.57 -6.33
N MET A 51 7.29 -5.40 -6.60
CA MET A 51 7.48 -4.93 -7.97
C MET A 51 8.45 -5.80 -8.77
N HIS A 52 9.67 -5.99 -8.25
CA HIS A 52 10.70 -6.70 -9.00
C HIS A 52 10.38 -8.19 -9.20
N GLU A 53 9.58 -8.76 -8.31
CA GLU A 53 9.21 -10.16 -8.44
C GLU A 53 8.17 -10.32 -9.55
N THR A 54 7.16 -9.46 -9.51
CA THR A 54 6.12 -9.47 -10.52
C THR A 54 6.69 -9.17 -11.90
N LEU A 55 7.62 -8.22 -11.94
CA LEU A 55 8.25 -7.78 -13.19
C LEU A 55 9.03 -8.92 -13.83
N ARG A 56 9.80 -9.64 -13.01
CA ARG A 56 10.62 -10.74 -13.49
C ARG A 56 9.77 -11.97 -13.82
N ALA A 57 8.56 -12.01 -13.25
CA ALA A 57 7.68 -13.16 -13.42
C ALA A 57 6.75 -13.00 -14.64
N MET A 58 6.56 -11.76 -15.10
CA MET A 58 5.68 -11.50 -16.23
C MET A 58 6.39 -11.75 -17.55
N GLY A 59 7.70 -11.57 -17.55
CA GLY A 59 8.48 -11.78 -18.76
C GLY A 59 9.65 -10.82 -18.83
N LEU A 60 10.61 -11.00 -17.94
CA LEU A 60 11.76 -10.12 -17.87
C LEU A 60 13.06 -10.91 -17.85
N GLY A 61 14.07 -10.39 -18.54
CA GLY A 61 15.38 -11.02 -18.54
C GLY A 61 16.37 -10.19 -17.75
N GLU A 62 17.46 -9.80 -18.40
CA GLU A 62 18.47 -8.99 -17.76
C GLU A 62 18.23 -7.52 -18.08
N SER A 63 17.06 -7.02 -17.72
CA SER A 63 16.70 -5.65 -17.98
C SER A 63 15.87 -5.07 -16.83
N ALA A 64 16.00 -5.66 -15.66
CA ALA A 64 15.25 -5.22 -14.49
C ALA A 64 15.60 -3.78 -14.13
N GLU A 65 16.87 -3.42 -14.34
CA GLU A 65 17.35 -2.08 -14.04
C GLU A 65 16.64 -1.08 -14.95
N GLU A 66 16.62 -1.43 -16.23
CA GLU A 66 16.00 -0.62 -17.27
C GLU A 66 14.50 -0.44 -17.01
N ALA A 67 13.82 -1.55 -16.77
CA ALA A 67 12.38 -1.53 -16.55
C ALA A 67 12.02 -0.75 -15.29
N ILE A 68 12.78 -0.97 -14.21
CA ILE A 68 12.53 -0.28 -12.96
C ILE A 68 12.72 1.24 -13.09
N VAL A 69 13.80 1.67 -13.74
CA VAL A 69 14.06 3.10 -13.89
C VAL A 69 13.00 3.77 -14.78
N ALA A 70 12.51 3.03 -15.77
CA ALA A 70 11.44 3.53 -16.63
C ALA A 70 10.16 3.66 -15.83
N TYR A 71 9.87 2.64 -15.03
CA TYR A 71 8.72 2.64 -14.14
C TYR A 71 8.79 3.83 -13.19
N ARG A 72 9.98 4.07 -12.65
CA ARG A 72 10.23 5.18 -11.74
C ARG A 72 9.92 6.52 -12.43
N ALA A 73 10.46 6.69 -13.62
CA ALA A 73 10.30 7.93 -14.37
C ALA A 73 8.85 8.25 -14.65
N ASP A 74 8.12 7.30 -15.23
CA ASP A 74 6.73 7.52 -15.62
C ASP A 74 5.86 7.71 -14.37
N TYR A 75 6.23 7.00 -13.31
CA TYR A 75 5.53 7.12 -12.03
C TYR A 75 5.68 8.54 -11.47
N SER A 76 6.92 9.02 -11.49
CA SER A 76 7.24 10.34 -10.96
C SER A 76 6.74 11.46 -11.88
N ALA A 77 6.39 11.10 -13.11
CA ALA A 77 5.97 12.11 -14.09
C ALA A 77 4.45 12.15 -14.26
N ARG A 78 3.83 11.00 -14.40
CA ARG A 78 2.40 10.93 -14.63
C ARG A 78 1.66 10.33 -13.44
N GLY A 79 2.34 9.51 -12.65
CA GLY A 79 1.69 8.80 -11.56
C GLY A 79 1.71 9.54 -10.24
N TRP A 80 2.01 10.84 -10.26
CA TRP A 80 2.02 11.63 -9.02
C TRP A 80 0.75 12.48 -8.94
N ALA A 81 0.04 12.56 -10.06
CA ALA A 81 -1.18 13.36 -10.12
C ALA A 81 -2.39 12.48 -10.40
N MET A 82 -2.14 11.19 -10.58
CA MET A 82 -3.21 10.23 -10.88
C MET A 82 -3.67 9.54 -9.60
N ASN A 83 -3.33 10.14 -8.48
CA ASN A 83 -3.67 9.59 -7.16
C ASN A 83 -4.95 10.20 -6.66
N SER A 84 -5.85 9.37 -6.15
CA SER A 84 -7.13 9.82 -5.66
C SER A 84 -7.77 8.78 -4.75
N LEU A 85 -8.39 9.24 -3.67
CA LEU A 85 -9.10 8.34 -2.77
C LEU A 85 -10.51 8.13 -3.32
N PHE A 86 -10.79 6.89 -3.70
CA PHE A 86 -12.07 6.56 -4.32
C PHE A 86 -13.14 6.18 -3.29
N ASP A 87 -12.74 5.50 -2.24
CA ASP A 87 -13.71 5.05 -1.25
C ASP A 87 -13.78 6.03 -0.09
N GLY A 88 -14.51 5.65 0.96
CA GLY A 88 -14.74 6.53 2.09
C GLY A 88 -13.58 6.60 3.06
N ILE A 89 -12.40 6.92 2.56
CA ILE A 89 -11.22 7.07 3.39
C ILE A 89 -11.37 8.30 4.28
N GLY A 90 -12.05 9.32 3.75
CA GLY A 90 -12.28 10.55 4.49
C GLY A 90 -12.98 10.31 5.82
N PRO A 91 -14.21 9.76 5.80
CA PRO A 91 -14.96 9.48 7.03
C PRO A 91 -14.23 8.49 7.93
N LEU A 92 -13.49 7.56 7.33
CA LEU A 92 -12.73 6.57 8.08
C LEU A 92 -11.79 7.25 9.07
N LEU A 93 -10.97 8.15 8.55
CA LEU A 93 -10.03 8.90 9.38
C LEU A 93 -10.77 9.84 10.33
N ALA A 94 -11.98 10.23 9.94
CA ALA A 94 -12.79 11.14 10.74
C ALA A 94 -13.30 10.47 12.02
N ASP A 95 -14.08 9.39 11.86
CA ASP A 95 -14.65 8.71 13.02
C ASP A 95 -13.58 8.05 13.88
N LEU A 96 -12.57 7.42 13.26
CA LEU A 96 -11.49 6.78 14.01
C LEU A 96 -10.77 7.80 14.90
N ARG A 97 -10.37 8.91 14.31
CA ARG A 97 -9.64 9.95 15.04
C ARG A 97 -10.52 10.52 16.16
N THR A 98 -11.81 10.64 15.89
CA THR A 98 -12.76 11.13 16.89
C THR A 98 -12.87 10.16 18.07
N ALA A 99 -12.80 8.87 17.77
CA ALA A 99 -12.90 7.84 18.81
C ALA A 99 -11.59 7.69 19.58
N GLY A 100 -10.60 8.51 19.24
CA GLY A 100 -9.35 8.48 19.96
C GLY A 100 -8.33 7.56 19.32
N VAL A 101 -8.64 7.08 18.13
CA VAL A 101 -7.74 6.18 17.42
C VAL A 101 -6.65 6.97 16.74
N ARG A 102 -5.39 6.69 17.08
CA ARG A 102 -4.28 7.36 16.43
C ARG A 102 -3.96 6.67 15.11
N LEU A 103 -3.95 7.43 14.02
CA LEU A 103 -3.67 6.87 12.71
C LEU A 103 -2.22 7.11 12.32
N ALA A 104 -1.67 6.23 11.52
CA ALA A 104 -0.31 6.39 11.03
C ALA A 104 -0.16 5.71 9.69
N VAL A 105 0.39 6.43 8.74
CA VAL A 105 0.56 5.89 7.41
C VAL A 105 1.96 5.32 7.24
N ALA A 106 2.04 4.16 6.62
CA ALA A 106 3.31 3.49 6.37
C ALA A 106 3.28 2.81 5.02
N THR A 107 4.08 3.30 4.09
CA THR A 107 4.09 2.75 2.75
C THR A 107 5.52 2.53 2.27
N SER A 108 5.70 1.50 1.44
CA SER A 108 7.01 1.14 0.92
C SER A 108 7.36 1.93 -0.35
N LYS A 109 6.80 3.14 -0.47
CA LYS A 109 7.08 4.00 -1.62
C LYS A 109 8.22 4.96 -1.35
N ALA A 110 7.87 6.17 -0.87
CA ALA A 110 8.86 7.20 -0.58
C ALA A 110 8.20 8.39 0.13
N GLU A 111 9.01 9.14 0.86
CA GLU A 111 8.53 10.32 1.60
C GLU A 111 7.92 11.38 0.68
N PRO A 112 8.70 11.89 -0.33
CA PRO A 112 8.23 12.97 -1.21
C PRO A 112 6.90 12.66 -1.89
N THR A 113 6.80 11.45 -2.44
CA THR A 113 5.58 11.02 -3.13
C THR A 113 4.39 11.04 -2.17
N ALA A 114 4.52 10.31 -1.06
CA ALA A 114 3.45 10.19 -0.08
C ALA A 114 3.02 11.55 0.46
N ARG A 115 4.00 12.39 0.77
CA ARG A 115 3.74 13.71 1.31
C ARG A 115 2.89 14.54 0.35
N ARG A 116 3.26 14.56 -0.92
CA ARG A 116 2.57 15.37 -1.90
C ARG A 116 1.19 14.79 -2.23
N ILE A 117 1.05 13.47 -2.11
CA ILE A 117 -0.25 12.83 -2.35
C ILE A 117 -1.20 13.14 -1.20
N LEU A 118 -0.69 12.98 0.01
CA LEU A 118 -1.46 13.24 1.21
C LEU A 118 -1.84 14.72 1.30
N ARG A 119 -1.00 15.58 0.73
CA ARG A 119 -1.27 17.00 0.71
C ARG A 119 -2.29 17.34 -0.38
N HIS A 120 -2.30 16.54 -1.46
CA HIS A 120 -3.31 16.72 -2.51
C HIS A 120 -4.69 16.71 -1.88
N PHE A 121 -4.92 15.71 -1.03
CA PHE A 121 -6.19 15.57 -0.35
C PHE A 121 -6.26 16.48 0.88
N GLY A 122 -5.16 16.53 1.63
CA GLY A 122 -5.12 17.35 2.83
C GLY A 122 -5.56 16.60 4.07
N ILE A 123 -5.13 15.34 4.17
CA ILE A 123 -5.53 14.50 5.29
C ILE A 123 -4.34 14.14 6.19
N GLU A 124 -3.23 14.82 5.98
CA GLU A 124 -2.01 14.56 6.73
C GLU A 124 -2.21 14.75 8.23
N GLN A 125 -2.95 15.79 8.61
CA GLN A 125 -3.16 16.13 10.02
C GLN A 125 -3.96 15.07 10.77
N HIS A 126 -4.55 14.14 10.04
CA HIS A 126 -5.30 13.05 10.66
C HIS A 126 -4.37 11.97 11.17
N PHE A 127 -3.16 11.93 10.62
CA PHE A 127 -2.18 10.93 11.03
C PHE A 127 -1.27 11.48 12.13
N GLU A 128 -0.70 10.57 12.90
CA GLU A 128 0.23 10.92 13.96
C GLU A 128 1.66 10.88 13.43
N VAL A 129 1.95 9.85 12.64
CA VAL A 129 3.27 9.65 12.08
C VAL A 129 3.18 9.27 10.61
N ILE A 130 3.94 9.97 9.78
CA ILE A 130 3.99 9.67 8.36
C ILE A 130 5.22 8.83 8.05
N ALA A 131 5.05 7.52 7.93
CA ALA A 131 6.16 6.63 7.69
C ALA A 131 6.31 6.32 6.20
N GLY A 132 7.34 6.89 5.60
CA GLY A 132 7.63 6.65 4.22
C GLY A 132 9.08 6.27 4.02
N ALA A 133 9.38 5.56 2.94
CA ALA A 133 10.75 5.19 2.63
C ALA A 133 11.61 6.44 2.50
N SER A 134 12.83 6.36 3.00
CA SER A 134 13.71 7.52 3.01
C SER A 134 14.04 7.97 1.60
N THR A 135 13.86 9.26 1.35
CA THR A 135 14.10 9.82 0.04
C THR A 135 15.58 9.79 -0.35
N ASP A 136 15.81 9.59 -1.65
CA ASP A 136 17.15 9.53 -2.24
C ASP A 136 17.92 8.29 -1.77
N GLY A 137 17.86 7.26 -2.58
CA GLY A 137 18.54 6.01 -2.27
C GLY A 137 17.70 4.81 -2.66
N SER A 138 17.74 3.77 -1.84
CA SER A 138 16.95 2.58 -2.10
C SER A 138 15.64 2.65 -1.33
N ARG A 139 14.53 2.36 -2.01
CA ARG A 139 13.22 2.39 -1.37
C ARG A 139 13.10 1.25 -0.36
N GLY A 140 12.85 1.62 0.89
CA GLY A 140 12.69 0.64 1.94
C GLY A 140 11.58 -0.35 1.63
N SER A 141 11.96 -1.60 1.46
CA SER A 141 11.00 -2.64 1.11
C SER A 141 11.08 -3.82 2.08
N LYS A 142 11.72 -3.58 3.22
CA LYS A 142 11.84 -4.61 4.25
C LYS A 142 10.91 -4.25 5.42
N VAL A 143 11.01 -4.99 6.51
CA VAL A 143 10.15 -4.76 7.68
C VAL A 143 10.69 -3.61 8.53
N ASP A 144 11.68 -2.91 8.00
CA ASP A 144 12.31 -1.80 8.72
C ASP A 144 11.42 -0.57 8.73
N VAL A 145 10.66 -0.36 7.66
CA VAL A 145 9.75 0.79 7.57
C VAL A 145 8.82 0.86 8.79
N LEU A 146 8.10 -0.23 9.03
CA LEU A 146 7.18 -0.31 10.16
C LEU A 146 7.94 -0.19 11.48
N ALA A 147 9.04 -0.94 11.59
CA ALA A 147 9.87 -0.94 12.80
C ALA A 147 10.42 0.44 13.14
N HIS A 148 10.99 1.10 12.14
CA HIS A 148 11.60 2.41 12.33
C HIS A 148 10.56 3.45 12.75
N ALA A 149 9.37 3.37 12.16
CA ALA A 149 8.28 4.26 12.50
C ALA A 149 7.91 4.11 13.97
N LEU A 150 7.86 2.87 14.43
CA LEU A 150 7.49 2.56 15.81
C LEU A 150 8.57 3.04 16.78
N ALA A 151 9.82 2.97 16.35
CA ALA A 151 10.92 3.43 17.19
C ALA A 151 10.86 4.93 17.41
N GLN A 152 10.35 5.66 16.42
CA GLN A 152 10.24 7.10 16.51
C GLN A 152 9.03 7.53 17.34
N LEU A 153 7.96 6.74 17.26
CA LEU A 153 6.73 7.08 17.98
C LEU A 153 6.70 6.47 19.38
N ARG A 154 7.88 6.04 19.87
CA ARG A 154 7.99 5.47 21.22
C ARG A 154 7.30 6.34 22.26
N PRO A 155 6.70 5.71 23.28
CA PRO A 155 6.70 4.26 23.45
C PRO A 155 5.75 3.53 22.51
N LEU A 156 6.04 2.26 22.24
CA LEU A 156 5.23 1.46 21.34
C LEU A 156 3.93 1.05 22.01
N PRO A 157 2.82 1.09 21.26
CA PRO A 157 1.49 0.71 21.77
C PRO A 157 1.31 -0.80 21.85
N GLU A 158 0.32 -1.24 22.62
CA GLU A 158 0.03 -2.67 22.76
C GLU A 158 -0.86 -3.15 21.63
N ARG A 159 -1.90 -2.39 21.31
CA ARG A 159 -2.82 -2.79 20.27
C ARG A 159 -2.51 -2.06 18.97
N LEU A 160 -1.81 -2.76 18.10
CA LEU A 160 -1.41 -2.24 16.80
C LEU A 160 -2.07 -3.07 15.72
N VAL A 161 -2.52 -2.41 14.66
CA VAL A 161 -3.13 -3.11 13.54
C VAL A 161 -2.76 -2.43 12.23
N MET A 162 -2.30 -3.23 11.28
CA MET A 162 -1.90 -2.73 9.98
C MET A 162 -3.03 -2.97 8.98
N VAL A 163 -3.25 -2.00 8.12
CA VAL A 163 -4.28 -2.09 7.10
C VAL A 163 -3.69 -1.82 5.72
N GLY A 164 -3.79 -2.82 4.85
CA GLY A 164 -3.22 -2.70 3.53
C GLY A 164 -3.88 -3.63 2.53
N ASP A 165 -3.12 -4.08 1.55
CA ASP A 165 -3.63 -4.96 0.52
C ASP A 165 -2.57 -5.94 0.03
N ARG A 166 -1.37 -5.43 -0.26
CA ARG A 166 -0.27 -6.29 -0.70
C ARG A 166 0.12 -7.27 0.40
N SER A 167 0.23 -8.55 0.04
CA SER A 167 0.57 -9.59 0.98
C SER A 167 1.96 -9.36 1.56
N HIS A 168 2.80 -8.65 0.82
CA HIS A 168 4.15 -8.34 1.28
C HIS A 168 4.13 -7.47 2.54
N ASP A 169 3.36 -6.40 2.50
CA ASP A 169 3.30 -5.47 3.60
C ASP A 169 2.54 -6.08 4.77
N VAL A 170 1.57 -6.94 4.44
CA VAL A 170 0.83 -7.69 5.46
C VAL A 170 1.77 -8.66 6.17
N ASP A 171 2.59 -9.34 5.39
CA ASP A 171 3.57 -10.30 5.90
C ASP A 171 4.50 -9.65 6.90
N GLY A 172 4.97 -8.45 6.57
CA GLY A 172 5.88 -7.73 7.44
C GLY A 172 5.27 -7.40 8.79
N ALA A 173 4.02 -6.94 8.77
CA ALA A 173 3.31 -6.60 9.99
C ALA A 173 3.10 -7.85 10.84
N ALA A 174 2.72 -8.94 10.19
CA ALA A 174 2.48 -10.20 10.87
C ALA A 174 3.80 -10.76 11.41
N ALA A 175 4.89 -10.50 10.68
CA ALA A 175 6.22 -10.95 11.08
C ALA A 175 6.66 -10.23 12.36
N HIS A 176 6.09 -9.07 12.62
CA HIS A 176 6.39 -8.31 13.83
C HIS A 176 5.35 -8.59 14.91
N GLY A 177 4.49 -9.56 14.65
CA GLY A 177 3.46 -9.93 15.62
C GLY A 177 2.31 -8.96 15.66
N ILE A 178 2.05 -8.32 14.53
CA ILE A 178 0.97 -7.34 14.42
C ILE A 178 -0.11 -7.86 13.48
N ASP A 179 -1.36 -7.76 13.91
CA ASP A 179 -2.46 -8.25 13.10
C ASP A 179 -2.71 -7.28 11.94
N THR A 180 -3.24 -7.79 10.85
CA THR A 180 -3.42 -6.97 9.66
C THR A 180 -4.81 -7.19 9.05
N VAL A 181 -5.38 -6.12 8.52
CA VAL A 181 -6.67 -6.18 7.85
C VAL A 181 -6.51 -5.74 6.40
N VAL A 182 -6.78 -6.66 5.49
CA VAL A 182 -6.66 -6.39 4.07
C VAL A 182 -7.93 -5.70 3.55
N VAL A 183 -7.76 -4.74 2.65
CA VAL A 183 -8.89 -4.05 2.07
C VAL A 183 -9.29 -4.69 0.74
N GLY A 184 -10.58 -4.70 0.46
CA GLY A 184 -11.07 -5.25 -0.79
C GLY A 184 -10.84 -4.27 -1.94
N TRP A 185 -11.79 -3.34 -2.10
CA TRP A 185 -11.70 -2.28 -3.11
C TRP A 185 -11.91 -2.82 -4.53
N GLY A 186 -11.36 -4.00 -4.81
CA GLY A 186 -11.50 -4.61 -6.11
C GLY A 186 -12.94 -4.86 -6.50
N TYR A 187 -13.28 -4.51 -7.75
CA TYR A 187 -14.63 -4.66 -8.24
C TYR A 187 -14.79 -5.95 -9.05
N GLY A 188 -13.68 -6.43 -9.59
CA GLY A 188 -13.69 -7.67 -10.34
C GLY A 188 -12.81 -8.72 -9.71
N ARG A 189 -13.41 -9.54 -8.85
CA ARG A 189 -12.66 -10.55 -8.12
C ARG A 189 -12.42 -11.82 -8.95
N ALA A 190 -13.44 -12.24 -9.69
CA ALA A 190 -13.35 -13.49 -10.44
C ALA A 190 -12.84 -13.27 -11.86
N ASP A 191 -11.90 -12.35 -12.03
CA ASP A 191 -11.35 -12.07 -13.35
C ASP A 191 -10.45 -13.21 -13.83
N PHE A 192 -9.39 -13.46 -13.08
CA PHE A 192 -8.44 -14.51 -13.45
C PHE A 192 -8.50 -15.66 -12.47
N ILE A 193 -8.26 -16.86 -12.95
CA ILE A 193 -8.27 -18.04 -12.10
C ILE A 193 -6.85 -18.60 -11.97
N ASP A 194 -5.94 -17.74 -11.56
CA ASP A 194 -4.55 -18.13 -11.34
C ASP A 194 -4.37 -18.50 -9.86
N LYS A 195 -3.12 -18.60 -9.42
CA LYS A 195 -2.86 -18.90 -8.02
C LYS A 195 -1.54 -18.27 -7.57
N THR A 196 -1.16 -17.19 -8.24
CA THR A 196 0.04 -16.47 -7.87
C THR A 196 -0.25 -15.54 -6.70
N SER A 197 -1.53 -15.31 -6.46
CA SER A 197 -1.98 -14.47 -5.36
C SER A 197 -2.57 -15.37 -4.28
N THR A 198 -2.42 -14.98 -3.03
CA THR A 198 -2.93 -15.76 -1.92
C THR A 198 -3.50 -14.85 -0.82
N THR A 199 -4.77 -14.50 -0.95
CA THR A 199 -5.42 -13.64 0.02
C THR A 199 -6.26 -14.43 1.03
N VAL A 200 -5.60 -14.89 2.08
CA VAL A 200 -6.27 -15.65 3.12
C VAL A 200 -6.44 -14.80 4.39
N VAL A 201 -5.64 -13.75 4.49
CA VAL A 201 -5.66 -12.87 5.63
C VAL A 201 -7.01 -12.14 5.73
N THR A 202 -7.42 -11.84 6.96
CA THR A 202 -8.67 -11.15 7.24
C THR A 202 -8.78 -9.88 6.38
N HIS A 203 -9.93 -9.72 5.73
CA HIS A 203 -10.11 -8.59 4.83
C HIS A 203 -11.54 -8.06 4.89
N ALA A 204 -11.69 -6.79 4.60
CA ALA A 204 -12.99 -6.14 4.56
C ALA A 204 -13.28 -5.65 3.14
N ALA A 205 -14.50 -5.89 2.69
CA ALA A 205 -14.88 -5.51 1.33
C ALA A 205 -15.01 -4.00 1.20
N THR A 206 -15.85 -3.40 2.04
CA THR A 206 -16.06 -1.96 2.01
C THR A 206 -15.32 -1.28 3.18
N ILE A 207 -15.26 0.05 3.13
CA ILE A 207 -14.55 0.82 4.15
C ILE A 207 -15.35 0.82 5.45
N ASP A 208 -16.67 0.72 5.33
CA ASP A 208 -17.56 0.72 6.48
C ASP A 208 -17.25 -0.46 7.40
N GLU A 209 -16.86 -1.58 6.79
CA GLU A 209 -16.50 -2.77 7.55
C GLU A 209 -15.17 -2.56 8.27
N LEU A 210 -14.26 -1.87 7.61
CA LEU A 210 -12.94 -1.62 8.17
C LEU A 210 -13.06 -0.85 9.48
N ARG A 211 -13.68 0.32 9.42
CA ARG A 211 -13.85 1.17 10.60
C ARG A 211 -14.58 0.43 11.73
N GLU A 212 -15.66 -0.28 11.40
CA GLU A 212 -16.42 -0.99 12.43
C GLU A 212 -15.60 -2.14 13.00
N ALA A 213 -14.78 -2.78 12.16
CA ALA A 213 -13.91 -3.86 12.61
C ALA A 213 -12.81 -3.31 13.49
N LEU A 214 -12.37 -2.08 13.19
CA LEU A 214 -11.35 -1.41 13.97
C LEU A 214 -11.95 -0.95 15.30
N GLY A 215 -13.24 -1.17 15.46
CA GLY A 215 -13.92 -0.87 16.69
C GLY A 215 -14.20 0.60 16.88
N VAL A 216 -14.69 1.27 15.85
CA VAL A 216 -15.03 2.67 15.97
C VAL A 216 -16.51 2.82 16.37
N GLY A 1 -15.68 3.56 20.33
CA GLY A 1 -14.31 3.59 20.84
C GLY A 1 -13.81 2.22 21.26
N GLU A 2 -13.90 1.25 20.37
CA GLU A 2 -13.45 -0.10 20.68
C GLU A 2 -12.16 -0.38 19.91
N SER A 3 -11.61 0.68 19.36
CA SER A 3 -10.40 0.60 18.57
C SER A 3 -9.18 0.33 19.43
N PRO A 4 -8.09 -0.16 18.81
CA PRO A 4 -6.83 -0.36 19.51
C PRO A 4 -6.18 0.97 19.84
N GLN A 5 -4.89 0.96 20.11
CA GLN A 5 -4.21 2.20 20.44
C GLN A 5 -3.55 2.81 19.21
N LEU A 6 -3.22 1.98 18.23
CA LEU A 6 -2.59 2.47 17.00
C LEU A 6 -2.96 1.58 15.82
N VAL A 7 -3.30 2.23 14.71
CA VAL A 7 -3.65 1.55 13.48
C VAL A 7 -2.73 2.01 12.34
N ILE A 8 -1.97 1.08 11.79
CA ILE A 8 -1.07 1.41 10.69
C ILE A 8 -1.72 1.03 9.36
N PHE A 9 -1.78 1.99 8.46
CA PHE A 9 -2.32 1.75 7.14
C PHE A 9 -1.20 1.62 6.11
N ASP A 10 -1.40 0.76 5.13
CA ASP A 10 -0.43 0.58 4.07
C ASP A 10 -0.68 1.60 2.96
N LEU A 11 0.38 2.26 2.53
CA LEU A 11 0.26 3.34 1.56
C LEU A 11 0.74 2.92 0.16
N ASP A 12 0.80 1.62 -0.09
CA ASP A 12 1.18 1.14 -1.42
C ASP A 12 0.00 1.28 -2.36
N GLY A 13 -1.20 1.10 -1.81
CA GLY A 13 -2.41 1.24 -2.58
C GLY A 13 -3.60 0.69 -1.82
N THR A 14 -3.76 1.14 -0.59
CA THR A 14 -4.86 0.68 0.25
C THR A 14 -5.85 1.82 0.52
N LEU A 15 -5.35 3.06 0.49
CA LEU A 15 -6.20 4.22 0.74
C LEU A 15 -6.16 5.17 -0.45
N THR A 16 -5.62 4.70 -1.56
CA THR A 16 -5.47 5.53 -2.74
C THR A 16 -5.59 4.72 -4.02
N ASP A 17 -5.80 5.41 -5.13
CA ASP A 17 -5.88 4.80 -6.44
C ASP A 17 -5.14 5.68 -7.44
N SER A 18 -4.64 5.08 -8.51
CA SER A 18 -3.87 5.83 -9.49
C SER A 18 -4.27 5.41 -10.90
N ALA A 19 -5.49 4.88 -11.04
CA ALA A 19 -6.03 4.41 -12.33
C ALA A 19 -5.46 5.16 -13.54
N ARG A 20 -5.63 6.47 -13.59
CA ARG A 20 -5.12 7.29 -14.69
C ARG A 20 -3.61 7.10 -14.88
N GLY A 21 -2.88 7.26 -13.78
CA GLY A 21 -1.43 7.15 -13.81
C GLY A 21 -0.95 5.74 -14.10
N ILE A 22 -1.70 4.73 -13.67
CA ILE A 22 -1.34 3.35 -13.91
C ILE A 22 -1.41 3.07 -15.40
N VAL A 23 -2.46 3.59 -16.03
CA VAL A 23 -2.63 3.47 -17.47
C VAL A 23 -1.48 4.17 -18.18
N SER A 24 -1.13 5.36 -17.72
CA SER A 24 -0.02 6.12 -18.31
C SER A 24 1.27 5.33 -18.22
N SER A 25 1.61 4.91 -17.01
CA SER A 25 2.82 4.16 -16.76
C SER A 25 2.85 2.88 -17.59
N PHE A 26 1.72 2.18 -17.62
CA PHE A 26 1.58 0.96 -18.42
C PHE A 26 1.83 1.25 -19.90
N ARG A 27 1.34 2.39 -20.37
CA ARG A 27 1.53 2.81 -21.75
C ARG A 27 3.01 3.05 -22.03
N HIS A 28 3.62 3.90 -21.21
CA HIS A 28 5.02 4.27 -21.40
C HIS A 28 5.95 3.06 -21.28
N ALA A 29 5.67 2.19 -20.31
CA ALA A 29 6.47 0.99 -20.10
C ALA A 29 6.49 0.12 -21.35
N LEU A 30 5.32 -0.30 -21.79
CA LEU A 30 5.19 -1.14 -22.98
C LEU A 30 5.71 -0.43 -24.23
N ASN A 31 5.44 0.86 -24.32
CA ASN A 31 5.89 1.63 -25.48
C ASN A 31 7.41 1.69 -25.52
N HIS A 32 8.03 1.65 -24.36
CA HIS A 32 9.49 1.71 -24.24
C HIS A 32 10.14 0.44 -24.78
N ILE A 33 9.45 -0.69 -24.65
CA ILE A 33 10.02 -1.97 -25.09
C ILE A 33 9.54 -2.33 -26.49
N GLY A 34 8.72 -1.47 -27.07
CA GLY A 34 8.21 -1.71 -28.41
C GLY A 34 7.01 -2.64 -28.42
N ALA A 35 6.33 -2.74 -27.29
CA ALA A 35 5.15 -3.58 -27.18
C ALA A 35 3.89 -2.76 -27.43
N PRO A 36 2.84 -3.39 -27.97
CA PRO A 36 1.57 -2.72 -28.23
C PRO A 36 0.88 -2.29 -26.94
N VAL A 37 -0.12 -1.42 -27.05
CA VAL A 37 -0.81 -0.91 -25.87
C VAL A 37 -2.31 -0.81 -26.15
N PRO A 38 -3.08 -1.79 -25.69
CA PRO A 38 -4.52 -1.80 -25.84
C PRO A 38 -5.20 -1.05 -24.71
N GLU A 39 -5.58 0.19 -24.98
CA GLU A 39 -6.22 1.02 -23.99
C GLU A 39 -7.73 0.76 -23.91
N GLY A 40 -8.43 1.58 -23.13
CA GLY A 40 -9.87 1.42 -23.00
C GLY A 40 -10.27 0.53 -21.83
N ASP A 41 -10.69 -0.69 -22.15
CA ASP A 41 -11.18 -1.64 -21.15
C ASP A 41 -10.08 -2.07 -20.17
N LEU A 42 -8.85 -1.76 -20.51
CA LEU A 42 -7.71 -2.14 -19.68
C LEU A 42 -7.76 -1.47 -18.31
N ALA A 43 -8.44 -0.33 -18.23
CA ALA A 43 -8.57 0.40 -16.97
C ALA A 43 -9.20 -0.47 -15.89
N THR A 44 -10.38 -1.03 -16.20
CA THR A 44 -11.09 -1.87 -15.25
C THR A 44 -10.36 -3.20 -15.04
N HIS A 45 -9.47 -3.54 -15.97
CA HIS A 45 -8.73 -4.80 -15.89
C HIS A 45 -7.46 -4.68 -15.05
N ILE A 46 -6.93 -3.47 -14.90
CA ILE A 46 -5.67 -3.30 -14.18
C ILE A 46 -5.89 -2.74 -12.77
N VAL A 47 -7.12 -2.36 -12.45
CA VAL A 47 -7.41 -1.83 -11.12
C VAL A 47 -7.62 -2.97 -10.12
N GLY A 48 -6.54 -3.35 -9.45
CA GLY A 48 -6.62 -4.41 -8.47
C GLY A 48 -5.44 -5.37 -8.54
N PRO A 49 -5.28 -6.11 -9.65
CA PRO A 49 -4.19 -7.08 -9.82
C PRO A 49 -2.80 -6.48 -9.61
N PRO A 50 -1.88 -7.29 -9.03
CA PRO A 50 -0.51 -6.85 -8.73
C PRO A 50 0.24 -6.34 -9.96
N MET A 51 0.96 -5.23 -9.77
CA MET A 51 1.71 -4.55 -10.82
C MET A 51 2.53 -5.50 -11.71
N HIS A 52 3.48 -6.20 -11.10
CA HIS A 52 4.38 -7.10 -11.83
C HIS A 52 3.61 -8.21 -12.55
N GLU A 53 2.55 -8.70 -11.94
CA GLU A 53 1.82 -9.82 -12.49
C GLU A 53 0.87 -9.38 -13.60
N THR A 54 0.31 -8.19 -13.48
CA THR A 54 -0.53 -7.64 -14.54
C THR A 54 0.30 -7.52 -15.82
N LEU A 55 1.54 -7.09 -15.65
CA LEU A 55 2.48 -6.95 -16.76
C LEU A 55 2.79 -8.31 -17.37
N ARG A 56 2.87 -9.33 -16.52
CA ARG A 56 3.13 -10.69 -16.97
C ARG A 56 1.89 -11.28 -17.66
N ALA A 57 0.72 -10.78 -17.27
CA ALA A 57 -0.54 -11.25 -17.81
C ALA A 57 -0.81 -10.63 -19.17
N MET A 58 -0.12 -9.53 -19.46
CA MET A 58 -0.28 -8.82 -20.72
C MET A 58 0.58 -9.44 -21.82
N GLY A 59 1.32 -10.48 -21.46
CA GLY A 59 2.15 -11.17 -22.43
C GLY A 59 3.59 -10.67 -22.41
N LEU A 60 4.16 -10.57 -21.22
CA LEU A 60 5.52 -10.09 -21.08
C LEU A 60 6.20 -10.75 -19.88
N GLY A 61 7.39 -11.26 -20.12
CA GLY A 61 8.17 -11.87 -19.06
C GLY A 61 9.65 -11.68 -19.27
N GLU A 62 10.07 -11.72 -20.53
CA GLU A 62 11.46 -11.57 -20.90
C GLU A 62 11.98 -10.16 -20.60
N SER A 63 11.25 -9.17 -21.08
CA SER A 63 11.66 -7.77 -20.89
C SER A 63 10.97 -7.16 -19.67
N ALA A 64 10.61 -8.00 -18.71
CA ALA A 64 9.89 -7.56 -17.51
C ALA A 64 10.69 -6.52 -16.72
N GLU A 65 11.98 -6.73 -16.58
CA GLU A 65 12.84 -5.82 -15.81
C GLU A 65 12.88 -4.45 -16.47
N GLU A 66 13.05 -4.45 -17.78
CA GLU A 66 13.10 -3.22 -18.56
C GLU A 66 11.76 -2.48 -18.51
N ALA A 67 10.69 -3.23 -18.56
CA ALA A 67 9.36 -2.65 -18.48
C ALA A 67 9.09 -2.06 -17.10
N ILE A 68 9.45 -2.79 -16.06
CA ILE A 68 9.26 -2.34 -14.68
C ILE A 68 10.06 -1.06 -14.39
N VAL A 69 11.31 -1.01 -14.83
CA VAL A 69 12.14 0.16 -14.58
C VAL A 69 11.57 1.38 -15.32
N ALA A 70 11.02 1.16 -16.50
CA ALA A 70 10.41 2.23 -17.27
C ALA A 70 9.09 2.63 -16.62
N TYR A 71 8.38 1.63 -16.13
CA TYR A 71 7.10 1.81 -15.44
C TYR A 71 7.30 2.72 -14.22
N ARG A 72 8.23 2.34 -13.37
CA ARG A 72 8.54 3.08 -12.14
C ARG A 72 8.94 4.52 -12.46
N ALA A 73 9.70 4.67 -13.53
CA ALA A 73 10.17 5.99 -13.96
C ALA A 73 9.02 6.93 -14.30
N ASP A 74 8.08 6.47 -15.11
CA ASP A 74 6.95 7.31 -15.52
C ASP A 74 6.02 7.56 -14.34
N TYR A 75 5.91 6.58 -13.44
CA TYR A 75 5.07 6.73 -12.28
C TYR A 75 5.63 7.80 -11.35
N SER A 76 6.95 7.77 -11.15
CA SER A 76 7.62 8.74 -10.30
C SER A 76 7.61 10.14 -10.93
N ALA A 77 7.45 10.18 -12.24
CA ALA A 77 7.51 11.45 -12.97
C ALA A 77 6.11 12.05 -13.20
N ARG A 78 5.17 11.22 -13.65
CA ARG A 78 3.84 11.70 -13.99
C ARG A 78 2.75 10.99 -13.19
N GLY A 79 3.02 9.75 -12.81
CA GLY A 79 2.00 8.91 -12.15
C GLY A 79 1.49 9.47 -10.84
N TRP A 80 2.33 10.20 -10.12
CA TRP A 80 1.96 10.75 -8.80
C TRP A 80 0.85 11.80 -8.94
N ALA A 81 0.86 12.51 -10.06
CA ALA A 81 -0.12 13.58 -10.28
C ALA A 81 -1.46 13.00 -10.72
N MET A 82 -1.48 11.71 -11.00
CA MET A 82 -2.69 11.04 -11.46
C MET A 82 -3.26 10.14 -10.37
N ASN A 83 -2.85 10.39 -9.14
CA ASN A 83 -3.33 9.63 -7.99
C ASN A 83 -4.53 10.35 -7.39
N SER A 84 -5.54 9.60 -6.95
CA SER A 84 -6.75 10.18 -6.41
C SER A 84 -7.49 9.17 -5.53
N LEU A 85 -8.23 9.67 -4.56
CA LEU A 85 -9.00 8.82 -3.66
C LEU A 85 -10.42 8.61 -4.19
N PHE A 86 -10.95 7.40 -4.05
CA PHE A 86 -12.29 7.09 -4.52
C PHE A 86 -12.96 6.03 -3.63
N ASP A 87 -12.14 5.35 -2.84
CA ASP A 87 -12.59 4.27 -1.96
C ASP A 87 -13.50 4.76 -0.83
N GLY A 88 -12.91 5.11 0.31
CA GLY A 88 -13.68 5.55 1.45
C GLY A 88 -12.81 5.75 2.69
N ILE A 89 -11.51 5.71 2.51
CA ILE A 89 -10.58 5.89 3.62
C ILE A 89 -10.64 7.33 4.15
N GLY A 90 -11.05 8.25 3.29
CA GLY A 90 -11.17 9.65 3.69
C GLY A 90 -12.08 9.84 4.90
N PRO A 91 -13.38 9.53 4.77
CA PRO A 91 -14.32 9.60 5.89
C PRO A 91 -13.89 8.68 7.02
N LEU A 92 -13.28 7.55 6.66
CA LEU A 92 -12.76 6.60 7.65
C LEU A 92 -11.76 7.30 8.57
N LEU A 93 -10.85 8.07 7.97
CA LEU A 93 -9.85 8.83 8.73
C LEU A 93 -10.54 9.77 9.72
N ALA A 94 -11.63 10.39 9.28
CA ALA A 94 -12.40 11.27 10.15
C ALA A 94 -13.03 10.48 11.30
N ASP A 95 -13.67 9.37 10.97
CA ASP A 95 -14.30 8.52 11.97
C ASP A 95 -13.27 8.02 12.99
N LEU A 96 -12.19 7.43 12.49
CA LEU A 96 -11.14 6.86 13.32
C LEU A 96 -10.55 7.90 14.26
N ARG A 97 -10.24 9.08 13.73
CA ARG A 97 -9.66 10.13 14.55
C ARG A 97 -10.64 10.57 15.64
N THR A 98 -11.92 10.61 15.29
CA THR A 98 -12.97 10.95 16.24
C THR A 98 -13.07 9.91 17.35
N ALA A 99 -12.79 8.65 17.02
CA ALA A 99 -12.84 7.56 17.99
C ALA A 99 -11.68 7.64 19.00
N GLY A 100 -10.67 8.44 18.66
CA GLY A 100 -9.55 8.64 19.58
C GLY A 100 -8.41 7.68 19.36
N VAL A 101 -8.45 6.94 18.26
CA VAL A 101 -7.40 5.99 17.95
C VAL A 101 -6.26 6.67 17.18
N ARG A 102 -5.03 6.23 17.43
CA ARG A 102 -3.88 6.78 16.72
C ARG A 102 -3.82 6.17 15.32
N LEU A 103 -3.60 7.02 14.32
CA LEU A 103 -3.56 6.56 12.94
C LEU A 103 -2.23 6.88 12.31
N ALA A 104 -1.66 5.94 11.59
CA ALA A 104 -0.38 6.15 10.95
C ALA A 104 -0.25 5.28 9.72
N VAL A 105 0.81 5.50 8.96
CA VAL A 105 1.07 4.72 7.76
C VAL A 105 2.53 4.34 7.69
N ALA A 106 2.82 3.19 7.10
CA ALA A 106 4.21 2.79 6.94
C ALA A 106 4.40 2.02 5.64
N THR A 107 4.40 2.77 4.54
CA THR A 107 4.58 2.21 3.20
C THR A 107 4.84 3.34 2.21
N SER A 108 5.72 3.10 1.25
CA SER A 108 5.96 4.07 0.17
C SER A 108 7.08 3.59 -0.71
N LYS A 109 7.15 4.15 -1.91
CA LYS A 109 8.24 3.87 -2.83
C LYS A 109 9.33 4.91 -2.62
N ALA A 110 8.97 5.96 -1.87
CA ALA A 110 9.88 7.06 -1.55
C ALA A 110 9.19 8.01 -0.58
N GLU A 111 9.92 8.47 0.43
CA GLU A 111 9.36 9.38 1.42
C GLU A 111 8.87 10.73 0.82
N PRO A 112 9.61 11.37 -0.14
CA PRO A 112 9.21 12.67 -0.67
C PRO A 112 7.93 12.61 -1.49
N THR A 113 7.68 11.48 -2.13
CA THR A 113 6.48 11.32 -2.94
C THR A 113 5.28 10.97 -2.07
N ALA A 114 5.55 10.35 -0.91
CA ALA A 114 4.48 10.02 0.02
C ALA A 114 3.86 11.30 0.56
N ARG A 115 4.72 12.21 1.00
CA ARG A 115 4.27 13.51 1.51
C ARG A 115 3.59 14.30 0.40
N ARG A 116 4.12 14.17 -0.82
CA ARG A 116 3.56 14.86 -1.98
C ARG A 116 2.11 14.44 -2.21
N ILE A 117 1.85 13.15 -2.11
CA ILE A 117 0.52 12.60 -2.32
C ILE A 117 -0.42 12.94 -1.16
N LEU A 118 0.06 12.76 0.05
CA LEU A 118 -0.75 13.03 1.24
C LEU A 118 -1.10 14.52 1.32
N ARG A 119 -0.20 15.37 0.87
CA ARG A 119 -0.44 16.81 0.85
C ARG A 119 -1.33 17.16 -0.34
N HIS A 120 -1.21 16.38 -1.42
CA HIS A 120 -2.05 16.55 -2.61
C HIS A 120 -3.53 16.47 -2.21
N PHE A 121 -3.87 15.51 -1.37
CA PHE A 121 -5.24 15.37 -0.89
C PHE A 121 -5.48 16.34 0.26
N GLY A 122 -4.52 16.40 1.17
CA GLY A 122 -4.64 17.25 2.32
C GLY A 122 -5.03 16.46 3.55
N ILE A 123 -4.66 15.18 3.55
CA ILE A 123 -4.98 14.29 4.65
C ILE A 123 -3.72 13.93 5.44
N GLU A 124 -2.61 14.55 5.08
CA GLU A 124 -1.33 14.28 5.74
C GLU A 124 -1.39 14.62 7.23
N GLN A 125 -1.89 15.81 7.55
CA GLN A 125 -1.97 16.26 8.94
C GLN A 125 -3.04 15.50 9.73
N HIS A 126 -3.80 14.66 9.04
CA HIS A 126 -4.82 13.86 9.69
C HIS A 126 -4.22 12.59 10.30
N PHE A 127 -3.01 12.27 9.85
CA PHE A 127 -2.29 11.12 10.37
C PHE A 127 -1.39 11.53 11.52
N GLU A 128 -1.08 10.56 12.36
CA GLU A 128 -0.24 10.80 13.51
C GLU A 128 1.23 10.81 13.10
N VAL A 129 1.62 9.81 12.33
CA VAL A 129 2.98 9.72 11.84
C VAL A 129 3.01 9.07 10.45
N ILE A 130 3.93 9.53 9.60
CA ILE A 130 4.04 8.98 8.25
C ILE A 130 5.39 8.30 8.05
N ALA A 131 5.37 6.97 8.03
CA ALA A 131 6.58 6.20 7.84
C ALA A 131 6.62 5.62 6.43
N GLY A 132 7.83 5.50 5.89
CA GLY A 132 7.98 4.95 4.57
C GLY A 132 9.42 4.61 4.27
N ALA A 133 9.73 4.48 2.98
CA ALA A 133 11.08 4.16 2.55
C ALA A 133 11.97 5.38 2.65
N SER A 134 13.10 5.22 3.32
CA SER A 134 14.04 6.31 3.50
C SER A 134 14.84 6.54 2.22
N THR A 135 14.92 7.80 1.80
CA THR A 135 15.65 8.16 0.59
C THR A 135 17.14 7.84 0.76
N ASP A 136 17.63 7.97 1.98
CA ASP A 136 19.03 7.70 2.28
C ASP A 136 19.15 6.34 2.96
N GLY A 137 19.77 5.40 2.28
CA GLY A 137 19.96 4.08 2.84
C GLY A 137 18.93 3.08 2.36
N SER A 138 18.50 3.23 1.12
CA SER A 138 17.52 2.33 0.53
C SER A 138 18.16 0.99 0.16
N ARG A 139 18.28 0.09 1.14
CA ARG A 139 18.88 -1.22 0.90
C ARG A 139 17.90 -2.35 1.16
N GLY A 140 16.62 -1.99 1.28
CA GLY A 140 15.61 -3.00 1.52
C GLY A 140 14.81 -2.70 2.77
N SER A 141 13.73 -1.95 2.61
CA SER A 141 12.88 -1.59 3.73
C SER A 141 11.70 -2.54 3.82
N LYS A 142 11.63 -3.29 4.90
CA LYS A 142 10.57 -4.26 5.12
C LYS A 142 9.82 -3.97 6.41
N VAL A 143 10.35 -4.51 7.51
CA VAL A 143 9.72 -4.36 8.83
C VAL A 143 10.29 -3.16 9.57
N ASP A 144 11.45 -2.67 9.09
CA ASP A 144 12.11 -1.53 9.71
C ASP A 144 11.24 -0.29 9.62
N VAL A 145 10.51 -0.15 8.51
CA VAL A 145 9.59 0.97 8.33
C VAL A 145 8.56 1.02 9.46
N LEU A 146 7.98 -0.13 9.76
CA LEU A 146 6.97 -0.22 10.82
C LEU A 146 7.64 -0.03 12.19
N ALA A 147 8.81 -0.63 12.35
CA ALA A 147 9.58 -0.52 13.58
C ALA A 147 9.89 0.94 13.91
N HIS A 148 10.35 1.67 12.89
CA HIS A 148 10.68 3.08 13.06
C HIS A 148 9.47 3.90 13.45
N ALA A 149 8.32 3.59 12.84
CA ALA A 149 7.09 4.32 13.09
C ALA A 149 6.71 4.24 14.57
N LEU A 150 6.66 3.03 15.10
CA LEU A 150 6.24 2.81 16.48
C LEU A 150 7.25 3.38 17.46
N ALA A 151 8.53 3.24 17.17
CA ALA A 151 9.58 3.74 18.04
C ALA A 151 9.60 5.27 18.07
N GLN A 152 9.21 5.88 16.96
CA GLN A 152 9.22 7.33 16.85
C GLN A 152 8.02 7.96 17.56
N LEU A 153 6.88 7.28 17.52
CA LEU A 153 5.64 7.80 18.13
C LEU A 153 5.51 7.42 19.60
N ARG A 154 6.64 7.11 20.23
CA ARG A 154 6.67 6.71 21.65
C ARG A 154 5.80 7.59 22.55
N PRO A 155 5.30 7.01 23.65
CA PRO A 155 5.59 5.63 24.03
C PRO A 155 4.87 4.61 23.16
N LEU A 156 5.18 3.34 23.37
CA LEU A 156 4.60 2.27 22.58
C LEU A 156 3.16 1.98 22.99
N PRO A 157 2.25 1.95 22.00
CA PRO A 157 0.83 1.68 22.23
C PRO A 157 0.58 0.26 22.71
N GLU A 158 -0.49 0.08 23.50
CA GLU A 158 -0.84 -1.22 24.04
C GLU A 158 -1.24 -2.20 22.93
N ARG A 159 -2.19 -1.81 22.10
CA ARG A 159 -2.66 -2.67 21.01
C ARG A 159 -2.35 -2.05 19.66
N LEU A 160 -1.94 -2.91 18.72
CA LEU A 160 -1.55 -2.47 17.38
C LEU A 160 -2.28 -3.30 16.33
N VAL A 161 -2.52 -2.71 15.17
CA VAL A 161 -3.15 -3.43 14.07
C VAL A 161 -2.71 -2.84 12.73
N MET A 162 -2.36 -3.71 11.79
CA MET A 162 -1.93 -3.31 10.47
C MET A 162 -3.09 -3.48 9.49
N VAL A 163 -3.21 -2.56 8.55
CA VAL A 163 -4.27 -2.63 7.56
C VAL A 163 -3.69 -2.62 6.15
N GLY A 164 -3.87 -3.74 5.45
CA GLY A 164 -3.35 -3.89 4.11
C GLY A 164 -3.87 -5.16 3.48
N ASP A 165 -3.15 -5.68 2.50
CA ASP A 165 -3.56 -6.92 1.84
C ASP A 165 -2.42 -7.56 1.06
N ARG A 166 -1.19 -7.08 1.27
CA ARG A 166 -0.05 -7.60 0.54
C ARG A 166 0.95 -8.26 1.48
N SER A 167 2.04 -8.76 0.92
CA SER A 167 3.08 -9.41 1.70
C SER A 167 3.84 -8.39 2.53
N HIS A 168 3.76 -7.12 2.15
CA HIS A 168 4.44 -6.06 2.87
C HIS A 168 3.87 -5.88 4.27
N ASP A 169 2.57 -5.64 4.34
CA ASP A 169 1.90 -5.40 5.59
C ASP A 169 1.76 -6.65 6.45
N VAL A 170 1.30 -7.73 5.83
CA VAL A 170 1.05 -8.97 6.55
C VAL A 170 2.33 -9.55 7.16
N ASP A 171 3.37 -9.68 6.34
CA ASP A 171 4.64 -10.24 6.82
C ASP A 171 5.28 -9.34 7.86
N GLY A 172 5.32 -8.04 7.58
CA GLY A 172 5.93 -7.10 8.50
C GLY A 172 5.23 -7.04 9.84
N ALA A 173 3.91 -6.99 9.82
CA ALA A 173 3.14 -6.90 11.04
C ALA A 173 3.24 -8.19 11.84
N ALA A 174 3.15 -9.32 11.17
CA ALA A 174 3.23 -10.61 11.84
C ALA A 174 4.60 -10.80 12.47
N ALA A 175 5.64 -10.42 11.73
CA ALA A 175 7.01 -10.52 12.20
C ALA A 175 7.26 -9.60 13.40
N HIS A 176 6.46 -8.55 13.52
CA HIS A 176 6.62 -7.61 14.62
C HIS A 176 5.59 -7.85 15.72
N GLY A 177 4.86 -8.96 15.59
CA GLY A 177 3.85 -9.33 16.58
C GLY A 177 2.66 -8.38 16.58
N ILE A 178 2.09 -8.17 15.42
CA ILE A 178 0.97 -7.25 15.25
C ILE A 178 -0.14 -7.91 14.43
N ASP A 179 -1.40 -7.62 14.79
CA ASP A 179 -2.54 -8.19 14.08
C ASP A 179 -2.68 -7.51 12.71
N THR A 180 -3.56 -8.01 11.86
CA THR A 180 -3.69 -7.47 10.52
C THR A 180 -5.11 -7.59 10.00
N VAL A 181 -5.62 -6.49 9.45
CA VAL A 181 -6.93 -6.47 8.83
C VAL A 181 -6.75 -6.32 7.32
N VAL A 182 -7.04 -7.39 6.59
CA VAL A 182 -6.85 -7.41 5.15
C VAL A 182 -8.05 -6.80 4.44
N VAL A 183 -7.79 -6.06 3.37
CA VAL A 183 -8.85 -5.46 2.58
C VAL A 183 -9.02 -6.18 1.24
N GLY A 184 -10.18 -6.01 0.64
CA GLY A 184 -10.44 -6.67 -0.64
C GLY A 184 -11.04 -5.73 -1.66
N TRP A 185 -10.26 -4.71 -2.03
CA TRP A 185 -10.73 -3.71 -3.00
C TRP A 185 -10.85 -4.31 -4.41
N GLY A 186 -10.07 -5.36 -4.68
CA GLY A 186 -10.09 -5.97 -6.00
C GLY A 186 -10.11 -7.48 -5.94
N TYR A 187 -9.97 -8.12 -7.09
CA TYR A 187 -10.00 -9.57 -7.19
C TYR A 187 -8.84 -10.06 -8.07
N GLY A 188 -8.32 -11.25 -7.75
CA GLY A 188 -7.22 -11.80 -8.52
C GLY A 188 -5.91 -11.69 -7.78
N ARG A 189 -5.67 -12.60 -6.84
CA ARG A 189 -4.48 -12.54 -6.01
C ARG A 189 -3.87 -13.91 -5.78
N ALA A 190 -4.66 -14.95 -5.99
CA ALA A 190 -4.24 -16.30 -5.68
C ALA A 190 -3.47 -16.96 -6.82
N ASP A 191 -2.89 -16.14 -7.70
CA ASP A 191 -2.10 -16.66 -8.82
C ASP A 191 -0.72 -17.13 -8.35
N PHE A 192 0.00 -16.22 -7.71
CA PHE A 192 1.35 -16.51 -7.24
C PHE A 192 1.43 -16.35 -5.73
N ILE A 193 2.52 -16.85 -5.16
CA ILE A 193 2.74 -16.76 -3.71
C ILE A 193 4.21 -16.48 -3.42
N ASP A 194 4.50 -16.12 -2.19
CA ASP A 194 5.89 -15.92 -1.75
C ASP A 194 6.37 -17.22 -1.13
N LYS A 195 7.67 -17.48 -1.18
CA LYS A 195 8.22 -18.73 -0.66
C LYS A 195 8.36 -18.66 0.85
N THR A 196 7.22 -18.55 1.53
CA THR A 196 7.16 -18.50 2.98
C THR A 196 5.87 -19.16 3.47
N SER A 197 5.56 -19.01 4.74
CA SER A 197 4.35 -19.60 5.30
C SER A 197 3.18 -18.63 5.21
N THR A 198 2.09 -19.07 4.60
CA THR A 198 0.91 -18.23 4.46
C THR A 198 0.06 -18.29 5.72
N THR A 199 -0.53 -17.15 6.08
CA THR A 199 -1.36 -17.06 7.27
C THR A 199 -2.83 -16.90 6.88
N VAL A 200 -3.73 -17.53 7.64
CA VAL A 200 -5.15 -17.39 7.39
C VAL A 200 -5.61 -16.04 7.93
N VAL A 201 -5.74 -15.08 7.02
CA VAL A 201 -6.06 -13.72 7.40
C VAL A 201 -7.55 -13.42 7.27
N THR A 202 -8.02 -12.50 8.11
CA THR A 202 -9.39 -12.05 8.06
C THR A 202 -9.44 -10.76 7.24
N HIS A 203 -10.42 -10.63 6.35
CA HIS A 203 -10.45 -9.48 5.46
C HIS A 203 -11.80 -8.76 5.51
N ALA A 204 -11.79 -7.53 5.04
CA ALA A 204 -12.99 -6.72 4.92
C ALA A 204 -13.27 -6.44 3.44
N ALA A 205 -14.49 -6.67 3.02
CA ALA A 205 -14.87 -6.45 1.63
C ALA A 205 -15.09 -4.97 1.35
N THR A 206 -15.92 -4.33 2.16
CA THR A 206 -16.22 -2.93 1.99
C THR A 206 -15.53 -2.08 3.06
N ILE A 207 -15.55 -0.76 2.88
CA ILE A 207 -14.92 0.16 3.82
C ILE A 207 -15.67 0.17 5.15
N ASP A 208 -16.97 -0.08 5.09
CA ASP A 208 -17.81 -0.10 6.28
C ASP A 208 -17.36 -1.19 7.25
N GLU A 209 -16.82 -2.27 6.71
CA GLU A 209 -16.35 -3.37 7.54
C GLU A 209 -15.10 -2.96 8.31
N LEU A 210 -14.30 -2.09 7.71
CA LEU A 210 -13.12 -1.56 8.37
C LEU A 210 -13.53 -0.76 9.60
N ARG A 211 -14.51 0.11 9.40
CA ARG A 211 -15.03 0.94 10.49
C ARG A 211 -15.46 0.09 11.68
N GLU A 212 -16.24 -0.94 11.43
CA GLU A 212 -16.73 -1.79 12.50
C GLU A 212 -15.62 -2.69 13.06
N ALA A 213 -14.72 -3.18 12.20
CA ALA A 213 -13.65 -4.07 12.64
C ALA A 213 -12.63 -3.32 13.49
N LEU A 214 -12.32 -2.11 13.08
CA LEU A 214 -11.37 -1.28 13.81
C LEU A 214 -11.97 -0.82 15.14
N GLY A 215 -13.30 -0.88 15.24
CA GLY A 215 -13.97 -0.51 16.47
C GLY A 215 -14.12 0.97 16.64
N VAL A 216 -14.65 1.64 15.63
CA VAL A 216 -14.86 3.08 15.71
C VAL A 216 -16.13 3.37 16.48
N GLY A 1 -17.82 0.28 19.47
CA GLY A 1 -16.73 1.08 18.89
C GLY A 1 -15.53 1.19 19.82
N GLU A 2 -14.75 0.11 19.90
CA GLU A 2 -13.56 0.11 20.74
C GLU A 2 -12.32 -0.11 19.88
N SER A 3 -11.82 0.98 19.30
CA SER A 3 -10.65 0.94 18.44
C SER A 3 -9.37 0.79 19.26
N PRO A 4 -8.27 0.33 18.62
CA PRO A 4 -6.98 0.17 19.29
C PRO A 4 -6.31 1.51 19.65
N GLN A 5 -5.02 1.48 19.89
CA GLN A 5 -4.29 2.69 20.26
C GLN A 5 -3.71 3.37 19.02
N LEU A 6 -3.21 2.57 18.10
CA LEU A 6 -2.59 3.09 16.88
C LEU A 6 -2.86 2.19 15.69
N VAL A 7 -3.17 2.81 14.56
CA VAL A 7 -3.46 2.08 13.34
C VAL A 7 -2.61 2.61 12.18
N ILE A 8 -1.76 1.75 11.64
CA ILE A 8 -0.92 2.13 10.51
C ILE A 8 -1.57 1.74 9.19
N PHE A 9 -1.67 2.71 8.30
CA PHE A 9 -2.25 2.48 6.98
C PHE A 9 -1.18 2.51 5.89
N ASP A 10 -1.38 1.73 4.84
CA ASP A 10 -0.48 1.75 3.66
C ASP A 10 -1.06 2.67 2.58
N LEU A 11 -0.19 3.26 1.77
CA LEU A 11 -0.63 4.20 0.73
C LEU A 11 -0.45 3.61 -0.67
N ASP A 12 -0.72 2.33 -0.83
CA ASP A 12 -0.61 1.71 -2.14
C ASP A 12 -1.76 0.73 -2.39
N GLY A 13 -2.82 1.22 -3.02
CA GLY A 13 -3.95 0.38 -3.32
C GLY A 13 -4.99 0.38 -2.22
N THR A 14 -4.61 0.85 -1.04
CA THR A 14 -5.54 0.86 0.09
C THR A 14 -6.23 2.22 0.24
N LEU A 15 -5.46 3.29 0.42
CA LEU A 15 -6.04 4.61 0.63
C LEU A 15 -6.01 5.46 -0.65
N THR A 16 -5.56 4.88 -1.75
CA THR A 16 -5.46 5.63 -3.00
C THR A 16 -5.62 4.70 -4.20
N ASP A 17 -6.33 5.15 -5.22
CA ASP A 17 -6.47 4.35 -6.44
C ASP A 17 -5.20 4.51 -7.25
N SER A 18 -4.23 3.66 -6.96
CA SER A 18 -2.95 3.69 -7.63
C SER A 18 -3.07 3.07 -9.02
N ALA A 19 -4.12 2.28 -9.22
CA ALA A 19 -4.36 1.58 -10.48
C ALA A 19 -4.19 2.48 -11.71
N ARG A 20 -4.84 3.65 -11.70
CA ARG A 20 -4.77 4.58 -12.83
C ARG A 20 -3.33 4.90 -13.22
N GLY A 21 -2.56 5.35 -12.24
CA GLY A 21 -1.17 5.70 -12.48
C GLY A 21 -0.34 4.49 -12.87
N ILE A 22 -0.60 3.35 -12.24
CA ILE A 22 0.16 2.13 -12.50
C ILE A 22 -0.08 1.62 -13.92
N VAL A 23 -1.35 1.58 -14.33
CA VAL A 23 -1.70 1.14 -15.68
C VAL A 23 -1.02 2.02 -16.72
N SER A 24 -1.03 3.32 -16.47
CA SER A 24 -0.38 4.27 -17.37
C SER A 24 1.11 3.99 -17.47
N SER A 25 1.76 3.82 -16.32
CA SER A 25 3.18 3.52 -16.27
C SER A 25 3.49 2.18 -16.94
N PHE A 26 2.66 1.18 -16.67
CA PHE A 26 2.81 -0.14 -17.26
C PHE A 26 2.78 -0.09 -18.79
N ARG A 27 1.85 0.71 -19.32
CA ARG A 27 1.73 0.88 -20.76
C ARG A 27 3.02 1.47 -21.34
N HIS A 28 3.49 2.55 -20.73
CA HIS A 28 4.70 3.22 -21.19
C HIS A 28 5.94 2.37 -20.96
N ALA A 29 5.95 1.61 -19.87
CA ALA A 29 7.07 0.71 -19.54
C ALA A 29 7.29 -0.31 -20.65
N LEU A 30 6.25 -1.07 -20.95
CA LEU A 30 6.31 -2.05 -22.03
C LEU A 30 6.63 -1.40 -23.36
N ASN A 31 6.03 -0.23 -23.59
CA ASN A 31 6.27 0.51 -24.82
C ASN A 31 7.75 0.90 -24.95
N HIS A 32 8.38 1.16 -23.80
CA HIS A 32 9.78 1.54 -23.74
C HIS A 32 10.69 0.41 -24.24
N ILE A 33 10.31 -0.83 -23.97
CA ILE A 33 11.12 -1.98 -24.39
C ILE A 33 10.62 -2.55 -25.70
N GLY A 34 9.71 -1.82 -26.35
CA GLY A 34 9.20 -2.24 -27.65
C GLY A 34 8.25 -3.43 -27.55
N ALA A 35 7.54 -3.51 -26.44
CA ALA A 35 6.58 -4.58 -26.24
C ALA A 35 5.16 -4.05 -26.36
N PRO A 36 4.25 -4.87 -26.91
CA PRO A 36 2.84 -4.49 -27.05
C PRO A 36 2.15 -4.37 -25.69
N VAL A 37 0.99 -3.73 -25.67
CA VAL A 37 0.25 -3.50 -24.44
C VAL A 37 -1.24 -3.63 -24.71
N PRO A 38 -1.90 -4.59 -24.05
CA PRO A 38 -3.33 -4.79 -24.17
C PRO A 38 -4.08 -3.92 -23.17
N GLU A 39 -4.65 -2.83 -23.65
CA GLU A 39 -5.35 -1.92 -22.76
C GLU A 39 -6.80 -2.38 -22.56
N GLY A 40 -6.99 -3.17 -21.52
CA GLY A 40 -8.32 -3.68 -21.22
C GLY A 40 -8.57 -3.78 -19.72
N ASP A 41 -8.96 -4.96 -19.28
CA ASP A 41 -9.28 -5.20 -17.86
C ASP A 41 -8.03 -5.57 -17.07
N LEU A 42 -6.90 -4.94 -17.42
CA LEU A 42 -5.62 -5.20 -16.76
C LEU A 42 -5.61 -4.73 -15.32
N ALA A 43 -6.60 -3.92 -14.94
CA ALA A 43 -6.67 -3.38 -13.60
C ALA A 43 -6.71 -4.48 -12.54
N THR A 44 -7.61 -5.44 -12.72
CA THR A 44 -7.76 -6.52 -11.77
C THR A 44 -6.62 -7.55 -11.89
N HIS A 45 -5.96 -7.55 -13.04
CA HIS A 45 -4.89 -8.52 -13.29
C HIS A 45 -3.57 -8.09 -12.66
N ILE A 46 -3.41 -6.79 -12.43
CA ILE A 46 -2.16 -6.29 -11.86
C ILE A 46 -2.22 -6.13 -10.34
N VAL A 47 -3.27 -6.65 -9.72
CA VAL A 47 -3.39 -6.58 -8.28
C VAL A 47 -3.10 -7.94 -7.65
N GLY A 48 -2.37 -7.94 -6.54
CA GLY A 48 -2.02 -9.18 -5.88
C GLY A 48 -0.53 -9.32 -5.67
N PRO A 49 0.20 -9.90 -6.63
CA PRO A 49 1.64 -10.09 -6.54
C PRO A 49 2.41 -8.81 -6.85
N PRO A 50 3.70 -8.75 -6.47
CA PRO A 50 4.56 -7.59 -6.76
C PRO A 50 4.60 -7.29 -8.25
N MET A 51 4.82 -6.01 -8.60
CA MET A 51 4.81 -5.59 -9.98
C MET A 51 5.90 -6.27 -10.80
N HIS A 52 6.99 -6.67 -10.15
CA HIS A 52 8.07 -7.37 -10.83
C HIS A 52 7.58 -8.75 -11.29
N GLU A 53 6.64 -9.30 -10.53
CA GLU A 53 6.05 -10.59 -10.85
C GLU A 53 5.03 -10.42 -11.96
N THR A 54 4.20 -9.38 -11.82
CA THR A 54 3.18 -9.06 -12.81
C THR A 54 3.82 -8.79 -14.17
N LEU A 55 4.90 -8.04 -14.17
CA LEU A 55 5.62 -7.71 -15.40
C LEU A 55 6.27 -8.96 -16.00
N ARG A 56 6.71 -9.87 -15.13
CA ARG A 56 7.33 -11.12 -15.56
C ARG A 56 6.28 -12.05 -16.18
N ALA A 57 5.03 -11.85 -15.79
CA ALA A 57 3.93 -12.66 -16.30
C ALA A 57 3.36 -12.05 -17.57
N MET A 58 3.60 -10.75 -17.76
CA MET A 58 3.07 -10.03 -18.91
C MET A 58 4.04 -10.05 -20.08
N GLY A 59 5.24 -9.54 -19.87
CA GLY A 59 6.19 -9.43 -20.95
C GLY A 59 7.37 -10.36 -20.80
N LEU A 60 8.52 -9.92 -21.31
CA LEU A 60 9.74 -10.70 -21.26
C LEU A 60 10.53 -10.38 -20.00
N GLY A 61 11.33 -11.34 -19.55
CA GLY A 61 12.10 -11.15 -18.34
C GLY A 61 13.50 -10.62 -18.58
N GLU A 62 13.95 -10.69 -19.83
CA GLU A 62 15.30 -10.27 -20.19
C GLU A 62 15.48 -8.76 -19.99
N SER A 63 14.45 -7.99 -20.33
CA SER A 63 14.50 -6.55 -20.18
C SER A 63 13.47 -6.09 -19.15
N ALA A 64 13.03 -7.03 -18.32
CA ALA A 64 12.05 -6.74 -17.28
C ALA A 64 12.62 -5.72 -16.31
N GLU A 65 13.91 -5.83 -16.04
CA GLU A 65 14.58 -4.92 -15.11
C GLU A 65 14.58 -3.52 -15.69
N GLU A 66 14.78 -3.44 -17.01
CA GLU A 66 14.76 -2.19 -17.74
C GLU A 66 13.35 -1.57 -17.71
N ALA A 67 12.35 -2.42 -17.94
CA ALA A 67 10.96 -1.96 -17.93
C ALA A 67 10.56 -1.48 -16.55
N ILE A 68 11.10 -2.11 -15.52
CA ILE A 68 10.85 -1.68 -14.15
C ILE A 68 11.37 -0.26 -13.94
N VAL A 69 12.51 0.04 -14.56
CA VAL A 69 13.09 1.38 -14.50
C VAL A 69 12.17 2.37 -15.22
N ALA A 70 11.69 1.97 -16.41
CA ALA A 70 10.78 2.81 -17.18
C ALA A 70 9.51 3.06 -16.39
N TYR A 71 9.03 2.01 -15.73
CA TYR A 71 7.86 2.09 -14.87
C TYR A 71 8.07 3.16 -13.80
N ARG A 72 9.24 3.12 -13.18
CA ARG A 72 9.62 4.10 -12.15
C ARG A 72 9.51 5.52 -12.69
N ALA A 73 10.12 5.74 -13.85
CA ALA A 73 10.14 7.05 -14.50
C ALA A 73 8.74 7.57 -14.77
N ASP A 74 7.92 6.75 -15.41
CA ASP A 74 6.56 7.16 -15.77
C ASP A 74 5.69 7.29 -14.53
N TYR A 75 5.99 6.51 -13.50
CA TYR A 75 5.26 6.60 -12.24
C TYR A 75 5.56 7.93 -11.57
N SER A 76 6.83 8.29 -11.54
CA SER A 76 7.25 9.57 -10.96
C SER A 76 6.85 10.73 -11.87
N ALA A 77 6.40 10.41 -13.08
CA ALA A 77 5.99 11.43 -14.02
C ALA A 77 4.46 11.62 -14.02
N ARG A 78 3.74 10.52 -14.12
CA ARG A 78 2.27 10.55 -14.21
C ARG A 78 1.60 9.79 -13.07
N GLY A 79 2.27 8.78 -12.55
CA GLY A 79 1.67 7.92 -11.55
C GLY A 79 1.58 8.53 -10.17
N TRP A 80 2.13 9.72 -10.00
CA TRP A 80 2.09 10.40 -8.71
C TRP A 80 0.97 11.42 -8.68
N ALA A 81 0.48 11.80 -9.86
CA ALA A 81 -0.56 12.81 -9.97
C ALA A 81 -1.87 12.19 -10.46
N MET A 82 -1.78 11.01 -11.05
CA MET A 82 -2.97 10.34 -11.54
C MET A 82 -3.47 9.37 -10.49
N ASN A 83 -4.01 9.94 -9.43
CA ASN A 83 -4.53 9.17 -8.32
C ASN A 83 -5.68 9.92 -7.65
N SER A 84 -6.50 9.20 -6.91
CA SER A 84 -7.65 9.78 -6.24
C SER A 84 -8.15 8.86 -5.14
N LEU A 85 -9.19 9.30 -4.44
CA LEU A 85 -9.84 8.50 -3.43
C LEU A 85 -11.32 8.84 -3.42
N PHE A 86 -12.15 7.82 -3.26
CA PHE A 86 -13.60 8.02 -3.30
C PHE A 86 -14.31 6.87 -2.59
N ASP A 87 -13.52 6.07 -1.92
CA ASP A 87 -14.02 4.89 -1.22
C ASP A 87 -14.64 5.27 0.11
N GLY A 88 -13.90 6.08 0.88
CA GLY A 88 -14.39 6.52 2.17
C GLY A 88 -13.26 6.78 3.15
N ILE A 89 -12.08 7.07 2.62
CA ILE A 89 -10.90 7.33 3.44
C ILE A 89 -11.09 8.58 4.30
N GLY A 90 -11.69 9.60 3.69
CA GLY A 90 -11.94 10.85 4.39
C GLY A 90 -12.74 10.65 5.66
N PRO A 91 -13.99 10.19 5.57
CA PRO A 91 -14.83 9.94 6.74
C PRO A 91 -14.25 8.85 7.65
N LEU A 92 -13.48 7.94 7.06
CA LEU A 92 -12.85 6.87 7.84
C LEU A 92 -11.97 7.45 8.93
N LEU A 93 -11.02 8.29 8.54
CA LEU A 93 -10.10 8.91 9.48
C LEU A 93 -10.82 9.89 10.39
N ALA A 94 -11.93 10.44 9.91
CA ALA A 94 -12.73 11.37 10.70
C ALA A 94 -13.39 10.65 11.88
N ASP A 95 -14.12 9.58 11.57
CA ASP A 95 -14.79 8.80 12.60
C ASP A 95 -13.78 8.16 13.53
N LEU A 96 -12.70 7.63 12.96
CA LEU A 96 -11.62 7.03 13.75
C LEU A 96 -11.06 8.04 14.75
N ARG A 97 -10.87 9.27 14.29
CA ARG A 97 -10.37 10.33 15.14
C ARG A 97 -11.37 10.60 16.27
N THR A 98 -12.65 10.58 15.90
CA THR A 98 -13.74 10.75 16.86
C THR A 98 -13.70 9.67 17.95
N ALA A 99 -13.29 8.46 17.57
CA ALA A 99 -13.19 7.36 18.51
C ALA A 99 -11.99 7.51 19.45
N GLY A 100 -11.05 8.37 19.06
CA GLY A 100 -9.90 8.64 19.91
C GLY A 100 -8.67 7.83 19.53
N VAL A 101 -8.76 7.08 18.44
CA VAL A 101 -7.63 6.28 18.00
C VAL A 101 -6.62 7.14 17.25
N ARG A 102 -5.34 6.86 17.46
CA ARG A 102 -4.28 7.59 16.78
C ARG A 102 -3.98 6.88 15.46
N LEU A 103 -3.93 7.62 14.36
CA LEU A 103 -3.67 7.03 13.06
C LEU A 103 -2.23 7.31 12.64
N ALA A 104 -1.68 6.46 11.80
CA ALA A 104 -0.32 6.63 11.27
C ALA A 104 -0.21 5.98 9.91
N VAL A 105 0.91 6.18 9.25
CA VAL A 105 1.09 5.65 7.91
C VAL A 105 2.51 5.14 7.70
N ALA A 106 2.61 3.98 7.08
CA ALA A 106 3.89 3.37 6.76
C ALA A 106 3.76 2.64 5.44
N THR A 107 4.32 3.23 4.39
CA THR A 107 4.15 2.66 3.05
C THR A 107 5.47 2.66 2.29
N SER A 108 5.46 2.00 1.13
CA SER A 108 6.66 1.85 0.33
C SER A 108 6.72 2.88 -0.80
N LYS A 109 7.12 4.09 -0.44
CA LYS A 109 7.34 5.18 -1.40
C LYS A 109 8.04 6.34 -0.69
N ALA A 110 8.93 7.00 -1.41
CA ALA A 110 9.77 8.07 -0.86
C ALA A 110 8.97 9.12 -0.09
N GLU A 111 9.62 9.70 0.92
CA GLU A 111 9.02 10.75 1.74
C GLU A 111 8.37 11.85 0.89
N PRO A 112 9.09 12.45 -0.09
CA PRO A 112 8.55 13.51 -0.93
C PRO A 112 7.32 13.07 -1.72
N THR A 113 7.39 11.86 -2.27
CA THR A 113 6.29 11.30 -3.05
C THR A 113 5.06 11.11 -2.16
N ALA A 114 5.27 10.48 -1.01
CA ALA A 114 4.19 10.22 -0.07
C ALA A 114 3.60 11.53 0.45
N ARG A 115 4.47 12.48 0.74
CA ARG A 115 4.06 13.78 1.25
C ARG A 115 3.14 14.48 0.26
N ARG A 116 3.57 14.49 -1.00
CA ARG A 116 2.81 15.10 -2.08
C ARG A 116 1.45 14.45 -2.24
N ILE A 117 1.39 13.13 -2.15
CA ILE A 117 0.13 12.40 -2.27
C ILE A 117 -0.78 12.69 -1.08
N LEU A 118 -0.22 12.55 0.12
CA LEU A 118 -0.97 12.77 1.35
C LEU A 118 -1.47 14.21 1.43
N ARG A 119 -0.67 15.14 0.95
CA ARG A 119 -1.01 16.55 1.00
C ARG A 119 -1.89 16.94 -0.19
N HIS A 120 -1.80 16.18 -1.27
CA HIS A 120 -2.66 16.38 -2.43
C HIS A 120 -4.12 16.25 -2.01
N PHE A 121 -4.39 15.25 -1.18
CA PHE A 121 -5.74 15.04 -0.67
C PHE A 121 -5.97 15.88 0.58
N GLY A 122 -4.94 16.02 1.40
CA GLY A 122 -5.05 16.81 2.61
C GLY A 122 -5.32 15.96 3.83
N ILE A 123 -4.89 14.71 3.78
CA ILE A 123 -5.10 13.78 4.88
C ILE A 123 -3.82 13.58 5.67
N GLU A 124 -2.78 14.30 5.26
CA GLU A 124 -1.46 14.21 5.90
C GLU A 124 -1.52 14.52 7.39
N GLN A 125 -2.19 15.62 7.73
CA GLN A 125 -2.28 16.09 9.11
C GLN A 125 -3.03 15.10 10.01
N HIS A 126 -3.81 14.21 9.40
CA HIS A 126 -4.60 13.26 10.17
C HIS A 126 -3.77 12.07 10.64
N PHE A 127 -2.54 11.96 10.14
CA PHE A 127 -1.65 10.89 10.54
C PHE A 127 -0.63 11.38 11.58
N GLU A 128 -0.40 10.55 12.58
CA GLU A 128 0.56 10.84 13.65
C GLU A 128 1.99 10.80 13.11
N VAL A 129 2.44 9.58 12.80
CA VAL A 129 3.78 9.37 12.28
C VAL A 129 3.73 9.04 10.80
N ILE A 130 4.31 9.91 9.98
CA ILE A 130 4.36 9.67 8.54
C ILE A 130 5.61 8.87 8.20
N ALA A 131 5.49 7.56 8.10
CA ALA A 131 6.63 6.70 7.80
C ALA A 131 6.72 6.42 6.31
N GLY A 132 7.50 7.25 5.63
CA GLY A 132 7.73 7.05 4.22
C GLY A 132 9.05 6.37 3.97
N ALA A 133 9.32 6.02 2.72
CA ALA A 133 10.57 5.37 2.38
C ALA A 133 11.70 6.37 2.34
N SER A 134 12.82 6.02 2.95
CA SER A 134 13.96 6.89 3.02
C SER A 134 15.24 6.05 3.07
N THR A 135 16.18 6.35 2.19
CA THR A 135 17.43 5.61 2.08
C THR A 135 17.16 4.21 1.53
N ASP A 136 16.92 4.15 0.23
CA ASP A 136 16.58 2.90 -0.45
C ASP A 136 17.79 2.33 -1.18
N GLY A 137 17.69 1.06 -1.53
CA GLY A 137 18.76 0.39 -2.24
C GLY A 137 18.66 -1.11 -2.10
N SER A 138 18.89 -1.59 -0.88
CA SER A 138 18.80 -3.02 -0.57
C SER A 138 19.04 -3.23 0.92
N ARG A 139 19.02 -4.50 1.33
CA ARG A 139 19.27 -4.91 2.71
C ARG A 139 18.08 -4.60 3.62
N GLY A 140 17.01 -4.07 3.05
CA GLY A 140 15.81 -3.82 3.83
C GLY A 140 14.96 -5.07 3.93
N SER A 141 13.85 -5.08 3.18
CA SER A 141 12.95 -6.24 3.10
C SER A 141 12.19 -6.53 4.40
N LYS A 142 12.84 -6.34 5.53
CA LYS A 142 12.25 -6.67 6.82
C LYS A 142 11.22 -5.63 7.25
N VAL A 143 10.92 -5.62 8.54
CA VAL A 143 9.95 -4.71 9.13
C VAL A 143 10.57 -3.35 9.40
N ASP A 144 11.66 -3.04 8.70
CA ASP A 144 12.44 -1.82 8.90
C ASP A 144 11.56 -0.59 9.08
N VAL A 145 10.76 -0.27 8.06
CA VAL A 145 9.89 0.90 8.09
C VAL A 145 8.96 0.91 9.31
N LEU A 146 8.18 -0.15 9.48
CA LEU A 146 7.20 -0.24 10.57
C LEU A 146 7.89 -0.21 11.94
N ALA A 147 9.01 -0.93 12.04
CA ALA A 147 9.77 -0.99 13.29
C ALA A 147 10.28 0.38 13.70
N HIS A 148 10.86 1.10 12.75
CA HIS A 148 11.40 2.43 13.03
C HIS A 148 10.29 3.41 13.38
N ALA A 149 9.15 3.28 12.72
CA ALA A 149 8.00 4.13 13.00
C ALA A 149 7.54 3.95 14.44
N LEU A 150 7.49 2.69 14.87
CA LEU A 150 7.07 2.36 16.22
C LEU A 150 8.11 2.82 17.24
N ALA A 151 9.37 2.75 16.86
CA ALA A 151 10.45 3.17 17.75
C ALA A 151 10.37 4.67 18.03
N GLN A 152 9.81 5.41 17.09
CA GLN A 152 9.66 6.86 17.25
C GLN A 152 8.44 7.21 18.09
N LEU A 153 7.37 6.43 17.94
CA LEU A 153 6.13 6.72 18.65
C LEU A 153 6.11 6.10 20.04
N ARG A 154 7.28 5.67 20.53
CA ARG A 154 7.40 5.07 21.85
C ARG A 154 6.78 5.97 22.93
N PRO A 155 6.28 5.36 24.01
CA PRO A 155 6.33 3.91 24.23
C PRO A 155 5.41 3.13 23.30
N LEU A 156 5.63 1.83 23.24
CA LEU A 156 4.86 0.96 22.38
C LEU A 156 3.53 0.58 23.04
N PRO A 157 2.42 0.88 22.36
CA PRO A 157 1.07 0.60 22.87
C PRO A 157 0.75 -0.88 22.84
N GLU A 158 -0.30 -1.26 23.57
CA GLU A 158 -0.74 -2.65 23.63
C GLU A 158 -1.60 -2.99 22.42
N ARG A 159 -2.43 -2.04 22.01
CA ARG A 159 -3.32 -2.26 20.88
C ARG A 159 -2.79 -1.62 19.61
N LEU A 160 -2.12 -2.42 18.82
CA LEU A 160 -1.54 -1.98 17.55
C LEU A 160 -2.10 -2.84 16.43
N VAL A 161 -2.41 -2.22 15.30
CA VAL A 161 -2.93 -2.97 14.16
C VAL A 161 -2.47 -2.35 12.84
N MET A 162 -2.10 -3.22 11.90
CA MET A 162 -1.68 -2.81 10.58
C MET A 162 -2.83 -2.95 9.60
N VAL A 163 -2.99 -1.99 8.72
CA VAL A 163 -4.05 -2.02 7.72
C VAL A 163 -3.48 -1.94 6.31
N GLY A 164 -3.68 -3.01 5.56
CA GLY A 164 -3.20 -3.09 4.20
C GLY A 164 -3.72 -4.34 3.51
N ASP A 165 -2.96 -4.86 2.56
CA ASP A 165 -3.37 -6.05 1.83
C ASP A 165 -2.15 -6.76 1.23
N ARG A 166 -1.27 -5.95 0.65
CA ARG A 166 -0.09 -6.42 -0.07
C ARG A 166 0.73 -7.46 0.74
N SER A 167 1.47 -8.28 -0.01
CA SER A 167 2.17 -9.45 0.51
C SER A 167 3.07 -9.20 1.73
N HIS A 168 4.24 -8.60 1.52
CA HIS A 168 5.26 -8.58 2.57
C HIS A 168 5.04 -7.50 3.63
N ASP A 169 4.08 -6.61 3.44
CA ASP A 169 3.77 -5.63 4.45
C ASP A 169 2.89 -6.25 5.51
N VAL A 170 1.86 -6.96 5.06
CA VAL A 170 1.01 -7.72 5.96
C VAL A 170 1.84 -8.81 6.63
N ASP A 171 2.75 -9.38 5.85
CA ASP A 171 3.67 -10.40 6.34
C ASP A 171 4.63 -9.80 7.37
N GLY A 172 5.15 -8.62 7.06
CA GLY A 172 6.08 -7.95 7.95
C GLY A 172 5.46 -7.60 9.28
N ALA A 173 4.22 -7.11 9.25
CA ALA A 173 3.52 -6.76 10.47
C ALA A 173 3.35 -7.99 11.35
N ALA A 174 3.03 -9.11 10.73
CA ALA A 174 2.86 -10.37 11.45
C ALA A 174 4.21 -10.84 11.99
N ALA A 175 5.27 -10.57 11.24
CA ALA A 175 6.63 -10.95 11.64
C ALA A 175 7.09 -10.16 12.85
N HIS A 176 6.47 -9.02 13.10
CA HIS A 176 6.81 -8.22 14.28
C HIS A 176 5.77 -8.42 15.37
N GLY A 177 4.91 -9.41 15.16
CA GLY A 177 3.89 -9.73 16.13
C GLY A 177 2.77 -8.71 16.19
N ILE A 178 2.38 -8.22 15.03
CA ILE A 178 1.32 -7.22 14.93
C ILE A 178 0.17 -7.76 14.09
N ASP A 179 -1.05 -7.59 14.59
CA ASP A 179 -2.22 -8.07 13.86
C ASP A 179 -2.45 -7.20 12.65
N THR A 180 -2.98 -7.77 11.58
CA THR A 180 -3.18 -7.03 10.35
C THR A 180 -4.56 -7.26 9.76
N VAL A 181 -5.25 -6.16 9.50
CA VAL A 181 -6.55 -6.21 8.87
C VAL A 181 -6.38 -6.00 7.37
N VAL A 182 -6.79 -7.00 6.59
CA VAL A 182 -6.62 -6.94 5.15
C VAL A 182 -7.76 -6.13 4.52
N VAL A 183 -7.42 -5.31 3.55
CA VAL A 183 -8.39 -4.49 2.84
C VAL A 183 -7.88 -4.14 1.44
N GLY A 184 -8.61 -4.57 0.42
CA GLY A 184 -8.19 -4.33 -0.94
C GLY A 184 -9.35 -3.94 -1.84
N TRP A 185 -10.47 -3.62 -1.21
CA TRP A 185 -11.69 -3.19 -1.92
C TRP A 185 -12.19 -4.25 -2.89
N GLY A 186 -11.76 -5.50 -2.67
CA GLY A 186 -12.18 -6.59 -3.53
C GLY A 186 -11.41 -7.86 -3.26
N TYR A 187 -10.63 -8.30 -4.25
CA TYR A 187 -9.88 -9.54 -4.16
C TYR A 187 -8.52 -9.38 -4.83
N GLY A 188 -7.84 -10.51 -5.04
CA GLY A 188 -6.51 -10.49 -5.61
C GLY A 188 -5.45 -10.55 -4.54
N ARG A 189 -5.31 -11.71 -3.90
CA ARG A 189 -4.39 -11.85 -2.78
C ARG A 189 -4.22 -13.32 -2.38
N ALA A 190 -5.33 -14.02 -2.25
CA ALA A 190 -5.30 -15.44 -1.85
C ALA A 190 -5.34 -16.34 -3.07
N ASP A 191 -5.15 -15.74 -4.24
CA ASP A 191 -5.24 -16.44 -5.51
C ASP A 191 -4.10 -17.46 -5.67
N PHE A 192 -2.88 -16.98 -5.84
CA PHE A 192 -1.74 -17.86 -5.98
C PHE A 192 -0.49 -17.26 -5.34
N ILE A 193 0.30 -18.12 -4.72
CA ILE A 193 1.54 -17.71 -4.07
C ILE A 193 2.36 -18.95 -3.73
N ASP A 194 3.68 -18.83 -3.84
CA ASP A 194 4.57 -19.96 -3.60
C ASP A 194 4.81 -20.18 -2.11
N LYS A 195 5.40 -19.18 -1.46
CA LYS A 195 5.73 -19.29 -0.04
C LYS A 195 4.81 -18.42 0.81
N THR A 196 4.78 -18.70 2.11
CA THR A 196 3.91 -17.98 3.04
C THR A 196 2.44 -18.19 2.70
N SER A 197 1.90 -19.32 3.16
CA SER A 197 0.52 -19.70 2.87
C SER A 197 -0.48 -18.77 3.57
N THR A 198 -1.30 -18.10 2.77
CA THR A 198 -2.33 -17.21 3.31
C THR A 198 -3.35 -18.01 4.12
N THR A 199 -3.34 -17.83 5.42
CA THR A 199 -4.24 -18.56 6.31
C THR A 199 -5.08 -17.58 7.13
N VAL A 200 -6.40 -17.72 7.04
CA VAL A 200 -7.34 -16.83 7.74
C VAL A 200 -7.14 -15.39 7.26
N VAL A 201 -7.87 -15.02 6.21
CA VAL A 201 -7.70 -13.71 5.62
C VAL A 201 -8.98 -12.88 5.64
N THR A 202 -9.11 -12.06 6.69
CA THR A 202 -10.21 -11.13 6.79
C THR A 202 -9.91 -9.91 5.92
N HIS A 203 -10.48 -9.88 4.73
CA HIS A 203 -10.21 -8.80 3.79
C HIS A 203 -11.44 -7.93 3.59
N ALA A 204 -11.27 -6.64 3.88
CA ALA A 204 -12.34 -5.66 3.73
C ALA A 204 -12.57 -5.34 2.26
N ALA A 205 -13.76 -5.70 1.79
CA ALA A 205 -14.16 -5.44 0.42
C ALA A 205 -14.64 -3.99 0.28
N THR A 206 -15.11 -3.42 1.38
CA THR A 206 -15.66 -2.08 1.37
C THR A 206 -15.19 -1.31 2.62
N ILE A 207 -15.42 0.00 2.63
CA ILE A 207 -14.94 0.87 3.70
C ILE A 207 -15.72 0.66 5.01
N ASP A 208 -17.03 0.43 4.89
CA ASP A 208 -17.88 0.22 6.06
C ASP A 208 -17.46 -1.01 6.83
N GLU A 209 -16.93 -1.99 6.10
CA GLU A 209 -16.45 -3.22 6.67
C GLU A 209 -15.19 -2.96 7.49
N LEU A 210 -14.30 -2.15 6.92
CA LEU A 210 -13.05 -1.80 7.58
C LEU A 210 -13.33 -1.00 8.84
N ARG A 211 -14.27 -0.04 8.72
CA ARG A 211 -14.66 0.81 9.83
C ARG A 211 -15.02 0.02 11.08
N GLU A 212 -16.05 -0.82 10.98
CA GLU A 212 -16.55 -1.55 12.12
C GLU A 212 -15.50 -2.55 12.62
N ALA A 213 -14.65 -3.02 11.71
CA ALA A 213 -13.59 -3.96 12.09
C ALA A 213 -12.55 -3.29 12.97
N LEU A 214 -12.22 -2.03 12.64
CA LEU A 214 -11.24 -1.28 13.41
C LEU A 214 -11.81 -0.91 14.78
N GLY A 215 -13.13 -0.78 14.84
CA GLY A 215 -13.78 -0.48 16.11
C GLY A 215 -14.20 0.97 16.22
N VAL A 216 -14.81 1.49 15.18
CA VAL A 216 -15.30 2.85 15.17
C VAL A 216 -16.74 2.91 14.66
N GLY A 1 -13.43 -1.93 25.08
CA GLY A 1 -12.14 -1.70 24.39
C GLY A 1 -12.20 -2.21 22.96
N GLU A 2 -12.78 -1.40 22.09
CA GLU A 2 -12.98 -1.78 20.71
C GLU A 2 -11.75 -1.48 19.87
N SER A 3 -11.52 -0.20 19.63
CA SER A 3 -10.40 0.24 18.82
C SER A 3 -9.07 0.05 19.56
N PRO A 4 -8.00 -0.21 18.80
CA PRO A 4 -6.65 -0.30 19.35
C PRO A 4 -6.10 1.09 19.61
N GLN A 5 -4.80 1.19 19.85
CA GLN A 5 -4.20 2.48 20.11
C GLN A 5 -3.55 3.04 18.85
N LEU A 6 -2.99 2.14 18.04
CA LEU A 6 -2.31 2.55 16.81
C LEU A 6 -2.71 1.63 15.65
N VAL A 7 -3.05 2.25 14.53
CA VAL A 7 -3.44 1.50 13.33
C VAL A 7 -2.58 1.91 12.14
N ILE A 8 -1.87 0.96 11.56
CA ILE A 8 -1.00 1.25 10.43
C ILE A 8 -1.72 0.92 9.11
N PHE A 9 -1.51 1.74 8.09
CA PHE A 9 -2.11 1.50 6.78
C PHE A 9 -1.03 1.41 5.70
N ASP A 10 -1.15 0.44 4.80
CA ASP A 10 -0.22 0.29 3.68
C ASP A 10 -0.82 -0.51 2.54
N LEU A 11 -1.13 0.16 1.43
CA LEU A 11 -1.67 -0.48 0.24
C LEU A 11 -2.05 0.59 -0.77
N ASP A 12 -1.42 0.57 -1.95
CA ASP A 12 -1.78 1.49 -3.02
C ASP A 12 -3.18 1.18 -3.52
N GLY A 13 -4.14 1.93 -2.99
CA GLY A 13 -5.53 1.71 -3.31
C GLY A 13 -6.38 1.79 -2.06
N THR A 14 -5.83 1.30 -0.97
CA THR A 14 -6.51 1.32 0.32
C THR A 14 -6.09 2.58 1.09
N LEU A 15 -5.99 3.68 0.34
CA LEU A 15 -5.57 4.96 0.88
C LEU A 15 -5.75 6.03 -0.20
N THR A 16 -5.27 5.71 -1.40
CA THR A 16 -5.36 6.62 -2.53
C THR A 16 -5.63 5.84 -3.81
N ASP A 17 -6.37 6.45 -4.74
CA ASP A 17 -6.69 5.80 -6.00
C ASP A 17 -5.58 6.01 -7.02
N SER A 18 -4.41 5.47 -6.71
CA SER A 18 -3.23 5.60 -7.56
C SER A 18 -3.32 4.67 -8.79
N ALA A 19 -4.54 4.31 -9.17
CA ALA A 19 -4.74 3.38 -10.27
C ALA A 19 -4.29 4.00 -11.59
N ARG A 20 -4.78 5.19 -11.88
CA ARG A 20 -4.45 5.89 -13.12
C ARG A 20 -2.94 6.02 -13.31
N GLY A 21 -2.24 6.40 -12.24
CA GLY A 21 -0.80 6.56 -12.31
C GLY A 21 -0.08 5.25 -12.57
N ILE A 22 -0.63 4.17 -12.03
CA ILE A 22 -0.04 2.84 -12.21
C ILE A 22 -0.26 2.34 -13.64
N VAL A 23 -1.49 2.51 -14.13
CA VAL A 23 -1.83 2.09 -15.49
C VAL A 23 -0.95 2.80 -16.51
N SER A 24 -0.73 4.10 -16.30
CA SER A 24 0.11 4.90 -17.19
C SER A 24 1.52 4.31 -17.27
N SER A 25 2.15 4.14 -16.12
CA SER A 25 3.51 3.63 -16.05
C SER A 25 3.59 2.19 -16.55
N PHE A 26 2.58 1.39 -16.24
CA PHE A 26 2.52 0.01 -16.70
C PHE A 26 2.54 -0.07 -18.24
N ARG A 27 1.64 0.68 -18.87
CA ARG A 27 1.55 0.70 -20.34
C ARG A 27 2.86 1.19 -20.93
N HIS A 28 3.44 2.20 -20.31
CA HIS A 28 4.72 2.74 -20.75
C HIS A 28 5.85 1.73 -20.59
N ALA A 29 5.90 1.08 -19.42
CA ALA A 29 6.95 0.11 -19.10
C ALA A 29 7.01 -1.02 -20.13
N LEU A 30 5.91 -1.72 -20.31
CA LEU A 30 5.85 -2.83 -21.26
C LEU A 30 6.18 -2.37 -22.67
N ASN A 31 5.70 -1.20 -23.05
CA ASN A 31 5.94 -0.67 -24.38
C ASN A 31 7.40 -0.24 -24.54
N HIS A 32 8.06 0.02 -23.42
CA HIS A 32 9.46 0.44 -23.42
C HIS A 32 10.39 -0.73 -23.73
N ILE A 33 9.97 -1.93 -23.38
CA ILE A 33 10.78 -3.12 -23.64
C ILE A 33 10.36 -3.80 -24.93
N GLY A 34 9.31 -3.28 -25.56
CA GLY A 34 8.84 -3.83 -26.81
C GLY A 34 7.82 -4.94 -26.61
N ALA A 35 7.14 -4.92 -25.47
CA ALA A 35 6.14 -5.92 -25.18
C ALA A 35 4.75 -5.38 -25.51
N PRO A 36 3.89 -6.22 -26.10
CA PRO A 36 2.52 -5.85 -26.44
C PRO A 36 1.67 -5.57 -25.22
N VAL A 37 1.15 -4.36 -25.16
CA VAL A 37 0.29 -3.98 -24.05
C VAL A 37 -1.17 -4.27 -24.37
N PRO A 38 -1.84 -5.06 -23.53
CA PRO A 38 -3.26 -5.33 -23.69
C PRO A 38 -4.08 -4.08 -23.42
N GLU A 39 -4.79 -3.60 -24.43
CA GLU A 39 -5.54 -2.36 -24.32
C GLU A 39 -6.93 -2.63 -23.77
N GLY A 40 -7.15 -2.22 -22.53
CA GLY A 40 -8.42 -2.41 -21.88
C GLY A 40 -8.35 -1.94 -20.44
N ASP A 41 -8.93 -2.70 -19.52
CA ASP A 41 -8.85 -2.34 -18.11
C ASP A 41 -7.91 -3.29 -17.39
N LEU A 42 -6.68 -2.87 -17.22
CA LEU A 42 -5.72 -3.67 -16.48
C LEU A 42 -5.71 -3.26 -15.02
N ALA A 43 -6.41 -2.16 -14.73
CA ALA A 43 -6.46 -1.65 -13.36
C ALA A 43 -7.08 -2.67 -12.43
N THR A 44 -8.26 -3.15 -12.80
CA THR A 44 -8.98 -4.11 -11.98
C THR A 44 -8.24 -5.46 -11.93
N HIS A 45 -7.42 -5.72 -12.95
CA HIS A 45 -6.71 -6.98 -13.08
C HIS A 45 -5.38 -7.00 -12.33
N ILE A 46 -4.80 -5.84 -12.07
CA ILE A 46 -3.48 -5.77 -11.44
C ILE A 46 -3.55 -5.43 -9.95
N VAL A 47 -4.73 -5.08 -9.46
CA VAL A 47 -4.88 -4.75 -8.04
C VAL A 47 -4.77 -6.00 -7.17
N GLY A 48 -3.77 -6.03 -6.32
CA GLY A 48 -3.58 -7.16 -5.43
C GLY A 48 -2.12 -7.57 -5.32
N PRO A 49 -1.63 -8.37 -6.28
CA PRO A 49 -0.24 -8.85 -6.28
C PRO A 49 0.75 -7.73 -6.56
N PRO A 50 1.98 -7.86 -6.03
CA PRO A 50 3.04 -6.88 -6.25
C PRO A 50 3.39 -6.74 -7.72
N MET A 51 3.80 -5.54 -8.13
CA MET A 51 4.11 -5.25 -9.54
C MET A 51 5.20 -6.18 -10.08
N HIS A 52 6.06 -6.69 -9.20
CA HIS A 52 7.10 -7.61 -9.63
C HIS A 52 6.48 -8.90 -10.16
N GLU A 53 5.44 -9.35 -9.48
CA GLU A 53 4.72 -10.56 -9.86
C GLU A 53 3.84 -10.27 -11.06
N THR A 54 3.16 -9.13 -11.01
CA THR A 54 2.30 -8.71 -12.09
C THR A 54 3.09 -8.59 -13.40
N LEU A 55 4.26 -7.98 -13.31
CA LEU A 55 5.14 -7.80 -14.46
C LEU A 55 5.55 -9.16 -15.03
N ARG A 56 5.82 -10.12 -14.13
CA ARG A 56 6.20 -11.47 -14.53
C ARG A 56 5.02 -12.20 -15.18
N ALA A 57 3.82 -11.88 -14.72
CA ALA A 57 2.62 -12.54 -15.21
C ALA A 57 2.16 -11.94 -16.54
N MET A 58 2.66 -10.76 -16.86
CA MET A 58 2.28 -10.09 -18.10
C MET A 58 3.24 -10.45 -19.22
N GLY A 59 4.13 -11.41 -18.95
CA GLY A 59 5.10 -11.84 -19.94
C GLY A 59 6.43 -11.14 -19.76
N LEU A 60 7.06 -11.35 -18.63
CA LEU A 60 8.33 -10.72 -18.32
C LEU A 60 9.48 -11.68 -18.52
N GLY A 61 10.49 -11.25 -19.26
CA GLY A 61 11.65 -12.09 -19.49
C GLY A 61 12.84 -11.65 -18.67
N GLU A 62 13.90 -11.26 -19.37
CA GLU A 62 15.15 -10.87 -18.73
C GLU A 62 15.20 -9.35 -18.50
N SER A 63 14.31 -8.63 -19.15
CA SER A 63 14.33 -7.16 -19.09
C SER A 63 13.50 -6.62 -17.92
N ALA A 64 13.49 -7.34 -16.81
CA ALA A 64 12.74 -6.92 -15.61
C ALA A 64 13.26 -5.59 -15.06
N GLU A 65 14.56 -5.39 -15.17
CA GLU A 65 15.19 -4.19 -14.64
C GLU A 65 14.74 -2.95 -15.42
N GLU A 66 14.71 -3.08 -16.75
CA GLU A 66 14.29 -2.00 -17.63
C GLU A 66 12.82 -1.67 -17.43
N ALA A 67 11.99 -2.69 -17.40
CA ALA A 67 10.56 -2.50 -17.24
C ALA A 67 10.21 -1.91 -15.88
N ILE A 68 10.81 -2.46 -14.82
CA ILE A 68 10.50 -2.00 -13.47
C ILE A 68 10.96 -0.56 -13.24
N VAL A 69 12.06 -0.16 -13.87
CA VAL A 69 12.56 1.20 -13.70
C VAL A 69 11.72 2.19 -14.51
N ALA A 70 11.26 1.77 -15.67
CA ALA A 70 10.41 2.60 -16.50
C ALA A 70 9.09 2.86 -15.78
N TYR A 71 8.57 1.81 -15.17
CA TYR A 71 7.36 1.90 -14.37
C TYR A 71 7.54 2.90 -13.22
N ARG A 72 8.63 2.73 -12.47
CA ARG A 72 8.94 3.61 -11.35
C ARG A 72 9.11 5.05 -11.80
N ALA A 73 9.83 5.24 -12.90
CA ALA A 73 10.13 6.56 -13.41
C ALA A 73 8.87 7.32 -13.81
N ASP A 74 8.00 6.70 -14.61
CA ASP A 74 6.79 7.36 -15.09
C ASP A 74 5.83 7.61 -13.94
N TYR A 75 5.77 6.66 -13.01
CA TYR A 75 4.92 6.79 -11.85
C TYR A 75 5.35 7.97 -10.99
N SER A 76 6.65 8.14 -10.82
CA SER A 76 7.20 9.24 -10.04
C SER A 76 7.12 10.57 -10.80
N ALA A 77 6.92 10.50 -12.11
CA ALA A 77 6.90 11.70 -12.93
C ALA A 77 5.47 12.17 -13.23
N ARG A 78 4.58 11.24 -13.55
CA ARG A 78 3.20 11.59 -13.86
C ARG A 78 2.24 11.16 -12.76
N GLY A 79 2.57 10.08 -12.09
CA GLY A 79 1.70 9.51 -11.06
C GLY A 79 1.25 10.51 -10.00
N TRP A 80 2.17 11.36 -9.52
CA TRP A 80 1.83 12.34 -8.49
C TRP A 80 0.76 13.33 -8.95
N ALA A 81 0.65 13.52 -10.25
CA ALA A 81 -0.33 14.44 -10.80
C ALA A 81 -1.59 13.67 -11.23
N MET A 82 -1.38 12.46 -11.70
CA MET A 82 -2.46 11.60 -12.15
C MET A 82 -2.91 10.69 -11.01
N ASN A 83 -3.39 11.31 -9.95
CA ASN A 83 -3.83 10.58 -8.76
C ASN A 83 -5.01 11.30 -8.12
N SER A 84 -5.85 10.54 -7.44
CA SER A 84 -7.06 11.07 -6.81
C SER A 84 -7.56 10.08 -5.76
N LEU A 85 -8.78 10.29 -5.30
CA LEU A 85 -9.40 9.39 -4.35
C LEU A 85 -10.91 9.55 -4.42
N PHE A 86 -11.65 8.46 -4.22
CA PHE A 86 -13.10 8.53 -4.25
C PHE A 86 -13.75 7.47 -3.36
N ASP A 87 -12.94 6.80 -2.55
CA ASP A 87 -13.48 5.80 -1.62
C ASP A 87 -13.69 6.42 -0.24
N GLY A 88 -13.96 5.61 0.77
CA GLY A 88 -14.28 6.13 2.09
C GLY A 88 -13.08 6.20 3.02
N ILE A 89 -11.89 6.29 2.45
CA ILE A 89 -10.67 6.41 3.26
C ILE A 89 -10.69 7.74 4.03
N GLY A 90 -11.10 8.79 3.34
CA GLY A 90 -11.17 10.12 3.95
C GLY A 90 -11.98 10.14 5.24
N PRO A 91 -13.29 9.88 5.17
CA PRO A 91 -14.16 9.84 6.35
C PRO A 91 -13.70 8.81 7.38
N LEU A 92 -13.07 7.74 6.90
CA LEU A 92 -12.55 6.70 7.78
C LEU A 92 -11.56 7.28 8.77
N LEU A 93 -10.59 8.03 8.24
CA LEU A 93 -9.55 8.65 9.05
C LEU A 93 -10.15 9.68 10.00
N ALA A 94 -11.21 10.36 9.55
CA ALA A 94 -11.88 11.36 10.36
C ALA A 94 -12.54 10.73 11.58
N ASP A 95 -13.33 9.69 11.35
CA ASP A 95 -14.04 9.01 12.45
C ASP A 95 -13.05 8.37 13.43
N LEU A 96 -12.01 7.75 12.91
CA LEU A 96 -11.01 7.06 13.72
C LEU A 96 -10.32 8.02 14.68
N ARG A 97 -9.81 9.11 14.14
CA ARG A 97 -9.07 10.07 14.93
C ARG A 97 -9.97 10.75 15.96
N THR A 98 -11.25 10.85 15.63
CA THR A 98 -12.22 11.44 16.55
C THR A 98 -12.42 10.52 17.75
N ALA A 99 -12.41 9.21 17.50
CA ALA A 99 -12.59 8.22 18.55
C ALA A 99 -11.32 8.09 19.41
N GLY A 100 -10.24 8.71 18.94
CA GLY A 100 -8.99 8.68 19.67
C GLY A 100 -7.98 7.72 19.08
N VAL A 101 -8.32 7.14 17.95
CA VAL A 101 -7.46 6.19 17.28
C VAL A 101 -6.36 6.92 16.53
N ARG A 102 -5.10 6.66 16.88
CA ARG A 102 -4.00 7.28 16.18
C ARG A 102 -3.61 6.43 14.98
N LEU A 103 -3.79 6.98 13.79
CA LEU A 103 -3.46 6.24 12.56
C LEU A 103 -2.03 6.54 12.16
N ALA A 104 -1.44 5.66 11.37
CA ALA A 104 -0.08 5.86 10.89
C ALA A 104 0.13 5.17 9.56
N VAL A 105 0.90 5.80 8.69
CA VAL A 105 1.18 5.24 7.39
C VAL A 105 2.53 4.54 7.41
N ALA A 106 2.64 3.44 6.69
CA ALA A 106 3.90 2.74 6.55
C ALA A 106 3.98 2.15 5.15
N THR A 107 4.34 2.97 4.20
CA THR A 107 4.34 2.55 2.81
C THR A 107 5.73 2.63 2.20
N SER A 108 6.18 1.49 1.68
CA SER A 108 7.46 1.40 1.01
C SER A 108 7.38 1.99 -0.41
N LYS A 109 6.98 3.26 -0.47
CA LYS A 109 6.88 3.96 -1.74
C LYS A 109 8.02 4.96 -1.86
N ALA A 110 7.88 6.07 -1.13
CA ALA A 110 8.88 7.13 -1.10
C ALA A 110 8.37 8.25 -0.20
N GLU A 111 9.20 8.67 0.75
CA GLU A 111 8.81 9.71 1.70
C GLU A 111 8.40 11.01 0.98
N PRO A 112 9.24 11.56 0.08
CA PRO A 112 8.92 12.80 -0.65
C PRO A 112 7.64 12.67 -1.48
N THR A 113 7.44 11.50 -2.08
CA THR A 113 6.27 11.24 -2.89
C THR A 113 5.03 11.10 -2.03
N ALA A 114 5.20 10.52 -0.84
CA ALA A 114 4.11 10.32 0.09
C ALA A 114 3.55 11.66 0.56
N ARG A 115 4.43 12.51 1.08
CA ARG A 115 4.02 13.82 1.58
C ARG A 115 3.43 14.66 0.45
N ARG A 116 3.90 14.43 -0.77
CA ARG A 116 3.40 15.14 -1.95
C ARG A 116 1.92 14.81 -2.17
N ILE A 117 1.56 13.54 -1.93
CA ILE A 117 0.20 13.08 -2.08
C ILE A 117 -0.64 13.46 -0.85
N LEU A 118 -0.02 13.33 0.32
CA LEU A 118 -0.68 13.68 1.58
C LEU A 118 -1.05 15.16 1.60
N ARG A 119 -0.17 15.99 1.03
CA ARG A 119 -0.42 17.42 0.94
C ARG A 119 -1.51 17.72 -0.07
N HIS A 120 -1.48 16.99 -1.19
CA HIS A 120 -2.48 17.16 -2.26
C HIS A 120 -3.91 17.06 -1.72
N PHE A 121 -4.22 15.94 -1.08
CA PHE A 121 -5.56 15.73 -0.57
C PHE A 121 -5.76 16.43 0.77
N GLY A 122 -4.69 16.55 1.53
CA GLY A 122 -4.75 17.24 2.81
C GLY A 122 -5.25 16.36 3.93
N ILE A 123 -4.96 15.08 3.85
CA ILE A 123 -5.39 14.12 4.86
C ILE A 123 -4.24 13.75 5.79
N GLU A 124 -3.14 14.52 5.68
CA GLU A 124 -1.92 14.28 6.45
C GLU A 124 -2.14 14.37 7.96
N GLN A 125 -2.86 15.40 8.39
CA GLN A 125 -3.05 15.67 9.82
C GLN A 125 -3.86 14.58 10.54
N HIS A 126 -4.43 13.64 9.78
CA HIS A 126 -5.19 12.56 10.38
C HIS A 126 -4.26 11.50 10.95
N PHE A 127 -3.04 11.46 10.44
CA PHE A 127 -2.08 10.44 10.85
C PHE A 127 -1.11 10.96 11.91
N GLU A 128 -0.67 10.04 12.76
CA GLU A 128 0.31 10.30 13.80
C GLU A 128 1.71 10.36 13.18
N VAL A 129 2.05 9.33 12.42
CA VAL A 129 3.36 9.24 11.79
C VAL A 129 3.22 8.79 10.33
N ILE A 130 3.88 9.51 9.45
CA ILE A 130 3.88 9.16 8.03
C ILE A 130 5.20 8.46 7.69
N ALA A 131 5.20 7.14 7.73
CA ALA A 131 6.43 6.40 7.45
C ALA A 131 6.53 6.05 5.98
N GLY A 132 7.43 6.74 5.29
CA GLY A 132 7.67 6.47 3.89
C GLY A 132 8.94 5.68 3.69
N ALA A 133 9.21 5.29 2.45
CA ALA A 133 10.41 4.55 2.14
C ALA A 133 11.62 5.47 2.16
N SER A 134 12.74 4.96 2.65
CA SER A 134 13.97 5.72 2.73
C SER A 134 14.67 5.75 1.37
N THR A 135 15.84 6.39 1.32
CA THR A 135 16.57 6.51 0.07
C THR A 135 17.96 5.90 0.16
N ASP A 136 18.15 4.97 1.11
CA ASP A 136 19.46 4.38 1.32
C ASP A 136 19.53 2.94 0.81
N GLY A 137 19.68 2.80 -0.50
CA GLY A 137 19.90 1.49 -1.12
C GLY A 137 18.71 0.56 -1.17
N SER A 138 18.02 0.41 -0.04
CA SER A 138 16.90 -0.52 0.09
C SER A 138 15.80 -0.27 -0.94
N ARG A 139 15.71 -1.17 -1.91
CA ARG A 139 14.68 -1.11 -2.93
C ARG A 139 13.66 -2.22 -2.68
N GLY A 140 12.74 -1.97 -1.77
CA GLY A 140 11.73 -2.96 -1.44
C GLY A 140 11.00 -2.63 -0.16
N SER A 141 10.34 -3.62 0.42
CA SER A 141 9.56 -3.40 1.63
C SER A 141 10.24 -4.04 2.84
N LYS A 142 10.93 -3.23 3.62
CA LYS A 142 11.57 -3.73 4.84
C LYS A 142 10.72 -3.39 6.04
N VAL A 143 10.88 -4.15 7.12
CA VAL A 143 10.15 -3.91 8.35
C VAL A 143 10.57 -2.61 9.02
N ASP A 144 11.68 -2.04 8.53
CA ASP A 144 12.20 -0.77 9.03
C ASP A 144 11.13 0.30 9.02
N VAL A 145 10.38 0.35 7.91
CA VAL A 145 9.31 1.33 7.75
C VAL A 145 8.31 1.26 8.91
N LEU A 146 7.82 0.06 9.19
CA LEU A 146 6.86 -0.13 10.27
C LEU A 146 7.51 0.18 11.62
N ALA A 147 8.73 -0.32 11.79
CA ALA A 147 9.49 -0.10 13.01
C ALA A 147 9.73 1.38 13.27
N HIS A 148 10.12 2.10 12.22
CA HIS A 148 10.41 3.53 12.34
C HIS A 148 9.15 4.31 12.70
N ALA A 149 8.02 3.90 12.13
CA ALA A 149 6.75 4.55 12.42
C ALA A 149 6.43 4.44 13.90
N LEU A 150 6.62 3.24 14.44
CA LEU A 150 6.34 2.96 15.83
C LEU A 150 7.34 3.68 16.74
N ALA A 151 8.60 3.69 16.34
CA ALA A 151 9.65 4.34 17.12
C ALA A 151 9.44 5.86 17.14
N GLN A 152 8.83 6.38 16.09
CA GLN A 152 8.57 7.81 15.98
C GLN A 152 7.41 8.22 16.89
N LEU A 153 6.44 7.34 17.06
CA LEU A 153 5.27 7.63 17.87
C LEU A 153 5.45 7.21 19.33
N ARG A 154 6.69 6.96 19.74
CA ARG A 154 6.99 6.55 21.11
C ARG A 154 6.33 7.47 22.14
N PRO A 155 5.89 6.93 23.28
CA PRO A 155 6.09 5.51 23.62
C PRO A 155 5.22 4.55 22.80
N LEU A 156 5.56 3.27 22.86
CA LEU A 156 4.87 2.25 22.10
C LEU A 156 3.54 1.89 22.74
N PRO A 157 2.47 1.85 21.93
CA PRO A 157 1.11 1.54 22.40
C PRO A 157 0.94 0.04 22.70
N GLU A 158 -0.05 -0.27 23.53
CA GLU A 158 -0.31 -1.65 23.92
C GLU A 158 -0.89 -2.45 22.77
N ARG A 159 -1.86 -1.87 22.06
CA ARG A 159 -2.52 -2.56 20.95
C ARG A 159 -2.13 -1.94 19.61
N LEU A 160 -1.73 -2.81 18.70
CA LEU A 160 -1.29 -2.41 17.37
C LEU A 160 -1.98 -3.29 16.33
N VAL A 161 -2.30 -2.72 15.18
CA VAL A 161 -2.92 -3.51 14.10
C VAL A 161 -2.53 -2.94 12.74
N MET A 162 -2.12 -3.81 11.86
CA MET A 162 -1.73 -3.44 10.51
C MET A 162 -2.90 -3.64 9.56
N VAL A 163 -3.16 -2.66 8.72
CA VAL A 163 -4.23 -2.76 7.76
C VAL A 163 -3.69 -2.67 6.34
N GLY A 164 -3.78 -3.77 5.62
CA GLY A 164 -3.26 -3.83 4.28
C GLY A 164 -3.91 -4.91 3.46
N ASP A 165 -3.34 -5.21 2.31
CA ASP A 165 -3.89 -6.24 1.43
C ASP A 165 -2.79 -6.97 0.65
N ARG A 166 -1.53 -6.65 0.92
CA ARG A 166 -0.45 -7.30 0.18
C ARG A 166 0.37 -8.23 1.07
N SER A 167 0.78 -9.34 0.47
CA SER A 167 1.50 -10.42 1.16
C SER A 167 2.64 -9.95 2.06
N HIS A 168 3.34 -8.89 1.66
CA HIS A 168 4.51 -8.48 2.43
C HIS A 168 4.19 -7.47 3.53
N ASP A 169 3.04 -6.79 3.47
CA ASP A 169 2.70 -5.84 4.53
C ASP A 169 2.24 -6.63 5.74
N VAL A 170 1.47 -7.67 5.45
CA VAL A 170 0.98 -8.59 6.44
C VAL A 170 2.15 -9.41 6.99
N ASP A 171 3.09 -9.71 6.10
CA ASP A 171 4.30 -10.45 6.45
C ASP A 171 5.10 -9.71 7.52
N GLY A 172 5.40 -8.45 7.23
CA GLY A 172 6.18 -7.64 8.15
C GLY A 172 5.49 -7.41 9.47
N ALA A 173 4.17 -7.25 9.41
CA ALA A 173 3.37 -7.03 10.62
C ALA A 173 3.39 -8.27 11.50
N ALA A 174 3.15 -9.43 10.92
CA ALA A 174 3.14 -10.68 11.67
C ALA A 174 4.51 -11.00 12.23
N ALA A 175 5.55 -10.62 11.49
CA ALA A 175 6.93 -10.86 11.91
C ALA A 175 7.30 -9.98 13.11
N HIS A 176 6.65 -8.81 13.23
CA HIS A 176 6.95 -7.87 14.31
C HIS A 176 5.99 -8.08 15.49
N GLY A 177 5.18 -9.12 15.38
CA GLY A 177 4.22 -9.44 16.43
C GLY A 177 3.05 -8.47 16.47
N ILE A 178 2.44 -8.27 15.32
CA ILE A 178 1.33 -7.33 15.18
C ILE A 178 0.18 -7.98 14.42
N ASP A 179 -1.03 -7.88 14.97
CA ASP A 179 -2.21 -8.42 14.31
C ASP A 179 -2.56 -7.57 13.09
N THR A 180 -3.20 -8.18 12.11
CA THR A 180 -3.45 -7.49 10.85
C THR A 180 -4.87 -7.73 10.34
N VAL A 181 -5.40 -6.72 9.64
CA VAL A 181 -6.71 -6.79 9.02
C VAL A 181 -6.54 -6.53 7.53
N VAL A 182 -6.88 -7.52 6.71
CA VAL A 182 -6.73 -7.41 5.27
C VAL A 182 -7.93 -6.71 4.64
N VAL A 183 -7.68 -5.86 3.65
CA VAL A 183 -8.73 -5.12 2.97
C VAL A 183 -8.25 -4.58 1.63
N GLY A 184 -8.96 -4.93 0.57
CA GLY A 184 -8.57 -4.51 -0.76
C GLY A 184 -9.76 -4.46 -1.71
N TRP A 185 -9.70 -3.55 -2.67
CA TRP A 185 -10.77 -3.41 -3.64
C TRP A 185 -10.44 -4.16 -4.92
N GLY A 186 -10.66 -5.45 -4.91
CA GLY A 186 -10.41 -6.26 -6.10
C GLY A 186 -11.70 -6.63 -6.80
N TYR A 187 -11.67 -6.67 -8.12
CA TYR A 187 -12.85 -7.01 -8.90
C TYR A 187 -12.48 -7.97 -10.02
N GLY A 188 -13.08 -9.16 -9.99
CA GLY A 188 -12.78 -10.17 -10.99
C GLY A 188 -12.46 -11.48 -10.32
N ARG A 189 -12.09 -12.49 -11.11
CA ARG A 189 -11.74 -13.79 -10.55
C ARG A 189 -10.99 -14.66 -11.56
N ALA A 190 -11.69 -15.17 -12.56
CA ALA A 190 -11.09 -16.08 -13.54
C ALA A 190 -10.55 -15.29 -14.73
N ASP A 191 -9.89 -14.18 -14.46
CA ASP A 191 -9.37 -13.33 -15.52
C ASP A 191 -7.98 -13.82 -15.93
N PHE A 192 -7.96 -15.01 -16.55
CA PHE A 192 -6.73 -15.66 -17.04
C PHE A 192 -5.52 -15.42 -16.13
N ILE A 193 -5.39 -16.25 -15.10
CA ILE A 193 -4.30 -16.13 -14.14
C ILE A 193 -3.64 -17.48 -13.89
N ASP A 194 -2.32 -17.47 -13.71
CA ASP A 194 -1.58 -18.67 -13.40
C ASP A 194 -0.45 -18.39 -12.42
N LYS A 195 -0.76 -18.55 -11.14
CA LYS A 195 0.20 -18.35 -10.06
C LYS A 195 -0.44 -18.73 -8.74
N THR A 196 -0.14 -19.93 -8.27
CA THR A 196 -0.70 -20.44 -7.03
C THR A 196 -0.15 -19.67 -5.83
N SER A 197 -0.96 -18.77 -5.28
CA SER A 197 -0.55 -17.95 -4.17
C SER A 197 -1.76 -17.35 -3.45
N THR A 198 -2.00 -17.80 -2.22
CA THR A 198 -3.10 -17.28 -1.43
C THR A 198 -2.73 -17.24 0.06
N THR A 199 -2.70 -16.04 0.61
CA THR A 199 -2.38 -15.84 2.02
C THR A 199 -3.44 -14.96 2.67
N VAL A 200 -4.64 -15.01 2.12
CA VAL A 200 -5.72 -14.17 2.60
C VAL A 200 -6.49 -14.84 3.74
N VAL A 201 -6.50 -14.17 4.88
CA VAL A 201 -7.22 -14.66 6.06
C VAL A 201 -8.58 -13.98 6.14
N THR A 202 -8.59 -12.76 6.64
CA THR A 202 -9.81 -11.97 6.76
C THR A 202 -9.66 -10.69 5.95
N HIS A 203 -10.46 -10.54 4.90
CA HIS A 203 -10.34 -9.37 4.04
C HIS A 203 -11.67 -8.66 3.84
N ALA A 204 -11.62 -7.34 3.93
CA ALA A 204 -12.79 -6.50 3.76
C ALA A 204 -12.95 -6.09 2.30
N ALA A 205 -14.17 -6.27 1.79
CA ALA A 205 -14.49 -5.90 0.41
C ALA A 205 -14.74 -4.41 0.29
N THR A 206 -15.29 -3.82 1.34
CA THR A 206 -15.59 -2.40 1.34
C THR A 206 -15.04 -1.72 2.60
N ILE A 207 -15.03 -0.39 2.58
CA ILE A 207 -14.50 0.41 3.69
C ILE A 207 -15.36 0.24 4.94
N ASP A 208 -16.63 -0.11 4.73
CA ASP A 208 -17.59 -0.33 5.81
C ASP A 208 -17.11 -1.45 6.74
N GLU A 209 -16.62 -2.52 6.15
CA GLU A 209 -16.15 -3.66 6.92
C GLU A 209 -14.87 -3.31 7.67
N LEU A 210 -14.09 -2.43 7.08
CA LEU A 210 -12.83 -1.98 7.66
C LEU A 210 -13.09 -1.23 8.97
N ARG A 211 -13.91 -0.19 8.88
CA ARG A 211 -14.20 0.66 10.04
C ARG A 211 -14.79 -0.13 11.20
N GLU A 212 -15.75 -1.01 10.91
CA GLU A 212 -16.38 -1.78 11.98
C GLU A 212 -15.38 -2.74 12.61
N ALA A 213 -14.44 -3.22 11.79
CA ALA A 213 -13.42 -4.14 12.27
C ALA A 213 -12.45 -3.42 13.20
N LEU A 214 -12.12 -2.18 12.88
CA LEU A 214 -11.24 -1.38 13.70
C LEU A 214 -11.93 -0.95 14.99
N GLY A 215 -13.25 -0.88 14.94
CA GLY A 215 -14.02 -0.49 16.11
C GLY A 215 -14.42 0.97 16.07
N VAL A 216 -14.56 1.50 14.87
CA VAL A 216 -14.91 2.89 14.70
C VAL A 216 -16.25 3.01 13.96
N GLY A 1 -11.06 -5.04 24.51
CA GLY A 1 -10.05 -4.60 23.53
C GLY A 1 -10.65 -4.43 22.16
N GLU A 2 -11.12 -3.22 21.89
CA GLU A 2 -11.80 -2.94 20.63
C GLU A 2 -10.87 -2.21 19.67
N SER A 3 -10.79 -0.90 19.83
CA SER A 3 -9.98 -0.06 18.98
C SER A 3 -8.51 -0.09 19.37
N PRO A 4 -7.61 -0.16 18.40
CA PRO A 4 -6.17 -0.13 18.65
C PRO A 4 -5.70 1.29 18.99
N GLN A 5 -4.45 1.42 19.39
CA GLN A 5 -3.90 2.72 19.75
C GLN A 5 -3.26 3.33 18.52
N LEU A 6 -2.93 2.49 17.56
CA LEU A 6 -2.32 2.96 16.33
C LEU A 6 -2.68 2.06 15.15
N VAL A 7 -3.07 2.68 14.06
CA VAL A 7 -3.40 1.95 12.85
C VAL A 7 -2.44 2.35 11.73
N ILE A 8 -1.77 1.35 11.19
CA ILE A 8 -0.80 1.57 10.13
C ILE A 8 -1.43 1.37 8.76
N PHE A 9 -1.46 2.43 7.96
CA PHE A 9 -2.00 2.34 6.60
C PHE A 9 -0.86 2.50 5.58
N ASP A 10 -0.89 1.71 4.53
CA ASP A 10 0.08 1.86 3.43
C ASP A 10 -0.55 2.75 2.36
N LEU A 11 0.16 2.99 1.27
CA LEU A 11 -0.34 3.80 0.17
C LEU A 11 -0.33 2.96 -1.11
N ASP A 12 -0.52 1.67 -0.93
CA ASP A 12 -0.53 0.72 -2.04
C ASP A 12 -1.74 0.95 -2.95
N GLY A 13 -2.92 0.66 -2.41
CA GLY A 13 -4.16 0.85 -3.14
C GLY A 13 -5.34 0.63 -2.23
N THR A 14 -5.14 0.94 -0.97
CA THR A 14 -6.16 0.72 0.05
C THR A 14 -7.12 1.92 0.14
N LEU A 15 -6.60 3.12 -0.03
CA LEU A 15 -7.43 4.32 0.10
C LEU A 15 -7.50 5.11 -1.21
N THR A 16 -6.68 4.75 -2.18
CA THR A 16 -6.62 5.50 -3.42
C THR A 16 -6.66 4.60 -4.64
N ASP A 17 -7.12 5.13 -5.76
CA ASP A 17 -7.10 4.38 -7.01
C ASP A 17 -5.71 4.44 -7.61
N SER A 18 -4.86 3.55 -7.16
CA SER A 18 -3.51 3.48 -7.67
C SER A 18 -3.46 2.61 -8.93
N ALA A 19 -4.64 2.19 -9.38
CA ALA A 19 -4.74 1.31 -10.52
C ALA A 19 -4.46 2.05 -11.80
N ARG A 20 -5.25 3.09 -12.06
CA ARG A 20 -5.10 3.91 -13.25
C ARG A 20 -3.67 4.43 -13.38
N GLY A 21 -3.10 4.85 -12.27
CA GLY A 21 -1.74 5.35 -12.26
C GLY A 21 -0.70 4.31 -12.62
N ILE A 22 -0.72 3.18 -11.93
CA ILE A 22 0.28 2.13 -12.14
C ILE A 22 0.12 1.45 -13.50
N VAL A 23 -1.11 1.17 -13.90
CA VAL A 23 -1.37 0.52 -15.17
C VAL A 23 -0.84 1.34 -16.34
N SER A 24 -1.14 2.63 -16.36
CA SER A 24 -0.67 3.50 -17.41
C SER A 24 0.86 3.53 -17.44
N SER A 25 1.44 3.54 -16.24
CA SER A 25 2.89 3.58 -16.11
C SER A 25 3.54 2.29 -16.63
N PHE A 26 3.00 1.13 -16.24
CA PHE A 26 3.56 -0.15 -16.67
C PHE A 26 3.53 -0.26 -18.19
N ARG A 27 2.47 0.28 -18.79
CA ARG A 27 2.32 0.26 -20.24
C ARG A 27 3.43 1.08 -20.91
N HIS A 28 3.72 2.25 -20.35
CA HIS A 28 4.79 3.09 -20.88
C HIS A 28 6.14 2.41 -20.73
N ALA A 29 6.40 1.89 -19.53
CA ALA A 29 7.66 1.24 -19.21
C ALA A 29 7.97 0.09 -20.16
N LEU A 30 7.05 -0.88 -20.26
CA LEU A 30 7.25 -2.04 -21.12
C LEU A 30 7.45 -1.64 -22.57
N ASN A 31 6.74 -0.62 -23.01
CA ASN A 31 6.82 -0.17 -24.40
C ASN A 31 8.20 0.40 -24.69
N HIS A 32 8.84 0.95 -23.67
CA HIS A 32 10.16 1.55 -23.82
C HIS A 32 11.24 0.47 -24.00
N ILE A 33 11.06 -0.67 -23.34
CA ILE A 33 12.08 -1.72 -23.39
C ILE A 33 11.81 -2.68 -24.54
N GLY A 34 10.66 -2.52 -25.18
CA GLY A 34 10.32 -3.37 -26.31
C GLY A 34 9.55 -4.60 -25.91
N ALA A 35 8.92 -4.56 -24.74
CA ALA A 35 8.13 -5.68 -24.27
C ALA A 35 6.67 -5.48 -24.65
N PRO A 36 5.99 -6.54 -25.12
CA PRO A 36 4.58 -6.46 -25.50
C PRO A 36 3.69 -6.12 -24.34
N VAL A 37 2.98 -5.03 -24.45
CA VAL A 37 2.08 -4.60 -23.40
C VAL A 37 0.68 -5.16 -23.63
N PRO A 38 0.21 -6.04 -22.74
CA PRO A 38 -1.13 -6.58 -22.82
C PRO A 38 -2.12 -5.74 -22.01
N GLU A 39 -3.40 -6.05 -22.16
CA GLU A 39 -4.45 -5.35 -21.42
C GLU A 39 -5.53 -6.32 -21.00
N GLY A 40 -6.52 -5.83 -20.27
CA GLY A 40 -7.57 -6.69 -19.77
C GLY A 40 -7.18 -7.37 -18.47
N ASP A 41 -6.64 -8.58 -18.57
CA ASP A 41 -6.23 -9.34 -17.38
C ASP A 41 -4.86 -8.89 -16.91
N LEU A 42 -4.75 -7.62 -16.55
CA LEU A 42 -3.51 -7.09 -16.00
C LEU A 42 -3.75 -6.55 -14.62
N ALA A 43 -4.96 -6.07 -14.37
CA ALA A 43 -5.33 -5.57 -13.05
C ALA A 43 -5.19 -6.69 -12.03
N THR A 44 -5.87 -7.79 -12.28
CA THR A 44 -5.81 -8.95 -11.41
C THR A 44 -4.47 -9.67 -11.53
N HIS A 45 -3.75 -9.38 -12.60
CA HIS A 45 -2.49 -10.05 -12.90
C HIS A 45 -1.32 -9.47 -12.12
N ILE A 46 -1.32 -8.15 -11.93
CA ILE A 46 -0.21 -7.48 -11.26
C ILE A 46 -0.42 -7.35 -9.76
N VAL A 47 -1.64 -7.59 -9.29
CA VAL A 47 -1.93 -7.47 -7.87
C VAL A 47 -1.62 -8.77 -7.13
N GLY A 48 -0.47 -8.81 -6.49
CA GLY A 48 -0.07 -9.98 -5.73
C GLY A 48 1.41 -10.00 -5.41
N PRO A 49 2.25 -10.37 -6.38
CA PRO A 49 3.71 -10.44 -6.18
C PRO A 49 4.34 -9.06 -6.07
N PRO A 50 5.56 -8.99 -5.50
CA PRO A 50 6.30 -7.73 -5.39
C PRO A 50 6.64 -7.16 -6.75
N MET A 51 6.82 -5.85 -6.81
CA MET A 51 7.09 -5.12 -8.06
C MET A 51 8.13 -5.82 -8.94
N HIS A 52 9.27 -6.19 -8.35
CA HIS A 52 10.34 -6.82 -9.11
C HIS A 52 9.96 -8.22 -9.60
N GLU A 53 9.11 -8.91 -8.85
CA GLU A 53 8.71 -10.27 -9.21
C GLU A 53 7.61 -10.24 -10.27
N THR A 54 6.71 -9.27 -10.15
CA THR A 54 5.64 -9.10 -11.12
C THR A 54 6.22 -8.82 -12.51
N LEU A 55 7.20 -7.91 -12.55
CA LEU A 55 7.88 -7.57 -13.80
C LEU A 55 8.66 -8.77 -14.32
N ARG A 56 9.18 -9.56 -13.39
CA ARG A 56 9.94 -10.76 -13.70
C ARG A 56 9.05 -11.84 -14.29
N ALA A 57 7.77 -11.78 -13.92
CA ALA A 57 6.81 -12.78 -14.36
C ALA A 57 6.15 -12.39 -15.68
N MET A 58 6.18 -11.09 -16.00
CA MET A 58 5.56 -10.61 -17.22
C MET A 58 6.51 -10.74 -18.41
N GLY A 59 7.76 -10.40 -18.18
CA GLY A 59 8.75 -10.47 -19.23
C GLY A 59 10.00 -9.70 -18.85
N LEU A 60 10.92 -10.37 -18.19
CA LEU A 60 12.11 -9.72 -17.67
C LEU A 60 13.36 -10.53 -17.99
N GLY A 61 14.29 -9.92 -18.72
CA GLY A 61 15.57 -10.54 -18.99
C GLY A 61 16.64 -9.89 -18.14
N GLU A 62 17.39 -8.97 -18.73
CA GLU A 62 18.38 -8.21 -17.97
C GLU A 62 18.03 -6.73 -18.02
N SER A 63 16.87 -6.44 -18.57
CA SER A 63 16.41 -5.07 -18.74
C SER A 63 15.59 -4.61 -17.54
N ALA A 64 15.68 -5.36 -16.44
CA ALA A 64 14.93 -5.05 -15.22
C ALA A 64 15.28 -3.66 -14.70
N GLU A 65 16.56 -3.31 -14.76
CA GLU A 65 17.03 -2.02 -14.27
C GLU A 65 16.37 -0.89 -15.03
N GLU A 66 16.38 -1.02 -16.35
CA GLU A 66 15.81 -0.01 -17.22
C GLU A 66 14.29 0.06 -17.07
N ALA A 67 13.65 -1.10 -17.01
CA ALA A 67 12.21 -1.15 -16.86
C ALA A 67 11.78 -0.52 -15.53
N ILE A 68 12.51 -0.86 -14.46
CA ILE A 68 12.23 -0.32 -13.15
C ILE A 68 12.46 1.19 -13.10
N VAL A 69 13.57 1.66 -13.64
CA VAL A 69 13.87 3.09 -13.62
C VAL A 69 12.91 3.87 -14.53
N ALA A 70 12.50 3.26 -15.63
CA ALA A 70 11.55 3.87 -16.54
C ALA A 70 10.19 4.00 -15.87
N TYR A 71 9.79 2.92 -15.20
CA TYR A 71 8.56 2.90 -14.43
C TYR A 71 8.60 3.99 -13.36
N ARG A 72 9.71 4.05 -12.64
CA ARG A 72 9.90 5.06 -11.59
C ARG A 72 9.75 6.47 -12.15
N ALA A 73 10.45 6.74 -13.24
CA ALA A 73 10.42 8.05 -13.88
C ALA A 73 9.01 8.40 -14.36
N ASP A 74 8.37 7.46 -15.06
CA ASP A 74 7.03 7.69 -15.59
C ASP A 74 6.00 7.81 -14.46
N TYR A 75 6.17 6.98 -13.45
CA TYR A 75 5.30 7.02 -12.28
C TYR A 75 5.42 8.38 -11.59
N SER A 76 6.64 8.87 -11.49
CA SER A 76 6.90 10.17 -10.87
C SER A 76 6.46 11.32 -11.79
N ALA A 77 6.20 11.00 -13.06
CA ALA A 77 5.81 12.01 -14.03
C ALA A 77 4.30 12.04 -14.26
N ARG A 78 3.68 10.87 -14.38
CA ARG A 78 2.25 10.77 -14.62
C ARG A 78 1.49 10.25 -13.40
N GLY A 79 2.07 9.25 -12.74
CA GLY A 79 1.36 8.57 -11.66
C GLY A 79 1.32 9.35 -10.36
N TRP A 80 1.85 10.56 -10.35
CA TRP A 80 1.82 11.37 -9.14
C TRP A 80 0.57 12.23 -9.12
N ALA A 81 -0.03 12.38 -10.29
CA ALA A 81 -1.25 13.17 -10.43
C ALA A 81 -2.44 12.27 -10.75
N MET A 82 -2.16 11.04 -11.14
CA MET A 82 -3.22 10.10 -11.48
C MET A 82 -3.60 9.27 -10.26
N ASN A 83 -4.15 9.94 -9.27
CA ASN A 83 -4.58 9.29 -8.04
C ASN A 83 -5.66 10.12 -7.36
N SER A 84 -6.57 9.43 -6.69
CA SER A 84 -7.66 10.07 -5.98
C SER A 84 -8.23 9.10 -4.95
N LEU A 85 -8.44 9.59 -3.73
CA LEU A 85 -9.02 8.76 -2.69
C LEU A 85 -10.53 8.73 -2.83
N PHE A 86 -11.11 7.57 -2.61
CA PHE A 86 -12.55 7.42 -2.67
C PHE A 86 -13.18 7.91 -1.36
N ASP A 87 -14.50 7.96 -1.33
CA ASP A 87 -15.20 8.37 -0.13
C ASP A 87 -15.13 7.23 0.89
N GLY A 88 -15.58 7.47 2.11
CA GLY A 88 -15.47 6.47 3.14
C GLY A 88 -14.14 6.58 3.88
N ILE A 89 -13.05 6.71 3.12
CA ILE A 89 -11.72 6.86 3.71
C ILE A 89 -11.64 8.14 4.55
N GLY A 90 -12.16 9.23 4.00
CA GLY A 90 -12.19 10.50 4.72
C GLY A 90 -12.82 10.38 6.10
N PRO A 91 -14.12 10.01 6.17
CA PRO A 91 -14.81 9.82 7.45
C PRO A 91 -14.16 8.75 8.31
N LEU A 92 -13.48 7.80 7.67
CA LEU A 92 -12.79 6.72 8.39
C LEU A 92 -11.76 7.33 9.34
N LEU A 93 -10.87 8.14 8.79
CA LEU A 93 -9.84 8.82 9.58
C LEU A 93 -10.48 9.72 10.63
N ALA A 94 -11.64 10.26 10.31
CA ALA A 94 -12.38 11.11 11.25
C ALA A 94 -12.92 10.28 12.42
N ASP A 95 -13.57 9.16 12.11
CA ASP A 95 -14.16 8.28 13.14
C ASP A 95 -13.12 7.84 14.14
N LEU A 96 -12.03 7.26 13.64
CA LEU A 96 -10.97 6.75 14.51
C LEU A 96 -10.37 7.85 15.38
N ARG A 97 -10.05 8.99 14.78
CA ARG A 97 -9.45 10.10 15.53
C ARG A 97 -10.42 10.61 16.60
N THR A 98 -11.72 10.58 16.28
CA THR A 98 -12.75 10.98 17.24
C THR A 98 -12.78 10.02 18.43
N ALA A 99 -12.53 8.75 18.16
CA ALA A 99 -12.51 7.72 19.19
C ALA A 99 -11.19 7.76 19.97
N GLY A 100 -10.21 8.48 19.42
CA GLY A 100 -8.92 8.60 20.06
C GLY A 100 -7.88 7.69 19.45
N VAL A 101 -8.16 7.17 18.27
CA VAL A 101 -7.24 6.27 17.58
C VAL A 101 -6.22 7.08 16.79
N ARG A 102 -4.94 6.74 16.96
CA ARG A 102 -3.88 7.41 16.22
C ARG A 102 -3.73 6.81 14.83
N LEU A 103 -3.81 7.64 13.80
CA LEU A 103 -3.66 7.16 12.43
C LEU A 103 -2.26 7.49 11.94
N ALA A 104 -1.57 6.50 11.38
CA ALA A 104 -0.23 6.73 10.87
C ALA A 104 0.00 5.94 9.59
N VAL A 105 0.64 6.58 8.64
CA VAL A 105 0.91 5.93 7.37
C VAL A 105 2.33 5.39 7.37
N ALA A 106 2.45 4.11 7.11
CA ALA A 106 3.73 3.45 6.97
C ALA A 106 3.75 2.72 5.65
N THR A 107 4.20 3.41 4.63
CA THR A 107 4.13 2.87 3.29
C THR A 107 5.48 2.39 2.79
N SER A 108 5.45 1.28 2.08
CA SER A 108 6.63 0.74 1.45
C SER A 108 6.81 1.35 0.07
N LYS A 109 5.95 2.31 -0.27
CA LYS A 109 5.98 2.98 -1.57
C LYS A 109 6.90 4.19 -1.55
N ALA A 110 7.80 4.24 -0.55
CA ALA A 110 8.78 5.32 -0.41
C ALA A 110 8.15 6.62 0.07
N GLU A 111 8.94 7.44 0.76
CA GLU A 111 8.46 8.70 1.31
C GLU A 111 8.14 9.74 0.23
N PRO A 112 9.08 10.03 -0.72
CA PRO A 112 8.85 11.01 -1.78
C PRO A 112 7.49 10.85 -2.45
N THR A 113 7.16 9.63 -2.86
CA THR A 113 5.90 9.36 -3.52
C THR A 113 4.72 9.62 -2.58
N ALA A 114 4.72 8.95 -1.42
CA ALA A 114 3.64 9.07 -0.47
C ALA A 114 3.43 10.50 0.01
N ARG A 115 4.52 11.19 0.33
CA ARG A 115 4.45 12.54 0.86
C ARG A 115 3.77 13.48 -0.13
N ARG A 116 4.06 13.28 -1.41
CA ARG A 116 3.47 14.12 -2.46
C ARG A 116 2.00 13.77 -2.66
N ILE A 117 1.67 12.50 -2.52
CA ILE A 117 0.30 12.03 -2.69
C ILE A 117 -0.57 12.50 -1.52
N LEU A 118 -0.02 12.40 -0.32
CA LEU A 118 -0.74 12.80 0.90
C LEU A 118 -0.96 14.31 0.91
N ARG A 119 0.03 15.04 0.42
CA ARG A 119 -0.06 16.49 0.34
C ARG A 119 -1.09 16.86 -0.72
N HIS A 120 -1.10 16.10 -1.82
CA HIS A 120 -2.08 16.29 -2.90
C HIS A 120 -3.50 16.29 -2.34
N PHE A 121 -3.77 15.38 -1.42
CA PHE A 121 -5.09 15.30 -0.79
C PHE A 121 -5.22 16.32 0.33
N GLY A 122 -4.13 16.55 1.04
CA GLY A 122 -4.14 17.50 2.14
C GLY A 122 -4.47 16.84 3.45
N ILE A 123 -4.12 15.57 3.58
CA ILE A 123 -4.40 14.80 4.78
C ILE A 123 -3.17 14.68 5.66
N GLU A 124 -2.15 15.46 5.31
CA GLU A 124 -0.87 15.48 6.04
C GLU A 124 -1.06 15.90 7.49
N GLN A 125 -1.99 16.81 7.71
CA GLN A 125 -2.22 17.36 9.05
C GLN A 125 -3.08 16.43 9.91
N HIS A 126 -3.81 15.53 9.28
CA HIS A 126 -4.69 14.63 10.03
C HIS A 126 -3.96 13.38 10.49
N PHE A 127 -2.85 13.08 9.85
CA PHE A 127 -2.07 11.90 10.21
C PHE A 127 -1.19 12.19 11.40
N GLU A 128 -0.84 11.14 12.13
CA GLU A 128 0.01 11.27 13.31
C GLU A 128 1.47 11.34 12.90
N VAL A 129 1.89 10.31 12.17
CA VAL A 129 3.27 10.22 11.70
C VAL A 129 3.31 9.73 10.25
N ILE A 130 4.02 10.45 9.40
CA ILE A 130 4.16 10.05 8.01
C ILE A 130 5.43 9.23 7.84
N ALA A 131 5.29 7.91 7.80
CA ALA A 131 6.44 7.02 7.65
C ALA A 131 6.49 6.38 6.27
N GLY A 132 7.68 6.29 5.72
CA GLY A 132 7.88 5.65 4.44
C GLY A 132 9.27 5.05 4.33
N ALA A 133 9.96 5.38 3.26
CA ALA A 133 11.31 4.88 3.05
C ALA A 133 12.17 5.89 2.30
N SER A 134 13.39 6.09 2.77
CA SER A 134 14.34 6.98 2.11
C SER A 134 15.26 6.17 1.21
N THR A 135 15.05 4.86 1.19
CA THR A 135 15.88 3.94 0.42
C THR A 135 15.06 3.21 -0.64
N ASP A 136 15.75 2.48 -1.49
CA ASP A 136 15.11 1.72 -2.56
C ASP A 136 14.54 0.41 -2.03
N GLY A 137 15.28 -0.22 -1.12
CA GLY A 137 14.83 -1.46 -0.52
C GLY A 137 15.72 -2.65 -0.85
N SER A 138 16.86 -2.38 -1.46
CA SER A 138 17.81 -3.44 -1.83
C SER A 138 18.23 -4.28 -0.61
N ARG A 139 17.76 -5.53 -0.61
CA ARG A 139 18.06 -6.47 0.48
C ARG A 139 17.53 -5.96 1.83
N GLY A 140 16.49 -5.13 1.78
CA GLY A 140 15.92 -4.59 3.00
C GLY A 140 14.74 -5.39 3.49
N SER A 141 15.01 -6.53 4.12
CA SER A 141 13.96 -7.39 4.64
C SER A 141 13.99 -7.37 6.16
N LYS A 142 13.19 -6.48 6.75
CA LYS A 142 13.09 -6.34 8.20
C LYS A 142 11.92 -5.45 8.55
N VAL A 143 11.59 -5.38 9.84
CA VAL A 143 10.47 -4.55 10.28
C VAL A 143 10.95 -3.16 10.68
N ASP A 144 12.06 -2.73 10.10
CA ASP A 144 12.70 -1.45 10.39
C ASP A 144 11.70 -0.28 10.34
N VAL A 145 11.18 -0.02 9.14
CA VAL A 145 10.23 1.08 8.92
C VAL A 145 9.05 1.02 9.91
N LEU A 146 8.39 -0.12 9.98
CA LEU A 146 7.23 -0.29 10.84
C LEU A 146 7.60 -0.02 12.30
N ALA A 147 8.66 -0.66 12.78
CA ALA A 147 9.11 -0.47 14.15
C ALA A 147 9.51 0.98 14.42
N HIS A 148 10.12 1.61 13.43
CA HIS A 148 10.56 3.00 13.55
C HIS A 148 9.36 3.92 13.76
N ALA A 149 8.27 3.66 13.04
CA ALA A 149 7.05 4.45 13.17
C ALA A 149 6.50 4.37 14.59
N LEU A 150 6.55 3.16 15.14
CA LEU A 150 6.07 2.90 16.49
C LEU A 150 6.98 3.60 17.51
N ALA A 151 8.27 3.61 17.21
CA ALA A 151 9.28 4.26 18.06
C ALA A 151 9.17 5.79 17.99
N GLN A 152 8.50 6.30 16.97
CA GLN A 152 8.32 7.74 16.85
C GLN A 152 7.18 8.21 17.76
N LEU A 153 6.04 7.54 17.66
CA LEU A 153 4.86 7.94 18.41
C LEU A 153 4.74 7.20 19.75
N ARG A 154 5.84 6.66 20.25
CA ARG A 154 5.83 5.96 21.52
C ARG A 154 5.41 6.88 22.67
N PRO A 155 5.04 6.30 23.83
CA PRO A 155 5.02 4.85 24.05
C PRO A 155 4.06 4.10 23.13
N LEU A 156 4.48 2.92 22.71
CA LEU A 156 3.69 2.12 21.79
C LEU A 156 3.12 0.89 22.49
N PRO A 157 1.79 0.86 22.67
CA PRO A 157 1.09 -0.29 23.25
C PRO A 157 0.96 -1.44 22.26
N GLU A 158 0.52 -2.59 22.75
CA GLU A 158 0.36 -3.78 21.91
C GLU A 158 -0.92 -3.71 21.08
N ARG A 159 -1.59 -2.58 21.10
CA ARG A 159 -2.81 -2.39 20.33
C ARG A 159 -2.47 -1.76 18.98
N LEU A 160 -1.97 -2.60 18.08
CA LEU A 160 -1.53 -2.16 16.77
C LEU A 160 -2.21 -2.98 15.68
N VAL A 161 -2.44 -2.36 14.53
CA VAL A 161 -3.03 -3.05 13.40
C VAL A 161 -2.54 -2.46 12.08
N MET A 162 -2.17 -3.32 11.16
CA MET A 162 -1.69 -2.90 9.85
C MET A 162 -2.81 -3.08 8.83
N VAL A 163 -3.02 -2.06 8.00
CA VAL A 163 -4.07 -2.10 6.99
C VAL A 163 -3.48 -1.86 5.60
N GLY A 164 -3.73 -2.79 4.70
CA GLY A 164 -3.23 -2.69 3.35
C GLY A 164 -3.63 -3.87 2.50
N ASP A 165 -3.11 -3.92 1.28
CA ASP A 165 -3.39 -5.02 0.38
C ASP A 165 -2.08 -5.71 -0.01
N ARG A 166 -0.99 -4.97 0.07
CA ARG A 166 0.32 -5.50 -0.31
C ARG A 166 0.81 -6.55 0.70
N SER A 167 0.86 -7.80 0.22
CA SER A 167 1.28 -8.94 1.04
C SER A 167 2.65 -8.73 1.67
N HIS A 168 3.47 -7.89 1.04
CA HIS A 168 4.80 -7.57 1.56
C HIS A 168 4.72 -7.08 3.01
N ASP A 169 3.88 -6.09 3.23
CA ASP A 169 3.76 -5.48 4.55
C ASP A 169 2.92 -6.34 5.46
N VAL A 170 2.04 -7.13 4.85
CA VAL A 170 1.22 -8.09 5.60
C VAL A 170 2.13 -9.10 6.30
N ASP A 171 3.13 -9.59 5.58
CA ASP A 171 4.09 -10.54 6.12
C ASP A 171 4.93 -9.89 7.21
N GLY A 172 5.35 -8.66 6.97
CA GLY A 172 6.17 -7.94 7.93
C GLY A 172 5.44 -7.71 9.25
N ALA A 173 4.18 -7.30 9.16
CA ALA A 173 3.37 -7.07 10.34
C ALA A 173 3.16 -8.37 11.11
N ALA A 174 2.89 -9.43 10.38
CA ALA A 174 2.71 -10.75 10.99
C ALA A 174 3.99 -11.23 11.63
N ALA A 175 5.13 -10.84 11.04
CA ALA A 175 6.44 -11.19 11.54
C ALA A 175 6.70 -10.57 12.91
N HIS A 176 6.09 -9.42 13.18
CA HIS A 176 6.25 -8.77 14.47
C HIS A 176 5.06 -9.11 15.37
N GLY A 177 4.16 -9.93 14.86
CA GLY A 177 2.99 -10.32 15.61
C GLY A 177 1.96 -9.22 15.68
N ILE A 178 1.59 -8.71 14.53
CA ILE A 178 0.64 -7.61 14.43
C ILE A 178 -0.52 -8.00 13.54
N ASP A 179 -1.74 -7.75 14.01
CA ASP A 179 -2.94 -8.06 13.25
C ASP A 179 -2.99 -7.22 11.98
N THR A 180 -3.16 -7.88 10.85
CA THR A 180 -3.19 -7.21 9.57
C THR A 180 -4.53 -7.38 8.89
N VAL A 181 -5.16 -6.28 8.53
CA VAL A 181 -6.45 -6.31 7.87
C VAL A 181 -6.27 -5.99 6.39
N VAL A 182 -6.50 -6.98 5.55
CA VAL A 182 -6.35 -6.80 4.10
C VAL A 182 -7.58 -6.10 3.55
N VAL A 183 -7.46 -4.81 3.35
CA VAL A 183 -8.56 -4.02 2.83
C VAL A 183 -8.35 -3.73 1.35
N GLY A 184 -9.33 -4.10 0.54
CA GLY A 184 -9.23 -3.88 -0.88
C GLY A 184 -10.57 -3.87 -1.54
N TRP A 185 -10.84 -2.80 -2.29
CA TRP A 185 -12.12 -2.66 -2.97
C TRP A 185 -12.14 -3.53 -4.23
N GLY A 186 -10.98 -4.05 -4.60
CA GLY A 186 -10.88 -4.88 -5.78
C GLY A 186 -10.87 -6.35 -5.44
N TYR A 187 -10.54 -7.18 -6.43
CA TYR A 187 -10.51 -8.62 -6.26
C TYR A 187 -9.65 -9.22 -7.36
N GLY A 188 -9.28 -10.49 -7.21
CA GLY A 188 -8.46 -11.14 -8.21
C GLY A 188 -8.87 -12.56 -8.46
N ARG A 189 -8.33 -13.15 -9.51
CA ARG A 189 -8.62 -14.54 -9.85
C ARG A 189 -7.51 -15.47 -9.35
N ALA A 190 -6.26 -15.07 -9.62
CA ALA A 190 -5.11 -15.82 -9.15
C ALA A 190 -4.64 -15.30 -7.80
N ASP A 191 -5.59 -14.84 -7.00
CA ASP A 191 -5.31 -14.22 -5.71
C ASP A 191 -4.76 -15.22 -4.71
N PHE A 192 -5.45 -16.34 -4.51
CA PHE A 192 -5.00 -17.34 -3.56
C PHE A 192 -3.88 -18.18 -4.16
N ILE A 193 -2.72 -18.10 -3.51
CA ILE A 193 -1.54 -18.83 -3.94
C ILE A 193 -1.47 -20.19 -3.23
N ASP A 194 -0.89 -21.17 -3.93
CA ASP A 194 -0.78 -22.53 -3.41
C ASP A 194 0.22 -22.59 -2.25
N LYS A 195 1.18 -21.68 -2.28
CA LYS A 195 2.20 -21.61 -1.25
C LYS A 195 1.61 -21.08 0.06
N THR A 196 1.49 -21.97 1.04
CA THR A 196 0.91 -21.64 2.33
C THR A 196 1.66 -20.52 3.03
N SER A 197 1.03 -19.35 3.13
CA SER A 197 1.63 -18.21 3.79
C SER A 197 0.99 -17.99 5.17
N THR A 198 -0.21 -17.46 5.18
CA THR A 198 -0.91 -17.21 6.44
C THR A 198 -2.05 -18.21 6.62
N THR A 199 -2.34 -18.54 7.87
CA THR A 199 -3.40 -19.48 8.19
C THR A 199 -4.76 -18.82 8.02
N VAL A 200 -4.80 -17.50 8.26
CA VAL A 200 -6.04 -16.75 8.12
C VAL A 200 -5.77 -15.41 7.43
N VAL A 201 -6.66 -15.05 6.52
CA VAL A 201 -6.53 -13.80 5.80
C VAL A 201 -7.87 -13.05 5.75
N THR A 202 -8.01 -12.07 6.62
CA THR A 202 -9.22 -11.29 6.71
C THR A 202 -9.22 -10.15 5.69
N HIS A 203 -10.18 -10.18 4.78
CA HIS A 203 -10.29 -9.15 3.75
C HIS A 203 -11.55 -8.31 3.95
N ALA A 204 -11.35 -7.00 4.07
CA ALA A 204 -12.46 -6.08 4.20
C ALA A 204 -12.94 -5.63 2.83
N ALA A 205 -14.20 -5.92 2.53
CA ALA A 205 -14.80 -5.59 1.24
C ALA A 205 -15.21 -4.11 1.19
N THR A 206 -15.88 -3.65 2.24
CA THR A 206 -16.32 -2.26 2.28
C THR A 206 -15.64 -1.51 3.43
N ILE A 207 -15.83 -0.19 3.44
CA ILE A 207 -15.22 0.68 4.43
C ILE A 207 -15.89 0.48 5.80
N ASP A 208 -17.17 0.11 5.79
CA ASP A 208 -17.91 -0.11 7.03
C ASP A 208 -17.29 -1.24 7.84
N GLU A 209 -16.75 -2.24 7.16
CA GLU A 209 -16.13 -3.37 7.84
C GLU A 209 -14.82 -2.92 8.48
N LEU A 210 -14.10 -2.07 7.76
CA LEU A 210 -12.85 -1.50 8.25
C LEU A 210 -13.16 -0.70 9.51
N ARG A 211 -14.21 0.11 9.42
CA ARG A 211 -14.69 0.94 10.52
C ARG A 211 -14.97 0.10 11.77
N GLU A 212 -15.85 -0.87 11.65
CA GLU A 212 -16.25 -1.67 12.80
C GLU A 212 -15.09 -2.51 13.33
N ALA A 213 -14.21 -2.96 12.44
CA ALA A 213 -13.07 -3.78 12.82
C ALA A 213 -12.07 -2.99 13.66
N LEU A 214 -11.84 -1.73 13.27
CA LEU A 214 -10.89 -0.89 13.99
C LEU A 214 -11.47 -0.36 15.30
N GLY A 215 -12.70 -0.74 15.61
CA GLY A 215 -13.29 -0.41 16.90
C GLY A 215 -13.86 1.00 16.99
N VAL A 216 -14.37 1.54 15.91
CA VAL A 216 -14.99 2.85 15.96
C VAL A 216 -16.50 2.73 15.79
N GLY A 1 -16.54 -0.76 19.45
CA GLY A 1 -16.41 -0.42 20.89
C GLY A 1 -14.98 -0.38 21.35
N GLU A 2 -14.27 -1.48 21.18
CA GLU A 2 -12.87 -1.56 21.59
C GLU A 2 -11.96 -1.21 20.43
N SER A 3 -11.49 0.03 20.41
CA SER A 3 -10.56 0.47 19.38
C SER A 3 -9.12 0.23 19.85
N PRO A 4 -8.19 -0.01 18.92
CA PRO A 4 -6.79 -0.21 19.27
C PRO A 4 -6.11 1.10 19.66
N GLN A 5 -4.81 1.05 19.86
CA GLN A 5 -4.06 2.24 20.24
C GLN A 5 -3.46 2.92 19.02
N LEU A 6 -3.16 2.13 17.99
CA LEU A 6 -2.58 2.65 16.77
C LEU A 6 -2.97 1.78 15.58
N VAL A 7 -3.36 2.43 14.50
CA VAL A 7 -3.75 1.74 13.27
C VAL A 7 -2.90 2.26 12.11
N ILE A 8 -2.15 1.36 11.49
CA ILE A 8 -1.32 1.74 10.36
C ILE A 8 -2.04 1.47 9.05
N PHE A 9 -1.88 2.38 8.09
CA PHE A 9 -2.49 2.23 6.78
C PHE A 9 -1.46 2.46 5.69
N ASP A 10 -1.41 1.58 4.70
CA ASP A 10 -0.51 1.80 3.55
C ASP A 10 -1.22 2.68 2.54
N LEU A 11 -0.47 3.32 1.65
CA LEU A 11 -1.03 4.24 0.67
C LEU A 11 -1.43 3.52 -0.62
N ASP A 12 -0.75 2.43 -0.92
CA ASP A 12 -0.95 1.73 -2.19
C ASP A 12 -2.28 1.00 -2.25
N GLY A 13 -3.21 1.59 -2.99
CA GLY A 13 -4.50 0.95 -3.22
C GLY A 13 -5.42 0.94 -2.02
N THR A 14 -4.91 1.33 -0.86
CA THR A 14 -5.70 1.30 0.36
C THR A 14 -6.35 2.64 0.64
N LEU A 15 -5.57 3.72 0.60
CA LEU A 15 -6.09 5.05 0.88
C LEU A 15 -6.44 5.81 -0.39
N THR A 16 -5.83 5.43 -1.49
CA THR A 16 -6.07 6.13 -2.76
C THR A 16 -5.86 5.20 -3.96
N ASP A 17 -6.65 5.41 -5.00
CA ASP A 17 -6.50 4.65 -6.23
C ASP A 17 -5.48 5.36 -7.11
N SER A 18 -4.78 4.61 -7.93
CA SER A 18 -3.75 5.17 -8.79
C SER A 18 -3.54 4.31 -10.01
N ALA A 19 -4.54 3.48 -10.34
CA ALA A 19 -4.45 2.58 -11.48
C ALA A 19 -4.12 3.33 -12.77
N ARG A 20 -4.72 4.51 -12.94
CA ARG A 20 -4.46 5.34 -14.11
C ARG A 20 -2.96 5.60 -14.28
N GLY A 21 -2.31 5.99 -13.18
CA GLY A 21 -0.88 6.26 -13.21
C GLY A 21 -0.06 4.99 -13.31
N ILE A 22 -0.59 3.90 -12.76
CA ILE A 22 0.09 2.61 -12.81
C ILE A 22 0.10 2.09 -14.26
N VAL A 23 -1.06 2.10 -14.89
CA VAL A 23 -1.17 1.70 -16.29
C VAL A 23 -0.34 2.62 -17.18
N SER A 24 -0.29 3.89 -16.82
CA SER A 24 0.49 4.87 -17.57
C SER A 24 1.97 4.49 -17.58
N SER A 25 2.55 4.34 -16.41
CA SER A 25 3.96 3.98 -16.28
C SER A 25 4.23 2.61 -16.88
N PHE A 26 3.27 1.69 -16.73
CA PHE A 26 3.37 0.35 -17.30
C PHE A 26 3.53 0.43 -18.81
N ARG A 27 2.70 1.25 -19.44
CA ARG A 27 2.77 1.45 -20.88
C ARG A 27 4.09 2.09 -21.27
N HIS A 28 4.50 3.09 -20.49
CA HIS A 28 5.73 3.82 -20.76
C HIS A 28 6.95 2.88 -20.69
N ALA A 29 7.02 2.10 -19.62
CA ALA A 29 8.11 1.16 -19.40
C ALA A 29 8.22 0.16 -20.54
N LEU A 30 7.14 -0.57 -20.79
CA LEU A 30 7.11 -1.58 -21.83
C LEU A 30 7.42 -1.01 -23.20
N ASN A 31 6.94 0.21 -23.47
CA ASN A 31 7.18 0.84 -24.76
C ASN A 31 8.65 1.20 -24.92
N HIS A 32 9.31 1.46 -23.80
CA HIS A 32 10.73 1.83 -23.80
C HIS A 32 11.61 0.64 -24.16
N ILE A 33 11.20 -0.55 -23.74
CA ILE A 33 12.00 -1.74 -23.97
C ILE A 33 11.54 -2.50 -25.22
N GLY A 34 10.52 -1.97 -25.89
CA GLY A 34 10.04 -2.57 -27.13
C GLY A 34 9.21 -3.82 -26.89
N ALA A 35 8.39 -3.80 -25.85
CA ALA A 35 7.53 -4.92 -25.53
C ALA A 35 6.08 -4.59 -25.88
N PRO A 36 5.25 -5.60 -26.16
CA PRO A 36 3.83 -5.41 -26.47
C PRO A 36 3.03 -4.96 -25.25
N VAL A 37 2.19 -3.95 -25.44
CA VAL A 37 1.40 -3.43 -24.33
C VAL A 37 -0.07 -3.76 -24.50
N PRO A 38 -0.58 -4.72 -23.72
CA PRO A 38 -1.98 -5.11 -23.73
C PRO A 38 -2.81 -4.31 -22.71
N GLU A 39 -3.97 -3.83 -23.13
CA GLU A 39 -4.84 -3.06 -22.25
C GLU A 39 -5.95 -3.96 -21.68
N GLY A 40 -6.91 -3.34 -21.02
CA GLY A 40 -8.04 -4.08 -20.48
C GLY A 40 -7.84 -4.51 -19.04
N ASP A 41 -7.90 -5.82 -18.80
CA ASP A 41 -7.77 -6.37 -17.45
C ASP A 41 -6.32 -6.42 -16.99
N LEU A 42 -5.44 -5.74 -17.71
CA LEU A 42 -4.03 -5.70 -17.35
C LEU A 42 -3.84 -5.07 -15.98
N ALA A 43 -4.79 -4.22 -15.58
CA ALA A 43 -4.75 -3.57 -14.29
C ALA A 43 -4.78 -4.59 -13.17
N THR A 44 -5.79 -5.45 -13.16
CA THR A 44 -5.91 -6.48 -12.14
C THR A 44 -4.85 -7.55 -12.33
N HIS A 45 -4.27 -7.61 -13.52
CA HIS A 45 -3.23 -8.59 -13.85
C HIS A 45 -1.92 -8.23 -13.16
N ILE A 46 -1.69 -6.94 -12.93
CA ILE A 46 -0.45 -6.49 -12.30
C ILE A 46 -0.65 -6.18 -10.82
N VAL A 47 -1.89 -6.27 -10.36
CA VAL A 47 -2.20 -6.00 -8.97
C VAL A 47 -2.20 -7.29 -8.17
N GLY A 48 -1.19 -7.45 -7.32
CA GLY A 48 -1.09 -8.64 -6.50
C GLY A 48 0.33 -9.17 -6.43
N PRO A 49 0.83 -9.75 -7.54
CA PRO A 49 2.18 -10.30 -7.59
C PRO A 49 3.26 -9.22 -7.59
N PRO A 50 4.49 -9.57 -7.17
CA PRO A 50 5.62 -8.64 -7.17
C PRO A 50 6.00 -8.20 -8.58
N MET A 51 6.27 -6.90 -8.74
CA MET A 51 6.60 -6.30 -10.03
C MET A 51 7.71 -7.05 -10.77
N HIS A 52 8.64 -7.64 -10.01
CA HIS A 52 9.74 -8.40 -10.60
C HIS A 52 9.21 -9.60 -11.39
N GLU A 53 8.30 -10.33 -10.76
CA GLU A 53 7.75 -11.53 -11.36
C GLU A 53 6.68 -11.19 -12.38
N THR A 54 5.94 -10.12 -12.12
CA THR A 54 4.92 -9.66 -13.05
C THR A 54 5.55 -9.31 -14.41
N LEU A 55 6.62 -8.53 -14.36
CA LEU A 55 7.33 -8.12 -15.56
C LEU A 55 7.96 -9.32 -16.25
N ARG A 56 8.46 -10.25 -15.44
CA ARG A 56 9.11 -11.46 -15.95
C ARG A 56 8.05 -12.42 -16.52
N ALA A 57 6.80 -12.18 -16.15
CA ALA A 57 5.68 -13.00 -16.62
C ALA A 57 5.06 -12.39 -17.87
N MET A 58 5.37 -11.13 -18.11
CA MET A 58 4.84 -10.42 -19.26
C MET A 58 5.68 -10.70 -20.50
N GLY A 59 6.87 -11.25 -20.29
CA GLY A 59 7.71 -11.58 -21.41
C GLY A 59 9.17 -11.73 -21.03
N LEU A 60 9.90 -10.64 -21.09
CA LEU A 60 11.33 -10.66 -20.82
C LEU A 60 11.64 -10.36 -19.35
N GLY A 61 12.77 -10.87 -18.87
CA GLY A 61 13.19 -10.60 -17.52
C GLY A 61 14.64 -10.11 -17.48
N GLU A 62 15.22 -9.97 -18.66
CA GLU A 62 16.62 -9.54 -18.77
C GLU A 62 16.72 -8.03 -18.63
N SER A 63 15.75 -7.32 -19.20
CA SER A 63 15.71 -5.87 -19.11
C SER A 63 14.73 -5.46 -18.01
N ALA A 64 14.52 -6.37 -17.06
CA ALA A 64 13.59 -6.14 -15.97
C ALA A 64 13.96 -4.92 -15.14
N GLU A 65 15.26 -4.78 -14.83
CA GLU A 65 15.71 -3.69 -13.99
C GLU A 65 15.50 -2.34 -14.67
N GLU A 66 15.74 -2.30 -15.98
CA GLU A 66 15.53 -1.08 -16.76
C GLU A 66 14.05 -0.72 -16.79
N ALA A 67 13.22 -1.73 -17.01
CA ALA A 67 11.78 -1.51 -17.07
C ALA A 67 11.24 -1.08 -15.70
N ILE A 68 11.72 -1.74 -14.64
CA ILE A 68 11.30 -1.41 -13.29
C ILE A 68 11.65 0.02 -12.91
N VAL A 69 12.88 0.44 -13.17
CA VAL A 69 13.31 1.79 -12.82
C VAL A 69 12.56 2.83 -13.65
N ALA A 70 12.31 2.50 -14.92
CA ALA A 70 11.55 3.39 -15.80
C ALA A 70 10.11 3.49 -15.32
N TYR A 71 9.56 2.34 -14.93
CA TYR A 71 8.21 2.25 -14.41
C TYR A 71 8.05 3.12 -13.16
N ARG A 72 9.03 3.02 -12.26
CA ARG A 72 9.01 3.79 -11.02
C ARG A 72 9.22 5.27 -11.31
N ALA A 73 10.11 5.56 -12.24
CA ALA A 73 10.41 6.94 -12.62
C ALA A 73 9.19 7.62 -13.21
N ASP A 74 8.49 6.93 -14.11
CA ASP A 74 7.31 7.50 -14.74
C ASP A 74 6.18 7.61 -13.72
N TYR A 75 6.18 6.68 -12.77
CA TYR A 75 5.23 6.71 -11.67
C TYR A 75 5.46 7.99 -10.85
N SER A 76 6.73 8.28 -10.59
CA SER A 76 7.11 9.48 -9.86
C SER A 76 6.99 10.73 -10.74
N ALA A 77 6.74 10.53 -12.03
CA ALA A 77 6.64 11.64 -12.97
C ALA A 77 5.19 11.98 -13.31
N ARG A 78 4.44 11.00 -13.78
CA ARG A 78 3.04 11.19 -14.15
C ARG A 78 2.12 10.42 -13.23
N GLY A 79 2.60 9.28 -12.74
CA GLY A 79 1.79 8.39 -11.92
C GLY A 79 1.20 9.05 -10.68
N TRP A 80 2.00 9.87 -10.00
CA TRP A 80 1.56 10.53 -8.77
C TRP A 80 0.44 11.55 -9.04
N ALA A 81 0.25 11.91 -10.30
CA ALA A 81 -0.74 12.90 -10.65
C ALA A 81 -2.03 12.24 -11.12
N MET A 82 -1.93 10.98 -11.52
CA MET A 82 -3.09 10.23 -12.00
C MET A 82 -3.72 9.44 -10.86
N ASN A 83 -4.23 10.17 -9.88
CA ASN A 83 -4.86 9.56 -8.72
C ASN A 83 -5.90 10.50 -8.11
N SER A 84 -6.79 9.94 -7.28
CA SER A 84 -7.83 10.73 -6.62
C SER A 84 -8.63 9.84 -5.67
N LEU A 85 -8.78 10.28 -4.43
CA LEU A 85 -9.57 9.54 -3.46
C LEU A 85 -11.02 10.01 -3.53
N PHE A 86 -11.95 9.07 -3.54
CA PHE A 86 -13.37 9.40 -3.60
C PHE A 86 -13.93 9.65 -2.20
N ASP A 87 -14.22 8.57 -1.49
CA ASP A 87 -14.78 8.65 -0.15
C ASP A 87 -14.37 7.39 0.63
N GLY A 88 -15.13 7.06 1.66
CA GLY A 88 -14.84 5.88 2.46
C GLY A 88 -13.75 6.12 3.47
N ILE A 89 -12.53 6.24 2.99
CA ILE A 89 -11.37 6.50 3.85
C ILE A 89 -11.53 7.84 4.56
N GLY A 90 -12.11 8.81 3.85
CA GLY A 90 -12.29 10.15 4.39
C GLY A 90 -13.02 10.16 5.72
N PRO A 91 -14.31 9.79 5.75
CA PRO A 91 -15.10 9.75 6.99
C PRO A 91 -14.52 8.77 8.02
N LEU A 92 -13.96 7.66 7.54
CA LEU A 92 -13.42 6.65 8.44
C LEU A 92 -12.29 7.23 9.27
N LEU A 93 -11.36 7.89 8.60
CA LEU A 93 -10.22 8.50 9.25
C LEU A 93 -10.66 9.58 10.24
N ALA A 94 -11.67 10.35 9.86
CA ALA A 94 -12.19 11.42 10.69
C ALA A 94 -12.78 10.87 11.99
N ASP A 95 -13.70 9.93 11.86
CA ASP A 95 -14.36 9.32 13.02
C ASP A 95 -13.37 8.49 13.83
N LEU A 96 -12.42 7.86 13.14
CA LEU A 96 -11.39 7.05 13.81
C LEU A 96 -10.62 7.92 14.80
N ARG A 97 -10.20 9.08 14.33
CA ARG A 97 -9.47 10.04 15.15
C ARG A 97 -10.33 10.47 16.34
N THR A 98 -11.61 10.67 16.07
CA THR A 98 -12.57 11.09 17.08
C THR A 98 -12.68 10.06 18.22
N ALA A 99 -12.57 8.78 17.86
CA ALA A 99 -12.66 7.70 18.84
C ALA A 99 -11.45 7.65 19.76
N GLY A 100 -10.39 8.36 19.37
CA GLY A 100 -9.22 8.44 20.20
C GLY A 100 -8.09 7.56 19.74
N VAL A 101 -8.29 6.84 18.63
CA VAL A 101 -7.26 5.96 18.13
C VAL A 101 -6.25 6.74 17.29
N ARG A 102 -4.97 6.46 17.50
CA ARG A 102 -3.91 7.12 16.75
C ARG A 102 -3.73 6.45 15.39
N LEU A 103 -3.68 7.24 14.34
CA LEU A 103 -3.49 6.69 12.99
C LEU A 103 -2.10 7.08 12.48
N ALA A 104 -1.56 6.26 11.60
CA ALA A 104 -0.26 6.53 11.01
C ALA A 104 -0.14 5.87 9.64
N VAL A 105 0.55 6.55 8.74
CA VAL A 105 0.74 6.05 7.39
C VAL A 105 2.10 5.37 7.25
N ALA A 106 2.13 4.29 6.51
CA ALA A 106 3.37 3.59 6.23
C ALA A 106 3.31 3.05 4.81
N THR A 107 4.15 3.58 3.93
CA THR A 107 4.13 3.17 2.55
C THR A 107 5.35 2.35 2.19
N SER A 108 5.11 1.23 1.54
CA SER A 108 6.15 0.32 1.12
C SER A 108 6.74 0.72 -0.24
N LYS A 109 6.44 1.93 -0.70
CA LYS A 109 6.92 2.38 -2.00
C LYS A 109 7.99 3.46 -1.90
N ALA A 110 7.60 4.70 -1.60
CA ALA A 110 8.57 5.80 -1.52
C ALA A 110 8.00 6.99 -0.76
N GLU A 111 8.85 7.66 0.01
CA GLU A 111 8.45 8.82 0.79
C GLU A 111 8.09 10.02 -0.10
N PRO A 112 9.02 10.50 -0.98
CA PRO A 112 8.78 11.68 -1.83
C PRO A 112 7.48 11.59 -2.63
N THR A 113 7.26 10.45 -3.26
CA THR A 113 6.06 10.24 -4.06
C THR A 113 4.80 10.28 -3.19
N ALA A 114 4.85 9.60 -2.05
CA ALA A 114 3.72 9.55 -1.14
C ALA A 114 3.38 10.93 -0.60
N ARG A 115 4.41 11.67 -0.21
CA ARG A 115 4.24 13.00 0.35
C ARG A 115 3.50 13.93 -0.62
N ARG A 116 3.86 13.86 -1.90
CA ARG A 116 3.23 14.72 -2.91
C ARG A 116 1.75 14.35 -3.10
N ILE A 117 1.43 13.08 -2.93
CA ILE A 117 0.06 12.62 -3.05
C ILE A 117 -0.74 13.01 -1.80
N LEU A 118 -0.15 12.73 -0.64
CA LEU A 118 -0.79 13.01 0.64
C LEU A 118 -1.01 14.50 0.80
N ARG A 119 -0.05 15.30 0.34
CA ARG A 119 -0.14 16.75 0.44
C ARG A 119 -1.21 17.29 -0.50
N HIS A 120 -1.31 16.68 -1.68
CA HIS A 120 -2.26 17.09 -2.70
C HIS A 120 -3.69 17.02 -2.16
N PHE A 121 -4.02 15.92 -1.51
CA PHE A 121 -5.34 15.72 -0.94
C PHE A 121 -5.46 16.42 0.42
N GLY A 122 -4.36 16.47 1.14
CA GLY A 122 -4.34 17.15 2.43
C GLY A 122 -4.88 16.29 3.56
N ILE A 123 -4.46 15.04 3.60
CA ILE A 123 -4.92 14.12 4.64
C ILE A 123 -3.77 13.60 5.49
N GLU A 124 -2.58 14.11 5.24
CA GLU A 124 -1.38 13.64 5.92
C GLU A 124 -1.34 14.10 7.38
N GLN A 125 -1.89 15.28 7.64
CA GLN A 125 -1.88 15.87 8.97
C GLN A 125 -2.80 15.11 9.93
N HIS A 126 -3.64 14.25 9.38
CA HIS A 126 -4.53 13.46 10.20
C HIS A 126 -3.81 12.24 10.76
N PHE A 127 -2.57 12.05 10.31
CA PHE A 127 -1.77 10.92 10.76
C PHE A 127 -0.64 11.39 11.67
N GLU A 128 -0.32 10.58 12.67
CA GLU A 128 0.73 10.89 13.63
C GLU A 128 2.10 10.84 12.97
N VAL A 129 2.35 9.76 12.25
CA VAL A 129 3.61 9.58 11.58
C VAL A 129 3.40 9.03 10.18
N ILE A 130 4.23 9.47 9.25
CA ILE A 130 4.17 8.99 7.88
C ILE A 130 5.47 8.25 7.57
N ALA A 131 5.40 6.93 7.52
CA ALA A 131 6.58 6.12 7.25
C ALA A 131 6.81 5.96 5.76
N GLY A 132 7.63 6.84 5.22
CA GLY A 132 7.94 6.78 3.82
C GLY A 132 9.24 6.06 3.57
N ALA A 133 9.24 5.15 2.59
CA ALA A 133 10.44 4.39 2.25
C ALA A 133 11.54 5.33 1.73
N SER A 134 12.71 5.22 2.32
CA SER A 134 13.84 6.06 1.94
C SER A 134 14.73 5.32 0.96
N THR A 135 15.57 6.07 0.25
CA THR A 135 16.48 5.48 -0.72
C THR A 135 17.76 5.00 -0.05
N ASP A 136 17.72 3.76 0.42
CA ASP A 136 18.89 3.15 1.06
C ASP A 136 19.64 2.31 0.04
N GLY A 137 20.93 2.10 0.30
CA GLY A 137 21.74 1.31 -0.61
C GLY A 137 21.24 -0.12 -0.75
N SER A 138 20.68 -0.65 0.33
CA SER A 138 20.13 -1.99 0.33
C SER A 138 18.63 -1.95 0.12
N ARG A 139 18.19 -2.44 -1.04
CA ARG A 139 16.77 -2.44 -1.36
C ARG A 139 16.08 -3.64 -0.73
N GLY A 140 15.72 -3.50 0.54
CA GLY A 140 15.03 -4.58 1.24
C GLY A 140 14.37 -4.10 2.52
N SER A 141 13.89 -2.87 2.50
CA SER A 141 13.26 -2.27 3.65
C SER A 141 11.74 -2.38 3.57
N LYS A 142 11.15 -3.33 4.31
CA LYS A 142 9.71 -3.51 4.30
C LYS A 142 9.19 -3.59 5.73
N VAL A 143 9.69 -4.57 6.45
CA VAL A 143 9.23 -4.87 7.80
C VAL A 143 9.62 -3.79 8.81
N ASP A 144 10.86 -3.35 8.74
CA ASP A 144 11.35 -2.39 9.71
C ASP A 144 10.81 -0.99 9.47
N VAL A 145 10.28 -0.73 8.28
CA VAL A 145 9.66 0.56 8.00
C VAL A 145 8.51 0.79 8.98
N LEU A 146 7.72 -0.25 9.16
CA LEU A 146 6.62 -0.24 10.11
C LEU A 146 7.15 -0.12 11.53
N ALA A 147 8.14 -0.96 11.84
CA ALA A 147 8.73 -1.00 13.17
C ALA A 147 9.32 0.35 13.59
N HIS A 148 10.04 0.99 12.68
CA HIS A 148 10.69 2.26 12.97
C HIS A 148 9.66 3.38 13.15
N ALA A 149 8.54 3.28 12.46
CA ALA A 149 7.45 4.25 12.62
C ALA A 149 6.94 4.22 14.05
N LEU A 150 6.82 3.01 14.59
CA LEU A 150 6.36 2.82 15.96
C LEU A 150 7.41 3.33 16.94
N ALA A 151 8.67 3.25 16.55
CA ALA A 151 9.78 3.72 17.38
C ALA A 151 9.75 5.24 17.51
N GLN A 152 9.23 5.92 16.50
CA GLN A 152 9.16 7.37 16.51
C GLN A 152 8.00 7.85 17.39
N LEU A 153 6.87 7.16 17.31
CA LEU A 153 5.68 7.55 18.04
C LEU A 153 5.63 6.97 19.46
N ARG A 154 6.78 6.56 19.98
CA ARG A 154 6.87 5.98 21.32
C ARG A 154 6.31 6.95 22.39
N PRO A 155 5.93 6.42 23.57
CA PRO A 155 6.05 4.99 23.89
C PRO A 155 5.15 4.10 23.03
N LEU A 156 5.49 2.83 22.97
CA LEU A 156 4.77 1.86 22.16
C LEU A 156 3.34 1.68 22.65
N PRO A 157 2.35 1.98 21.81
CA PRO A 157 0.94 1.80 22.14
C PRO A 157 0.60 0.32 22.32
N GLU A 158 -0.26 0.03 23.27
CA GLU A 158 -0.62 -1.35 23.62
C GLU A 158 -1.14 -2.16 22.44
N ARG A 159 -2.25 -1.74 21.86
CA ARG A 159 -2.88 -2.49 20.78
C ARG A 159 -2.50 -1.90 19.42
N LEU A 160 -2.09 -2.76 18.50
CA LEU A 160 -1.66 -2.33 17.18
C LEU A 160 -2.33 -3.17 16.09
N VAL A 161 -2.59 -2.55 14.95
CA VAL A 161 -3.17 -3.26 13.82
C VAL A 161 -2.72 -2.63 12.51
N MET A 162 -2.21 -3.46 11.62
CA MET A 162 -1.74 -3.02 10.32
C MET A 162 -2.81 -3.25 9.27
N VAL A 163 -3.20 -2.21 8.58
CA VAL A 163 -4.21 -2.30 7.53
C VAL A 163 -3.58 -2.14 6.16
N GLY A 164 -3.63 -3.21 5.38
CA GLY A 164 -3.05 -3.20 4.06
C GLY A 164 -3.73 -4.18 3.14
N ASP A 165 -3.04 -4.58 2.08
CA ASP A 165 -3.60 -5.52 1.11
C ASP A 165 -2.52 -6.41 0.52
N ARG A 166 -1.28 -5.92 0.49
CA ARG A 166 -0.19 -6.67 -0.10
C ARG A 166 0.36 -7.70 0.88
N SER A 167 0.85 -8.80 0.32
CA SER A 167 1.42 -9.88 1.09
C SER A 167 2.62 -9.42 1.93
N HIS A 168 3.24 -8.32 1.52
CA HIS A 168 4.40 -7.80 2.24
C HIS A 168 3.98 -6.80 3.30
N ASP A 169 2.73 -6.38 3.29
CA ASP A 169 2.23 -5.49 4.31
C ASP A 169 2.03 -6.32 5.56
N VAL A 170 1.33 -7.43 5.36
CA VAL A 170 1.09 -8.36 6.44
C VAL A 170 2.39 -9.06 6.84
N ASP A 171 3.32 -9.17 5.89
CA ASP A 171 4.63 -9.77 6.14
C ASP A 171 5.38 -9.00 7.23
N GLY A 172 5.41 -7.68 7.08
CA GLY A 172 6.08 -6.84 8.05
C GLY A 172 5.42 -6.89 9.41
N ALA A 173 4.09 -6.87 9.41
CA ALA A 173 3.33 -6.92 10.63
C ALA A 173 3.54 -8.25 11.34
N ALA A 174 3.47 -9.33 10.58
CA ALA A 174 3.62 -10.67 11.16
C ALA A 174 5.04 -10.92 11.65
N ALA A 175 6.02 -10.39 10.91
CA ALA A 175 7.43 -10.56 11.26
C ALA A 175 7.75 -9.94 12.63
N HIS A 176 7.12 -8.82 12.96
CA HIS A 176 7.36 -8.18 14.25
C HIS A 176 6.26 -8.50 15.26
N GLY A 177 5.44 -9.50 14.93
CA GLY A 177 4.38 -9.93 15.83
C GLY A 177 3.33 -8.86 16.05
N ILE A 178 2.74 -8.39 14.96
CA ILE A 178 1.73 -7.35 15.00
C ILE A 178 0.48 -7.80 14.28
N ASP A 179 -0.68 -7.54 14.87
CA ASP A 179 -1.95 -7.92 14.27
C ASP A 179 -2.20 -7.12 13.01
N THR A 180 -2.87 -7.73 12.04
CA THR A 180 -3.09 -7.09 10.76
C THR A 180 -4.41 -7.55 10.13
N VAL A 181 -4.94 -6.74 9.23
CA VAL A 181 -6.16 -7.06 8.51
C VAL A 181 -6.07 -6.57 7.08
N VAL A 182 -6.46 -7.41 6.14
CA VAL A 182 -6.39 -7.07 4.73
C VAL A 182 -7.68 -6.37 4.28
N VAL A 183 -7.55 -5.37 3.43
CA VAL A 183 -8.72 -4.66 2.91
C VAL A 183 -8.75 -4.72 1.39
N GLY A 184 -9.51 -5.67 0.87
CA GLY A 184 -9.59 -5.85 -0.56
C GLY A 184 -10.68 -5.01 -1.19
N TRP A 185 -10.31 -3.82 -1.65
CA TRP A 185 -11.26 -2.90 -2.27
C TRP A 185 -11.81 -3.47 -3.57
N GLY A 186 -11.15 -4.49 -4.12
CA GLY A 186 -11.63 -5.08 -5.34
C GLY A 186 -10.59 -5.93 -6.05
N TYR A 187 -10.27 -7.08 -5.47
CA TYR A 187 -9.33 -8.00 -6.09
C TYR A 187 -10.05 -9.24 -6.60
N GLY A 188 -9.29 -10.18 -7.13
CA GLY A 188 -9.86 -11.39 -7.68
C GLY A 188 -8.95 -12.02 -8.69
N ARG A 189 -7.73 -12.31 -8.27
CA ARG A 189 -6.72 -12.88 -9.15
C ARG A 189 -5.58 -13.51 -8.35
N ALA A 190 -4.80 -12.66 -7.69
CA ALA A 190 -3.67 -13.12 -6.88
C ALA A 190 -4.11 -13.46 -5.46
N ASP A 191 -5.40 -13.78 -5.32
CA ASP A 191 -6.01 -14.06 -4.02
C ASP A 191 -5.38 -15.30 -3.40
N PHE A 192 -5.58 -16.43 -4.05
CA PHE A 192 -5.01 -17.69 -3.57
C PHE A 192 -4.05 -18.24 -4.63
N ILE A 193 -2.88 -17.64 -4.68
CA ILE A 193 -1.85 -18.04 -5.64
C ILE A 193 -0.75 -18.84 -4.95
N ASP A 194 -0.96 -19.16 -3.68
CA ASP A 194 0.02 -19.93 -2.92
C ASP A 194 -0.28 -21.41 -3.10
N LYS A 195 0.66 -22.25 -2.71
CA LYS A 195 0.53 -23.69 -2.93
C LYS A 195 0.41 -24.43 -1.59
N THR A 196 -0.83 -24.81 -1.27
CA THR A 196 -1.12 -25.57 -0.06
C THR A 196 -0.55 -24.91 1.20
N SER A 197 -1.10 -23.77 1.57
CA SER A 197 -0.61 -23.03 2.72
C SER A 197 -1.68 -22.06 3.22
N THR A 198 -1.60 -21.70 4.50
CA THR A 198 -2.54 -20.75 5.10
C THR A 198 -2.06 -19.33 4.83
N THR A 199 -2.44 -18.80 3.67
CA THR A 199 -2.03 -17.46 3.29
C THR A 199 -3.22 -16.50 3.26
N VAL A 200 -4.42 -17.05 3.11
CA VAL A 200 -5.62 -16.24 3.06
C VAL A 200 -6.21 -16.08 4.47
N VAL A 201 -6.23 -14.84 4.95
CA VAL A 201 -6.73 -14.55 6.28
C VAL A 201 -7.87 -13.53 6.22
N THR A 202 -8.23 -13.00 7.39
CA THR A 202 -9.31 -12.03 7.52
C THR A 202 -9.11 -10.82 6.61
N HIS A 203 -10.20 -10.36 6.00
CA HIS A 203 -10.14 -9.25 5.07
C HIS A 203 -11.49 -8.55 4.97
N ALA A 204 -11.47 -7.24 4.86
CA ALA A 204 -12.69 -6.45 4.74
C ALA A 204 -12.98 -6.17 3.27
N ALA A 205 -14.21 -6.45 2.86
CA ALA A 205 -14.63 -6.24 1.49
C ALA A 205 -14.96 -4.78 1.22
N THR A 206 -15.47 -4.10 2.25
CA THR A 206 -15.85 -2.70 2.11
C THR A 206 -15.32 -1.88 3.29
N ILE A 207 -15.52 -0.57 3.22
CA ILE A 207 -15.00 0.34 4.22
C ILE A 207 -15.87 0.32 5.48
N ASP A 208 -17.15 0.01 5.31
CA ASP A 208 -18.09 -0.04 6.42
C ASP A 208 -17.70 -1.12 7.42
N GLU A 209 -17.12 -2.21 6.91
CA GLU A 209 -16.69 -3.31 7.74
C GLU A 209 -15.49 -2.89 8.57
N LEU A 210 -14.67 -1.99 8.03
CA LEU A 210 -13.53 -1.46 8.79
C LEU A 210 -14.03 -0.67 9.97
N ARG A 211 -15.15 0.03 9.77
CA ARG A 211 -15.78 0.80 10.84
C ARG A 211 -16.08 -0.09 12.04
N GLU A 212 -16.82 -1.16 11.82
CA GLU A 212 -17.17 -2.06 12.93
C GLU A 212 -15.96 -2.84 13.42
N ALA A 213 -15.04 -3.19 12.52
CA ALA A 213 -13.87 -3.98 12.88
C ALA A 213 -12.91 -3.20 13.78
N LEU A 214 -12.62 -1.97 13.41
CA LEU A 214 -11.69 -1.14 14.19
C LEU A 214 -12.35 -0.67 15.49
N GLY A 215 -13.65 -0.90 15.58
CA GLY A 215 -14.37 -0.56 16.80
C GLY A 215 -14.65 0.92 16.94
N VAL A 216 -14.86 1.61 15.83
CA VAL A 216 -15.12 3.04 15.88
C VAL A 216 -16.62 3.29 15.99
N GLY A 1 -16.14 1.98 21.24
CA GLY A 1 -15.79 0.82 20.37
C GLY A 1 -14.51 0.15 20.80
N GLU A 2 -14.23 -1.01 20.24
CA GLU A 2 -13.02 -1.75 20.58
C GLU A 2 -11.91 -1.39 19.59
N SER A 3 -11.32 -0.23 19.80
CA SER A 3 -10.29 0.28 18.91
C SER A 3 -8.89 0.05 19.48
N PRO A 4 -7.86 0.05 18.62
CA PRO A 4 -6.49 -0.03 19.06
C PRO A 4 -5.95 1.37 19.40
N GLN A 5 -4.66 1.49 19.64
CA GLN A 5 -4.08 2.77 19.97
C GLN A 5 -3.32 3.36 18.79
N LEU A 6 -2.97 2.50 17.83
CA LEU A 6 -2.22 2.93 16.65
C LEU A 6 -2.57 2.04 15.46
N VAL A 7 -2.93 2.66 14.35
CA VAL A 7 -3.29 1.93 13.14
C VAL A 7 -2.40 2.36 11.97
N ILE A 8 -1.73 1.39 11.36
CA ILE A 8 -0.88 1.66 10.21
C ILE A 8 -1.62 1.36 8.92
N PHE A 9 -1.59 2.29 7.97
CA PHE A 9 -2.21 2.09 6.67
C PHE A 9 -1.15 2.26 5.57
N ASP A 10 -1.31 1.58 4.43
CA ASP A 10 -0.42 1.85 3.30
C ASP A 10 -0.97 3.06 2.54
N LEU A 11 -0.23 3.58 1.59
CA LEU A 11 -0.61 4.79 0.88
C LEU A 11 -1.29 4.45 -0.45
N ASP A 12 -0.89 3.35 -1.06
CA ASP A 12 -1.37 2.98 -2.38
C ASP A 12 -2.27 1.75 -2.33
N GLY A 13 -3.38 1.83 -3.04
CA GLY A 13 -4.31 0.72 -3.14
C GLY A 13 -5.29 0.66 -1.98
N THR A 14 -4.79 0.91 -0.78
CA THR A 14 -5.63 0.85 0.41
C THR A 14 -6.35 2.17 0.67
N LEU A 15 -5.80 3.25 0.15
CA LEU A 15 -6.43 4.56 0.33
C LEU A 15 -6.83 5.18 -1.00
N THR A 16 -5.87 5.31 -1.90
CA THR A 16 -6.08 5.99 -3.17
C THR A 16 -6.22 5.00 -4.33
N ASP A 17 -6.95 5.43 -5.36
CA ASP A 17 -7.08 4.62 -6.58
C ASP A 17 -5.92 4.94 -7.51
N SER A 18 -4.73 4.57 -7.07
CA SER A 18 -3.53 4.84 -7.83
C SER A 18 -3.24 3.69 -8.81
N ALA A 19 -4.23 2.82 -9.00
CA ALA A 19 -4.08 1.69 -9.92
C ALA A 19 -3.92 2.21 -11.33
N ARG A 20 -4.74 3.20 -11.67
CA ARG A 20 -4.64 3.85 -12.96
C ARG A 20 -3.23 4.37 -13.21
N GLY A 21 -2.63 4.91 -12.15
CA GLY A 21 -1.26 5.41 -12.26
C GLY A 21 -0.25 4.29 -12.41
N ILE A 22 -0.44 3.21 -11.66
CA ILE A 22 0.47 2.07 -11.68
C ILE A 22 0.47 1.41 -13.05
N VAL A 23 -0.72 1.06 -13.51
CA VAL A 23 -0.89 0.39 -14.80
C VAL A 23 -0.32 1.24 -15.94
N SER A 24 -0.55 2.53 -15.86
CA SER A 24 -0.03 3.45 -16.88
C SER A 24 1.50 3.51 -16.85
N SER A 25 2.08 3.78 -15.68
CA SER A 25 3.53 3.87 -15.54
C SER A 25 4.18 2.53 -15.88
N PHE A 26 3.51 1.43 -15.52
CA PHE A 26 3.98 0.10 -15.84
C PHE A 26 4.12 -0.07 -17.36
N ARG A 27 3.09 0.35 -18.08
CA ARG A 27 3.10 0.29 -19.54
C ARG A 27 4.24 1.11 -20.11
N HIS A 28 4.44 2.30 -19.54
CA HIS A 28 5.55 3.17 -19.97
C HIS A 28 6.89 2.53 -19.67
N ALA A 29 7.00 1.85 -18.53
CA ALA A 29 8.22 1.16 -18.16
C ALA A 29 8.60 0.12 -19.21
N LEU A 30 7.69 -0.82 -19.49
CA LEU A 30 7.91 -1.85 -20.50
C LEU A 30 8.16 -1.22 -21.87
N ASN A 31 7.52 -0.09 -22.11
CA ASN A 31 7.70 0.63 -23.37
C ASN A 31 9.11 1.22 -23.45
N HIS A 32 9.59 1.77 -22.34
CA HIS A 32 10.90 2.42 -22.29
C HIS A 32 12.04 1.43 -22.52
N ILE A 33 11.86 0.19 -22.10
CA ILE A 33 12.90 -0.81 -22.24
C ILE A 33 12.82 -1.52 -23.59
N GLY A 34 11.90 -1.07 -24.43
CA GLY A 34 11.74 -1.67 -25.74
C GLY A 34 11.22 -3.08 -25.64
N ALA A 35 10.12 -3.25 -24.92
CA ALA A 35 9.51 -4.55 -24.72
C ALA A 35 8.01 -4.46 -24.92
N PRO A 36 7.38 -5.57 -25.33
CA PRO A 36 5.94 -5.64 -25.48
C PRO A 36 5.25 -5.69 -24.12
N VAL A 37 3.95 -5.45 -24.11
CA VAL A 37 3.19 -5.45 -22.88
C VAL A 37 1.71 -5.73 -23.15
N PRO A 38 1.19 -6.82 -22.57
CA PRO A 38 -0.20 -7.24 -22.73
C PRO A 38 -1.21 -6.15 -22.37
N GLU A 39 -2.46 -6.40 -22.70
CA GLU A 39 -3.53 -5.43 -22.51
C GLU A 39 -4.74 -6.05 -21.81
N GLY A 40 -5.69 -5.19 -21.47
CA GLY A 40 -6.93 -5.64 -20.88
C GLY A 40 -6.88 -5.81 -19.38
N ASP A 41 -7.03 -7.05 -18.93
CA ASP A 41 -7.12 -7.37 -17.51
C ASP A 41 -5.74 -7.60 -16.89
N LEU A 42 -4.72 -6.96 -17.43
CA LEU A 42 -3.36 -7.12 -16.93
C LEU A 42 -3.26 -6.66 -15.48
N ALA A 43 -4.20 -5.83 -15.06
CA ALA A 43 -4.21 -5.30 -13.70
C ALA A 43 -4.25 -6.43 -12.67
N THR A 44 -5.19 -7.35 -12.83
CA THR A 44 -5.35 -8.45 -11.87
C THR A 44 -4.16 -9.42 -11.92
N HIS A 45 -3.49 -9.45 -13.06
CA HIS A 45 -2.37 -10.37 -13.25
C HIS A 45 -1.07 -9.83 -12.65
N ILE A 46 -0.99 -8.51 -12.49
CA ILE A 46 0.23 -7.89 -11.97
C ILE A 46 0.12 -7.48 -10.49
N VAL A 47 -1.09 -7.25 -10.01
CA VAL A 47 -1.26 -6.80 -8.64
C VAL A 47 -1.12 -7.96 -7.65
N GLY A 48 -0.44 -7.69 -6.53
CA GLY A 48 -0.25 -8.70 -5.51
C GLY A 48 1.18 -8.78 -5.04
N PRO A 49 2.05 -9.49 -5.78
CA PRO A 49 3.46 -9.67 -5.41
C PRO A 49 4.30 -8.39 -5.61
N PRO A 50 5.53 -8.36 -5.07
CA PRO A 50 6.43 -7.22 -5.20
C PRO A 50 6.80 -6.93 -6.65
N MET A 51 7.07 -5.65 -6.94
CA MET A 51 7.41 -5.18 -8.28
C MET A 51 8.52 -6.03 -8.90
N HIS A 52 9.54 -6.32 -8.10
CA HIS A 52 10.68 -7.13 -8.54
C HIS A 52 10.22 -8.44 -9.19
N GLU A 53 9.42 -9.22 -8.47
CA GLU A 53 9.04 -10.53 -8.94
C GLU A 53 7.94 -10.44 -10.00
N THR A 54 7.03 -9.48 -9.85
CA THR A 54 5.95 -9.30 -10.82
C THR A 54 6.50 -9.03 -12.22
N LEU A 55 7.43 -8.09 -12.29
CA LEU A 55 8.03 -7.71 -13.56
C LEU A 55 8.85 -8.88 -14.12
N ARG A 56 9.46 -9.64 -13.21
CA ARG A 56 10.22 -10.81 -13.59
C ARG A 56 9.28 -11.91 -14.09
N ALA A 57 8.07 -11.93 -13.55
CA ALA A 57 7.08 -12.95 -13.89
C ALA A 57 6.46 -12.65 -15.24
N MET A 58 6.64 -11.42 -15.71
CA MET A 58 6.13 -11.02 -17.01
C MET A 58 7.11 -11.44 -18.10
N GLY A 59 8.31 -11.85 -17.72
CA GLY A 59 9.27 -12.32 -18.69
C GLY A 59 10.66 -11.78 -18.45
N LEU A 60 10.95 -10.62 -19.05
CA LEU A 60 12.25 -10.00 -18.96
C LEU A 60 12.56 -9.58 -17.51
N GLY A 61 13.77 -9.90 -17.06
CA GLY A 61 14.17 -9.53 -15.72
C GLY A 61 15.53 -8.89 -15.67
N GLU A 62 16.25 -8.96 -16.78
CA GLU A 62 17.59 -8.38 -16.89
C GLU A 62 17.53 -6.87 -16.75
N SER A 63 16.60 -6.25 -17.46
CA SER A 63 16.45 -4.80 -17.43
C SER A 63 15.32 -4.42 -16.48
N ALA A 64 15.05 -5.29 -15.51
CA ALA A 64 13.98 -5.06 -14.54
C ALA A 64 14.22 -3.78 -13.75
N GLU A 65 15.48 -3.51 -13.40
CA GLU A 65 15.83 -2.32 -12.63
C GLU A 65 15.56 -1.06 -13.44
N GLU A 66 15.84 -1.12 -14.75
CA GLU A 66 15.58 -0.01 -15.65
C GLU A 66 14.08 0.23 -15.73
N ALA A 67 13.32 -0.84 -15.84
CA ALA A 67 11.87 -0.74 -15.90
C ALA A 67 11.31 -0.22 -14.57
N ILE A 68 11.89 -0.66 -13.45
CA ILE A 68 11.45 -0.22 -12.14
C ILE A 68 11.67 1.30 -11.96
N VAL A 69 12.84 1.79 -12.36
CA VAL A 69 13.12 3.21 -12.22
C VAL A 69 12.29 4.01 -13.23
N ALA A 70 12.00 3.40 -14.38
CA ALA A 70 11.15 4.03 -15.37
C ALA A 70 9.74 4.13 -14.82
N TYR A 71 9.29 3.06 -14.17
CA TYR A 71 8.01 3.03 -13.50
C TYR A 71 7.94 4.16 -12.47
N ARG A 72 9.00 4.29 -11.67
CA ARG A 72 9.07 5.33 -10.66
C ARG A 72 9.17 6.72 -11.29
N ALA A 73 9.97 6.85 -12.34
CA ALA A 73 10.15 8.13 -13.01
C ALA A 73 8.84 8.63 -13.60
N ASP A 74 8.14 7.77 -14.33
CA ASP A 74 6.86 8.14 -14.93
C ASP A 74 5.83 8.38 -13.84
N TYR A 75 5.95 7.59 -12.77
CA TYR A 75 5.09 7.72 -11.61
C TYR A 75 5.23 9.11 -10.99
N SER A 76 6.47 9.58 -10.90
CA SER A 76 6.74 10.88 -10.31
C SER A 76 6.47 12.03 -11.31
N ALA A 77 6.44 11.71 -12.60
CA ALA A 77 6.28 12.74 -13.63
C ALA A 77 4.83 12.85 -14.13
N ARG A 78 4.18 11.72 -14.32
CA ARG A 78 2.81 11.71 -14.79
C ARG A 78 1.85 11.18 -13.72
N GLY A 79 2.34 10.25 -12.92
CA GLY A 79 1.51 9.61 -11.91
C GLY A 79 1.34 10.41 -10.63
N TRP A 80 1.70 11.70 -10.65
CA TRP A 80 1.51 12.56 -9.48
C TRP A 80 0.17 13.26 -9.60
N ALA A 81 -0.43 13.13 -10.78
CA ALA A 81 -1.72 13.72 -11.08
C ALA A 81 -2.64 12.65 -11.65
N MET A 82 -2.67 11.52 -10.96
CA MET A 82 -3.47 10.38 -11.38
C MET A 82 -3.84 9.56 -10.15
N ASN A 83 -3.91 10.24 -9.01
CA ASN A 83 -4.19 9.59 -7.74
C ASN A 83 -5.36 10.31 -7.07
N SER A 84 -6.22 9.56 -6.42
CA SER A 84 -7.37 10.13 -5.74
C SER A 84 -8.00 9.11 -4.81
N LEU A 85 -8.30 9.54 -3.61
CA LEU A 85 -8.98 8.68 -2.65
C LEU A 85 -10.48 8.76 -2.89
N PHE A 86 -11.13 7.60 -2.96
CA PHE A 86 -12.56 7.56 -3.19
C PHE A 86 -13.33 7.70 -1.87
N ASP A 87 -14.66 7.65 -1.95
CA ASP A 87 -15.52 7.80 -0.79
C ASP A 87 -15.28 6.69 0.23
N GLY A 88 -15.80 6.87 1.44
CA GLY A 88 -15.62 5.88 2.49
C GLY A 88 -14.40 6.14 3.34
N ILE A 89 -13.24 6.25 2.70
CA ILE A 89 -11.98 6.51 3.39
C ILE A 89 -12.03 7.82 4.17
N GLY A 90 -12.60 8.84 3.54
CA GLY A 90 -12.75 10.14 4.17
C GLY A 90 -13.46 10.06 5.52
N PRO A 91 -14.73 9.63 5.55
CA PRO A 91 -15.48 9.47 6.79
C PRO A 91 -14.83 8.47 7.74
N LEU A 92 -14.13 7.47 7.17
CA LEU A 92 -13.44 6.47 7.98
C LEU A 92 -12.46 7.17 8.93
N LEU A 93 -11.63 8.03 8.36
CA LEU A 93 -10.65 8.77 9.12
C LEU A 93 -11.33 9.69 10.13
N ALA A 94 -12.53 10.16 9.79
CA ALA A 94 -13.30 11.01 10.68
C ALA A 94 -13.79 10.22 11.89
N ASP A 95 -14.32 9.03 11.63
CA ASP A 95 -14.79 8.16 12.71
C ASP A 95 -13.62 7.80 13.61
N LEU A 96 -12.47 7.51 13.00
CA LEU A 96 -11.25 7.18 13.75
C LEU A 96 -10.82 8.34 14.63
N ARG A 97 -10.91 9.55 14.09
CA ARG A 97 -10.56 10.76 14.83
C ARG A 97 -11.49 10.96 16.02
N THR A 98 -12.75 10.57 15.84
CA THR A 98 -13.75 10.66 16.89
C THR A 98 -13.38 9.76 18.09
N ALA A 99 -12.88 8.57 17.80
CA ALA A 99 -12.51 7.61 18.84
C ALA A 99 -11.21 8.04 19.53
N GLY A 100 -10.40 8.81 18.82
CA GLY A 100 -9.15 9.27 19.38
C GLY A 100 -8.02 8.29 19.16
N VAL A 101 -8.14 7.47 18.13
CA VAL A 101 -7.09 6.52 17.80
C VAL A 101 -6.00 7.21 16.98
N ARG A 102 -4.75 6.86 17.25
CA ARG A 102 -3.63 7.46 16.53
C ARG A 102 -3.45 6.73 15.19
N LEU A 103 -3.60 7.45 14.10
CA LEU A 103 -3.43 6.84 12.78
C LEU A 103 -2.04 7.13 12.25
N ALA A 104 -1.53 6.24 11.42
CA ALA A 104 -0.23 6.41 10.78
C ALA A 104 -0.22 5.67 9.46
N VAL A 105 0.78 5.93 8.65
CA VAL A 105 0.86 5.28 7.35
C VAL A 105 2.26 4.76 7.09
N ALA A 106 2.32 3.62 6.42
CA ALA A 106 3.58 3.01 6.06
C ALA A 106 3.45 2.48 4.65
N THR A 107 4.12 3.13 3.72
CA THR A 107 4.00 2.77 2.33
C THR A 107 5.15 1.90 1.87
N SER A 108 4.81 0.85 1.16
CA SER A 108 5.78 -0.08 0.62
C SER A 108 6.35 0.40 -0.71
N LYS A 109 6.15 1.69 -1.01
CA LYS A 109 6.61 2.24 -2.29
C LYS A 109 7.75 3.25 -2.11
N ALA A 110 7.45 4.42 -1.55
CA ALA A 110 8.46 5.46 -1.34
C ALA A 110 7.93 6.60 -0.47
N GLU A 111 8.83 7.26 0.26
CA GLU A 111 8.46 8.35 1.15
C GLU A 111 8.07 9.62 0.38
N PRO A 112 8.97 10.20 -0.44
CA PRO A 112 8.68 11.45 -1.17
C PRO A 112 7.46 11.31 -2.08
N THR A 113 7.28 10.13 -2.65
CA THR A 113 6.16 9.87 -3.54
C THR A 113 4.84 9.89 -2.75
N ALA A 114 4.84 9.17 -1.63
CA ALA A 114 3.65 9.10 -0.78
C ALA A 114 3.35 10.47 -0.19
N ARG A 115 4.40 11.21 0.14
CA ARG A 115 4.27 12.54 0.70
C ARG A 115 3.46 13.44 -0.24
N ARG A 116 3.77 13.35 -1.53
CA ARG A 116 3.07 14.12 -2.55
C ARG A 116 1.59 13.77 -2.58
N ILE A 117 1.27 12.49 -2.59
CA ILE A 117 -0.12 12.03 -2.65
C ILE A 117 -0.88 12.38 -1.39
N LEU A 118 -0.28 12.06 -0.24
CA LEU A 118 -0.90 12.29 1.05
C LEU A 118 -1.14 13.78 1.28
N ARG A 119 -0.20 14.60 0.82
CA ARG A 119 -0.32 16.05 0.96
C ARG A 119 -1.30 16.61 -0.07
N HIS A 120 -1.43 15.93 -1.23
CA HIS A 120 -2.39 16.33 -2.26
C HIS A 120 -3.77 16.50 -1.67
N PHE A 121 -4.21 15.47 -0.95
CA PHE A 121 -5.53 15.47 -0.35
C PHE A 121 -5.57 16.30 0.93
N GLY A 122 -4.41 16.51 1.54
CA GLY A 122 -4.32 17.32 2.75
C GLY A 122 -4.58 16.51 4.00
N ILE A 123 -4.43 15.19 3.90
CA ILE A 123 -4.66 14.32 5.04
C ILE A 123 -3.34 13.88 5.65
N GLU A 124 -2.28 14.56 5.24
CA GLU A 124 -0.92 14.29 5.71
C GLU A 124 -0.81 14.35 7.23
N GLN A 125 -1.14 15.50 7.79
CA GLN A 125 -0.99 15.71 9.23
C GLN A 125 -2.09 15.02 10.04
N HIS A 126 -2.92 14.25 9.36
CA HIS A 126 -3.94 13.46 10.04
C HIS A 126 -3.30 12.17 10.54
N PHE A 127 -2.12 11.88 10.00
CA PHE A 127 -1.38 10.69 10.40
C PHE A 127 -0.17 11.09 11.23
N GLU A 128 0.08 10.32 12.28
CA GLU A 128 1.21 10.57 13.19
C GLU A 128 2.55 10.45 12.47
N VAL A 129 2.86 9.24 12.05
CA VAL A 129 4.13 8.99 11.38
C VAL A 129 3.92 8.48 9.97
N ILE A 130 4.53 9.18 9.03
CA ILE A 130 4.47 8.77 7.63
C ILE A 130 5.71 7.94 7.31
N ALA A 131 5.56 6.62 7.35
CA ALA A 131 6.68 5.73 7.09
C ALA A 131 6.81 5.42 5.61
N GLY A 132 7.62 6.21 4.94
CA GLY A 132 7.86 5.99 3.53
C GLY A 132 9.13 5.20 3.29
N ALA A 133 9.08 4.29 2.34
CA ALA A 133 10.24 3.48 1.99
C ALA A 133 11.38 4.37 1.48
N SER A 134 12.61 3.98 1.79
CA SER A 134 13.79 4.74 1.38
C SER A 134 14.99 3.79 1.31
N THR A 135 16.18 4.35 1.27
CA THR A 135 17.40 3.54 1.20
C THR A 135 17.74 2.97 2.57
N ASP A 136 17.04 3.43 3.60
CA ASP A 136 17.26 2.95 4.95
C ASP A 136 16.68 1.54 5.10
N GLY A 137 17.17 0.79 6.07
CA GLY A 137 16.73 -0.58 6.24
C GLY A 137 17.31 -1.49 5.18
N SER A 138 18.44 -1.08 4.61
CA SER A 138 19.10 -1.85 3.58
C SER A 138 19.75 -3.09 4.20
N ARG A 139 19.53 -4.24 3.56
CA ARG A 139 20.03 -5.53 4.04
C ARG A 139 19.30 -5.97 5.31
N GLY A 140 18.18 -5.32 5.60
CA GLY A 140 17.39 -5.67 6.76
C GLY A 140 16.44 -6.81 6.44
N SER A 141 16.57 -7.92 7.15
CA SER A 141 15.73 -9.08 6.93
C SER A 141 14.40 -8.94 7.66
N LYS A 142 14.22 -7.85 8.39
CA LYS A 142 13.00 -7.61 9.12
C LYS A 142 12.18 -6.52 8.44
N VAL A 143 11.08 -6.14 9.07
CA VAL A 143 10.25 -5.07 8.57
C VAL A 143 10.63 -3.79 9.28
N ASP A 144 11.86 -3.36 9.02
CA ASP A 144 12.44 -2.19 9.67
C ASP A 144 11.59 -0.95 9.46
N VAL A 145 10.98 -0.82 8.28
CA VAL A 145 10.12 0.32 7.97
C VAL A 145 9.00 0.47 9.00
N LEU A 146 8.27 -0.61 9.24
CA LEU A 146 7.17 -0.61 10.20
C LEU A 146 7.70 -0.33 11.61
N ALA A 147 8.82 -0.98 11.92
CA ALA A 147 9.47 -0.80 13.22
C ALA A 147 9.91 0.65 13.44
N HIS A 148 10.50 1.24 12.40
CA HIS A 148 10.99 2.62 12.47
C HIS A 148 9.84 3.58 12.68
N ALA A 149 8.70 3.28 12.07
CA ALA A 149 7.50 4.09 12.24
C ALA A 149 7.07 4.09 13.70
N LEU A 150 7.14 2.92 14.32
CA LEU A 150 6.77 2.76 15.72
C LEU A 150 7.78 3.44 16.63
N ALA A 151 9.05 3.38 16.25
CA ALA A 151 10.11 4.01 17.02
C ALA A 151 10.00 5.53 16.93
N GLN A 152 9.47 6.02 15.82
CA GLN A 152 9.34 7.45 15.61
C GLN A 152 8.09 7.99 16.31
N LEU A 153 7.05 7.17 16.41
CA LEU A 153 5.81 7.60 17.05
C LEU A 153 5.83 7.47 18.57
N ARG A 154 7.03 7.30 19.14
CA ARG A 154 7.19 7.16 20.59
C ARG A 154 6.40 8.22 21.35
N PRO A 155 5.84 7.86 22.51
CA PRO A 155 5.99 6.52 23.10
C PRO A 155 5.16 5.45 22.39
N LEU A 156 5.40 4.20 22.77
CA LEU A 156 4.74 3.06 22.14
C LEU A 156 3.35 2.82 22.73
N PRO A 157 2.38 2.51 21.86
CA PRO A 157 1.02 2.19 22.25
C PRO A 157 0.84 0.70 22.53
N GLU A 158 -0.16 0.34 23.33
CA GLU A 158 -0.39 -1.06 23.68
C GLU A 158 -0.97 -1.86 22.51
N ARG A 159 -1.82 -1.22 21.71
CA ARG A 159 -2.50 -1.91 20.63
C ARG A 159 -2.06 -1.39 19.26
N LEU A 160 -1.76 -2.32 18.37
CA LEU A 160 -1.29 -1.99 17.02
C LEU A 160 -2.00 -2.85 15.98
N VAL A 161 -2.24 -2.29 14.80
CA VAL A 161 -2.85 -3.03 13.70
C VAL A 161 -2.41 -2.46 12.35
N MET A 162 -2.08 -3.37 11.42
CA MET A 162 -1.65 -2.99 10.09
C MET A 162 -2.78 -3.19 9.08
N VAL A 163 -3.12 -2.13 8.36
CA VAL A 163 -4.17 -2.19 7.36
C VAL A 163 -3.60 -2.03 5.95
N GLY A 164 -3.76 -3.06 5.15
CA GLY A 164 -3.24 -3.05 3.80
C GLY A 164 -3.83 -4.16 2.97
N ASP A 165 -3.15 -4.54 1.91
CA ASP A 165 -3.63 -5.61 1.03
C ASP A 165 -2.49 -6.29 0.28
N ARG A 166 -1.26 -5.83 0.50
CA ARG A 166 -0.11 -6.42 -0.18
C ARG A 166 0.33 -7.69 0.53
N SER A 167 0.94 -8.58 -0.23
CA SER A 167 1.42 -9.86 0.28
C SER A 167 2.39 -9.65 1.46
N HIS A 168 3.17 -8.58 1.40
CA HIS A 168 4.14 -8.30 2.45
C HIS A 168 3.57 -7.37 3.50
N ASP A 169 2.29 -7.02 3.39
CA ASP A 169 1.65 -6.22 4.43
C ASP A 169 1.26 -7.18 5.54
N VAL A 170 0.58 -8.25 5.13
CA VAL A 170 0.19 -9.29 6.06
C VAL A 170 1.44 -10.00 6.56
N ASP A 171 2.41 -10.17 5.66
CA ASP A 171 3.71 -10.78 5.98
C ASP A 171 4.50 -9.92 6.96
N GLY A 172 4.60 -8.63 6.66
CA GLY A 172 5.37 -7.71 7.48
C GLY A 172 4.83 -7.56 8.88
N ALA A 173 3.53 -7.34 9.00
CA ALA A 173 2.91 -7.16 10.31
C ALA A 173 3.04 -8.43 11.14
N ALA A 174 2.86 -9.58 10.50
CA ALA A 174 2.97 -10.86 11.19
C ALA A 174 4.41 -11.11 11.64
N ALA A 175 5.35 -10.71 10.79
CA ALA A 175 6.78 -10.88 11.08
C ALA A 175 7.20 -10.08 12.31
N HIS A 176 6.52 -8.97 12.59
CA HIS A 176 6.83 -8.15 13.75
C HIS A 176 5.85 -8.40 14.88
N GLY A 177 5.04 -9.44 14.72
CA GLY A 177 4.05 -9.79 15.74
C GLY A 177 3.00 -8.71 15.91
N ILE A 178 2.34 -8.36 14.82
CA ILE A 178 1.31 -7.34 14.81
C ILE A 178 0.09 -7.83 14.06
N ASP A 179 -1.10 -7.50 14.56
CA ASP A 179 -2.34 -7.91 13.91
C ASP A 179 -2.55 -7.10 12.63
N THR A 180 -3.16 -7.70 11.63
CA THR A 180 -3.34 -7.03 10.35
C THR A 180 -4.73 -7.33 9.76
N VAL A 181 -5.24 -6.36 9.02
CA VAL A 181 -6.53 -6.48 8.35
C VAL A 181 -6.37 -6.13 6.87
N VAL A 182 -6.79 -7.03 6.01
CA VAL A 182 -6.67 -6.82 4.58
C VAL A 182 -7.91 -6.12 4.04
N VAL A 183 -7.73 -5.25 3.05
CA VAL A 183 -8.85 -4.54 2.43
C VAL A 183 -9.23 -5.19 1.12
N GLY A 184 -10.48 -5.03 0.73
CA GLY A 184 -10.95 -5.55 -0.55
C GLY A 184 -10.86 -4.49 -1.63
N TRP A 185 -11.74 -3.50 -1.53
CA TRP A 185 -11.76 -2.36 -2.45
C TRP A 185 -12.00 -2.77 -3.90
N GLY A 186 -12.53 -3.97 -4.10
CA GLY A 186 -12.77 -4.44 -5.45
C GLY A 186 -13.62 -5.69 -5.47
N TYR A 187 -13.44 -6.49 -6.51
CA TYR A 187 -14.19 -7.72 -6.68
C TYR A 187 -13.69 -8.82 -5.75
N GLY A 188 -14.55 -9.78 -5.48
CA GLY A 188 -14.16 -10.92 -4.66
C GLY A 188 -13.54 -12.02 -5.50
N ARG A 189 -12.67 -12.81 -4.89
CA ARG A 189 -11.97 -13.88 -5.60
C ARG A 189 -11.11 -14.70 -4.66
N ALA A 190 -10.28 -14.00 -3.88
CA ALA A 190 -9.34 -14.64 -2.97
C ALA A 190 -10.03 -15.06 -1.66
N ASP A 191 -11.35 -15.16 -1.72
CA ASP A 191 -12.15 -15.53 -0.57
C ASP A 191 -12.11 -17.04 -0.37
N PHE A 192 -10.91 -17.56 -0.12
CA PHE A 192 -10.68 -18.97 0.16
C PHE A 192 -11.13 -19.85 -1.01
N ILE A 193 -10.21 -20.12 -1.93
CA ILE A 193 -10.52 -20.94 -3.10
C ILE A 193 -9.28 -21.65 -3.62
N ASP A 194 -9.41 -22.96 -3.87
CA ASP A 194 -8.30 -23.73 -4.41
C ASP A 194 -8.23 -23.55 -5.92
N LYS A 195 -7.46 -22.55 -6.33
CA LYS A 195 -7.29 -22.20 -7.74
C LYS A 195 -6.02 -21.37 -7.92
N THR A 196 -5.72 -20.57 -6.90
CA THR A 196 -4.52 -19.75 -6.90
C THR A 196 -4.00 -19.64 -5.47
N SER A 197 -2.68 -19.65 -5.31
CA SER A 197 -2.08 -19.53 -3.99
C SER A 197 -2.37 -18.17 -3.37
N THR A 198 -3.41 -18.12 -2.54
CA THR A 198 -3.84 -16.89 -1.91
C THR A 198 -3.45 -16.83 -0.44
N THR A 199 -2.63 -15.84 -0.09
CA THR A 199 -2.24 -15.63 1.28
C THR A 199 -3.04 -14.48 1.88
N VAL A 200 -4.25 -14.81 2.33
CA VAL A 200 -5.16 -13.83 2.89
C VAL A 200 -6.26 -14.52 3.71
N VAL A 201 -6.67 -13.90 4.81
CA VAL A 201 -7.71 -14.46 5.66
C VAL A 201 -8.81 -13.42 5.88
N THR A 202 -8.57 -12.51 6.82
CA THR A 202 -9.53 -11.48 7.15
C THR A 202 -9.39 -10.27 6.23
N HIS A 203 -10.37 -10.08 5.35
CA HIS A 203 -10.35 -8.95 4.44
C HIS A 203 -11.72 -8.29 4.37
N ALA A 204 -11.76 -6.98 4.65
CA ALA A 204 -13.01 -6.23 4.64
C ALA A 204 -13.39 -5.84 3.23
N ALA A 205 -14.62 -6.14 2.85
CA ALA A 205 -15.12 -5.80 1.52
C ALA A 205 -15.40 -4.31 1.40
N THR A 206 -16.27 -3.80 2.27
CA THR A 206 -16.65 -2.39 2.25
C THR A 206 -15.91 -1.62 3.35
N ILE A 207 -16.09 -0.31 3.35
CA ILE A 207 -15.42 0.56 4.29
C ILE A 207 -16.02 0.42 5.70
N ASP A 208 -17.31 0.08 5.76
CA ASP A 208 -18.00 -0.07 7.04
C ASP A 208 -17.42 -1.24 7.84
N GLU A 209 -16.91 -2.24 7.13
CA GLU A 209 -16.31 -3.41 7.78
C GLU A 209 -14.95 -3.05 8.35
N LEU A 210 -14.26 -2.15 7.65
CA LEU A 210 -12.98 -1.64 8.13
C LEU A 210 -13.24 -0.88 9.42
N ARG A 211 -14.30 -0.07 9.40
CA ARG A 211 -14.73 0.71 10.56
C ARG A 211 -15.00 -0.18 11.77
N GLU A 212 -15.81 -1.22 11.59
CA GLU A 212 -16.14 -2.11 12.71
C GLU A 212 -14.89 -2.85 13.18
N ALA A 213 -13.99 -3.17 12.27
CA ALA A 213 -12.76 -3.89 12.60
C ALA A 213 -11.84 -3.01 13.44
N LEU A 214 -11.75 -1.74 13.10
CA LEU A 214 -10.89 -0.81 13.82
C LEU A 214 -11.53 -0.41 15.16
N GLY A 215 -12.81 -0.69 15.31
CA GLY A 215 -13.47 -0.44 16.57
C GLY A 215 -13.91 1.00 16.76
N VAL A 216 -14.35 1.64 15.68
CA VAL A 216 -14.86 3.00 15.76
C VAL A 216 -16.38 2.99 15.79
N GLY A 1 -17.59 0.66 18.32
CA GLY A 1 -16.83 0.01 19.42
C GLY A 1 -15.74 0.89 19.96
N GLU A 2 -14.54 0.33 20.08
CA GLU A 2 -13.38 1.07 20.57
C GLU A 2 -12.14 0.65 19.78
N SER A 3 -11.48 1.64 19.21
CA SER A 3 -10.31 1.42 18.37
C SER A 3 -9.06 1.16 19.21
N PRO A 4 -7.97 0.67 18.58
CA PRO A 4 -6.70 0.43 19.28
C PRO A 4 -6.00 1.74 19.62
N GLN A 5 -4.69 1.68 19.85
CA GLN A 5 -3.94 2.87 20.18
C GLN A 5 -3.42 3.52 18.90
N LEU A 6 -2.97 2.71 17.96
CA LEU A 6 -2.50 3.23 16.68
C LEU A 6 -2.74 2.23 15.55
N VAL A 7 -3.17 2.76 14.41
CA VAL A 7 -3.46 1.96 13.24
C VAL A 7 -2.55 2.36 12.07
N ILE A 8 -1.90 1.37 11.49
CA ILE A 8 -1.00 1.61 10.36
C ILE A 8 -1.74 1.40 9.03
N PHE A 9 -1.49 2.27 8.07
CA PHE A 9 -2.08 2.13 6.74
C PHE A 9 -1.01 2.28 5.65
N ASP A 10 -1.06 1.40 4.65
CA ASP A 10 -0.18 1.54 3.49
C ASP A 10 -0.96 2.27 2.40
N LEU A 11 -0.33 3.24 1.76
CA LEU A 11 -1.01 4.04 0.75
C LEU A 11 -0.95 3.36 -0.62
N ASP A 12 -1.83 2.39 -0.83
CA ASP A 12 -1.93 1.68 -2.11
C ASP A 12 -3.10 0.71 -2.11
N GLY A 13 -4.07 0.94 -3.00
CA GLY A 13 -5.19 0.03 -3.14
C GLY A 13 -6.23 0.14 -2.04
N THR A 14 -5.78 0.26 -0.81
CA THR A 14 -6.67 0.29 0.34
C THR A 14 -7.34 1.66 0.51
N LEU A 15 -6.60 2.74 0.24
CA LEU A 15 -7.17 4.07 0.42
C LEU A 15 -7.32 4.81 -0.91
N THR A 16 -6.55 4.41 -1.91
CA THR A 16 -6.55 5.11 -3.19
C THR A 16 -6.42 4.13 -4.36
N ASP A 17 -6.90 4.53 -5.54
CA ASP A 17 -6.79 3.70 -6.74
C ASP A 17 -5.45 3.94 -7.43
N SER A 18 -4.45 3.20 -6.97
CA SER A 18 -3.11 3.31 -7.52
C SER A 18 -2.88 2.34 -8.68
N ALA A 19 -3.89 1.54 -8.99
CA ALA A 19 -3.77 0.48 -9.99
C ALA A 19 -3.54 1.05 -11.40
N ARG A 20 -4.48 1.88 -11.84
CA ARG A 20 -4.43 2.46 -13.19
C ARG A 20 -3.12 3.20 -13.44
N GLY A 21 -2.59 3.85 -12.41
CA GLY A 21 -1.34 4.58 -12.54
C GLY A 21 -0.16 3.67 -12.80
N ILE A 22 -0.15 2.52 -12.13
CA ILE A 22 0.95 1.56 -12.30
C ILE A 22 0.88 0.94 -13.70
N VAL A 23 -0.34 0.63 -14.14
CA VAL A 23 -0.54 0.07 -15.47
C VAL A 23 -0.06 1.04 -16.56
N SER A 24 -0.37 2.32 -16.37
CA SER A 24 0.03 3.34 -17.33
C SER A 24 1.55 3.39 -17.47
N SER A 25 2.25 3.52 -16.35
CA SER A 25 3.70 3.60 -16.33
C SER A 25 4.33 2.28 -16.81
N PHE A 26 3.70 1.16 -16.47
CA PHE A 26 4.18 -0.15 -16.89
C PHE A 26 4.22 -0.25 -18.42
N ARG A 27 3.15 0.21 -19.06
CA ARG A 27 3.07 0.21 -20.52
C ARG A 27 4.18 1.06 -21.12
N HIS A 28 4.45 2.19 -20.46
CA HIS A 28 5.47 3.12 -20.90
C HIS A 28 6.85 2.48 -20.83
N ALA A 29 7.14 1.85 -19.71
CA ALA A 29 8.44 1.20 -19.47
C ALA A 29 8.75 0.16 -20.53
N LEU A 30 7.84 -0.80 -20.70
CA LEU A 30 8.03 -1.88 -21.66
C LEU A 30 8.18 -1.36 -23.08
N ASN A 31 7.47 -0.29 -23.41
CA ASN A 31 7.55 0.26 -24.76
C ASN A 31 8.91 0.92 -24.98
N HIS A 32 9.50 1.45 -23.92
CA HIS A 32 10.80 2.11 -23.99
C HIS A 32 11.90 1.12 -24.33
N ILE A 33 11.77 -0.10 -23.84
CA ILE A 33 12.79 -1.12 -24.06
C ILE A 33 12.47 -1.97 -25.30
N GLY A 34 11.37 -1.63 -25.97
CA GLY A 34 10.99 -2.33 -27.18
C GLY A 34 10.46 -3.73 -26.93
N ALA A 35 10.01 -3.97 -25.70
CA ALA A 35 9.47 -5.27 -25.34
C ALA A 35 7.97 -5.30 -25.55
N PRO A 36 7.38 -6.50 -25.66
CA PRO A 36 5.93 -6.65 -25.78
C PRO A 36 5.24 -6.18 -24.51
N VAL A 37 4.00 -5.75 -24.63
CA VAL A 37 3.29 -5.24 -23.47
C VAL A 37 1.77 -5.35 -23.68
N PRO A 38 1.11 -6.18 -22.85
CA PRO A 38 -0.34 -6.36 -22.90
C PRO A 38 -1.07 -5.11 -22.42
N GLU A 39 -2.01 -4.65 -23.22
CA GLU A 39 -2.77 -3.43 -22.92
C GLU A 39 -4.07 -3.76 -22.20
N GLY A 40 -4.13 -4.93 -21.58
CA GLY A 40 -5.35 -5.34 -20.91
C GLY A 40 -5.13 -5.46 -19.42
N ASP A 41 -5.73 -6.48 -18.82
CA ASP A 41 -5.57 -6.68 -17.38
C ASP A 41 -4.19 -7.24 -17.08
N LEU A 42 -3.33 -6.39 -16.56
CA LEU A 42 -2.01 -6.79 -16.16
C LEU A 42 -1.85 -6.49 -14.67
N ALA A 43 -2.91 -5.90 -14.11
CA ALA A 43 -2.91 -5.51 -12.70
C ALA A 43 -2.91 -6.75 -11.82
N THR A 44 -3.75 -7.71 -12.17
CA THR A 44 -3.85 -8.96 -11.42
C THR A 44 -2.55 -9.76 -11.52
N HIS A 45 -1.75 -9.46 -12.54
CA HIS A 45 -0.49 -10.16 -12.77
C HIS A 45 0.66 -9.55 -11.97
N ILE A 46 0.61 -8.25 -11.72
CA ILE A 46 1.72 -7.57 -11.05
C ILE A 46 1.46 -7.29 -9.58
N VAL A 47 0.21 -7.38 -9.15
CA VAL A 47 -0.12 -7.13 -7.75
C VAL A 47 0.16 -8.38 -6.91
N GLY A 48 1.27 -8.35 -6.18
CA GLY A 48 1.64 -9.46 -5.32
C GLY A 48 3.13 -9.53 -5.11
N PRO A 49 3.88 -10.06 -6.10
CA PRO A 49 5.34 -10.16 -6.03
C PRO A 49 6.02 -8.81 -6.25
N PRO A 50 7.25 -8.65 -5.72
CA PRO A 50 8.04 -7.42 -5.88
C PRO A 50 8.25 -7.06 -7.35
N MET A 51 8.05 -5.78 -7.68
CA MET A 51 8.16 -5.27 -9.05
C MET A 51 9.50 -5.63 -9.71
N HIS A 52 10.55 -5.75 -8.91
CA HIS A 52 11.87 -6.07 -9.45
C HIS A 52 11.88 -7.50 -10.01
N GLU A 53 11.25 -8.42 -9.29
CA GLU A 53 11.16 -9.80 -9.72
C GLU A 53 10.10 -9.95 -10.81
N THR A 54 9.01 -9.20 -10.65
CA THR A 54 7.93 -9.22 -11.62
C THR A 54 8.43 -8.76 -12.99
N LEU A 55 9.29 -7.74 -12.99
CA LEU A 55 9.85 -7.20 -14.21
C LEU A 55 10.77 -8.23 -14.88
N ARG A 56 11.54 -8.95 -14.06
CA ARG A 56 12.46 -9.97 -14.56
C ARG A 56 11.68 -11.19 -15.08
N ALA A 57 10.44 -11.32 -14.65
CA ALA A 57 9.60 -12.44 -15.04
C ALA A 57 8.78 -12.09 -16.28
N MET A 58 8.62 -10.80 -16.53
CA MET A 58 7.81 -10.34 -17.66
C MET A 58 8.65 -10.21 -18.93
N GLY A 59 8.99 -11.35 -19.52
CA GLY A 59 9.72 -11.34 -20.77
C GLY A 59 11.22 -11.29 -20.63
N LEU A 60 11.74 -10.21 -20.06
CA LEU A 60 13.19 -10.02 -19.99
C LEU A 60 13.67 -9.75 -18.57
N GLY A 61 14.98 -9.73 -18.40
CA GLY A 61 15.59 -9.40 -17.13
C GLY A 61 16.90 -8.67 -17.31
N GLU A 62 17.38 -8.65 -18.55
CA GLU A 62 18.65 -8.00 -18.90
C GLU A 62 18.53 -6.49 -18.83
N SER A 63 17.57 -5.94 -19.58
CA SER A 63 17.37 -4.49 -19.64
C SER A 63 16.42 -4.03 -18.53
N ALA A 64 16.35 -4.82 -17.46
CA ALA A 64 15.50 -4.48 -16.33
C ALA A 64 15.92 -3.16 -15.70
N GLU A 65 17.21 -2.85 -15.77
CA GLU A 65 17.74 -1.61 -15.22
C GLU A 65 17.13 -0.43 -15.96
N GLU A 66 17.14 -0.53 -17.29
CA GLU A 66 16.60 0.49 -18.16
C GLU A 66 15.08 0.59 -18.02
N ALA A 67 14.42 -0.54 -17.86
CA ALA A 67 12.98 -0.56 -17.67
C ALA A 67 12.59 0.10 -16.35
N ILE A 68 13.42 -0.10 -15.33
CA ILE A 68 13.20 0.50 -14.02
C ILE A 68 13.22 2.03 -14.09
N VAL A 69 14.27 2.59 -14.70
CA VAL A 69 14.39 4.04 -14.79
C VAL A 69 13.27 4.65 -15.63
N ALA A 70 12.80 3.90 -16.63
CA ALA A 70 11.69 4.34 -17.47
C ALA A 70 10.40 4.41 -16.66
N TYR A 71 10.13 3.34 -15.93
CA TYR A 71 8.97 3.26 -15.04
C TYR A 71 9.04 4.37 -14.00
N ARG A 72 10.23 4.58 -13.46
CA ARG A 72 10.47 5.59 -12.45
C ARG A 72 10.17 7.00 -12.98
N ALA A 73 10.66 7.27 -14.18
CA ALA A 73 10.48 8.57 -14.81
C ALA A 73 9.01 8.92 -15.01
N ASP A 74 8.24 7.98 -15.54
CA ASP A 74 6.82 8.21 -15.81
C ASP A 74 6.04 8.30 -14.50
N TYR A 75 6.54 7.65 -13.47
CA TYR A 75 5.91 7.70 -12.16
C TYR A 75 6.18 9.05 -11.50
N SER A 76 7.41 9.54 -11.65
CA SER A 76 7.78 10.82 -11.08
C SER A 76 7.05 11.97 -11.77
N ALA A 77 6.73 11.76 -13.04
CA ALA A 77 6.11 12.79 -13.85
C ALA A 77 4.58 12.67 -13.88
N ARG A 78 4.07 11.45 -13.93
CA ARG A 78 2.63 11.23 -14.08
C ARG A 78 2.02 10.48 -12.90
N GLY A 79 2.85 9.76 -12.16
CA GLY A 79 2.36 8.91 -11.08
C GLY A 79 1.92 9.65 -9.82
N TRP A 80 1.80 10.97 -9.91
CA TRP A 80 1.34 11.76 -8.78
C TRP A 80 0.00 12.41 -9.12
N ALA A 81 -0.35 12.37 -10.41
CA ALA A 81 -1.56 12.99 -10.89
C ALA A 81 -2.47 11.97 -11.56
N MET A 82 -2.68 10.84 -10.88
CA MET A 82 -3.52 9.77 -11.40
C MET A 82 -4.21 9.02 -10.28
N ASN A 83 -4.15 9.58 -9.08
CA ASN A 83 -4.65 8.89 -7.91
C ASN A 83 -5.67 9.75 -7.18
N SER A 84 -6.57 9.09 -6.46
CA SER A 84 -7.61 9.75 -5.70
C SER A 84 -8.25 8.76 -4.73
N LEU A 85 -8.59 9.23 -3.54
CA LEU A 85 -9.20 8.39 -2.53
C LEU A 85 -10.72 8.34 -2.72
N PHE A 86 -11.32 7.24 -2.29
CA PHE A 86 -12.77 7.08 -2.39
C PHE A 86 -13.50 7.84 -1.28
N ASP A 87 -14.78 8.10 -1.53
CA ASP A 87 -15.64 8.89 -0.63
C ASP A 87 -15.78 8.25 0.76
N GLY A 88 -15.39 6.99 0.89
CA GLY A 88 -15.52 6.31 2.18
C GLY A 88 -14.32 6.56 3.09
N ILE A 89 -13.16 6.77 2.49
CA ILE A 89 -11.93 6.96 3.27
C ILE A 89 -11.96 8.26 4.08
N GLY A 90 -12.56 9.29 3.50
CA GLY A 90 -12.67 10.58 4.19
C GLY A 90 -13.29 10.47 5.57
N PRO A 91 -14.58 10.07 5.65
CA PRO A 91 -15.28 9.90 6.93
C PRO A 91 -14.60 8.86 7.82
N LEU A 92 -13.93 7.89 7.20
CA LEU A 92 -13.23 6.85 7.94
C LEU A 92 -12.17 7.46 8.87
N LEU A 93 -11.24 8.20 8.29
CA LEU A 93 -10.15 8.80 9.05
C LEU A 93 -10.66 9.79 10.10
N ALA A 94 -11.69 10.54 9.74
CA ALA A 94 -12.27 11.50 10.66
C ALA A 94 -12.92 10.82 11.86
N ASP A 95 -13.72 9.80 11.58
CA ASP A 95 -14.44 9.07 12.64
C ASP A 95 -13.45 8.35 13.55
N LEU A 96 -12.39 7.81 12.96
CA LEU A 96 -11.35 7.11 13.71
C LEU A 96 -10.72 8.02 14.75
N ARG A 97 -10.37 9.24 14.35
CA ARG A 97 -9.78 10.19 15.29
C ARG A 97 -10.78 10.59 16.35
N THR A 98 -12.05 10.56 15.98
CA THR A 98 -13.14 10.85 16.92
C THR A 98 -13.14 9.84 18.06
N ALA A 99 -12.85 8.58 17.71
CA ALA A 99 -12.79 7.50 18.69
C ALA A 99 -11.52 7.59 19.53
N GLY A 100 -10.56 8.39 19.06
CA GLY A 100 -9.35 8.62 19.83
C GLY A 100 -8.15 7.80 19.37
N VAL A 101 -8.31 7.05 18.30
CA VAL A 101 -7.21 6.23 17.80
C VAL A 101 -6.23 7.05 16.97
N ARG A 102 -4.96 6.76 17.13
CA ARG A 102 -3.92 7.45 16.37
C ARG A 102 -3.75 6.74 15.02
N LEU A 103 -3.84 7.48 13.93
CA LEU A 103 -3.64 6.90 12.62
C LEU A 103 -2.20 7.15 12.17
N ALA A 104 -1.60 6.22 11.45
CA ALA A 104 -0.22 6.39 10.99
C ALA A 104 0.00 5.72 9.65
N VAL A 105 0.93 6.26 8.89
CA VAL A 105 1.23 5.76 7.56
C VAL A 105 2.52 4.97 7.56
N ALA A 106 2.52 3.86 6.83
CA ALA A 106 3.71 3.06 6.62
C ALA A 106 3.60 2.44 5.24
N THR A 107 4.00 3.19 4.23
CA THR A 107 3.83 2.76 2.86
C THR A 107 5.16 2.39 2.21
N SER A 108 5.08 1.71 1.10
CA SER A 108 6.26 1.27 0.36
C SER A 108 6.80 2.37 -0.55
N LYS A 109 6.39 3.61 -0.30
CA LYS A 109 6.86 4.76 -1.09
C LYS A 109 7.72 5.67 -0.22
N ALA A 110 8.42 6.59 -0.86
CA ALA A 110 9.26 7.54 -0.15
C ALA A 110 8.47 8.80 0.18
N GLU A 111 8.90 9.53 1.20
CA GLU A 111 8.22 10.74 1.65
C GLU A 111 8.06 11.79 0.55
N PRO A 112 9.07 12.07 -0.30
CA PRO A 112 8.93 13.03 -1.40
C PRO A 112 7.62 12.86 -2.17
N THR A 113 7.37 11.64 -2.64
CA THR A 113 6.15 11.33 -3.38
C THR A 113 4.94 11.34 -2.44
N ALA A 114 5.14 10.83 -1.24
CA ALA A 114 4.05 10.79 -0.25
C ALA A 114 3.58 12.20 0.09
N ARG A 115 4.53 13.10 0.29
CA ARG A 115 4.23 14.49 0.62
C ARG A 115 3.34 15.10 -0.46
N ARG A 116 3.68 14.79 -1.71
CA ARG A 116 2.91 15.30 -2.85
C ARG A 116 1.47 14.82 -2.81
N ILE A 117 1.28 13.52 -2.63
CA ILE A 117 -0.05 12.93 -2.64
C ILE A 117 -0.83 13.18 -1.35
N LEU A 118 -0.22 12.84 -0.22
CA LEU A 118 -0.87 12.97 1.09
C LEU A 118 -1.26 14.41 1.39
N ARG A 119 -0.41 15.36 1.02
CA ARG A 119 -0.69 16.75 1.29
C ARG A 119 -1.67 17.32 0.26
N HIS A 120 -1.61 16.82 -0.97
CA HIS A 120 -2.55 17.26 -2.01
C HIS A 120 -3.98 16.87 -1.64
N PHE A 121 -4.13 15.71 -1.01
CA PHE A 121 -5.44 15.24 -0.58
C PHE A 121 -5.85 15.90 0.73
N GLY A 122 -4.86 16.34 1.49
CA GLY A 122 -5.12 17.01 2.76
C GLY A 122 -5.32 16.03 3.89
N ILE A 123 -4.98 14.78 3.63
CA ILE A 123 -5.15 13.73 4.62
C ILE A 123 -3.86 13.46 5.37
N GLU A 124 -2.80 14.13 4.96
CA GLU A 124 -1.48 13.97 5.57
C GLU A 124 -1.49 14.36 7.04
N GLN A 125 -2.19 15.45 7.34
CA GLN A 125 -2.25 15.98 8.69
C GLN A 125 -3.21 15.16 9.56
N HIS A 126 -3.93 14.24 8.92
CA HIS A 126 -4.85 13.36 9.64
C HIS A 126 -4.09 12.19 10.26
N PHE A 127 -2.83 12.04 9.86
CA PHE A 127 -2.01 10.95 10.36
C PHE A 127 -0.96 11.45 11.35
N GLU A 128 -0.67 10.63 12.36
CA GLU A 128 0.30 10.96 13.38
C GLU A 128 1.72 10.89 12.81
N VAL A 129 2.11 9.69 12.38
CA VAL A 129 3.46 9.45 11.87
C VAL A 129 3.41 8.92 10.44
N ILE A 130 4.13 9.58 9.55
CA ILE A 130 4.21 9.13 8.15
C ILE A 130 5.52 8.41 7.90
N ALA A 131 5.48 7.10 7.81
CA ALA A 131 6.69 6.31 7.57
C ALA A 131 6.85 5.97 6.09
N GLY A 132 8.06 6.19 5.57
CA GLY A 132 8.34 5.88 4.20
C GLY A 132 9.22 4.66 4.06
N ALA A 133 9.30 4.12 2.84
CA ALA A 133 10.12 2.95 2.57
C ALA A 133 11.60 3.24 2.83
N SER A 134 12.03 4.43 2.43
CA SER A 134 13.41 4.84 2.61
C SER A 134 13.65 5.26 4.07
N THR A 135 13.96 4.30 4.91
CA THR A 135 14.17 4.55 6.33
C THR A 135 15.65 4.73 6.66
N ASP A 136 15.95 4.81 7.96
CA ASP A 136 17.31 4.98 8.44
C ASP A 136 18.22 3.85 7.95
N GLY A 137 19.52 4.08 8.02
CA GLY A 137 20.48 3.08 7.64
C GLY A 137 20.63 2.01 8.71
N SER A 138 19.59 1.19 8.86
CA SER A 138 19.58 0.13 9.85
C SER A 138 18.87 -1.09 9.28
N ARG A 139 18.78 -2.14 10.08
CA ARG A 139 18.11 -3.37 9.69
C ARG A 139 17.62 -4.08 10.94
N GLY A 140 16.51 -4.79 10.83
CA GLY A 140 15.98 -5.48 11.99
C GLY A 140 15.02 -6.59 11.64
N SER A 141 13.91 -6.25 11.01
CA SER A 141 12.90 -7.24 10.69
C SER A 141 12.46 -7.15 9.24
N LYS A 142 11.51 -8.02 8.88
CA LYS A 142 10.99 -8.07 7.51
C LYS A 142 10.28 -6.77 7.14
N VAL A 143 9.80 -6.06 8.15
CA VAL A 143 9.17 -4.75 7.95
C VAL A 143 9.87 -3.71 8.81
N ASP A 144 11.10 -3.38 8.43
CA ASP A 144 11.90 -2.43 9.18
C ASP A 144 11.20 -1.09 9.25
N VAL A 145 10.53 -0.72 8.15
CA VAL A 145 9.73 0.51 8.10
C VAL A 145 8.71 0.56 9.26
N LEU A 146 7.99 -0.54 9.45
CA LEU A 146 6.99 -0.63 10.51
C LEU A 146 7.66 -0.46 11.88
N ALA A 147 8.83 -1.06 12.02
CA ALA A 147 9.60 -0.98 13.26
C ALA A 147 10.00 0.46 13.56
N HIS A 148 10.51 1.17 12.55
CA HIS A 148 10.94 2.56 12.73
C HIS A 148 9.74 3.45 13.06
N ALA A 149 8.59 3.15 12.46
CA ALA A 149 7.37 3.90 12.72
C ALA A 149 7.00 3.83 14.20
N LEU A 150 7.08 2.63 14.73
CA LEU A 150 6.76 2.38 16.14
C LEU A 150 7.82 3.00 17.05
N ALA A 151 9.03 3.10 16.54
CA ALA A 151 10.12 3.70 17.30
C ALA A 151 9.91 5.20 17.46
N GLN A 152 9.32 5.83 16.46
CA GLN A 152 9.10 7.28 16.51
C GLN A 152 7.90 7.63 17.39
N LEU A 153 6.94 6.73 17.46
CA LEU A 153 5.75 6.95 18.27
C LEU A 153 5.96 6.48 19.73
N ARG A 154 7.23 6.39 20.14
CA ARG A 154 7.59 5.97 21.49
C ARG A 154 6.77 6.69 22.57
N PRO A 155 6.53 6.02 23.71
CA PRO A 155 7.03 4.67 23.99
C PRO A 155 6.28 3.58 23.22
N LEU A 156 6.88 2.39 23.16
CA LEU A 156 6.30 1.26 22.45
C LEU A 156 5.04 0.73 23.14
N PRO A 157 3.90 0.79 22.44
CA PRO A 157 2.64 0.29 22.95
C PRO A 157 2.39 -1.16 22.55
N GLU A 158 1.23 -1.69 22.92
CA GLU A 158 0.88 -3.08 22.62
C GLU A 158 -0.33 -3.14 21.69
N ARG A 159 -1.14 -2.08 21.69
CA ARG A 159 -2.37 -2.06 20.94
C ARG A 159 -2.13 -1.45 19.55
N LEU A 160 -1.81 -2.32 18.60
CA LEU A 160 -1.46 -1.89 17.24
C LEU A 160 -2.13 -2.78 16.21
N VAL A 161 -2.46 -2.21 15.06
CA VAL A 161 -3.04 -2.96 13.96
C VAL A 161 -2.62 -2.36 12.62
N MET A 162 -2.21 -3.22 11.69
CA MET A 162 -1.75 -2.77 10.39
C MET A 162 -2.80 -3.07 9.33
N VAL A 163 -3.20 -2.06 8.59
CA VAL A 163 -4.20 -2.22 7.55
C VAL A 163 -3.57 -2.01 6.16
N GLY A 164 -3.71 -3.02 5.32
CA GLY A 164 -3.14 -2.96 3.99
C GLY A 164 -3.72 -4.02 3.08
N ASP A 165 -3.04 -4.28 1.97
CA ASP A 165 -3.47 -5.29 1.00
C ASP A 165 -2.31 -5.72 0.12
N ARG A 166 -1.41 -6.51 0.69
CA ARG A 166 -0.26 -7.07 -0.03
C ARG A 166 0.50 -8.02 0.87
N SER A 167 1.21 -8.97 0.27
CA SER A 167 1.98 -9.95 1.01
C SER A 167 3.01 -9.27 1.91
N HIS A 168 3.59 -8.18 1.43
CA HIS A 168 4.61 -7.44 2.16
C HIS A 168 4.14 -6.98 3.54
N ASP A 169 3.00 -6.31 3.58
CA ASP A 169 2.49 -5.75 4.82
C ASP A 169 1.83 -6.78 5.72
N VAL A 170 0.94 -7.61 5.15
CA VAL A 170 0.22 -8.59 5.95
C VAL A 170 1.17 -9.60 6.62
N ASP A 171 2.18 -10.03 5.87
CA ASP A 171 3.13 -11.01 6.37
C ASP A 171 4.15 -10.34 7.30
N GLY A 172 4.43 -9.06 7.02
CA GLY A 172 5.37 -8.32 7.84
C GLY A 172 4.79 -7.94 9.19
N ALA A 173 3.54 -7.48 9.20
CA ALA A 173 2.86 -7.12 10.43
C ALA A 173 2.75 -8.34 11.34
N ALA A 174 2.47 -9.49 10.74
CA ALA A 174 2.37 -10.74 11.49
C ALA A 174 3.74 -11.13 12.05
N ALA A 175 4.79 -10.79 11.30
CA ALA A 175 6.16 -11.09 11.70
C ALA A 175 6.58 -10.29 12.93
N HIS A 176 5.91 -9.15 13.13
CA HIS A 176 6.20 -8.29 14.26
C HIS A 176 5.18 -8.52 15.37
N GLY A 177 4.37 -9.55 15.21
CA GLY A 177 3.36 -9.89 16.20
C GLY A 177 2.26 -8.85 16.28
N ILE A 178 1.78 -8.45 15.13
CA ILE A 178 0.73 -7.44 15.03
C ILE A 178 -0.41 -7.95 14.16
N ASP A 179 -1.64 -7.73 14.62
CA ASP A 179 -2.80 -8.13 13.87
C ASP A 179 -2.98 -7.20 12.68
N THR A 180 -3.43 -7.74 11.57
CA THR A 180 -3.53 -6.96 10.35
C THR A 180 -4.89 -7.16 9.68
N VAL A 181 -5.35 -6.13 8.98
CA VAL A 181 -6.63 -6.18 8.28
C VAL A 181 -6.40 -5.92 6.79
N VAL A 182 -6.79 -6.90 5.98
CA VAL A 182 -6.61 -6.80 4.54
C VAL A 182 -7.83 -6.14 3.89
N VAL A 183 -7.63 -4.95 3.35
CA VAL A 183 -8.70 -4.17 2.73
C VAL A 183 -8.48 -4.06 1.23
N GLY A 184 -9.33 -4.73 0.47
CA GLY A 184 -9.18 -4.74 -0.97
C GLY A 184 -10.44 -4.30 -1.70
N TRP A 185 -11.52 -4.10 -0.94
CA TRP A 185 -12.81 -3.66 -1.48
C TRP A 185 -13.43 -4.71 -2.40
N GLY A 186 -12.80 -5.88 -2.50
CA GLY A 186 -13.29 -6.92 -3.36
C GLY A 186 -13.13 -8.31 -2.78
N TYR A 187 -12.81 -9.27 -3.64
CA TYR A 187 -12.66 -10.66 -3.20
C TYR A 187 -11.74 -11.43 -4.17
N GLY A 188 -11.83 -11.11 -5.45
CA GLY A 188 -11.01 -11.81 -6.44
C GLY A 188 -11.25 -11.32 -7.85
N ARG A 189 -10.33 -11.62 -8.75
CA ARG A 189 -10.43 -11.20 -10.14
C ARG A 189 -11.01 -12.33 -10.98
N ALA A 190 -10.80 -13.55 -10.53
CA ALA A 190 -11.30 -14.73 -11.23
C ALA A 190 -11.41 -15.89 -10.26
N ASP A 191 -10.29 -16.27 -9.67
CA ASP A 191 -10.29 -17.31 -8.67
C ASP A 191 -10.64 -16.74 -7.30
N PHE A 192 -9.62 -16.27 -6.59
CA PHE A 192 -9.79 -15.68 -5.27
C PHE A 192 -8.44 -15.21 -4.76
N ILE A 193 -8.43 -14.60 -3.58
CA ILE A 193 -7.18 -14.14 -2.97
C ILE A 193 -6.86 -15.00 -1.75
N ASP A 194 -5.65 -15.56 -1.72
CA ASP A 194 -5.26 -16.42 -0.60
C ASP A 194 -3.76 -16.26 -0.30
N LYS A 195 -3.31 -17.02 0.69
CA LYS A 195 -1.91 -17.01 1.09
C LYS A 195 -1.60 -18.24 1.94
N THR A 196 -2.51 -18.55 2.85
CA THR A 196 -2.37 -19.70 3.73
C THR A 196 -3.67 -20.49 3.76
N SER A 197 -3.81 -21.38 4.73
CA SER A 197 -5.02 -22.16 4.91
C SER A 197 -6.09 -21.29 5.60
N THR A 198 -7.09 -21.94 6.18
CA THR A 198 -8.17 -21.23 6.86
C THR A 198 -7.65 -20.55 8.13
N THR A 199 -7.23 -19.31 7.97
CA THR A 199 -6.77 -18.49 9.07
C THR A 199 -7.78 -17.36 9.29
N VAL A 200 -7.80 -16.76 10.47
CA VAL A 200 -8.72 -15.65 10.74
C VAL A 200 -8.36 -14.46 9.85
N VAL A 201 -8.92 -14.44 8.66
CA VAL A 201 -8.65 -13.38 7.69
C VAL A 201 -9.59 -12.19 7.92
N THR A 202 -9.11 -11.22 8.65
CA THR A 202 -9.86 -10.00 8.87
C THR A 202 -9.82 -9.16 7.61
N HIS A 203 -10.87 -9.27 6.80
CA HIS A 203 -10.92 -8.59 5.51
C HIS A 203 -11.85 -7.40 5.56
N ALA A 204 -11.72 -6.53 4.57
CA ALA A 204 -12.61 -5.40 4.43
C ALA A 204 -12.97 -5.21 2.96
N ALA A 205 -14.14 -5.70 2.61
CA ALA A 205 -14.69 -5.56 1.27
C ALA A 205 -15.37 -4.22 1.12
N THR A 206 -15.90 -3.73 2.23
CA THR A 206 -16.57 -2.44 2.25
C THR A 206 -16.02 -1.63 3.42
N ILE A 207 -16.33 -0.33 3.46
CA ILE A 207 -15.81 0.54 4.51
C ILE A 207 -16.43 0.19 5.85
N ASP A 208 -17.62 -0.43 5.79
CA ASP A 208 -18.33 -0.87 6.99
C ASP A 208 -17.50 -1.84 7.80
N GLU A 209 -16.93 -2.84 7.14
CA GLU A 209 -16.18 -3.88 7.83
C GLU A 209 -14.92 -3.31 8.47
N LEU A 210 -14.27 -2.39 7.78
CA LEU A 210 -13.04 -1.80 8.28
C LEU A 210 -13.29 -1.00 9.54
N ARG A 211 -14.24 -0.07 9.49
CA ARG A 211 -14.54 0.78 10.64
C ARG A 211 -14.93 -0.03 11.86
N GLU A 212 -15.79 -1.03 11.68
CA GLU A 212 -16.22 -1.86 12.79
C GLU A 212 -15.08 -2.76 13.30
N ALA A 213 -14.23 -3.22 12.39
CA ALA A 213 -13.11 -4.07 12.76
C ALA A 213 -12.06 -3.26 13.53
N LEU A 214 -11.86 -2.02 13.11
CA LEU A 214 -10.92 -1.15 13.80
C LEU A 214 -11.47 -0.75 15.15
N GLY A 215 -12.77 -0.51 15.20
CA GLY A 215 -13.42 -0.20 16.44
C GLY A 215 -13.95 1.21 16.51
N VAL A 216 -14.50 1.71 15.43
CA VAL A 216 -15.08 3.04 15.43
C VAL A 216 -16.59 2.95 15.27
N GLY A 1 -16.32 1.48 19.41
CA GLY A 1 -16.10 1.13 20.84
C GLY A 1 -14.66 0.80 21.12
N GLU A 2 -14.37 -0.48 21.30
CA GLU A 2 -13.01 -0.92 21.58
C GLU A 2 -12.20 -1.04 20.29
N SER A 3 -11.39 -0.03 20.05
CA SER A 3 -10.51 0.01 18.90
C SER A 3 -9.08 -0.25 19.36
N PRO A 4 -8.14 -0.50 18.44
CA PRO A 4 -6.73 -0.68 18.81
C PRO A 4 -6.12 0.64 19.28
N GLN A 5 -4.86 0.60 19.66
CA GLN A 5 -4.20 1.81 20.14
C GLN A 5 -3.57 2.56 18.97
N LEU A 6 -3.13 1.81 17.97
CA LEU A 6 -2.50 2.42 16.79
C LEU A 6 -2.88 1.67 15.54
N VAL A 7 -3.22 2.41 14.50
CA VAL A 7 -3.59 1.83 13.22
C VAL A 7 -2.68 2.35 12.11
N ILE A 8 -1.98 1.45 11.46
CA ILE A 8 -1.08 1.80 10.36
C ILE A 8 -1.83 1.72 9.03
N PHE A 9 -1.76 2.78 8.25
CA PHE A 9 -2.42 2.81 6.95
C PHE A 9 -1.43 2.99 5.80
N ASP A 10 -1.62 2.22 4.75
CA ASP A 10 -0.83 2.37 3.53
C ASP A 10 -1.62 3.25 2.57
N LEU A 11 -0.96 4.22 1.96
CA LEU A 11 -1.64 5.14 1.07
C LEU A 11 -1.76 4.56 -0.34
N ASP A 12 -0.77 3.79 -0.72
CA ASP A 12 -0.67 3.24 -2.07
C ASP A 12 -1.50 1.97 -2.22
N GLY A 13 -2.65 2.08 -2.87
CA GLY A 13 -3.49 0.93 -3.12
C GLY A 13 -4.55 0.73 -2.05
N THR A 14 -4.22 1.08 -0.83
CA THR A 14 -5.13 0.88 0.30
C THR A 14 -6.04 2.09 0.50
N LEU A 15 -5.44 3.27 0.60
CA LEU A 15 -6.21 4.48 0.86
C LEU A 15 -6.50 5.23 -0.44
N THR A 16 -5.61 5.11 -1.40
CA THR A 16 -5.74 5.81 -2.67
C THR A 16 -6.07 4.84 -3.81
N ASP A 17 -6.81 5.32 -4.80
CA ASP A 17 -7.14 4.52 -5.98
C ASP A 17 -5.92 4.38 -6.85
N SER A 18 -5.18 3.30 -6.64
CA SER A 18 -3.96 3.04 -7.38
C SER A 18 -4.24 2.45 -8.75
N ALA A 19 -5.51 2.45 -9.16
CA ALA A 19 -5.87 1.88 -10.44
C ALA A 19 -5.36 2.79 -11.55
N ARG A 20 -5.77 4.04 -11.51
CA ARG A 20 -5.33 5.04 -12.48
C ARG A 20 -3.81 5.16 -12.49
N GLY A 21 -3.23 5.26 -11.29
CA GLY A 21 -1.79 5.42 -11.15
C GLY A 21 -0.99 4.25 -11.71
N ILE A 22 -1.34 3.03 -11.31
CA ILE A 22 -0.60 1.86 -11.74
C ILE A 22 -0.79 1.60 -13.23
N VAL A 23 -2.01 1.72 -13.73
CA VAL A 23 -2.29 1.49 -15.14
C VAL A 23 -1.48 2.44 -16.02
N SER A 24 -1.35 3.69 -15.58
CA SER A 24 -0.60 4.69 -16.33
C SER A 24 0.86 4.26 -16.49
N SER A 25 1.52 3.97 -15.38
CA SER A 25 2.91 3.55 -15.41
C SER A 25 3.07 2.17 -16.05
N PHE A 26 2.06 1.32 -15.84
CA PHE A 26 2.06 -0.03 -16.42
C PHE A 26 2.12 0.03 -17.94
N ARG A 27 1.28 0.88 -18.53
CA ARG A 27 1.26 1.06 -19.98
C ARG A 27 2.59 1.62 -20.46
N HIS A 28 3.11 2.60 -19.73
CA HIS A 28 4.39 3.21 -20.09
C HIS A 28 5.53 2.20 -20.02
N ALA A 29 5.54 1.40 -18.96
CA ALA A 29 6.58 0.39 -18.75
C ALA A 29 6.62 -0.64 -19.88
N LEU A 30 5.52 -1.34 -20.07
CA LEU A 30 5.45 -2.39 -21.10
C LEU A 30 5.69 -1.83 -22.50
N ASN A 31 5.21 -0.63 -22.75
CA ASN A 31 5.39 -0.02 -24.06
C ASN A 31 6.84 0.41 -24.26
N HIS A 32 7.52 0.71 -23.16
CA HIS A 32 8.91 1.15 -23.21
C HIS A 32 9.86 0.01 -23.59
N ILE A 33 9.44 -1.22 -23.29
CA ILE A 33 10.28 -2.39 -23.57
C ILE A 33 9.95 -2.97 -24.94
N GLY A 34 8.99 -2.36 -25.63
CA GLY A 34 8.61 -2.82 -26.94
C GLY A 34 7.72 -4.03 -26.90
N ALA A 35 6.76 -4.02 -25.99
CA ALA A 35 5.82 -5.12 -25.83
C ALA A 35 4.40 -4.60 -25.88
N PRO A 36 3.50 -5.34 -26.54
CA PRO A 36 2.09 -4.96 -26.67
C PRO A 36 1.37 -4.92 -25.33
N VAL A 37 0.71 -3.82 -25.06
CA VAL A 37 -0.08 -3.69 -23.85
C VAL A 37 -1.43 -4.37 -24.04
N PRO A 38 -1.70 -5.41 -23.23
CA PRO A 38 -2.95 -6.16 -23.30
C PRO A 38 -4.18 -5.29 -23.09
N GLU A 39 -5.22 -5.57 -23.86
CA GLU A 39 -6.47 -4.82 -23.77
C GLU A 39 -7.42 -5.49 -22.77
N GLY A 40 -8.31 -4.71 -22.18
CA GLY A 40 -9.30 -5.28 -21.29
C GLY A 40 -9.21 -4.77 -19.88
N ASP A 41 -9.80 -5.53 -18.96
CA ASP A 41 -9.89 -5.19 -17.54
C ASP A 41 -8.59 -5.50 -16.80
N LEU A 42 -7.49 -4.97 -17.29
CA LEU A 42 -6.19 -5.20 -16.67
C LEU A 42 -6.08 -4.52 -15.30
N ALA A 43 -6.92 -3.53 -15.07
CA ALA A 43 -6.90 -2.77 -13.83
C ALA A 43 -7.04 -3.68 -12.61
N THR A 44 -8.06 -4.53 -12.63
CA THR A 44 -8.34 -5.41 -11.51
C THR A 44 -7.28 -6.51 -11.38
N HIS A 45 -6.68 -6.89 -12.51
CA HIS A 45 -5.68 -7.95 -12.52
C HIS A 45 -4.33 -7.47 -11.99
N ILE A 46 -4.05 -6.18 -12.12
CA ILE A 46 -2.77 -5.65 -11.66
C ILE A 46 -2.85 -5.07 -10.25
N VAL A 47 -4.06 -4.96 -9.71
CA VAL A 47 -4.23 -4.49 -8.34
C VAL A 47 -4.40 -5.69 -7.40
N GLY A 48 -3.55 -5.76 -6.39
CA GLY A 48 -3.56 -6.89 -5.49
C GLY A 48 -2.23 -7.61 -5.50
N PRO A 49 -1.92 -8.33 -6.59
CA PRO A 49 -0.63 -9.02 -6.74
C PRO A 49 0.51 -8.04 -6.86
N PRO A 50 1.64 -8.32 -6.19
CA PRO A 50 2.83 -7.47 -6.26
C PRO A 50 3.33 -7.36 -7.70
N MET A 51 3.80 -6.16 -8.05
CA MET A 51 4.25 -5.88 -9.42
C MET A 51 5.32 -6.86 -9.90
N HIS A 52 6.03 -7.50 -8.96
CA HIS A 52 7.04 -8.49 -9.33
C HIS A 52 6.36 -9.70 -9.97
N GLU A 53 5.33 -10.20 -9.28
CA GLU A 53 4.60 -11.37 -9.74
C GLU A 53 3.68 -11.00 -10.89
N THR A 54 3.09 -9.81 -10.83
CA THR A 54 2.24 -9.32 -11.91
C THR A 54 3.02 -9.27 -13.22
N LEU A 55 4.25 -8.75 -13.17
CA LEU A 55 5.10 -8.67 -14.35
C LEU A 55 5.53 -10.07 -14.79
N ARG A 56 5.57 -10.99 -13.85
CA ARG A 56 5.89 -12.38 -14.16
C ARG A 56 4.72 -13.05 -14.87
N ALA A 57 3.51 -12.64 -14.51
CA ALA A 57 2.29 -13.23 -15.05
C ALA A 57 1.89 -12.65 -16.40
N MET A 58 2.13 -11.36 -16.60
CA MET A 58 1.67 -10.69 -17.82
C MET A 58 2.79 -9.92 -18.50
N GLY A 59 4.02 -10.19 -18.11
CA GLY A 59 5.15 -9.51 -18.71
C GLY A 59 5.85 -10.37 -19.73
N LEU A 60 7.15 -10.57 -19.55
CA LEU A 60 7.94 -11.34 -20.50
C LEU A 60 9.13 -11.98 -19.80
N GLY A 61 10.16 -12.34 -20.55
CA GLY A 61 11.30 -13.04 -20.01
C GLY A 61 12.43 -12.15 -19.53
N GLU A 62 13.40 -11.92 -20.41
CA GLU A 62 14.64 -11.23 -20.04
C GLU A 62 14.45 -9.74 -19.76
N SER A 63 13.43 -9.14 -20.34
CA SER A 63 13.25 -7.70 -20.20
C SER A 63 12.43 -7.34 -18.96
N ALA A 64 12.28 -8.30 -18.04
CA ALA A 64 11.56 -8.05 -16.79
C ALA A 64 12.27 -6.97 -15.97
N GLU A 65 13.60 -7.01 -16.00
CA GLU A 65 14.41 -6.07 -15.24
C GLU A 65 14.21 -4.65 -15.80
N GLU A 66 14.20 -4.55 -17.13
CA GLU A 66 13.97 -3.28 -17.81
C GLU A 66 12.57 -2.76 -17.52
N ALA A 67 11.59 -3.64 -17.55
CA ALA A 67 10.22 -3.26 -17.28
C ALA A 67 10.07 -2.74 -15.85
N ILE A 68 10.71 -3.41 -14.89
CA ILE A 68 10.67 -2.99 -13.50
C ILE A 68 11.25 -1.58 -13.31
N VAL A 69 12.44 -1.32 -13.86
CA VAL A 69 13.09 -0.02 -13.69
C VAL A 69 12.31 1.09 -14.41
N ALA A 70 11.78 0.78 -15.60
CA ALA A 70 11.01 1.75 -16.37
C ALA A 70 9.71 2.10 -15.64
N TYR A 71 9.05 1.06 -15.13
CA TYR A 71 7.82 1.23 -14.37
C TYR A 71 8.06 2.14 -13.17
N ARG A 72 9.15 1.87 -12.46
CA ARG A 72 9.52 2.64 -11.28
C ARG A 72 9.74 4.11 -11.62
N ALA A 73 10.46 4.36 -12.70
CA ALA A 73 10.79 5.71 -13.12
C ALA A 73 9.54 6.53 -13.43
N ASP A 74 8.65 5.99 -14.25
CA ASP A 74 7.43 6.70 -14.65
C ASP A 74 6.49 6.86 -13.47
N TYR A 75 6.41 5.83 -12.65
CA TYR A 75 5.55 5.86 -11.47
C TYR A 75 5.97 6.98 -10.52
N SER A 76 7.26 7.08 -10.26
CA SER A 76 7.81 8.09 -9.37
C SER A 76 7.80 9.48 -10.03
N ALA A 77 7.67 9.51 -11.35
CA ALA A 77 7.73 10.77 -12.09
C ALA A 77 6.34 11.33 -12.40
N ARG A 78 5.50 10.52 -13.02
CA ARG A 78 4.18 10.98 -13.43
C ARG A 78 3.06 10.13 -12.82
N GLY A 79 3.36 8.85 -12.59
CA GLY A 79 2.36 7.92 -12.10
C GLY A 79 1.71 8.34 -10.79
N TRP A 80 2.53 8.86 -9.87
CA TRP A 80 2.04 9.25 -8.54
C TRP A 80 0.95 10.33 -8.61
N ALA A 81 1.00 11.17 -9.62
CA ALA A 81 0.06 12.27 -9.74
C ALA A 81 -1.25 11.85 -10.40
N MET A 82 -1.27 10.65 -10.96
CA MET A 82 -2.45 10.16 -11.66
C MET A 82 -3.38 9.38 -10.73
N ASN A 83 -3.22 9.60 -9.43
CA ASN A 83 -4.02 8.89 -8.44
C ASN A 83 -5.11 9.78 -7.85
N SER A 84 -6.13 9.16 -7.25
CA SER A 84 -7.25 9.89 -6.67
C SER A 84 -7.97 9.02 -5.64
N LEU A 85 -9.09 9.51 -5.12
CA LEU A 85 -9.88 8.77 -4.15
C LEU A 85 -11.35 9.16 -4.28
N PHE A 86 -12.25 8.19 -4.10
CA PHE A 86 -13.69 8.47 -4.23
C PHE A 86 -14.51 7.64 -3.24
N ASP A 87 -13.84 6.85 -2.43
CA ASP A 87 -14.54 5.98 -1.48
C ASP A 87 -14.70 6.65 -0.12
N GLY A 88 -15.22 5.91 0.85
CA GLY A 88 -15.52 6.48 2.16
C GLY A 88 -14.32 6.51 3.09
N ILE A 89 -13.13 6.64 2.54
CA ILE A 89 -11.92 6.72 3.34
C ILE A 89 -11.94 7.98 4.21
N GLY A 90 -12.35 9.08 3.59
CA GLY A 90 -12.43 10.37 4.27
C GLY A 90 -13.21 10.29 5.57
N PRO A 91 -14.51 9.95 5.52
CA PRO A 91 -15.34 9.82 6.72
C PRO A 91 -14.81 8.78 7.69
N LEU A 92 -14.19 7.72 7.15
CA LEU A 92 -13.63 6.67 7.99
C LEU A 92 -12.56 7.25 8.91
N LEU A 93 -11.66 8.04 8.32
CA LEU A 93 -10.60 8.69 9.08
C LEU A 93 -11.21 9.60 10.13
N ALA A 94 -12.34 10.19 9.80
CA ALA A 94 -13.05 11.05 10.74
C ALA A 94 -13.59 10.24 11.91
N ASP A 95 -14.19 9.07 11.62
CA ASP A 95 -14.70 8.19 12.65
C ASP A 95 -13.59 7.74 13.57
N LEU A 96 -12.49 7.31 12.97
CA LEU A 96 -11.33 6.84 13.71
C LEU A 96 -10.77 7.94 14.61
N ARG A 97 -10.56 9.12 14.05
CA ARG A 97 -10.00 10.24 14.80
C ARG A 97 -10.94 10.68 15.91
N THR A 98 -12.24 10.61 15.63
CA THR A 98 -13.26 10.96 16.62
C THR A 98 -13.20 10.00 17.81
N ALA A 99 -12.92 8.73 17.52
CA ALA A 99 -12.85 7.71 18.56
C ALA A 99 -11.59 7.89 19.40
N GLY A 100 -10.61 8.63 18.87
CA GLY A 100 -9.39 8.89 19.61
C GLY A 100 -8.30 7.89 19.34
N VAL A 101 -8.43 7.11 18.27
CA VAL A 101 -7.41 6.14 17.93
C VAL A 101 -6.23 6.83 17.25
N ARG A 102 -5.02 6.34 17.49
CA ARG A 102 -3.84 6.92 16.90
C ARG A 102 -3.60 6.35 15.49
N LEU A 103 -3.63 7.21 14.49
CA LEU A 103 -3.40 6.78 13.12
C LEU A 103 -1.99 7.14 12.68
N ALA A 104 -1.38 6.28 11.88
CA ALA A 104 -0.05 6.53 11.38
C ALA A 104 0.12 5.94 9.99
N VAL A 105 0.97 6.56 9.19
CA VAL A 105 1.20 6.11 7.82
C VAL A 105 2.51 5.36 7.72
N ALA A 106 2.49 4.25 7.02
CA ALA A 106 3.68 3.47 6.75
C ALA A 106 3.53 2.79 5.42
N THR A 107 3.93 3.49 4.38
CA THR A 107 3.76 3.00 3.02
C THR A 107 5.09 2.88 2.30
N SER A 108 5.15 1.97 1.34
CA SER A 108 6.34 1.80 0.54
C SER A 108 6.37 2.89 -0.54
N LYS A 109 6.82 4.07 -0.13
CA LYS A 109 6.87 5.20 -1.02
C LYS A 109 7.93 6.19 -0.53
N ALA A 110 8.59 6.88 -1.45
CA ALA A 110 9.63 7.83 -1.11
C ALA A 110 9.04 9.05 -0.42
N GLU A 111 9.85 9.72 0.39
CA GLU A 111 9.42 10.91 1.15
C GLU A 111 8.80 11.98 0.25
N PRO A 112 9.48 12.42 -0.84
CA PRO A 112 8.96 13.45 -1.73
C PRO A 112 7.57 13.10 -2.27
N THR A 113 7.41 11.86 -2.74
CA THR A 113 6.14 11.41 -3.27
C THR A 113 5.08 11.29 -2.17
N ALA A 114 5.48 10.81 -1.00
CA ALA A 114 4.56 10.61 0.10
C ALA A 114 3.88 11.92 0.52
N ARG A 115 4.68 12.94 0.80
CA ARG A 115 4.15 14.21 1.28
C ARG A 115 3.31 14.91 0.22
N ARG A 116 3.78 14.90 -1.02
CA ARG A 116 3.06 15.56 -2.10
C ARG A 116 1.71 14.89 -2.34
N ILE A 117 1.65 13.57 -2.15
CA ILE A 117 0.40 12.82 -2.28
C ILE A 117 -0.51 13.12 -1.09
N LEU A 118 0.07 13.09 0.10
CA LEU A 118 -0.65 13.37 1.34
C LEU A 118 -1.29 14.75 1.30
N ARG A 119 -0.51 15.72 0.87
CA ARG A 119 -0.97 17.10 0.80
C ARG A 119 -1.91 17.30 -0.38
N HIS A 120 -1.71 16.53 -1.44
CA HIS A 120 -2.57 16.59 -2.62
C HIS A 120 -4.04 16.33 -2.23
N PHE A 121 -4.26 15.27 -1.47
CA PHE A 121 -5.61 14.94 -1.01
C PHE A 121 -5.99 15.82 0.16
N GLY A 122 -4.99 16.27 0.90
CA GLY A 122 -5.22 17.17 2.02
C GLY A 122 -5.59 16.43 3.28
N ILE A 123 -5.08 15.23 3.43
CA ILE A 123 -5.39 14.40 4.59
C ILE A 123 -4.17 14.24 5.49
N GLU A 124 -3.12 14.99 5.17
CA GLU A 124 -1.84 14.89 5.89
C GLU A 124 -1.95 15.45 7.31
N GLN A 125 -2.70 16.54 7.44
CA GLN A 125 -2.79 17.29 8.69
C GLN A 125 -3.28 16.45 9.88
N HIS A 126 -4.06 15.41 9.61
CA HIS A 126 -4.61 14.60 10.69
C HIS A 126 -3.87 13.27 10.87
N PHE A 127 -2.72 13.12 10.22
CA PHE A 127 -1.90 11.94 10.42
C PHE A 127 -0.80 12.22 11.43
N GLU A 128 -0.65 11.30 12.38
CA GLU A 128 0.30 11.49 13.47
C GLU A 128 1.74 11.42 12.95
N VAL A 129 2.12 10.27 12.43
CA VAL A 129 3.47 10.06 11.92
C VAL A 129 3.42 9.36 10.57
N ILE A 130 4.13 9.91 9.59
CA ILE A 130 4.16 9.32 8.26
C ILE A 130 5.54 8.74 7.96
N ALA A 131 5.62 7.42 7.88
CA ALA A 131 6.85 6.74 7.56
C ALA A 131 6.80 6.20 6.14
N GLY A 132 7.93 6.20 5.46
CA GLY A 132 7.97 5.73 4.09
C GLY A 132 9.21 4.90 3.81
N ALA A 133 9.59 4.85 2.55
CA ALA A 133 10.75 4.07 2.14
C ALA A 133 11.91 5.00 1.78
N SER A 134 13.09 4.69 2.30
CA SER A 134 14.28 5.48 2.03
C SER A 134 14.97 5.00 0.76
N THR A 135 15.52 3.79 0.83
CA THR A 135 16.20 3.18 -0.30
C THR A 135 15.80 1.73 -0.42
N ASP A 136 15.47 1.30 -1.63
CA ASP A 136 15.06 -0.07 -1.89
C ASP A 136 16.27 -0.94 -2.23
N GLY A 137 16.00 -2.13 -2.76
CA GLY A 137 17.07 -3.02 -3.13
C GLY A 137 17.16 -4.21 -2.19
N SER A 138 17.53 -3.94 -0.95
CA SER A 138 17.67 -4.99 0.05
C SER A 138 16.31 -5.35 0.65
N ARG A 139 16.16 -6.60 1.03
CA ARG A 139 14.91 -7.07 1.60
C ARG A 139 15.12 -7.42 3.07
N GLY A 140 14.18 -7.00 3.91
CA GLY A 140 14.30 -7.27 5.33
C GLY A 140 13.02 -7.79 5.92
N SER A 141 13.14 -8.83 6.72
CA SER A 141 11.99 -9.41 7.40
C SER A 141 11.39 -8.41 8.39
N LYS A 142 12.26 -7.64 9.03
CA LYS A 142 11.83 -6.60 9.93
C LYS A 142 11.89 -5.26 9.22
N VAL A 143 10.79 -4.91 8.56
CA VAL A 143 10.71 -3.68 7.79
C VAL A 143 11.01 -2.44 8.64
N ASP A 144 12.08 -1.74 8.26
CA ASP A 144 12.52 -0.54 8.96
C ASP A 144 11.40 0.48 9.08
N VAL A 145 10.68 0.68 7.99
CA VAL A 145 9.57 1.64 7.94
C VAL A 145 8.60 1.50 9.13
N LEU A 146 8.11 0.29 9.36
CA LEU A 146 7.15 0.06 10.43
C LEU A 146 7.84 0.09 11.78
N ALA A 147 8.97 -0.61 11.89
CA ALA A 147 9.71 -0.69 13.13
C ALA A 147 10.14 0.68 13.64
N HIS A 148 10.67 1.51 12.74
CA HIS A 148 11.18 2.82 13.12
C HIS A 148 10.03 3.76 13.48
N ALA A 149 8.92 3.67 12.74
CA ALA A 149 7.76 4.51 13.01
C ALA A 149 7.27 4.31 14.44
N LEU A 150 7.11 3.04 14.81
CA LEU A 150 6.62 2.68 16.13
C LEU A 150 7.64 3.09 17.20
N ALA A 151 8.92 3.01 16.87
CA ALA A 151 9.97 3.39 17.79
C ALA A 151 9.95 4.90 18.05
N GLN A 152 9.36 5.64 17.11
CA GLN A 152 9.28 7.09 17.26
C GLN A 152 8.14 7.51 18.18
N LEU A 153 6.93 7.02 17.94
CA LEU A 153 5.78 7.46 18.74
C LEU A 153 5.53 6.51 19.92
N ARG A 154 6.63 6.00 20.48
CA ARG A 154 6.57 5.13 21.66
C ARG A 154 5.79 5.77 22.80
N PRO A 155 5.36 4.97 23.80
CA PRO A 155 5.67 3.52 23.87
C PRO A 155 4.92 2.71 22.82
N LEU A 156 5.31 1.45 22.68
CA LEU A 156 4.72 0.57 21.69
C LEU A 156 3.37 0.04 22.15
N PRO A 157 2.32 0.34 21.38
CA PRO A 157 0.96 -0.13 21.67
C PRO A 157 0.82 -1.64 21.46
N GLU A 158 0.28 -2.32 22.47
CA GLU A 158 0.10 -3.77 22.39
C GLU A 158 -0.89 -4.15 21.27
N ARG A 159 -1.84 -3.27 20.97
CA ARG A 159 -2.78 -3.54 19.90
C ARG A 159 -2.47 -2.66 18.69
N LEU A 160 -1.76 -3.24 17.75
CA LEU A 160 -1.37 -2.56 16.53
C LEU A 160 -2.00 -3.29 15.35
N VAL A 161 -2.45 -2.54 14.36
CA VAL A 161 -3.06 -3.15 13.18
C VAL A 161 -2.60 -2.43 11.92
N MET A 162 -2.14 -3.21 10.96
CA MET A 162 -1.65 -2.68 9.71
C MET A 162 -2.70 -2.91 8.62
N VAL A 163 -3.16 -1.83 8.02
CA VAL A 163 -4.14 -1.90 6.95
C VAL A 163 -3.44 -1.71 5.62
N GLY A 164 -3.28 -2.78 4.87
CA GLY A 164 -2.54 -2.71 3.62
C GLY A 164 -3.16 -3.52 2.50
N ASP A 165 -2.37 -3.69 1.44
CA ASP A 165 -2.80 -4.42 0.25
C ASP A 165 -1.57 -4.92 -0.52
N ARG A 166 -0.60 -5.43 0.23
CA ARG A 166 0.60 -6.01 -0.38
C ARG A 166 1.20 -7.07 0.53
N SER A 167 1.66 -8.15 -0.11
CA SER A 167 2.23 -9.28 0.60
C SER A 167 3.44 -8.87 1.45
N HIS A 168 4.03 -7.73 1.16
CA HIS A 168 5.20 -7.29 1.91
C HIS A 168 4.82 -6.48 3.15
N ASP A 169 3.61 -5.90 3.16
CA ASP A 169 3.18 -5.16 4.34
C ASP A 169 2.74 -6.15 5.39
N VAL A 170 2.12 -7.24 4.94
CA VAL A 170 1.70 -8.28 5.84
C VAL A 170 2.92 -9.02 6.38
N ASP A 171 4.00 -9.07 5.57
CA ASP A 171 5.27 -9.63 6.02
C ASP A 171 5.72 -8.92 7.29
N GLY A 172 5.96 -7.62 7.17
CA GLY A 172 6.46 -6.84 8.28
C GLY A 172 5.56 -6.86 9.50
N ALA A 173 4.25 -6.76 9.26
CA ALA A 173 3.30 -6.73 10.36
C ALA A 173 3.29 -8.06 11.10
N ALA A 174 3.21 -9.16 10.35
CA ALA A 174 3.18 -10.49 10.96
C ALA A 174 4.52 -10.85 11.60
N ALA A 175 5.61 -10.47 10.94
CA ALA A 175 6.95 -10.78 11.43
C ALA A 175 7.29 -9.99 12.68
N HIS A 176 6.56 -8.91 12.92
CA HIS A 176 6.81 -8.08 14.10
C HIS A 176 5.72 -8.30 15.15
N GLY A 177 4.87 -9.29 14.89
CA GLY A 177 3.78 -9.60 15.81
C GLY A 177 2.75 -8.49 15.89
N ILE A 178 2.15 -8.19 14.75
CA ILE A 178 1.18 -7.11 14.64
C ILE A 178 -0.02 -7.57 13.81
N ASP A 179 -1.21 -7.09 14.16
CA ASP A 179 -2.42 -7.42 13.42
C ASP A 179 -2.39 -6.79 12.04
N THR A 180 -3.09 -7.39 11.09
CA THR A 180 -3.11 -6.87 9.73
C THR A 180 -4.42 -7.21 9.04
N VAL A 181 -4.94 -6.26 8.28
CA VAL A 181 -6.17 -6.46 7.53
C VAL A 181 -5.99 -6.03 6.08
N VAL A 182 -6.30 -6.92 5.16
CA VAL A 182 -6.17 -6.63 3.74
C VAL A 182 -7.47 -6.11 3.16
N VAL A 183 -7.44 -4.90 2.65
CA VAL A 183 -8.64 -4.30 2.06
C VAL A 183 -8.66 -4.55 0.56
N GLY A 184 -9.83 -4.85 0.03
CA GLY A 184 -9.92 -5.16 -1.37
C GLY A 184 -10.85 -4.23 -2.11
N TRP A 185 -10.30 -3.14 -2.63
CA TRP A 185 -11.08 -2.21 -3.45
C TRP A 185 -11.19 -2.77 -4.87
N GLY A 186 -12.29 -3.44 -5.12
CA GLY A 186 -12.48 -4.13 -6.38
C GLY A 186 -12.38 -5.63 -6.16
N TYR A 187 -11.32 -6.24 -6.67
CA TYR A 187 -11.09 -7.66 -6.45
C TYR A 187 -9.66 -8.03 -6.83
N GLY A 188 -8.90 -8.50 -5.85
CA GLY A 188 -7.54 -8.91 -6.09
C GLY A 188 -7.11 -9.94 -5.06
N ARG A 189 -6.90 -11.18 -5.49
CA ARG A 189 -6.53 -12.25 -4.57
C ARG A 189 -6.20 -13.54 -5.32
N ALA A 190 -7.10 -13.94 -6.22
CA ALA A 190 -6.97 -15.21 -6.91
C ALA A 190 -5.83 -15.22 -7.91
N ASP A 191 -5.39 -14.03 -8.31
CA ASP A 191 -4.32 -13.89 -9.29
C ASP A 191 -2.97 -14.33 -8.74
N PHE A 192 -2.85 -14.46 -7.42
CA PHE A 192 -1.57 -14.81 -6.81
C PHE A 192 -1.77 -15.62 -5.53
N ILE A 193 -0.64 -16.03 -4.95
CA ILE A 193 -0.62 -16.76 -3.68
C ILE A 193 0.14 -15.94 -2.65
N ASP A 194 -0.37 -15.89 -1.43
CA ASP A 194 0.25 -15.06 -0.39
C ASP A 194 1.29 -15.86 0.40
N LYS A 195 1.78 -15.26 1.49
CA LYS A 195 2.84 -15.85 2.31
C LYS A 195 2.24 -16.73 3.41
N THR A 196 3.03 -16.94 4.46
CA THR A 196 2.60 -17.71 5.62
C THR A 196 2.00 -16.76 6.65
N SER A 197 1.21 -15.81 6.16
CA SER A 197 0.60 -14.78 7.00
C SER A 197 -0.29 -15.37 8.08
N THR A 198 -0.13 -14.86 9.30
CA THR A 198 -0.91 -15.31 10.44
C THR A 198 -2.26 -14.61 10.52
N THR A 199 -3.26 -15.22 9.89
CA THR A 199 -4.62 -14.69 9.90
C THR A 199 -5.57 -15.75 9.36
N VAL A 200 -6.82 -15.69 9.81
CA VAL A 200 -7.83 -16.62 9.34
C VAL A 200 -8.48 -16.06 8.07
N VAL A 201 -8.82 -14.77 8.11
CA VAL A 201 -9.43 -14.08 6.97
C VAL A 201 -9.76 -12.62 7.33
N THR A 202 -8.73 -11.83 7.57
CA THR A 202 -8.92 -10.42 7.87
C THR A 202 -8.99 -9.61 6.58
N HIS A 203 -10.21 -9.30 6.15
CA HIS A 203 -10.41 -8.61 4.88
C HIS A 203 -11.39 -7.46 5.03
N ALA A 204 -11.45 -6.60 4.02
CA ALA A 204 -12.41 -5.51 3.99
C ALA A 204 -12.73 -5.15 2.54
N ALA A 205 -13.90 -5.60 2.08
CA ALA A 205 -14.34 -5.32 0.72
C ALA A 205 -14.74 -3.86 0.57
N THR A 206 -15.59 -3.40 1.47
CA THR A 206 -16.03 -2.02 1.48
C THR A 206 -15.41 -1.28 2.66
N ILE A 207 -15.50 0.03 2.65
CA ILE A 207 -14.91 0.85 3.69
C ILE A 207 -15.64 0.67 5.01
N ASP A 208 -16.91 0.26 4.92
CA ASP A 208 -17.74 0.04 6.12
C ASP A 208 -17.17 -1.06 6.99
N GLU A 209 -16.51 -2.03 6.36
CA GLU A 209 -15.91 -3.15 7.07
C GLU A 209 -14.74 -2.67 7.93
N LEU A 210 -14.09 -1.59 7.49
CA LEU A 210 -13.01 -0.99 8.26
C LEU A 210 -13.55 -0.47 9.58
N ARG A 211 -14.68 0.22 9.51
CA ARG A 211 -15.33 0.80 10.68
C ARG A 211 -15.57 -0.26 11.75
N GLU A 212 -16.22 -1.35 11.35
CA GLU A 212 -16.54 -2.41 12.30
C GLU A 212 -15.31 -3.19 12.75
N ALA A 213 -14.38 -3.45 11.83
CA ALA A 213 -13.19 -4.23 12.16
C ALA A 213 -12.30 -3.50 13.15
N LEU A 214 -12.10 -2.21 12.91
CA LEU A 214 -11.29 -1.41 13.81
C LEU A 214 -12.04 -1.13 15.10
N GLY A 215 -13.36 -1.02 15.01
CA GLY A 215 -14.18 -0.84 16.18
C GLY A 215 -14.36 0.59 16.60
N VAL A 216 -14.73 1.47 15.67
CA VAL A 216 -14.97 2.86 16.00
C VAL A 216 -16.41 3.06 16.47
N GLY A 1 -17.41 1.02 18.60
CA GLY A 1 -16.52 -0.12 18.90
C GLY A 1 -15.34 0.30 19.76
N GLU A 2 -14.41 -0.63 19.99
CA GLU A 2 -13.22 -0.35 20.78
C GLU A 2 -11.98 -0.43 19.92
N SER A 3 -11.50 0.72 19.50
CA SER A 3 -10.32 0.83 18.67
C SER A 3 -9.06 0.45 19.45
N PRO A 4 -7.99 0.02 18.75
CA PRO A 4 -6.72 -0.28 19.39
C PRO A 4 -6.00 1.01 19.79
N GLN A 5 -4.72 0.93 20.02
CA GLN A 5 -3.97 2.11 20.39
C GLN A 5 -3.47 2.83 19.14
N LEU A 6 -3.16 2.06 18.09
CA LEU A 6 -2.73 2.66 16.83
C LEU A 6 -3.17 1.79 15.65
N VAL A 7 -3.30 2.41 14.49
CA VAL A 7 -3.64 1.69 13.27
C VAL A 7 -2.68 2.06 12.17
N ILE A 8 -2.03 1.06 11.58
CA ILE A 8 -1.10 1.27 10.48
C ILE A 8 -1.86 1.21 9.16
N PHE A 9 -1.71 2.24 8.34
CA PHE A 9 -2.40 2.29 7.06
C PHE A 9 -1.42 2.30 5.89
N ASP A 10 -1.78 1.51 4.88
CA ASP A 10 -1.04 1.50 3.62
C ASP A 10 -1.66 2.51 2.67
N LEU A 11 -0.85 3.10 1.82
CA LEU A 11 -1.33 4.11 0.90
C LEU A 11 -1.34 3.61 -0.54
N ASP A 12 -0.47 2.65 -0.83
CA ASP A 12 -0.30 2.18 -2.20
C ASP A 12 -1.30 1.08 -2.55
N GLY A 13 -2.50 1.51 -2.93
CA GLY A 13 -3.53 0.57 -3.34
C GLY A 13 -4.64 0.45 -2.31
N THR A 14 -4.34 0.82 -1.07
CA THR A 14 -5.30 0.70 0.02
C THR A 14 -6.17 1.96 0.17
N LEU A 15 -5.54 3.13 0.12
CA LEU A 15 -6.27 4.38 0.31
C LEU A 15 -6.60 5.07 -1.00
N THR A 16 -5.58 5.28 -1.82
CA THR A 16 -5.75 6.00 -3.07
C THR A 16 -5.60 5.09 -4.29
N ASP A 17 -6.25 5.48 -5.38
CA ASP A 17 -6.17 4.71 -6.63
C ASP A 17 -4.89 5.09 -7.37
N SER A 18 -3.85 4.34 -7.10
CA SER A 18 -2.60 4.55 -7.79
C SER A 18 -2.65 3.92 -9.18
N ALA A 19 -3.61 2.99 -9.35
CA ALA A 19 -3.81 2.26 -10.60
C ALA A 19 -3.69 3.14 -11.85
N ARG A 20 -4.44 4.23 -11.90
CA ARG A 20 -4.39 5.14 -13.05
C ARG A 20 -2.96 5.55 -13.38
N GLY A 21 -2.24 6.05 -12.37
CA GLY A 21 -0.86 6.45 -12.54
C GLY A 21 0.05 5.29 -12.88
N ILE A 22 -0.23 4.13 -12.28
CA ILE A 22 0.57 2.93 -12.52
C ILE A 22 0.46 2.51 -13.97
N VAL A 23 -0.78 2.39 -14.46
CA VAL A 23 -1.04 2.02 -15.84
C VAL A 23 -0.35 2.99 -16.80
N SER A 24 -0.38 4.27 -16.44
CA SER A 24 0.26 5.30 -17.25
C SER A 24 1.76 5.00 -17.41
N SER A 25 2.44 4.83 -16.29
CA SER A 25 3.88 4.53 -16.31
C SER A 25 4.15 3.16 -16.92
N PHE A 26 3.28 2.19 -16.63
CA PHE A 26 3.43 0.84 -17.15
C PHE A 26 3.39 0.85 -18.69
N ARG A 27 2.48 1.65 -19.24
CA ARG A 27 2.34 1.78 -20.68
C ARG A 27 3.63 2.32 -21.29
N HIS A 28 4.17 3.37 -20.66
CA HIS A 28 5.39 4.01 -21.14
C HIS A 28 6.58 3.06 -21.04
N ALA A 29 6.67 2.31 -19.95
CA ALA A 29 7.74 1.35 -19.73
C ALA A 29 7.79 0.31 -20.84
N LEU A 30 6.68 -0.38 -21.05
CA LEU A 30 6.58 -1.41 -22.09
C LEU A 30 6.79 -0.83 -23.48
N ASN A 31 6.30 0.38 -23.71
CA ASN A 31 6.45 1.03 -25.01
C ASN A 31 7.92 1.39 -25.28
N HIS A 32 8.62 1.79 -24.23
CA HIS A 32 10.02 2.22 -24.35
C HIS A 32 10.93 1.06 -24.77
N ILE A 33 10.61 -0.14 -24.30
CA ILE A 33 11.46 -1.30 -24.58
C ILE A 33 11.03 -2.04 -25.83
N GLY A 34 9.97 -1.54 -26.47
CA GLY A 34 9.47 -2.18 -27.67
C GLY A 34 8.74 -3.47 -27.38
N ALA A 35 7.80 -3.40 -26.44
CA ALA A 35 7.00 -4.56 -26.07
C ALA A 35 5.52 -4.23 -26.18
N PRO A 36 4.67 -5.25 -26.43
CA PRO A 36 3.22 -5.07 -26.49
C PRO A 36 2.66 -4.58 -25.17
N VAL A 37 1.56 -3.82 -25.22
CA VAL A 37 0.99 -3.26 -24.02
C VAL A 37 -0.49 -2.88 -24.22
N PRO A 38 -1.38 -3.48 -23.41
CA PRO A 38 -2.81 -3.22 -23.45
C PRO A 38 -3.19 -2.04 -22.55
N GLU A 39 -3.79 -1.02 -23.13
CA GLU A 39 -4.18 0.18 -22.39
C GLU A 39 -5.61 0.06 -21.86
N GLY A 40 -5.98 -1.12 -21.38
CA GLY A 40 -7.33 -1.34 -20.91
C GLY A 40 -7.40 -1.66 -19.43
N ASP A 41 -8.13 -2.71 -19.10
CA ASP A 41 -8.32 -3.13 -17.71
C ASP A 41 -7.12 -3.92 -17.20
N LEU A 42 -5.95 -3.64 -17.78
CA LEU A 42 -4.71 -4.32 -17.41
C LEU A 42 -4.37 -4.06 -15.94
N ALA A 43 -4.96 -3.02 -15.37
CA ALA A 43 -4.72 -2.65 -13.98
C ALA A 43 -5.13 -3.77 -13.02
N THR A 44 -6.29 -4.37 -13.28
CA THR A 44 -6.79 -5.43 -12.42
C THR A 44 -6.00 -6.72 -12.66
N HIS A 45 -5.36 -6.80 -13.82
CA HIS A 45 -4.57 -7.97 -14.18
C HIS A 45 -3.23 -7.96 -13.45
N ILE A 46 -2.77 -6.76 -13.07
CA ILE A 46 -1.48 -6.63 -12.41
C ILE A 46 -1.61 -6.32 -10.92
N VAL A 47 -2.82 -6.41 -10.37
CA VAL A 47 -3.01 -6.14 -8.96
C VAL A 47 -2.73 -7.38 -8.11
N GLY A 48 -1.83 -7.22 -7.16
CA GLY A 48 -1.45 -8.31 -6.28
C GLY A 48 -0.01 -8.19 -5.82
N PRO A 49 0.94 -8.69 -6.61
CA PRO A 49 2.37 -8.58 -6.31
C PRO A 49 2.91 -7.21 -6.70
N PRO A 50 4.12 -6.85 -6.21
CA PRO A 50 4.75 -5.59 -6.55
C PRO A 50 5.11 -5.54 -8.03
N MET A 51 5.31 -4.33 -8.57
CA MET A 51 5.60 -4.15 -9.99
C MET A 51 6.83 -4.94 -10.43
N HIS A 52 7.70 -5.24 -9.47
CA HIS A 52 8.92 -6.02 -9.76
C HIS A 52 8.53 -7.42 -10.26
N GLU A 53 7.69 -8.10 -9.49
CA GLU A 53 7.23 -9.43 -9.84
C GLU A 53 6.19 -9.36 -10.95
N THR A 54 5.39 -8.30 -10.92
CA THR A 54 4.40 -8.07 -11.96
C THR A 54 5.06 -7.94 -13.33
N LEU A 55 6.18 -7.22 -13.37
CA LEU A 55 6.94 -7.04 -14.60
C LEU A 55 7.48 -8.39 -15.07
N ARG A 56 7.87 -9.20 -14.11
CA ARG A 56 8.36 -10.55 -14.38
C ARG A 56 7.25 -11.43 -14.93
N ALA A 57 6.02 -11.15 -14.52
CA ALA A 57 4.87 -11.94 -14.92
C ALA A 57 4.36 -11.53 -16.30
N MET A 58 4.71 -10.32 -16.72
CA MET A 58 4.26 -9.81 -18.01
C MET A 58 5.15 -10.31 -19.15
N GLY A 59 6.14 -11.14 -18.80
CA GLY A 59 7.01 -11.71 -19.82
C GLY A 59 8.36 -11.03 -19.92
N LEU A 60 8.72 -10.27 -18.90
CA LEU A 60 10.00 -9.57 -18.90
C LEU A 60 10.95 -10.10 -17.84
N GLY A 61 12.23 -9.92 -18.08
CA GLY A 61 13.24 -10.34 -17.13
C GLY A 61 14.58 -9.72 -17.47
N GLU A 62 14.87 -9.69 -18.75
CA GLU A 62 16.10 -9.13 -19.27
C GLU A 62 15.97 -7.62 -19.41
N SER A 63 14.81 -7.17 -19.84
CA SER A 63 14.56 -5.74 -20.02
C SER A 63 13.86 -5.17 -18.80
N ALA A 64 13.70 -6.02 -17.78
CA ALA A 64 13.02 -5.62 -16.56
C ALA A 64 13.73 -4.45 -15.88
N GLU A 65 15.05 -4.44 -15.97
CA GLU A 65 15.84 -3.40 -15.34
C GLU A 65 15.60 -2.05 -16.02
N GLU A 66 15.53 -2.04 -17.34
CA GLU A 66 15.26 -0.81 -18.08
C GLU A 66 13.80 -0.41 -17.92
N ALA A 67 12.92 -1.40 -17.94
CA ALA A 67 11.49 -1.15 -17.81
C ALA A 67 11.14 -0.59 -16.44
N ILE A 68 11.73 -1.16 -15.39
CA ILE A 68 11.43 -0.72 -14.03
C ILE A 68 11.94 0.71 -13.79
N VAL A 69 13.11 1.05 -14.34
CA VAL A 69 13.65 2.40 -14.13
C VAL A 69 12.84 3.42 -14.93
N ALA A 70 12.35 3.01 -16.10
CA ALA A 70 11.51 3.87 -16.92
C ALA A 70 10.17 4.06 -16.23
N TYR A 71 9.66 2.97 -15.67
CA TYR A 71 8.41 2.98 -14.93
C TYR A 71 8.51 3.96 -13.77
N ARG A 72 9.59 3.85 -13.00
CA ARG A 72 9.81 4.71 -11.85
C ARG A 72 9.96 6.17 -12.26
N ALA A 73 10.75 6.40 -13.30
CA ALA A 73 10.99 7.73 -13.81
C ALA A 73 9.70 8.39 -14.30
N ASP A 74 8.93 7.64 -15.09
CA ASP A 74 7.68 8.16 -15.63
C ASP A 74 6.65 8.33 -14.53
N TYR A 75 6.65 7.40 -13.58
CA TYR A 75 5.76 7.47 -12.44
C TYR A 75 6.08 8.73 -11.62
N SER A 76 7.37 9.00 -11.45
CA SER A 76 7.81 10.17 -10.72
C SER A 76 7.64 11.44 -11.55
N ALA A 77 7.39 11.27 -12.85
CA ALA A 77 7.23 12.40 -13.76
C ALA A 77 5.77 12.77 -13.91
N ARG A 78 4.95 11.81 -14.29
CA ARG A 78 3.53 12.05 -14.51
C ARG A 78 2.66 10.97 -13.90
N GLY A 79 3.26 9.84 -13.54
CA GLY A 79 2.51 8.74 -12.94
C GLY A 79 1.80 9.17 -11.67
N TRP A 80 2.46 9.98 -10.87
CA TRP A 80 1.89 10.48 -9.62
C TRP A 80 0.73 11.43 -9.90
N ALA A 81 0.78 12.10 -11.05
CA ALA A 81 -0.24 13.07 -11.43
C ALA A 81 -1.47 12.38 -11.99
N MET A 82 -1.86 11.28 -11.36
CA MET A 82 -2.99 10.48 -11.78
C MET A 82 -3.61 9.79 -10.57
N ASN A 83 -3.49 10.43 -9.41
CA ASN A 83 -3.98 9.85 -8.17
C ASN A 83 -5.37 10.39 -7.81
N SER A 84 -6.14 9.58 -7.10
CA SER A 84 -7.48 9.97 -6.66
C SER A 84 -8.01 8.99 -5.61
N LEU A 85 -9.12 9.34 -4.97
CA LEU A 85 -9.75 8.50 -3.97
C LEU A 85 -11.25 8.76 -4.00
N PHE A 86 -12.07 7.73 -3.77
CA PHE A 86 -13.52 7.90 -3.89
C PHE A 86 -14.31 7.14 -2.82
N ASP A 87 -13.66 6.25 -2.07
CA ASP A 87 -14.41 5.47 -1.08
C ASP A 87 -14.41 6.17 0.28
N GLY A 88 -14.80 5.46 1.32
CA GLY A 88 -14.97 6.06 2.63
C GLY A 88 -13.69 6.24 3.42
N ILE A 89 -12.57 6.44 2.73
CA ILE A 89 -11.28 6.66 3.40
C ILE A 89 -11.31 7.94 4.22
N GLY A 90 -11.78 9.02 3.60
CA GLY A 90 -11.85 10.30 4.28
C GLY A 90 -12.61 10.25 5.59
N PRO A 91 -13.92 9.90 5.56
CA PRO A 91 -14.73 9.78 6.77
C PRO A 91 -14.15 8.79 7.77
N LEU A 92 -13.50 7.73 7.26
CA LEU A 92 -12.91 6.72 8.11
C LEU A 92 -11.86 7.35 9.03
N LEU A 93 -10.93 8.07 8.43
CA LEU A 93 -9.85 8.73 9.18
C LEU A 93 -10.40 9.73 10.19
N ALA A 94 -11.50 10.38 9.83
CA ALA A 94 -12.12 11.36 10.71
C ALA A 94 -12.65 10.69 11.98
N ASP A 95 -13.47 9.67 11.82
CA ASP A 95 -14.07 8.99 12.97
C ASP A 95 -13.01 8.25 13.78
N LEU A 96 -12.02 7.69 13.09
CA LEU A 96 -10.96 6.93 13.76
C LEU A 96 -10.22 7.77 14.79
N ARG A 97 -9.60 8.85 14.35
CA ARG A 97 -8.78 9.65 15.26
C ARG A 97 -9.64 10.31 16.34
N THR A 98 -10.89 10.62 16.00
CA THR A 98 -11.82 11.19 16.96
C THR A 98 -12.08 10.23 18.11
N ALA A 99 -12.08 8.93 17.80
CA ALA A 99 -12.33 7.90 18.82
C ALA A 99 -11.10 7.71 19.72
N GLY A 100 -9.99 8.30 19.32
CA GLY A 100 -8.80 8.24 20.14
C GLY A 100 -7.69 7.40 19.56
N VAL A 101 -7.99 6.65 18.50
CA VAL A 101 -7.00 5.78 17.90
C VAL A 101 -6.07 6.58 16.98
N ARG A 102 -4.79 6.38 17.15
CA ARG A 102 -3.79 7.07 16.34
C ARG A 102 -3.55 6.30 15.05
N LEU A 103 -3.60 7.00 13.91
CA LEU A 103 -3.40 6.37 12.61
C LEU A 103 -2.00 6.69 12.10
N ALA A 104 -1.23 5.68 11.75
CA ALA A 104 0.11 5.89 11.25
C ALA A 104 0.30 5.25 9.89
N VAL A 105 1.09 5.90 9.05
CA VAL A 105 1.32 5.41 7.71
C VAL A 105 2.55 4.51 7.64
N ALA A 106 2.40 3.38 6.97
CA ALA A 106 3.49 2.46 6.71
C ALA A 106 3.22 1.76 5.40
N THR A 107 3.85 2.24 4.34
CA THR A 107 3.60 1.72 3.01
C THR A 107 4.92 1.38 2.31
N SER A 108 4.82 1.01 1.03
CA SER A 108 5.99 0.63 0.25
C SER A 108 6.27 1.70 -0.80
N LYS A 109 6.00 2.95 -0.44
CA LYS A 109 6.22 4.08 -1.34
C LYS A 109 7.09 5.11 -0.64
N ALA A 110 8.09 5.63 -1.35
CA ALA A 110 9.04 6.59 -0.80
C ALA A 110 8.35 7.85 -0.29
N GLU A 111 8.98 8.48 0.71
CA GLU A 111 8.48 9.70 1.37
C GLU A 111 7.92 10.74 0.37
N PRO A 112 8.73 11.22 -0.60
CA PRO A 112 8.30 12.26 -1.54
C PRO A 112 6.99 11.94 -2.26
N THR A 113 6.94 10.79 -2.91
CA THR A 113 5.78 10.39 -3.69
C THR A 113 4.57 10.16 -2.78
N ALA A 114 4.80 9.57 -1.61
CA ALA A 114 3.73 9.28 -0.67
C ALA A 114 3.11 10.56 -0.14
N ARG A 115 3.95 11.50 0.29
CA ARG A 115 3.46 12.75 0.84
C ARG A 115 2.76 13.59 -0.22
N ARG A 116 3.25 13.51 -1.47
CA ARG A 116 2.63 14.25 -2.56
C ARG A 116 1.17 13.87 -2.71
N ILE A 117 0.89 12.57 -2.64
CA ILE A 117 -0.46 12.05 -2.74
C ILE A 117 -1.28 12.46 -1.50
N LEU A 118 -0.67 12.29 -0.34
CA LEU A 118 -1.31 12.61 0.93
C LEU A 118 -1.68 14.09 1.03
N ARG A 119 -0.75 14.94 0.61
CA ARG A 119 -0.94 16.38 0.66
C ARG A 119 -1.96 16.83 -0.38
N HIS A 120 -1.96 16.16 -1.54
CA HIS A 120 -2.90 16.48 -2.62
C HIS A 120 -4.35 16.40 -2.12
N PHE A 121 -4.66 15.34 -1.38
CA PHE A 121 -6.01 15.19 -0.84
C PHE A 121 -6.14 15.97 0.46
N GLY A 122 -5.02 16.16 1.14
CA GLY A 122 -5.02 16.94 2.37
C GLY A 122 -5.28 16.09 3.59
N ILE A 123 -4.90 14.83 3.53
CA ILE A 123 -5.11 13.91 4.65
C ILE A 123 -3.83 13.71 5.43
N GLU A 124 -2.81 14.49 5.08
CA GLU A 124 -1.49 14.40 5.70
C GLU A 124 -1.55 14.59 7.22
N GLN A 125 -2.08 15.74 7.65
CA GLN A 125 -2.12 16.09 9.06
C GLN A 125 -3.15 15.25 9.84
N HIS A 126 -3.98 14.50 9.13
CA HIS A 126 -4.99 13.69 9.79
C HIS A 126 -4.36 12.41 10.32
N PHE A 127 -3.15 12.14 9.87
CA PHE A 127 -2.40 10.98 10.35
C PHE A 127 -1.51 11.38 11.52
N GLU A 128 -1.08 10.39 12.28
CA GLU A 128 -0.23 10.61 13.43
C GLU A 128 1.23 10.72 12.99
N VAL A 129 1.68 9.73 12.22
CA VAL A 129 3.04 9.71 11.73
C VAL A 129 3.06 9.10 10.34
N ILE A 130 3.93 9.62 9.47
CA ILE A 130 4.04 9.11 8.12
C ILE A 130 5.35 8.32 7.97
N ALA A 131 5.25 7.14 7.40
CA ALA A 131 6.44 6.33 7.12
C ALA A 131 6.26 5.56 5.82
N GLY A 132 6.98 5.98 4.79
CA GLY A 132 6.91 5.30 3.53
C GLY A 132 8.13 4.44 3.29
N ALA A 133 9.22 5.07 2.84
CA ALA A 133 10.45 4.36 2.56
C ALA A 133 11.57 5.32 2.21
N SER A 134 12.79 4.90 2.50
CA SER A 134 13.96 5.70 2.18
C SER A 134 14.37 5.46 0.72
N THR A 135 15.32 6.24 0.24
CA THR A 135 15.82 6.09 -1.12
C THR A 135 16.64 4.80 -1.22
N ASP A 136 17.31 4.47 -0.13
CA ASP A 136 18.10 3.25 -0.04
C ASP A 136 18.56 3.07 1.40
N GLY A 137 19.20 1.96 1.69
CA GLY A 137 19.69 1.71 3.04
C GLY A 137 18.83 0.72 3.80
N SER A 138 18.76 -0.51 3.30
CA SER A 138 18.00 -1.56 3.94
C SER A 138 18.70 -2.90 3.70
N ARG A 139 19.00 -3.62 4.77
CA ARG A 139 19.72 -4.88 4.67
C ARG A 139 18.76 -6.07 4.58
N GLY A 140 18.58 -6.56 3.35
CA GLY A 140 17.73 -7.70 3.12
C GLY A 140 16.28 -7.41 3.40
N SER A 141 15.56 -8.40 3.91
CA SER A 141 14.16 -8.24 4.23
C SER A 141 13.98 -7.95 5.73
N LYS A 142 13.64 -6.71 6.02
CA LYS A 142 13.41 -6.28 7.40
C LYS A 142 12.06 -5.58 7.50
N VAL A 143 11.60 -5.38 8.73
CA VAL A 143 10.35 -4.68 8.98
C VAL A 143 10.62 -3.28 9.52
N ASP A 144 11.67 -2.67 8.98
CA ASP A 144 12.14 -1.37 9.44
C ASP A 144 11.07 -0.29 9.29
N VAL A 145 10.35 -0.30 8.17
CA VAL A 145 9.28 0.68 7.93
C VAL A 145 8.27 0.69 9.08
N LEU A 146 7.81 -0.49 9.49
CA LEU A 146 6.85 -0.61 10.57
C LEU A 146 7.46 -0.13 11.88
N ALA A 147 8.66 -0.63 12.17
CA ALA A 147 9.37 -0.24 13.39
C ALA A 147 9.67 1.26 13.42
N HIS A 148 9.97 1.80 12.25
CA HIS A 148 10.29 3.21 12.10
C HIS A 148 9.15 4.09 12.61
N ALA A 149 7.95 3.81 12.13
CA ALA A 149 6.77 4.57 12.55
C ALA A 149 6.56 4.47 14.05
N LEU A 150 6.71 3.26 14.58
CA LEU A 150 6.50 2.99 16.00
C LEU A 150 7.59 3.63 16.86
N ALA A 151 8.80 3.70 16.33
CA ALA A 151 9.92 4.31 17.03
C ALA A 151 9.76 5.82 17.14
N GLN A 152 9.10 6.41 16.16
CA GLN A 152 8.90 7.85 16.13
C GLN A 152 7.81 8.27 17.11
N LEU A 153 6.78 7.45 17.25
CA LEU A 153 5.64 7.78 18.11
C LEU A 153 5.83 7.24 19.53
N ARG A 154 7.09 6.93 19.89
CA ARG A 154 7.41 6.40 21.22
C ARG A 154 6.82 7.26 22.33
N PRO A 155 6.45 6.63 23.47
CA PRO A 155 6.61 5.18 23.67
C PRO A 155 5.61 4.37 22.82
N LEU A 156 6.00 3.15 22.47
CA LEU A 156 5.18 2.27 21.63
C LEU A 156 3.88 1.88 22.31
N PRO A 157 2.82 1.69 21.50
CA PRO A 157 1.49 1.31 22.00
C PRO A 157 1.38 -0.16 22.34
N GLU A 158 0.39 -0.51 23.16
CA GLU A 158 0.17 -1.89 23.56
C GLU A 158 -0.45 -2.70 22.43
N ARG A 159 -1.45 -2.13 21.76
CA ARG A 159 -2.13 -2.81 20.67
C ARG A 159 -2.28 -1.91 19.47
N LEU A 160 -2.08 -2.48 18.30
CA LEU A 160 -2.23 -1.75 17.06
C LEU A 160 -2.54 -2.74 15.95
N VAL A 161 -2.96 -2.25 14.79
CA VAL A 161 -3.36 -3.12 13.70
C VAL A 161 -2.90 -2.57 12.36
N MET A 162 -2.36 -3.44 11.52
CA MET A 162 -1.87 -3.06 10.21
C MET A 162 -2.97 -3.30 9.17
N VAL A 163 -3.35 -2.24 8.48
CA VAL A 163 -4.39 -2.33 7.46
C VAL A 163 -3.83 -2.04 6.08
N GLY A 164 -4.10 -2.95 5.15
CA GLY A 164 -3.61 -2.81 3.80
C GLY A 164 -4.02 -3.99 2.94
N ASP A 165 -3.37 -4.17 1.80
CA ASP A 165 -3.67 -5.28 0.91
C ASP A 165 -2.39 -5.78 0.26
N ARG A 166 -1.64 -6.59 1.00
CA ARG A 166 -0.40 -7.19 0.52
C ARG A 166 0.19 -8.11 1.59
N SER A 167 0.64 -9.29 1.16
CA SER A 167 1.20 -10.28 2.09
C SER A 167 2.47 -9.77 2.78
N HIS A 168 3.20 -8.87 2.10
CA HIS A 168 4.47 -8.33 2.62
C HIS A 168 4.31 -7.79 4.04
N ASP A 169 3.44 -6.79 4.18
CA ASP A 169 3.28 -6.11 5.45
C ASP A 169 2.40 -6.91 6.40
N VAL A 170 1.49 -7.69 5.84
CA VAL A 170 0.63 -8.56 6.63
C VAL A 170 1.47 -9.57 7.43
N ASP A 171 2.41 -10.22 6.75
CA ASP A 171 3.25 -11.21 7.40
C ASP A 171 4.21 -10.55 8.39
N GLY A 172 4.73 -9.38 8.00
CA GLY A 172 5.64 -8.63 8.87
C GLY A 172 4.98 -8.20 10.17
N ALA A 173 3.74 -7.73 10.08
CA ALA A 173 3.00 -7.31 11.24
C ALA A 173 2.79 -8.51 12.17
N ALA A 174 2.42 -9.63 11.59
CA ALA A 174 2.20 -10.85 12.36
C ALA A 174 3.53 -11.37 12.93
N ALA A 175 4.62 -11.07 12.24
CA ALA A 175 5.96 -11.49 12.68
C ALA A 175 6.33 -10.84 14.01
N HIS A 176 5.84 -9.62 14.24
CA HIS A 176 6.12 -8.94 15.51
C HIS A 176 4.97 -9.17 16.50
N GLY A 177 3.96 -9.90 16.05
CA GLY A 177 2.82 -10.21 16.91
C GLY A 177 1.73 -9.16 16.82
N ILE A 178 1.68 -8.48 15.70
CA ILE A 178 0.71 -7.42 15.48
C ILE A 178 -0.40 -7.93 14.57
N ASP A 179 -1.62 -7.53 14.87
CA ASP A 179 -2.76 -7.94 14.05
C ASP A 179 -2.83 -7.12 12.79
N THR A 180 -3.39 -7.70 11.74
CA THR A 180 -3.46 -7.04 10.45
C THR A 180 -4.75 -7.43 9.74
N VAL A 181 -5.27 -6.52 8.92
CA VAL A 181 -6.50 -6.76 8.18
C VAL A 181 -6.30 -6.42 6.71
N VAL A 182 -6.55 -7.39 5.85
CA VAL A 182 -6.41 -7.19 4.41
C VAL A 182 -7.68 -6.59 3.84
N VAL A 183 -7.63 -5.33 3.44
CA VAL A 183 -8.79 -4.66 2.89
C VAL A 183 -8.69 -4.58 1.37
N GLY A 184 -9.64 -5.19 0.69
CA GLY A 184 -9.64 -5.19 -0.76
C GLY A 184 -10.93 -4.66 -1.33
N TRP A 185 -10.86 -3.48 -1.93
CA TRP A 185 -12.03 -2.85 -2.52
C TRP A 185 -12.46 -3.62 -3.77
N GLY A 186 -13.37 -4.57 -3.59
CA GLY A 186 -13.83 -5.37 -4.71
C GLY A 186 -13.28 -6.78 -4.64
N TYR A 187 -12.48 -7.14 -5.63
CA TYR A 187 -11.88 -8.47 -5.68
C TYR A 187 -10.43 -8.40 -6.13
N GLY A 188 -9.58 -9.24 -5.55
CA GLY A 188 -8.18 -9.26 -5.93
C GLY A 188 -7.92 -10.34 -6.96
N ARG A 189 -7.01 -10.07 -7.89
CA ARG A 189 -6.72 -11.03 -8.96
C ARG A 189 -5.51 -11.89 -8.62
N ALA A 190 -4.31 -11.31 -8.70
CA ALA A 190 -3.07 -12.04 -8.46
C ALA A 190 -2.74 -12.12 -6.97
N ASP A 191 -3.76 -12.32 -6.15
CA ASP A 191 -3.59 -12.41 -4.71
C ASP A 191 -2.86 -13.69 -4.32
N PHE A 192 -3.25 -14.78 -4.96
CA PHE A 192 -2.70 -16.09 -4.64
C PHE A 192 -1.36 -16.30 -5.33
N ILE A 193 -0.29 -15.91 -4.65
CA ILE A 193 1.05 -16.11 -5.15
C ILE A 193 1.53 -17.52 -4.77
N ASP A 194 2.28 -18.15 -5.65
CA ASP A 194 2.75 -19.52 -5.40
C ASP A 194 4.07 -19.53 -4.65
N LYS A 195 4.22 -18.62 -3.70
CA LYS A 195 5.46 -18.53 -2.93
C LYS A 195 5.18 -18.49 -1.43
N THR A 196 4.53 -17.43 -0.96
CA THR A 196 4.25 -17.26 0.46
C THR A 196 3.00 -18.01 0.89
N SER A 197 3.16 -19.01 1.73
CA SER A 197 2.04 -19.75 2.28
C SER A 197 1.50 -19.04 3.52
N THR A 198 0.90 -17.88 3.32
CA THR A 198 0.39 -17.07 4.41
C THR A 198 -1.10 -17.29 4.63
N THR A 199 -1.46 -17.75 5.82
CA THR A 199 -2.85 -17.99 6.15
C THR A 199 -3.59 -16.69 6.47
N VAL A 200 -4.21 -16.11 5.46
CA VAL A 200 -4.95 -14.87 5.63
C VAL A 200 -6.40 -15.14 5.98
N VAL A 201 -6.83 -14.65 7.13
CA VAL A 201 -8.20 -14.84 7.58
C VAL A 201 -8.91 -13.50 7.74
N THR A 202 -8.15 -12.46 8.01
CA THR A 202 -8.69 -11.13 8.21
C THR A 202 -8.79 -10.35 6.90
N HIS A 203 -10.00 -9.98 6.50
CA HIS A 203 -10.21 -9.24 5.26
C HIS A 203 -11.44 -8.36 5.36
N ALA A 204 -11.40 -7.20 4.70
CA ALA A 204 -12.50 -6.25 4.71
C ALA A 204 -13.09 -6.12 3.32
N ALA A 205 -14.37 -6.47 3.19
CA ALA A 205 -15.07 -6.38 1.91
C ALA A 205 -15.41 -4.94 1.55
N THR A 206 -15.70 -4.12 2.57
CA THR A 206 -16.06 -2.73 2.35
C THR A 206 -15.49 -1.85 3.45
N ILE A 207 -15.72 -0.55 3.37
CA ILE A 207 -15.21 0.41 4.35
C ILE A 207 -15.91 0.21 5.69
N ASP A 208 -17.17 -0.20 5.64
CA ASP A 208 -17.96 -0.45 6.86
C ASP A 208 -17.31 -1.55 7.69
N GLU A 209 -16.67 -2.48 7.01
CA GLU A 209 -15.99 -3.59 7.68
C GLU A 209 -14.86 -3.04 8.53
N LEU A 210 -14.12 -2.09 7.97
CA LEU A 210 -13.00 -1.47 8.67
C LEU A 210 -13.52 -0.69 9.86
N ARG A 211 -14.66 -0.02 9.68
CA ARG A 211 -15.26 0.78 10.74
C ARG A 211 -15.40 -0.01 12.04
N GLU A 212 -16.17 -1.10 11.99
CA GLU A 212 -16.40 -1.88 13.19
C GLU A 212 -15.15 -2.64 13.61
N ALA A 213 -14.35 -3.09 12.65
CA ALA A 213 -13.15 -3.86 12.97
C ALA A 213 -12.10 -3.01 13.67
N LEU A 214 -11.91 -1.79 13.18
CA LEU A 214 -10.94 -0.89 13.77
C LEU A 214 -11.44 -0.36 15.10
N GLY A 215 -12.75 -0.39 15.30
CA GLY A 215 -13.30 -0.03 16.58
C GLY A 215 -13.82 1.39 16.67
N VAL A 216 -14.44 1.88 15.61
CA VAL A 216 -15.06 3.20 15.66
C VAL A 216 -16.58 3.05 15.73
N GLY A 1 -17.51 0.18 20.73
CA GLY A 1 -16.49 -0.80 20.30
C GLY A 1 -15.21 -0.65 21.08
N GLU A 2 -14.25 -1.54 20.85
CA GLU A 2 -12.96 -1.47 21.52
C GLU A 2 -11.84 -1.33 20.50
N SER A 3 -11.54 -0.09 20.16
CA SER A 3 -10.51 0.24 19.20
C SER A 3 -9.12 0.01 19.80
N PRO A 4 -8.11 -0.23 18.94
CA PRO A 4 -6.73 -0.33 19.39
C PRO A 4 -6.19 1.04 19.80
N GLN A 5 -4.91 1.12 20.07
CA GLN A 5 -4.33 2.40 20.46
C GLN A 5 -3.68 3.08 19.27
N LEU A 6 -3.30 2.29 18.27
CA LEU A 6 -2.67 2.84 17.08
C LEU A 6 -2.93 1.94 15.86
N VAL A 7 -3.17 2.57 14.72
CA VAL A 7 -3.47 1.85 13.49
C VAL A 7 -2.62 2.40 12.32
N ILE A 8 -1.80 1.54 11.72
CA ILE A 8 -0.98 1.96 10.58
C ILE A 8 -1.68 1.61 9.27
N PHE A 9 -1.68 2.56 8.35
CA PHE A 9 -2.28 2.37 7.03
C PHE A 9 -1.24 2.56 5.93
N ASP A 10 -1.29 1.74 4.89
CA ASP A 10 -0.46 1.97 3.72
C ASP A 10 -1.27 2.81 2.74
N LEU A 11 -0.63 3.68 1.99
CA LEU A 11 -1.34 4.56 1.08
C LEU A 11 -1.73 3.86 -0.23
N ASP A 12 -0.85 3.05 -0.76
CA ASP A 12 -1.09 2.46 -2.08
C ASP A 12 -1.96 1.21 -2.00
N GLY A 13 -3.00 1.18 -2.82
CA GLY A 13 -3.87 0.01 -2.87
C GLY A 13 -4.94 0.01 -1.80
N THR A 14 -4.56 0.38 -0.58
CA THR A 14 -5.50 0.37 0.53
C THR A 14 -6.16 1.74 0.72
N LEU A 15 -5.38 2.81 0.61
CA LEU A 15 -5.92 4.15 0.82
C LEU A 15 -5.89 5.00 -0.45
N THR A 16 -5.46 4.40 -1.56
CA THR A 16 -5.37 5.13 -2.83
C THR A 16 -5.60 4.21 -4.02
N ASP A 17 -6.47 4.63 -4.93
CA ASP A 17 -6.80 3.84 -6.11
C ASP A 17 -5.79 4.07 -7.23
N SER A 18 -4.60 3.49 -7.06
CA SER A 18 -3.50 3.66 -8.01
C SER A 18 -3.67 2.79 -9.26
N ALA A 19 -4.89 2.69 -9.77
CA ALA A 19 -5.17 1.87 -10.94
C ALA A 19 -4.52 2.45 -12.19
N ARG A 20 -4.97 3.64 -12.58
CA ARG A 20 -4.43 4.33 -13.77
C ARG A 20 -2.91 4.50 -13.69
N GLY A 21 -2.43 4.89 -12.50
CA GLY A 21 -1.01 5.16 -12.31
C GLY A 21 -0.13 3.97 -12.67
N ILE A 22 -0.48 2.81 -12.16
CA ILE A 22 0.33 1.60 -12.37
C ILE A 22 0.28 1.15 -13.83
N VAL A 23 -0.93 1.02 -14.37
CA VAL A 23 -1.11 0.56 -15.75
C VAL A 23 -0.45 1.52 -16.73
N SER A 24 -0.49 2.82 -16.43
CA SER A 24 0.12 3.83 -17.29
C SER A 24 1.62 3.57 -17.44
N SER A 25 2.32 3.58 -16.32
CA SER A 25 3.76 3.41 -16.31
C SER A 25 4.16 2.04 -16.84
N PHE A 26 3.36 1.03 -16.55
CA PHE A 26 3.61 -0.33 -17.03
C PHE A 26 3.67 -0.35 -18.56
N ARG A 27 2.67 0.26 -19.18
CA ARG A 27 2.59 0.33 -20.64
C ARG A 27 3.75 1.14 -21.21
N HIS A 28 4.02 2.29 -20.58
CA HIS A 28 5.09 3.16 -21.04
C HIS A 28 6.46 2.48 -20.93
N ALA A 29 6.69 1.80 -19.82
CA ALA A 29 7.96 1.11 -19.58
C ALA A 29 8.24 0.05 -20.64
N LEU A 30 7.31 -0.89 -20.80
CA LEU A 30 7.47 -1.97 -21.77
C LEU A 30 7.62 -1.45 -23.19
N ASN A 31 6.86 -0.41 -23.53
CA ASN A 31 6.93 0.17 -24.88
C ASN A 31 8.30 0.81 -25.10
N HIS A 32 8.85 1.35 -24.03
CA HIS A 32 10.15 2.02 -24.06
C HIS A 32 11.28 1.04 -24.37
N ILE A 33 11.11 -0.22 -24.00
CA ILE A 33 12.14 -1.22 -24.25
C ILE A 33 11.80 -2.07 -25.47
N GLY A 34 10.68 -1.74 -26.13
CA GLY A 34 10.26 -2.45 -27.32
C GLY A 34 9.63 -3.80 -27.03
N ALA A 35 8.85 -3.87 -25.96
CA ALA A 35 8.18 -5.10 -25.58
C ALA A 35 6.67 -5.00 -25.84
N PRO A 36 5.96 -6.14 -25.94
CA PRO A 36 4.51 -6.14 -26.14
C PRO A 36 3.77 -5.51 -24.97
N VAL A 37 2.60 -4.94 -25.22
CA VAL A 37 1.83 -4.26 -24.19
C VAL A 37 0.34 -4.53 -24.34
N PRO A 38 -0.20 -5.45 -23.53
CA PRO A 38 -1.61 -5.77 -23.51
C PRO A 38 -2.36 -5.11 -22.34
N GLU A 39 -3.47 -4.44 -22.63
CA GLU A 39 -4.28 -3.82 -21.59
C GLU A 39 -5.44 -4.73 -21.17
N GLY A 40 -6.36 -4.18 -20.38
CA GLY A 40 -7.52 -4.92 -19.96
C GLY A 40 -7.34 -5.62 -18.62
N ASP A 41 -7.39 -6.95 -18.65
CA ASP A 41 -7.31 -7.77 -17.44
C ASP A 41 -5.88 -7.89 -16.93
N LEU A 42 -4.98 -7.06 -17.44
CA LEU A 42 -3.60 -7.08 -16.99
C LEU A 42 -3.46 -6.55 -15.57
N ALA A 43 -4.45 -5.78 -15.11
CA ALA A 43 -4.41 -5.20 -13.77
C ALA A 43 -4.37 -6.30 -12.70
N THR A 44 -5.29 -7.25 -12.80
CA THR A 44 -5.36 -8.35 -11.85
C THR A 44 -4.17 -9.31 -12.03
N HIS A 45 -3.56 -9.27 -13.21
CA HIS A 45 -2.43 -10.16 -13.51
C HIS A 45 -1.09 -9.60 -13.04
N ILE A 46 -1.00 -8.27 -12.94
CA ILE A 46 0.27 -7.66 -12.54
C ILE A 46 0.34 -7.40 -11.04
N VAL A 47 -0.79 -7.55 -10.37
CA VAL A 47 -0.82 -7.35 -8.93
C VAL A 47 -0.45 -8.65 -8.20
N GLY A 48 0.67 -8.62 -7.51
CA GLY A 48 1.12 -9.78 -6.79
C GLY A 48 2.61 -9.73 -6.49
N PRO A 49 3.44 -10.28 -7.40
CA PRO A 49 4.89 -10.31 -7.21
C PRO A 49 5.52 -8.91 -7.28
N PRO A 50 6.74 -8.76 -6.74
CA PRO A 50 7.47 -7.48 -6.75
C PRO A 50 7.66 -6.94 -8.16
N MET A 51 7.97 -5.65 -8.25
CA MET A 51 8.15 -4.98 -9.55
C MET A 51 9.11 -5.73 -10.46
N HIS A 52 10.25 -6.16 -9.90
CA HIS A 52 11.27 -6.86 -10.68
C HIS A 52 10.74 -8.19 -11.21
N GLU A 53 9.88 -8.84 -10.43
CA GLU A 53 9.36 -10.15 -10.80
C GLU A 53 8.27 -10.04 -11.86
N THR A 54 7.33 -9.11 -11.65
CA THR A 54 6.25 -8.88 -12.60
C THR A 54 6.81 -8.49 -13.97
N LEU A 55 7.79 -7.60 -13.95
CA LEU A 55 8.45 -7.13 -15.16
C LEU A 55 9.16 -8.30 -15.85
N ARG A 56 9.75 -9.17 -15.04
CA ARG A 56 10.49 -10.32 -15.55
C ARG A 56 9.54 -11.38 -16.12
N ALA A 57 8.31 -11.37 -15.61
CA ALA A 57 7.30 -12.36 -15.99
C ALA A 57 6.59 -11.96 -17.28
N MET A 58 6.61 -10.68 -17.59
CA MET A 58 5.92 -10.16 -18.76
C MET A 58 6.76 -10.29 -20.03
N GLY A 59 7.91 -10.93 -19.92
CA GLY A 59 8.78 -11.10 -21.07
C GLY A 59 9.89 -10.07 -21.07
N LEU A 60 10.77 -10.19 -20.10
CA LEU A 60 11.86 -9.23 -19.93
C LEU A 60 13.21 -9.91 -20.08
N GLY A 61 14.16 -9.17 -20.62
CA GLY A 61 15.51 -9.69 -20.75
C GLY A 61 16.41 -9.14 -19.66
N GLU A 62 17.59 -8.67 -20.04
CA GLU A 62 18.55 -8.14 -19.09
C GLU A 62 18.36 -6.63 -18.95
N SER A 63 17.33 -6.12 -19.59
CA SER A 63 17.04 -4.68 -19.61
C SER A 63 16.08 -4.30 -18.49
N ALA A 64 16.16 -5.02 -17.37
CA ALA A 64 15.26 -4.79 -16.24
C ALA A 64 15.39 -3.39 -15.66
N GLU A 65 16.63 -2.90 -15.52
CA GLU A 65 16.86 -1.60 -14.92
C GLU A 65 16.31 -0.48 -15.79
N GLU A 66 16.45 -0.63 -17.10
CA GLU A 66 15.96 0.37 -18.05
C GLU A 66 14.45 0.51 -17.96
N ALA A 67 13.75 -0.61 -17.96
CA ALA A 67 12.31 -0.61 -17.88
C ALA A 67 11.82 -0.12 -16.51
N ILE A 68 12.43 -0.63 -15.44
CA ILE A 68 12.01 -0.27 -14.10
C ILE A 68 12.26 1.21 -13.78
N VAL A 69 13.34 1.79 -14.32
CA VAL A 69 13.63 3.19 -14.07
C VAL A 69 12.63 4.08 -14.83
N ALA A 70 12.25 3.62 -16.02
CA ALA A 70 11.25 4.32 -16.83
C ALA A 70 9.90 4.28 -16.12
N TYR A 71 9.61 3.14 -15.52
CA TYR A 71 8.40 2.93 -14.75
C TYR A 71 8.32 3.95 -13.60
N ARG A 72 9.43 4.12 -12.88
CA ARG A 72 9.48 5.04 -11.75
C ARG A 72 9.22 6.48 -12.22
N ALA A 73 9.88 6.85 -13.31
CA ALA A 73 9.80 8.20 -13.87
C ALA A 73 8.37 8.58 -14.25
N ASP A 74 7.71 7.73 -15.01
CA ASP A 74 6.36 8.03 -15.49
C ASP A 74 5.37 8.08 -14.33
N TYR A 75 5.53 7.18 -13.38
CA TYR A 75 4.65 7.11 -12.23
C TYR A 75 4.81 8.34 -11.34
N SER A 76 6.04 8.74 -11.07
CA SER A 76 6.30 9.86 -10.19
C SER A 76 5.98 11.19 -10.87
N ALA A 77 6.07 11.23 -12.20
CA ALA A 77 5.86 12.47 -12.92
C ALA A 77 4.42 12.63 -13.41
N ARG A 78 3.83 11.55 -13.89
CA ARG A 78 2.48 11.60 -14.44
C ARG A 78 1.47 10.90 -13.54
N GLY A 79 1.88 9.79 -12.96
CA GLY A 79 1.00 8.97 -12.15
C GLY A 79 0.32 9.69 -10.99
N TRP A 80 1.04 10.59 -10.33
CA TRP A 80 0.49 11.31 -9.18
C TRP A 80 -0.71 12.18 -9.56
N ALA A 81 -0.71 12.69 -10.79
CA ALA A 81 -1.79 13.55 -11.26
C ALA A 81 -2.97 12.71 -11.73
N MET A 82 -2.70 11.46 -12.08
CA MET A 82 -3.75 10.56 -12.55
C MET A 82 -4.14 9.59 -11.44
N ASN A 83 -4.21 10.10 -10.22
CA ASN A 83 -4.56 9.28 -9.08
C ASN A 83 -5.53 10.02 -8.17
N SER A 84 -6.51 9.31 -7.64
CA SER A 84 -7.52 9.90 -6.76
C SER A 84 -8.24 8.79 -5.99
N LEU A 85 -8.36 8.95 -4.68
CA LEU A 85 -9.06 7.99 -3.85
C LEU A 85 -10.57 8.15 -4.06
N PHE A 86 -11.22 7.07 -4.42
CA PHE A 86 -12.64 7.11 -4.74
C PHE A 86 -13.51 6.63 -3.58
N ASP A 87 -12.91 5.93 -2.63
CA ASP A 87 -13.68 5.37 -1.52
C ASP A 87 -13.72 6.32 -0.33
N GLY A 88 -14.31 5.88 0.78
CA GLY A 88 -14.52 6.74 1.93
C GLY A 88 -13.38 6.78 2.93
N ILE A 89 -12.16 6.94 2.42
CA ILE A 89 -10.98 7.03 3.27
C ILE A 89 -11.05 8.28 4.15
N GLY A 90 -11.50 9.37 3.56
CA GLY A 90 -11.63 10.64 4.27
C GLY A 90 -12.43 10.52 5.56
N PRO A 91 -13.73 10.19 5.46
CA PRO A 91 -14.60 10.03 6.64
C PRO A 91 -14.07 8.98 7.62
N LEU A 92 -13.40 7.96 7.09
CA LEU A 92 -12.84 6.90 7.93
C LEU A 92 -11.90 7.49 8.96
N LEU A 93 -10.93 8.28 8.48
CA LEU A 93 -9.93 8.89 9.33
C LEU A 93 -10.58 9.87 10.30
N ALA A 94 -11.67 10.50 9.88
CA ALA A 94 -12.38 11.47 10.71
C ALA A 94 -13.03 10.78 11.92
N ASP A 95 -13.76 9.71 11.67
CA ASP A 95 -14.45 8.98 12.74
C ASP A 95 -13.47 8.31 13.68
N LEU A 96 -12.38 7.75 13.14
CA LEU A 96 -11.37 7.11 13.97
C LEU A 96 -10.73 8.14 14.91
N ARG A 97 -10.48 9.34 14.39
CA ARG A 97 -9.89 10.40 15.19
C ARG A 97 -10.84 10.79 16.32
N THR A 98 -12.12 10.76 16.03
CA THR A 98 -13.16 11.05 17.03
C THR A 98 -13.08 10.06 18.19
N ALA A 99 -12.75 8.80 17.89
CA ALA A 99 -12.66 7.77 18.90
C ALA A 99 -11.41 7.95 19.77
N GLY A 100 -10.47 8.72 19.28
CA GLY A 100 -9.26 8.99 20.05
C GLY A 100 -8.13 8.04 19.73
N VAL A 101 -8.30 7.22 18.71
CA VAL A 101 -7.28 6.28 18.32
C VAL A 101 -6.23 6.98 17.44
N ARG A 102 -4.96 6.70 17.70
CA ARG A 102 -3.89 7.31 16.92
C ARG A 102 -3.66 6.55 15.63
N LEU A 103 -3.62 7.27 14.53
CA LEU A 103 -3.37 6.66 13.24
C LEU A 103 -1.95 6.96 12.80
N ALA A 104 -1.40 6.08 11.98
CA ALA A 104 -0.06 6.28 11.48
C ALA A 104 0.06 5.75 10.06
N VAL A 105 1.01 6.28 9.33
CA VAL A 105 1.23 5.88 7.96
C VAL A 105 2.56 5.16 7.81
N ALA A 106 2.52 4.06 7.06
CA ALA A 106 3.72 3.32 6.72
C ALA A 106 3.52 2.73 5.35
N THR A 107 3.81 3.53 4.34
CA THR A 107 3.56 3.13 2.98
C THR A 107 4.85 2.74 2.26
N SER A 108 4.72 1.79 1.33
CA SER A 108 5.85 1.33 0.55
C SER A 108 6.18 2.32 -0.57
N LYS A 109 6.07 3.61 -0.27
CA LYS A 109 6.37 4.67 -1.23
C LYS A 109 7.44 5.60 -0.67
N ALA A 110 8.24 6.18 -1.55
CA ALA A 110 9.30 7.10 -1.14
C ALA A 110 8.73 8.27 -0.35
N GLU A 111 9.48 8.73 0.64
CA GLU A 111 9.07 9.82 1.53
C GLU A 111 8.53 11.04 0.74
N PRO A 112 9.31 11.62 -0.20
CA PRO A 112 8.85 12.78 -0.98
C PRO A 112 7.61 12.45 -1.84
N THR A 113 7.58 11.23 -2.35
CA THR A 113 6.47 10.77 -3.17
C THR A 113 5.22 10.61 -2.32
N ALA A 114 5.40 10.06 -1.12
CA ALA A 114 4.31 9.85 -0.17
C ALA A 114 3.75 11.19 0.28
N ARG A 115 4.64 12.11 0.60
CA ARG A 115 4.23 13.46 1.02
C ARG A 115 3.39 14.12 -0.06
N ARG A 116 3.84 13.98 -1.30
CA ARG A 116 3.16 14.57 -2.45
C ARG A 116 1.76 13.99 -2.62
N ILE A 117 1.66 12.67 -2.53
CA ILE A 117 0.39 11.98 -2.66
C ILE A 117 -0.53 12.27 -1.48
N LEU A 118 0.03 12.22 -0.28
CA LEU A 118 -0.72 12.45 0.94
C LEU A 118 -1.24 13.89 1.00
N ARG A 119 -0.42 14.83 0.54
CA ARG A 119 -0.82 16.24 0.52
C ARG A 119 -1.82 16.50 -0.61
N HIS A 120 -1.67 15.74 -1.70
CA HIS A 120 -2.62 15.82 -2.83
C HIS A 120 -4.04 15.55 -2.35
N PHE A 121 -4.17 14.59 -1.44
CA PHE A 121 -5.47 14.26 -0.86
C PHE A 121 -5.76 15.16 0.34
N GLY A 122 -4.73 15.52 1.08
CA GLY A 122 -4.88 16.41 2.22
C GLY A 122 -5.44 15.71 3.44
N ILE A 123 -5.02 14.48 3.64
CA ILE A 123 -5.50 13.69 4.77
C ILE A 123 -4.35 13.41 5.75
N GLU A 124 -3.27 14.17 5.59
CA GLU A 124 -2.06 13.97 6.38
C GLU A 124 -2.27 14.30 7.86
N GLN A 125 -2.98 15.39 8.12
CA GLN A 125 -3.17 15.88 9.49
C GLN A 125 -3.98 14.91 10.37
N HIS A 126 -4.51 13.86 9.76
CA HIS A 126 -5.27 12.86 10.50
C HIS A 126 -4.35 11.87 11.19
N PHE A 127 -3.13 11.76 10.69
CA PHE A 127 -2.16 10.78 11.20
C PHE A 127 -1.18 11.41 12.18
N GLU A 128 -0.73 10.61 13.13
CA GLU A 128 0.27 11.04 14.11
C GLU A 128 1.67 11.02 13.51
N VAL A 129 2.02 9.90 12.88
CA VAL A 129 3.36 9.72 12.30
C VAL A 129 3.26 9.19 10.87
N ILE A 130 4.05 9.78 9.97
CA ILE A 130 4.06 9.37 8.57
C ILE A 130 5.41 8.73 8.21
N ALA A 131 5.42 7.42 8.01
CA ALA A 131 6.64 6.72 7.65
C ALA A 131 6.57 6.25 6.20
N GLY A 132 7.70 6.35 5.50
CA GLY A 132 7.74 5.92 4.12
C GLY A 132 9.10 5.36 3.74
N ALA A 133 9.26 5.01 2.47
CA ALA A 133 10.51 4.44 1.98
C ALA A 133 11.55 5.54 1.74
N SER A 134 12.80 5.26 2.09
CA SER A 134 13.87 6.22 1.95
C SER A 134 14.46 6.19 0.54
N THR A 135 14.34 5.04 -0.13
CA THR A 135 14.91 4.86 -1.46
C THR A 135 13.96 4.08 -2.36
N ASP A 136 14.25 4.09 -3.66
CA ASP A 136 13.46 3.34 -4.64
C ASP A 136 13.60 1.85 -4.38
N GLY A 137 14.82 1.35 -4.50
CA GLY A 137 15.09 -0.05 -4.31
C GLY A 137 15.25 -0.45 -2.86
N SER A 138 14.22 -0.18 -2.07
CA SER A 138 14.22 -0.56 -0.66
C SER A 138 13.83 -2.03 -0.52
N ARG A 139 14.55 -2.89 -1.25
CA ARG A 139 14.27 -4.32 -1.24
C ARG A 139 15.12 -5.04 -0.19
N GLY A 140 14.49 -5.98 0.50
CA GLY A 140 15.18 -6.74 1.51
C GLY A 140 14.21 -7.39 2.47
N SER A 141 14.56 -8.54 3.00
CA SER A 141 13.69 -9.25 3.91
C SER A 141 13.85 -8.73 5.34
N LYS A 142 13.26 -7.57 5.59
CA LYS A 142 13.26 -6.95 6.91
C LYS A 142 12.21 -5.84 6.95
N VAL A 143 11.52 -5.71 8.06
CA VAL A 143 10.48 -4.71 8.20
C VAL A 143 11.02 -3.45 8.89
N ASP A 144 11.95 -2.79 8.21
CA ASP A 144 12.60 -1.59 8.75
C ASP A 144 11.59 -0.46 8.94
N VAL A 145 10.86 -0.15 7.87
CA VAL A 145 9.89 0.95 7.87
C VAL A 145 8.94 0.90 9.07
N LEU A 146 8.22 -0.20 9.25
CA LEU A 146 7.25 -0.31 10.34
C LEU A 146 7.95 -0.27 11.70
N ALA A 147 9.12 -0.92 11.80
CA ALA A 147 9.89 -0.90 13.03
C ALA A 147 10.33 0.53 13.38
N HIS A 148 10.81 1.25 12.37
CA HIS A 148 11.24 2.64 12.56
C HIS A 148 10.05 3.51 12.96
N ALA A 149 8.89 3.25 12.36
CA ALA A 149 7.68 3.99 12.68
C ALA A 149 7.31 3.80 14.15
N LEU A 150 7.35 2.56 14.60
CA LEU A 150 7.00 2.23 15.98
C LEU A 150 8.05 2.78 16.95
N ALA A 151 9.29 2.85 16.50
CA ALA A 151 10.36 3.40 17.31
C ALA A 151 10.17 4.90 17.54
N GLN A 152 9.48 5.56 16.62
CA GLN A 152 9.24 6.99 16.74
C GLN A 152 7.99 7.30 17.57
N LEU A 153 6.99 6.44 17.47
CA LEU A 153 5.72 6.66 18.17
C LEU A 153 5.78 6.20 19.63
N ARG A 154 6.98 5.98 20.14
CA ARG A 154 7.18 5.54 21.51
C ARG A 154 6.47 6.45 22.51
N PRO A 155 5.93 5.89 23.60
CA PRO A 155 6.01 4.45 23.88
C PRO A 155 5.10 3.61 22.99
N LEU A 156 5.46 2.34 22.83
CA LEU A 156 4.70 1.44 21.97
C LEU A 156 3.56 0.79 22.73
N PRO A 157 2.32 1.04 22.30
CA PRO A 157 1.14 0.43 22.88
C PRO A 157 0.93 -1.00 22.38
N GLU A 158 0.51 -1.89 23.26
CA GLU A 158 0.31 -3.29 22.89
C GLU A 158 -0.94 -3.49 22.03
N ARG A 159 -1.68 -2.41 21.81
CA ARG A 159 -2.86 -2.47 20.95
C ARG A 159 -2.55 -1.82 19.61
N LEU A 160 -1.99 -2.60 18.70
CA LEU A 160 -1.58 -2.13 17.38
C LEU A 160 -2.20 -2.98 16.29
N VAL A 161 -2.48 -2.38 15.14
CA VAL A 161 -3.01 -3.11 14.00
C VAL A 161 -2.56 -2.49 12.69
N MET A 162 -2.15 -3.34 11.75
CA MET A 162 -1.69 -2.90 10.45
C MET A 162 -2.78 -3.08 9.41
N VAL A 163 -2.93 -2.11 8.53
CA VAL A 163 -3.91 -2.20 7.47
C VAL A 163 -3.23 -2.14 6.11
N GLY A 164 -3.16 -3.30 5.47
CA GLY A 164 -2.51 -3.42 4.18
C GLY A 164 -3.31 -4.24 3.19
N ASP A 165 -2.63 -4.93 2.29
CA ASP A 165 -3.31 -5.71 1.26
C ASP A 165 -2.43 -6.83 0.70
N ARG A 166 -1.13 -6.60 0.65
CA ARG A 166 -0.20 -7.56 0.04
C ARG A 166 0.43 -8.45 1.12
N SER A 167 0.87 -9.63 0.72
CA SER A 167 1.45 -10.59 1.63
C SER A 167 2.70 -10.08 2.34
N HIS A 168 3.39 -9.10 1.76
CA HIS A 168 4.66 -8.64 2.35
C HIS A 168 4.40 -7.71 3.53
N ASP A 169 3.39 -6.85 3.41
CA ASP A 169 3.03 -5.94 4.49
C ASP A 169 2.36 -6.73 5.60
N VAL A 170 1.55 -7.69 5.20
CA VAL A 170 0.90 -8.59 6.13
C VAL A 170 1.96 -9.42 6.87
N ASP A 171 2.94 -9.92 6.12
CA ASP A 171 4.04 -10.69 6.70
C ASP A 171 4.87 -9.83 7.65
N GLY A 172 5.15 -8.62 7.21
CA GLY A 172 5.93 -7.70 8.03
C GLY A 172 5.27 -7.40 9.35
N ALA A 173 3.97 -7.15 9.30
CA ALA A 173 3.20 -6.88 10.49
C ALA A 173 3.15 -8.13 11.38
N ALA A 174 2.89 -9.28 10.77
CA ALA A 174 2.80 -10.54 11.51
C ALA A 174 4.14 -10.89 12.15
N ALA A 175 5.22 -10.65 11.41
CA ALA A 175 6.57 -10.94 11.90
C ALA A 175 6.94 -10.02 13.05
N HIS A 176 6.34 -8.83 13.07
CA HIS A 176 6.63 -7.85 14.12
C HIS A 176 5.63 -8.00 15.25
N GLY A 177 4.86 -9.08 15.19
CA GLY A 177 3.88 -9.38 16.23
C GLY A 177 2.70 -8.44 16.22
N ILE A 178 2.26 -8.07 15.03
CA ILE A 178 1.16 -7.13 14.86
C ILE A 178 0.08 -7.73 13.98
N ASP A 179 -1.12 -7.89 14.52
CA ASP A 179 -2.23 -8.41 13.74
C ASP A 179 -2.62 -7.39 12.65
N THR A 180 -3.01 -7.89 11.49
CA THR A 180 -3.27 -7.01 10.38
C THR A 180 -4.61 -7.33 9.73
N VAL A 181 -5.19 -6.32 9.08
CA VAL A 181 -6.43 -6.45 8.35
C VAL A 181 -6.17 -6.19 6.88
N VAL A 182 -6.57 -7.11 6.02
CA VAL A 182 -6.36 -6.94 4.59
C VAL A 182 -7.52 -6.17 3.98
N VAL A 183 -7.21 -4.97 3.50
CA VAL A 183 -8.23 -4.10 2.93
C VAL A 183 -7.91 -3.78 1.48
N GLY A 184 -8.79 -4.21 0.59
CA GLY A 184 -8.60 -3.96 -0.82
C GLY A 184 -9.92 -3.68 -1.50
N TRP A 185 -9.99 -2.57 -2.22
CA TRP A 185 -11.22 -2.19 -2.90
C TRP A 185 -11.49 -3.14 -4.06
N GLY A 186 -12.30 -4.15 -3.79
CA GLY A 186 -12.63 -5.14 -4.80
C GLY A 186 -13.62 -6.15 -4.28
N TYR A 187 -14.03 -7.07 -5.14
CA TYR A 187 -15.00 -8.09 -4.77
C TYR A 187 -14.49 -9.49 -5.13
N GLY A 188 -13.84 -9.61 -6.27
CA GLY A 188 -13.26 -10.89 -6.66
C GLY A 188 -11.94 -11.12 -5.99
N ARG A 189 -11.97 -11.35 -4.67
CA ARG A 189 -10.77 -11.50 -3.89
C ARG A 189 -10.31 -12.96 -3.82
N ALA A 190 -11.26 -13.88 -3.86
CA ALA A 190 -10.95 -15.30 -3.74
C ALA A 190 -10.57 -15.90 -5.10
N ASP A 191 -10.48 -15.03 -6.10
CA ASP A 191 -10.11 -15.44 -7.45
C ASP A 191 -8.68 -15.95 -7.47
N PHE A 192 -7.83 -15.27 -6.70
CA PHE A 192 -6.43 -15.63 -6.60
C PHE A 192 -6.12 -16.12 -5.20
N ILE A 193 -5.38 -17.22 -5.11
CA ILE A 193 -5.00 -17.78 -3.83
C ILE A 193 -3.55 -17.43 -3.52
N ASP A 194 -3.34 -16.63 -2.48
CA ASP A 194 -2.00 -16.21 -2.10
C ASP A 194 -1.42 -17.15 -1.05
N LYS A 195 -0.11 -17.31 -1.08
CA LYS A 195 0.59 -18.19 -0.16
C LYS A 195 1.10 -17.41 1.04
N THR A 196 0.24 -17.24 2.04
CA THR A 196 0.60 -16.53 3.25
C THR A 196 -0.10 -17.18 4.45
N SER A 197 0.22 -16.71 5.65
CA SER A 197 -0.35 -17.27 6.86
C SER A 197 -1.57 -16.47 7.32
N THR A 198 -2.75 -16.97 7.00
CA THR A 198 -3.99 -16.30 7.36
C THR A 198 -4.54 -16.85 8.68
N THR A 199 -4.23 -16.14 9.78
CA THR A 199 -4.71 -16.52 11.10
C THR A 199 -6.18 -16.14 11.27
N VAL A 200 -6.54 -15.00 10.70
CA VAL A 200 -7.91 -14.50 10.78
C VAL A 200 -8.37 -14.04 9.40
N VAL A 201 -9.69 -13.97 9.23
CA VAL A 201 -10.27 -13.57 7.95
C VAL A 201 -10.62 -12.09 7.93
N THR A 202 -9.88 -11.31 8.70
CA THR A 202 -10.11 -9.87 8.80
C THR A 202 -9.83 -9.17 7.46
N HIS A 203 -10.89 -8.87 6.72
CA HIS A 203 -10.76 -8.23 5.44
C HIS A 203 -11.81 -7.15 5.29
N ALA A 204 -11.55 -6.18 4.42
CA ALA A 204 -12.50 -5.11 4.17
C ALA A 204 -12.63 -4.86 2.66
N ALA A 205 -13.74 -5.29 2.10
CA ALA A 205 -14.04 -5.07 0.69
C ALA A 205 -14.55 -3.64 0.49
N THR A 206 -15.11 -3.10 1.56
CA THR A 206 -15.62 -1.74 1.56
C THR A 206 -15.10 -0.99 2.77
N ILE A 207 -15.19 0.33 2.76
CA ILE A 207 -14.68 1.15 3.85
C ILE A 207 -15.49 0.92 5.13
N ASP A 208 -16.75 0.52 4.95
CA ASP A 208 -17.64 0.28 6.07
C ASP A 208 -17.14 -0.86 6.95
N GLU A 209 -16.49 -1.85 6.33
CA GLU A 209 -15.96 -2.98 7.07
C GLU A 209 -14.78 -2.53 7.92
N LEU A 210 -13.98 -1.61 7.38
CA LEU A 210 -12.87 -1.04 8.13
C LEU A 210 -13.41 -0.23 9.30
N ARG A 211 -14.48 0.50 9.03
CA ARG A 211 -15.15 1.32 10.02
C ARG A 211 -15.59 0.49 11.22
N GLU A 212 -16.42 -0.52 10.98
CA GLU A 212 -16.95 -1.34 12.05
C GLU A 212 -15.87 -2.17 12.74
N ALA A 213 -14.87 -2.61 11.98
CA ALA A 213 -13.80 -3.43 12.52
C ALA A 213 -12.97 -2.67 13.54
N LEU A 214 -12.62 -1.44 13.21
CA LEU A 214 -11.79 -0.62 14.08
C LEU A 214 -12.62 0.00 15.21
N GLY A 215 -13.94 -0.12 15.12
CA GLY A 215 -14.81 0.34 16.18
C GLY A 215 -15.14 1.81 16.12
N VAL A 216 -15.54 2.29 14.95
CA VAL A 216 -15.93 3.69 14.79
C VAL A 216 -17.35 3.78 14.25
N GLY A 1 -15.86 2.42 19.78
CA GLY A 1 -15.39 2.39 21.18
C GLY A 1 -14.21 1.45 21.38
N GLU A 2 -14.37 0.22 20.93
CA GLU A 2 -13.31 -0.76 21.04
C GLU A 2 -12.37 -0.66 19.85
N SER A 3 -11.53 0.36 19.87
CA SER A 3 -10.57 0.60 18.83
C SER A 3 -9.15 0.38 19.34
N PRO A 4 -8.20 0.09 18.44
CA PRO A 4 -6.80 0.00 18.82
C PRO A 4 -6.24 1.39 19.06
N GLN A 5 -5.02 1.48 19.56
CA GLN A 5 -4.44 2.78 19.87
C GLN A 5 -3.62 3.30 18.69
N LEU A 6 -3.27 2.42 17.77
CA LEU A 6 -2.52 2.81 16.58
C LEU A 6 -2.87 1.90 15.40
N VAL A 7 -3.21 2.54 14.29
CA VAL A 7 -3.57 1.83 13.07
C VAL A 7 -2.65 2.24 11.93
N ILE A 8 -1.93 1.27 11.38
CA ILE A 8 -1.02 1.53 10.27
C ILE A 8 -1.72 1.29 8.94
N PHE A 9 -1.65 2.27 8.07
CA PHE A 9 -2.22 2.16 6.74
C PHE A 9 -1.13 2.17 5.68
N ASP A 10 -1.27 1.27 4.72
CA ASP A 10 -0.35 1.20 3.59
C ASP A 10 -0.77 2.22 2.54
N LEU A 11 0.19 2.72 1.78
CA LEU A 11 -0.09 3.75 0.79
C LEU A 11 -0.01 3.20 -0.63
N ASP A 12 -0.92 2.28 -0.96
CA ASP A 12 -1.01 1.72 -2.31
C ASP A 12 -2.21 0.80 -2.41
N GLY A 13 -3.18 1.15 -3.23
CA GLY A 13 -4.35 0.29 -3.40
C GLY A 13 -5.32 0.34 -2.24
N THR A 14 -4.80 0.41 -1.02
CA THR A 14 -5.63 0.40 0.17
C THR A 14 -6.21 1.78 0.45
N LEU A 15 -5.33 2.75 0.63
CA LEU A 15 -5.73 4.10 0.97
C LEU A 15 -6.24 4.88 -0.26
N THR A 16 -5.85 4.42 -1.45
CA THR A 16 -6.25 5.08 -2.69
C THR A 16 -6.31 4.09 -3.83
N ASP A 17 -7.14 4.37 -4.83
CA ASP A 17 -7.23 3.52 -6.01
C ASP A 17 -6.10 3.91 -6.96
N SER A 18 -4.90 3.48 -6.61
CA SER A 18 -3.71 3.81 -7.38
C SER A 18 -3.65 3.05 -8.70
N ALA A 19 -4.60 2.13 -8.90
CA ALA A 19 -4.68 1.34 -10.12
C ALA A 19 -4.52 2.22 -11.37
N ARG A 20 -5.32 3.29 -11.44
CA ARG A 20 -5.25 4.23 -12.55
C ARG A 20 -3.81 4.67 -12.82
N GLY A 21 -3.15 5.17 -11.78
CA GLY A 21 -1.78 5.63 -11.90
C GLY A 21 -0.82 4.51 -12.28
N ILE A 22 -1.08 3.32 -11.77
CA ILE A 22 -0.24 2.16 -12.04
C ILE A 22 -0.37 1.73 -13.51
N VAL A 23 -1.61 1.63 -13.98
CA VAL A 23 -1.87 1.23 -15.37
C VAL A 23 -1.20 2.19 -16.35
N SER A 24 -1.36 3.49 -16.10
CA SER A 24 -0.77 4.51 -16.96
C SER A 24 0.75 4.33 -17.04
N SER A 25 1.38 4.26 -15.87
CA SER A 25 2.82 4.10 -15.78
C SER A 25 3.27 2.76 -16.37
N PHE A 26 2.46 1.72 -16.15
CA PHE A 26 2.75 0.38 -16.66
C PHE A 26 2.85 0.36 -18.19
N ARG A 27 1.92 1.04 -18.85
CA ARG A 27 1.93 1.09 -20.31
C ARG A 27 3.19 1.79 -20.80
N HIS A 28 3.58 2.86 -20.12
CA HIS A 28 4.80 3.60 -20.50
C HIS A 28 6.06 2.76 -20.27
N ALA A 29 6.13 2.14 -19.10
CA ALA A 29 7.28 1.31 -18.73
C ALA A 29 7.54 0.22 -19.78
N LEU A 30 6.53 -0.57 -20.07
CA LEU A 30 6.65 -1.64 -21.04
C LEU A 30 7.00 -1.10 -22.42
N ASN A 31 6.45 0.06 -22.76
CA ASN A 31 6.70 0.66 -24.06
C ASN A 31 8.18 1.01 -24.19
N HIS A 32 8.78 1.49 -23.10
CA HIS A 32 10.19 1.87 -23.06
C HIS A 32 11.09 0.71 -23.47
N ILE A 33 10.74 -0.51 -23.04
CA ILE A 33 11.58 -1.66 -23.35
C ILE A 33 11.09 -2.40 -24.59
N GLY A 34 9.99 -1.92 -25.16
CA GLY A 34 9.45 -2.54 -26.35
C GLY A 34 8.67 -3.81 -26.05
N ALA A 35 8.04 -3.84 -24.89
CA ALA A 35 7.25 -4.99 -24.48
C ALA A 35 5.79 -4.83 -24.93
N PRO A 36 5.12 -5.95 -25.25
CA PRO A 36 3.73 -5.91 -25.71
C PRO A 36 2.76 -5.47 -24.63
N VAL A 37 2.07 -4.38 -24.89
CA VAL A 37 1.07 -3.87 -23.97
C VAL A 37 -0.33 -4.25 -24.47
N PRO A 38 -1.08 -5.03 -23.70
CA PRO A 38 -2.44 -5.45 -24.06
C PRO A 38 -3.42 -4.27 -24.16
N GLU A 39 -4.28 -4.29 -25.17
CA GLU A 39 -5.26 -3.23 -25.35
C GLU A 39 -6.59 -3.64 -24.70
N GLY A 40 -6.81 -3.23 -23.47
CA GLY A 40 -8.05 -3.56 -22.81
C GLY A 40 -7.92 -3.68 -21.31
N ASP A 41 -8.73 -4.56 -20.73
CA ASP A 41 -8.71 -4.77 -19.28
C ASP A 41 -7.45 -5.48 -18.84
N LEU A 42 -6.59 -4.75 -18.16
CA LEU A 42 -5.35 -5.28 -17.62
C LEU A 42 -5.19 -4.84 -16.16
N ALA A 43 -6.05 -3.92 -15.75
CA ALA A 43 -6.00 -3.38 -14.39
C ALA A 43 -6.34 -4.46 -13.37
N THR A 44 -7.35 -5.27 -13.69
CA THR A 44 -7.76 -6.35 -12.81
C THR A 44 -6.68 -7.44 -12.76
N HIS A 45 -5.78 -7.43 -13.73
CA HIS A 45 -4.70 -8.41 -13.79
C HIS A 45 -3.51 -7.97 -12.93
N ILE A 46 -3.33 -6.66 -12.79
CA ILE A 46 -2.16 -6.14 -12.09
C ILE A 46 -2.47 -5.79 -10.63
N VAL A 47 -3.68 -6.10 -10.18
CA VAL A 47 -4.06 -5.80 -8.80
C VAL A 47 -3.80 -7.01 -7.90
N GLY A 48 -2.94 -6.82 -6.91
CA GLY A 48 -2.61 -7.88 -5.98
C GLY A 48 -1.12 -8.09 -5.81
N PRO A 49 -0.44 -8.66 -6.83
CA PRO A 49 0.99 -8.91 -6.77
C PRO A 49 1.80 -7.61 -6.71
N PRO A 50 2.95 -7.64 -6.01
CA PRO A 50 3.83 -6.47 -5.91
C PRO A 50 4.38 -6.07 -7.28
N MET A 51 4.75 -4.80 -7.40
CA MET A 51 5.22 -4.23 -8.66
C MET A 51 6.26 -5.08 -9.38
N HIS A 52 7.27 -5.57 -8.65
CA HIS A 52 8.33 -6.36 -9.30
C HIS A 52 7.78 -7.70 -9.80
N GLU A 53 6.77 -8.23 -9.12
CA GLU A 53 6.16 -9.50 -9.49
C GLU A 53 5.27 -9.31 -10.70
N THR A 54 4.44 -8.28 -10.65
CA THR A 54 3.52 -7.96 -11.74
C THR A 54 4.30 -7.71 -13.03
N LEU A 55 5.40 -6.99 -12.91
CA LEU A 55 6.25 -6.66 -14.04
C LEU A 55 6.83 -7.95 -14.64
N ARG A 56 7.21 -8.86 -13.76
CA ARG A 56 7.79 -10.13 -14.20
C ARG A 56 6.69 -11.10 -14.63
N ALA A 57 5.46 -10.81 -14.22
CA ALA A 57 4.31 -11.64 -14.57
C ALA A 57 3.86 -11.39 -15.99
N MET A 58 4.23 -10.23 -16.51
CA MET A 58 3.88 -9.87 -17.87
C MET A 58 4.82 -10.55 -18.87
N GLY A 59 5.93 -11.07 -18.36
CA GLY A 59 6.88 -11.78 -19.20
C GLY A 59 7.90 -10.87 -19.83
N LEU A 60 9.01 -10.65 -19.14
CA LEU A 60 10.09 -9.80 -19.64
C LEU A 60 11.37 -10.61 -19.80
N GLY A 61 12.41 -9.95 -20.29
CA GLY A 61 13.70 -10.62 -20.43
C GLY A 61 14.63 -10.28 -19.30
N GLU A 62 15.71 -9.56 -19.60
CA GLU A 62 16.68 -9.18 -18.57
C GLU A 62 16.57 -7.70 -18.26
N SER A 63 15.73 -6.99 -19.01
CA SER A 63 15.58 -5.56 -18.85
C SER A 63 14.48 -5.22 -17.83
N ALA A 64 14.26 -6.12 -16.89
CA ALA A 64 13.25 -5.92 -15.86
C ALA A 64 13.55 -4.69 -15.01
N GLU A 65 14.82 -4.48 -14.70
CA GLU A 65 15.23 -3.34 -13.88
C GLU A 65 15.10 -2.04 -14.65
N GLU A 66 15.26 -2.11 -15.96
CA GLU A 66 15.07 -0.93 -16.81
C GLU A 66 13.60 -0.56 -16.86
N ALA A 67 12.76 -1.58 -16.96
CA ALA A 67 11.32 -1.38 -17.00
C ALA A 67 10.80 -0.83 -15.67
N ILE A 68 11.26 -1.41 -14.56
CA ILE A 68 10.80 -0.98 -13.24
C ILE A 68 11.21 0.47 -12.95
N VAL A 69 12.40 0.89 -13.40
CA VAL A 69 12.84 2.25 -13.14
C VAL A 69 12.07 3.23 -14.01
N ALA A 70 11.69 2.79 -15.22
CA ALA A 70 10.88 3.61 -16.11
C ALA A 70 9.51 3.83 -15.49
N TYR A 71 8.97 2.76 -14.90
CA TYR A 71 7.70 2.82 -14.20
C TYR A 71 7.77 3.83 -13.06
N ARG A 72 8.85 3.77 -12.29
CA ARG A 72 9.08 4.69 -11.17
C ARG A 72 9.11 6.13 -11.66
N ALA A 73 9.79 6.36 -12.77
CA ALA A 73 9.92 7.70 -13.34
C ALA A 73 8.58 8.27 -13.79
N ASP A 74 7.81 7.47 -14.52
CA ASP A 74 6.52 7.92 -15.02
C ASP A 74 5.52 8.06 -13.89
N TYR A 75 5.65 7.22 -12.87
CA TYR A 75 4.76 7.26 -11.73
C TYR A 75 5.03 8.52 -10.89
N SER A 76 6.30 8.82 -10.67
CA SER A 76 6.68 9.97 -9.85
C SER A 76 6.40 11.29 -10.59
N ALA A 77 6.32 11.22 -11.91
CA ALA A 77 6.12 12.43 -12.72
C ALA A 77 4.67 12.58 -13.19
N ARG A 78 4.03 11.47 -13.53
CA ARG A 78 2.66 11.49 -14.02
C ARG A 78 1.71 10.73 -13.09
N GLY A 79 2.19 9.63 -12.54
CA GLY A 79 1.36 8.76 -11.71
C GLY A 79 0.74 9.45 -10.50
N TRP A 80 1.44 10.43 -9.93
CA TRP A 80 0.94 11.12 -8.75
C TRP A 80 -0.34 11.89 -9.04
N ALA A 81 -0.48 12.35 -10.28
CA ALA A 81 -1.65 13.11 -10.68
C ALA A 81 -2.79 12.18 -11.09
N MET A 82 -2.48 10.89 -11.19
CA MET A 82 -3.46 9.89 -11.59
C MET A 82 -4.00 9.13 -10.38
N ASN A 83 -4.16 9.81 -9.25
CA ASN A 83 -4.66 9.17 -8.04
C ASN A 83 -5.55 10.14 -7.24
N SER A 84 -6.48 9.58 -6.46
CA SER A 84 -7.42 10.37 -5.70
C SER A 84 -8.10 9.51 -4.62
N LEU A 85 -8.54 10.16 -3.55
CA LEU A 85 -9.22 9.48 -2.44
C LEU A 85 -10.66 9.19 -2.82
N PHE A 86 -11.00 7.91 -2.88
CA PHE A 86 -12.36 7.50 -3.21
C PHE A 86 -13.28 7.62 -1.99
N ASP A 87 -14.59 7.52 -2.24
CA ASP A 87 -15.59 7.66 -1.18
C ASP A 87 -15.53 6.49 -0.21
N GLY A 88 -14.77 6.65 0.86
CA GLY A 88 -14.64 5.61 1.86
C GLY A 88 -13.47 5.85 2.79
N ILE A 89 -12.28 5.92 2.21
CA ILE A 89 -11.06 6.16 2.98
C ILE A 89 -11.09 7.51 3.68
N GLY A 90 -11.61 8.53 2.98
CA GLY A 90 -11.69 9.87 3.55
C GLY A 90 -12.43 9.90 4.88
N PRO A 91 -13.72 9.52 4.91
CA PRO A 91 -14.50 9.47 6.14
C PRO A 91 -13.90 8.52 7.17
N LEU A 92 -13.27 7.44 6.71
CA LEU A 92 -12.66 6.47 7.60
C LEU A 92 -11.63 7.15 8.50
N LEU A 93 -10.73 7.90 7.86
CA LEU A 93 -9.70 8.64 8.57
C LEU A 93 -10.31 9.64 9.55
N ALA A 94 -11.41 10.26 9.13
CA ALA A 94 -12.09 11.24 9.95
C ALA A 94 -12.66 10.61 11.22
N ASP A 95 -13.38 9.51 11.06
CA ASP A 95 -14.00 8.82 12.19
C ASP A 95 -12.94 8.29 13.14
N LEU A 96 -11.89 7.66 12.58
CA LEU A 96 -10.81 7.09 13.38
C LEU A 96 -10.15 8.14 14.27
N ARG A 97 -9.69 9.22 13.64
CA ARG A 97 -8.98 10.26 14.37
C ARG A 97 -9.88 10.91 15.42
N THR A 98 -11.16 11.07 15.09
CA THR A 98 -12.12 11.67 15.99
C THR A 98 -12.29 10.83 17.26
N ALA A 99 -12.24 9.51 17.11
CA ALA A 99 -12.40 8.59 18.24
C ALA A 99 -11.13 8.52 19.09
N GLY A 100 -10.09 9.24 18.68
CA GLY A 100 -8.84 9.23 19.42
C GLY A 100 -7.90 8.14 18.94
N VAL A 101 -8.15 7.63 17.75
CA VAL A 101 -7.32 6.60 17.16
C VAL A 101 -6.09 7.23 16.52
N ARG A 102 -4.91 6.78 16.89
CA ARG A 102 -3.68 7.29 16.32
C ARG A 102 -3.43 6.59 14.98
N LEU A 103 -3.52 7.34 13.89
CA LEU A 103 -3.28 6.76 12.58
C LEU A 103 -1.84 6.98 12.16
N ALA A 104 -1.29 6.04 11.41
CA ALA A 104 0.07 6.14 10.93
C ALA A 104 0.21 5.50 9.57
N VAL A 105 1.11 6.02 8.77
CA VAL A 105 1.35 5.51 7.43
C VAL A 105 2.59 4.64 7.41
N ALA A 106 2.53 3.55 6.68
CA ALA A 106 3.66 2.66 6.52
C ALA A 106 3.61 2.03 5.14
N THR A 107 4.49 2.49 4.26
CA THR A 107 4.48 2.01 2.90
C THR A 107 5.90 1.85 2.36
N SER A 108 6.02 1.09 1.27
CA SER A 108 7.30 0.90 0.61
C SER A 108 7.54 2.04 -0.38
N LYS A 109 6.69 3.05 -0.32
CA LYS A 109 6.82 4.22 -1.17
C LYS A 109 7.76 5.23 -0.52
N ALA A 110 8.50 5.97 -1.33
CA ALA A 110 9.43 6.97 -0.81
C ALA A 110 8.68 8.13 -0.15
N GLU A 111 9.24 8.65 0.93
CA GLU A 111 8.61 9.73 1.69
C GLU A 111 8.31 10.97 0.81
N PRO A 112 9.32 11.52 0.09
CA PRO A 112 9.12 12.71 -0.75
C PRO A 112 7.95 12.55 -1.72
N THR A 113 7.87 11.39 -2.35
CA THR A 113 6.80 11.11 -3.31
C THR A 113 5.45 10.99 -2.59
N ALA A 114 5.45 10.25 -1.48
CA ALA A 114 4.23 10.04 -0.70
C ALA A 114 3.70 11.35 -0.14
N ARG A 115 4.59 12.16 0.41
CA ARG A 115 4.21 13.43 1.02
C ARG A 115 3.58 14.38 0.00
N ARG A 116 4.13 14.44 -1.20
CA ARG A 116 3.58 15.32 -2.23
C ARG A 116 2.15 14.90 -2.59
N ILE A 117 1.91 13.60 -2.58
CA ILE A 117 0.58 13.08 -2.87
C ILE A 117 -0.36 13.30 -1.68
N LEU A 118 0.09 12.90 -0.49
CA LEU A 118 -0.70 13.02 0.73
C LEU A 118 -1.02 14.47 1.05
N ARG A 119 -0.07 15.37 0.78
CA ARG A 119 -0.27 16.79 1.04
C ARG A 119 -1.21 17.39 0.00
N HIS A 120 -1.19 16.84 -1.22
CA HIS A 120 -2.10 17.29 -2.27
C HIS A 120 -3.53 17.07 -1.81
N PHE A 121 -3.75 15.98 -1.08
CA PHE A 121 -5.06 15.68 -0.52
C PHE A 121 -5.29 16.52 0.72
N GLY A 122 -4.26 16.63 1.56
CA GLY A 122 -4.35 17.39 2.78
C GLY A 122 -4.66 16.52 3.98
N ILE A 123 -4.08 15.32 4.00
CA ILE A 123 -4.35 14.38 5.07
C ILE A 123 -3.13 14.17 5.97
N GLU A 124 -2.10 15.01 5.79
CA GLU A 124 -0.86 14.88 6.57
C GLU A 124 -1.11 14.88 8.08
N GLN A 125 -1.68 15.98 8.58
CA GLN A 125 -1.88 16.15 10.02
C GLN A 125 -2.92 15.18 10.58
N HIS A 126 -3.64 14.51 9.69
CA HIS A 126 -4.65 13.54 10.11
C HIS A 126 -3.93 12.26 10.55
N PHE A 127 -2.76 12.04 9.98
CA PHE A 127 -1.88 10.95 10.38
C PHE A 127 -0.86 11.46 11.35
N GLU A 128 -0.41 10.62 12.25
CA GLU A 128 0.60 11.02 13.22
C GLU A 128 1.99 10.88 12.63
N VAL A 129 2.32 9.69 12.16
CA VAL A 129 3.63 9.42 11.60
C VAL A 129 3.53 8.87 10.19
N ILE A 130 4.16 9.56 9.24
CA ILE A 130 4.20 9.11 7.86
C ILE A 130 5.51 8.34 7.64
N ALA A 131 5.45 7.01 7.70
CA ALA A 131 6.65 6.20 7.56
C ALA A 131 6.93 5.85 6.11
N GLY A 132 7.82 6.63 5.50
CA GLY A 132 8.25 6.35 4.15
C GLY A 132 9.33 5.29 4.14
N ALA A 133 9.43 4.55 3.04
CA ALA A 133 10.42 3.48 2.92
C ALA A 133 11.84 4.02 3.09
N SER A 134 12.23 4.93 2.21
CA SER A 134 13.55 5.50 2.25
C SER A 134 13.62 6.81 1.46
N THR A 135 14.78 7.44 1.48
CA THR A 135 15.02 8.68 0.76
C THR A 135 16.12 8.45 -0.27
N ASP A 136 16.83 9.52 -0.65
CA ASP A 136 17.91 9.40 -1.62
C ASP A 136 18.96 8.39 -1.15
N GLY A 137 19.41 7.55 -2.06
CA GLY A 137 20.40 6.55 -1.72
C GLY A 137 19.80 5.18 -1.52
N SER A 138 19.07 5.03 -0.43
CA SER A 138 18.46 3.75 -0.10
C SER A 138 17.17 3.56 -0.88
N ARG A 139 16.92 2.34 -1.33
CA ARG A 139 15.72 2.02 -2.08
C ARG A 139 15.33 0.56 -1.91
N GLY A 140 14.08 0.33 -1.54
CA GLY A 140 13.60 -1.03 -1.36
C GLY A 140 12.49 -1.12 -0.34
N SER A 141 12.41 -2.26 0.34
CA SER A 141 11.39 -2.49 1.35
C SER A 141 11.98 -3.34 2.48
N LYS A 142 11.76 -2.90 3.72
CA LYS A 142 12.27 -3.63 4.87
C LYS A 142 11.32 -3.43 6.05
N VAL A 143 11.26 -4.43 6.93
CA VAL A 143 10.35 -4.43 8.08
C VAL A 143 10.60 -3.24 9.00
N ASP A 144 11.83 -2.75 9.00
CA ASP A 144 12.23 -1.64 9.87
C ASP A 144 11.44 -0.38 9.56
N VAL A 145 10.89 -0.26 8.35
CA VAL A 145 10.05 0.89 8.01
C VAL A 145 8.88 1.01 8.99
N LEU A 146 8.21 -0.13 9.23
CA LEU A 146 7.11 -0.17 10.17
C LEU A 146 7.61 0.07 11.59
N ALA A 147 8.76 -0.55 11.90
CA ALA A 147 9.39 -0.40 13.20
C ALA A 147 9.75 1.05 13.48
N HIS A 148 10.17 1.77 12.44
CA HIS A 148 10.55 3.18 12.56
C HIS A 148 9.34 4.03 12.90
N ALA A 149 8.21 3.71 12.29
CA ALA A 149 6.97 4.44 12.55
C ALA A 149 6.61 4.37 14.03
N LEU A 150 6.69 3.16 14.56
CA LEU A 150 6.38 2.92 15.97
C LEU A 150 7.44 3.55 16.87
N ALA A 151 8.70 3.49 16.43
CA ALA A 151 9.80 4.05 17.21
C ALA A 151 9.69 5.57 17.36
N GLN A 152 9.09 6.22 16.37
CA GLN A 152 8.91 7.67 16.41
C GLN A 152 7.76 8.06 17.34
N LEU A 153 6.69 7.29 17.31
CA LEU A 153 5.50 7.59 18.12
C LEU A 153 5.57 6.96 19.52
N ARG A 154 6.78 6.65 19.98
CA ARG A 154 6.97 6.04 21.30
C ARG A 154 6.27 6.82 22.40
N PRO A 155 5.85 6.13 23.48
CA PRO A 155 6.06 4.70 23.65
C PRO A 155 5.16 3.85 22.76
N LEU A 156 5.39 2.54 22.77
CA LEU A 156 4.65 1.61 21.93
C LEU A 156 3.38 1.16 22.63
N PRO A 157 2.21 1.39 22.01
CA PRO A 157 0.92 0.97 22.56
C PRO A 157 0.73 -0.54 22.50
N GLU A 158 -0.27 -1.04 23.21
CA GLU A 158 -0.53 -2.48 23.27
C GLU A 158 -1.39 -2.92 22.09
N ARG A 159 -2.30 -2.07 21.65
CA ARG A 159 -3.21 -2.41 20.57
C ARG A 159 -2.76 -1.79 19.25
N LEU A 160 -2.23 -2.65 18.39
CA LEU A 160 -1.72 -2.23 17.08
C LEU A 160 -2.37 -3.06 15.99
N VAL A 161 -2.60 -2.45 14.83
CA VAL A 161 -3.19 -3.16 13.71
C VAL A 161 -2.70 -2.57 12.38
N MET A 162 -2.32 -3.43 11.46
CA MET A 162 -1.83 -3.02 10.16
C MET A 162 -2.88 -3.33 9.09
N VAL A 163 -3.17 -2.35 8.24
CA VAL A 163 -4.18 -2.51 7.21
C VAL A 163 -3.55 -2.42 5.81
N GLY A 164 -3.72 -3.49 5.04
CA GLY A 164 -3.18 -3.55 3.69
C GLY A 164 -3.69 -4.77 2.94
N ASP A 165 -3.40 -4.84 1.64
CA ASP A 165 -3.86 -5.97 0.83
C ASP A 165 -2.71 -6.97 0.56
N ARG A 166 -1.53 -6.45 0.24
CA ARG A 166 -0.38 -7.30 -0.04
C ARG A 166 0.07 -8.07 1.19
N SER A 167 0.11 -9.39 1.07
CA SER A 167 0.55 -10.25 2.14
C SER A 167 2.04 -10.05 2.43
N HIS A 168 2.69 -9.27 1.58
CA HIS A 168 4.11 -8.93 1.73
C HIS A 168 4.29 -8.01 2.94
N ASP A 169 3.54 -6.92 2.95
CA ASP A 169 3.63 -5.94 4.01
C ASP A 169 2.91 -6.45 5.24
N VAL A 170 1.92 -7.30 5.00
CA VAL A 170 1.21 -7.97 6.08
C VAL A 170 2.14 -8.97 6.76
N ASP A 171 3.04 -9.54 5.96
CA ASP A 171 4.03 -10.49 6.46
C ASP A 171 4.92 -9.83 7.49
N GLY A 172 5.45 -8.66 7.14
CA GLY A 172 6.30 -7.91 8.05
C GLY A 172 5.59 -7.56 9.34
N ALA A 173 4.32 -7.18 9.23
CA ALA A 173 3.51 -6.84 10.39
C ALA A 173 3.32 -8.06 11.28
N ALA A 174 3.01 -9.18 10.68
CA ALA A 174 2.81 -10.43 11.42
C ALA A 174 4.11 -10.90 12.04
N ALA A 175 5.21 -10.64 11.34
CA ALA A 175 6.54 -11.00 11.84
C ALA A 175 6.90 -10.19 13.07
N HIS A 176 6.28 -9.03 13.23
CA HIS A 176 6.55 -8.20 14.39
C HIS A 176 5.43 -8.37 15.43
N GLY A 177 4.57 -9.36 15.20
CA GLY A 177 3.48 -9.64 16.12
C GLY A 177 2.50 -8.49 16.20
N ILE A 178 1.86 -8.19 15.08
CA ILE A 178 0.92 -7.09 14.99
C ILE A 178 -0.37 -7.58 14.33
N ASP A 179 -1.51 -7.07 14.78
CA ASP A 179 -2.79 -7.47 14.22
C ASP A 179 -2.88 -7.05 12.75
N THR A 180 -3.59 -7.82 11.95
CA THR A 180 -3.60 -7.59 10.51
C THR A 180 -5.01 -7.53 9.93
N VAL A 181 -5.30 -6.46 9.22
CA VAL A 181 -6.55 -6.33 8.49
C VAL A 181 -6.27 -6.29 7.00
N VAL A 182 -6.45 -7.43 6.35
CA VAL A 182 -6.17 -7.55 4.93
C VAL A 182 -7.37 -7.09 4.10
N VAL A 183 -7.22 -5.97 3.42
CA VAL A 183 -8.30 -5.44 2.61
C VAL A 183 -8.11 -5.82 1.15
N GLY A 184 -9.02 -5.39 0.29
CA GLY A 184 -8.86 -5.64 -1.12
C GLY A 184 -10.08 -5.24 -1.94
N TRP A 185 -9.95 -4.15 -2.69
CA TRP A 185 -11.04 -3.69 -3.53
C TRP A 185 -10.99 -4.40 -4.87
N GLY A 186 -12.15 -4.82 -5.37
CA GLY A 186 -12.21 -5.47 -6.66
C GLY A 186 -12.73 -6.90 -6.56
N TYR A 187 -12.31 -7.75 -7.50
CA TYR A 187 -12.75 -9.13 -7.51
C TYR A 187 -11.82 -10.00 -6.67
N GLY A 188 -12.40 -10.82 -5.81
CA GLY A 188 -11.61 -11.75 -5.04
C GLY A 188 -11.14 -12.91 -5.90
N ARG A 189 -9.98 -12.73 -6.53
CA ARG A 189 -9.48 -13.71 -7.47
C ARG A 189 -7.96 -13.93 -7.30
N ALA A 190 -7.21 -12.84 -7.27
CA ALA A 190 -5.76 -12.91 -7.18
C ALA A 190 -5.26 -13.15 -5.75
N ASP A 191 -6.14 -13.63 -4.89
CA ASP A 191 -5.79 -13.89 -3.49
C ASP A 191 -4.87 -15.09 -3.35
N PHE A 192 -3.56 -14.85 -3.50
CA PHE A 192 -2.49 -15.84 -3.30
C PHE A 192 -2.87 -17.27 -3.72
N ILE A 193 -3.40 -17.40 -4.94
CA ILE A 193 -3.81 -18.70 -5.45
C ILE A 193 -2.62 -19.61 -5.78
N ASP A 194 -1.42 -19.08 -5.62
CA ASP A 194 -0.20 -19.82 -5.92
C ASP A 194 0.39 -20.45 -4.67
N LYS A 195 -0.08 -20.00 -3.52
CA LYS A 195 0.46 -20.50 -2.25
C LYS A 195 -0.60 -21.22 -1.42
N THR A 196 -0.34 -22.48 -1.14
CA THR A 196 -1.19 -23.26 -0.28
C THR A 196 -0.73 -23.06 1.17
N SER A 197 -1.38 -23.75 2.11
CA SER A 197 -1.06 -23.62 3.54
C SER A 197 -1.34 -22.19 4.01
N THR A 198 -2.60 -21.88 4.26
CA THR A 198 -2.99 -20.55 4.69
C THR A 198 -3.06 -20.48 6.21
N THR A 199 -3.05 -19.27 6.74
CA THR A 199 -3.12 -19.05 8.17
C THR A 199 -4.43 -18.38 8.56
N VAL A 200 -5.33 -18.27 7.58
CA VAL A 200 -6.62 -17.58 7.76
C VAL A 200 -6.42 -16.07 7.85
N VAL A 201 -7.06 -15.35 6.93
CA VAL A 201 -6.91 -13.90 6.88
C VAL A 201 -8.25 -13.19 7.00
N THR A 202 -8.25 -12.10 7.74
CA THR A 202 -9.42 -11.24 7.86
C THR A 202 -9.45 -10.26 6.69
N HIS A 203 -10.21 -10.61 5.66
CA HIS A 203 -10.23 -9.82 4.45
C HIS A 203 -11.41 -8.83 4.44
N ALA A 204 -11.09 -7.55 4.39
CA ALA A 204 -12.11 -6.51 4.32
C ALA A 204 -12.41 -6.20 2.85
N ALA A 205 -13.58 -6.61 2.41
CA ALA A 205 -13.99 -6.42 1.03
C ALA A 205 -14.47 -4.99 0.78
N THR A 206 -15.01 -4.36 1.81
CA THR A 206 -15.53 -3.02 1.69
C THR A 206 -15.02 -2.12 2.82
N ILE A 207 -15.18 -0.81 2.65
CA ILE A 207 -14.71 0.15 3.64
C ILE A 207 -15.58 0.10 4.90
N ASP A 208 -16.83 -0.33 4.71
CA ASP A 208 -17.77 -0.46 5.81
C ASP A 208 -17.25 -1.44 6.87
N GLU A 209 -16.57 -2.47 6.41
CA GLU A 209 -16.00 -3.47 7.32
C GLU A 209 -14.85 -2.87 8.12
N LEU A 210 -14.09 -1.98 7.50
CA LEU A 210 -12.97 -1.33 8.17
C LEU A 210 -13.47 -0.46 9.32
N ARG A 211 -14.52 0.31 9.06
CA ARG A 211 -15.11 1.17 10.07
C ARG A 211 -15.48 0.38 11.32
N GLU A 212 -16.27 -0.67 11.15
CA GLU A 212 -16.72 -1.47 12.29
C GLU A 212 -15.59 -2.26 12.94
N ALA A 213 -14.67 -2.79 12.11
CA ALA A 213 -13.58 -3.60 12.62
C ALA A 213 -12.62 -2.80 13.48
N LEU A 214 -12.37 -1.57 13.08
CA LEU A 214 -11.45 -0.71 13.83
C LEU A 214 -12.12 -0.18 15.09
N GLY A 215 -13.46 -0.26 15.14
CA GLY A 215 -14.18 0.10 16.34
C GLY A 215 -14.40 1.58 16.55
N VAL A 216 -14.83 2.28 15.51
CA VAL A 216 -15.14 3.71 15.65
C VAL A 216 -16.62 3.91 16.00
N GLY A 1 -16.15 0.74 19.17
CA GLY A 1 -15.39 0.62 20.44
C GLY A 1 -14.49 -0.61 20.45
N GLU A 2 -13.54 -0.63 21.41
CA GLU A 2 -12.57 -1.72 21.56
C GLU A 2 -11.55 -1.73 20.42
N SER A 3 -11.31 -0.55 19.87
CA SER A 3 -10.33 -0.38 18.81
C SER A 3 -8.90 -0.49 19.37
N PRO A 4 -7.91 -0.80 18.52
CA PRO A 4 -6.51 -0.86 18.94
C PRO A 4 -6.01 0.52 19.35
N GLN A 5 -4.74 0.62 19.73
CA GLN A 5 -4.21 1.89 20.16
C GLN A 5 -3.60 2.65 18.98
N LEU A 6 -3.20 1.92 17.95
CA LEU A 6 -2.62 2.54 16.76
C LEU A 6 -2.90 1.69 15.53
N VAL A 7 -3.22 2.38 14.44
CA VAL A 7 -3.53 1.72 13.19
C VAL A 7 -2.60 2.22 12.08
N ILE A 8 -1.82 1.29 11.52
CA ILE A 8 -0.89 1.62 10.44
C ILE A 8 -1.54 1.36 9.08
N PHE A 9 -1.60 2.40 8.26
CA PHE A 9 -2.17 2.26 6.92
C PHE A 9 -1.06 2.32 5.86
N ASP A 10 -1.22 1.57 4.77
CA ASP A 10 -0.30 1.65 3.65
C ASP A 10 -0.84 2.65 2.63
N LEU A 11 0.03 3.39 1.97
CA LEU A 11 -0.40 4.43 1.06
C LEU A 11 -0.25 4.01 -0.41
N ASP A 12 -1.14 3.13 -0.86
CA ASP A 12 -1.17 2.68 -2.25
C ASP A 12 -2.20 1.60 -2.43
N GLY A 13 -3.29 1.91 -3.14
CA GLY A 13 -4.31 0.91 -3.42
C GLY A 13 -5.30 0.72 -2.29
N THR A 14 -4.89 1.05 -1.08
CA THR A 14 -5.74 0.88 0.08
C THR A 14 -6.64 2.10 0.31
N LEU A 15 -6.04 3.29 0.31
CA LEU A 15 -6.78 4.51 0.56
C LEU A 15 -7.07 5.24 -0.75
N THR A 16 -6.41 4.85 -1.83
CA THR A 16 -6.57 5.52 -3.11
C THR A 16 -6.43 4.54 -4.28
N ASP A 17 -7.02 4.88 -5.41
CA ASP A 17 -6.91 4.05 -6.61
C ASP A 17 -5.57 4.28 -7.29
N SER A 18 -4.58 3.51 -6.87
CA SER A 18 -3.25 3.61 -7.46
C SER A 18 -3.12 2.68 -8.65
N ALA A 19 -4.20 1.99 -9.00
CA ALA A 19 -4.17 1.04 -10.10
C ALA A 19 -3.83 1.76 -11.39
N ARG A 20 -4.53 2.85 -11.66
CA ARG A 20 -4.28 3.67 -12.83
C ARG A 20 -2.82 4.10 -12.90
N GLY A 21 -2.29 4.54 -11.77
CA GLY A 21 -0.91 4.99 -11.71
C GLY A 21 0.08 3.86 -11.98
N ILE A 22 -0.14 2.71 -11.35
CA ILE A 22 0.77 1.58 -11.52
C ILE A 22 0.66 1.01 -12.93
N VAL A 23 -0.57 0.79 -13.39
CA VAL A 23 -0.82 0.22 -14.71
C VAL A 23 -0.28 1.13 -15.82
N SER A 24 -0.37 2.43 -15.60
CA SER A 24 0.16 3.40 -16.56
C SER A 24 1.66 3.21 -16.73
N SER A 25 2.38 3.22 -15.62
CA SER A 25 3.82 3.03 -15.64
C SER A 25 4.16 1.63 -16.17
N PHE A 26 3.28 0.67 -15.90
CA PHE A 26 3.43 -0.69 -16.38
C PHE A 26 3.41 -0.72 -17.91
N ARG A 27 2.40 -0.08 -18.50
CA ARG A 27 2.29 -0.01 -19.96
C ARG A 27 3.48 0.74 -20.53
N HIS A 28 3.85 1.82 -19.85
CA HIS A 28 4.97 2.66 -20.24
C HIS A 28 6.27 1.85 -20.26
N ALA A 29 6.49 1.11 -19.18
CA ALA A 29 7.69 0.29 -19.03
C ALA A 29 7.80 -0.76 -20.13
N LEU A 30 6.78 -1.60 -20.24
CA LEU A 30 6.79 -2.67 -21.24
C LEU A 30 6.94 -2.13 -22.65
N ASN A 31 6.26 -1.03 -22.96
CA ASN A 31 6.34 -0.47 -24.30
C ASN A 31 7.74 0.10 -24.57
N HIS A 32 8.35 0.61 -23.51
CA HIS A 32 9.70 1.17 -23.61
C HIS A 32 10.74 0.08 -23.90
N ILE A 33 10.47 -1.14 -23.46
CA ILE A 33 11.40 -2.24 -23.68
C ILE A 33 10.99 -3.07 -24.90
N GLY A 34 9.85 -2.73 -25.50
CA GLY A 34 9.40 -3.41 -26.69
C GLY A 34 8.55 -4.64 -26.41
N ALA A 35 8.02 -4.73 -25.21
CA ALA A 35 7.19 -5.86 -24.83
C ALA A 35 5.71 -5.53 -24.97
N PRO A 36 4.89 -6.50 -25.42
CA PRO A 36 3.44 -6.31 -25.58
C PRO A 36 2.75 -6.10 -24.24
N VAL A 37 1.86 -5.11 -24.19
CA VAL A 37 1.12 -4.80 -22.98
C VAL A 37 -0.29 -5.37 -23.02
N PRO A 38 -0.57 -6.38 -22.20
CA PRO A 38 -1.90 -6.96 -22.09
C PRO A 38 -2.70 -6.34 -20.94
N GLU A 39 -3.72 -5.58 -21.29
CA GLU A 39 -4.57 -4.93 -20.28
C GLU A 39 -5.69 -5.86 -19.83
N GLY A 40 -6.60 -5.35 -19.02
CA GLY A 40 -7.73 -6.15 -18.55
C GLY A 40 -7.62 -6.53 -17.09
N ASP A 41 -7.66 -7.84 -16.82
CA ASP A 41 -7.59 -8.36 -15.46
C ASP A 41 -6.17 -8.27 -14.91
N LEU A 42 -5.30 -7.63 -15.68
CA LEU A 42 -3.90 -7.44 -15.29
C LEU A 42 -3.80 -6.56 -14.05
N ALA A 43 -4.79 -5.68 -13.88
CA ALA A 43 -4.80 -4.75 -12.76
C ALA A 43 -4.79 -5.49 -11.42
N THR A 44 -5.68 -6.47 -11.28
CA THR A 44 -5.76 -7.23 -10.05
C THR A 44 -4.55 -8.14 -9.88
N HIS A 45 -3.98 -8.58 -11.00
CA HIS A 45 -2.86 -9.50 -10.99
C HIS A 45 -1.55 -8.81 -10.56
N ILE A 46 -1.49 -7.48 -10.68
CA ILE A 46 -0.29 -6.75 -10.30
C ILE A 46 -0.40 -6.18 -8.89
N VAL A 47 -1.46 -6.57 -8.20
CA VAL A 47 -1.67 -6.15 -6.82
C VAL A 47 -1.49 -7.32 -5.88
N GLY A 48 -0.47 -7.25 -5.05
CA GLY A 48 -0.21 -8.32 -4.11
C GLY A 48 1.25 -8.71 -4.07
N PRO A 49 1.77 -9.35 -5.13
CA PRO A 49 3.18 -9.75 -5.22
C PRO A 49 4.10 -8.57 -5.53
N PRO A 50 5.40 -8.69 -5.20
CA PRO A 50 6.38 -7.63 -5.47
C PRO A 50 6.57 -7.38 -6.96
N MET A 51 6.60 -6.10 -7.34
CA MET A 51 6.70 -5.69 -8.74
C MET A 51 7.88 -6.35 -9.47
N HIS A 52 8.94 -6.66 -8.72
CA HIS A 52 10.12 -7.30 -9.31
C HIS A 52 9.76 -8.61 -10.00
N GLU A 53 9.01 -9.45 -9.31
CA GLU A 53 8.63 -10.74 -9.84
C GLU A 53 7.53 -10.58 -10.88
N THR A 54 6.64 -9.62 -10.65
CA THR A 54 5.55 -9.34 -11.58
C THR A 54 6.12 -8.96 -12.95
N LEU A 55 7.16 -8.13 -12.93
CA LEU A 55 7.78 -7.64 -14.15
C LEU A 55 8.50 -8.76 -14.89
N ARG A 56 9.17 -9.62 -14.14
CA ARG A 56 9.94 -10.71 -14.74
C ARG A 56 9.04 -11.88 -15.13
N ALA A 57 7.82 -11.91 -14.61
CA ALA A 57 6.90 -13.00 -14.88
C ALA A 57 6.15 -12.79 -16.18
N MET A 58 5.65 -11.58 -16.38
CA MET A 58 4.86 -11.27 -17.57
C MET A 58 5.72 -10.55 -18.60
N GLY A 59 7.01 -10.46 -18.30
CA GLY A 59 7.94 -9.81 -19.19
C GLY A 59 9.25 -10.54 -19.24
N LEU A 60 10.22 -10.06 -18.48
CA LEU A 60 11.56 -10.65 -18.45
C LEU A 60 12.40 -10.05 -17.34
N GLY A 61 13.47 -10.75 -16.97
CA GLY A 61 14.38 -10.24 -15.96
C GLY A 61 15.66 -9.71 -16.57
N GLU A 62 15.80 -9.90 -17.88
CA GLU A 62 16.99 -9.49 -18.60
C GLU A 62 17.03 -7.96 -18.71
N SER A 63 15.95 -7.37 -19.19
CA SER A 63 15.86 -5.91 -19.31
C SER A 63 15.13 -5.31 -18.11
N ALA A 64 15.19 -6.01 -16.99
CA ALA A 64 14.52 -5.56 -15.77
C ALA A 64 15.00 -4.18 -15.33
N GLU A 65 16.27 -3.89 -15.58
CA GLU A 65 16.85 -2.60 -15.20
C GLU A 65 16.20 -1.48 -16.00
N GLU A 66 16.12 -1.70 -17.30
CA GLU A 66 15.53 -0.75 -18.23
C GLU A 66 14.06 -0.50 -17.90
N ALA A 67 13.32 -1.59 -17.71
CA ALA A 67 11.90 -1.52 -17.42
C ALA A 67 11.62 -0.90 -16.04
N ILE A 68 12.35 -1.34 -15.02
CA ILE A 68 12.12 -0.87 -13.66
C ILE A 68 12.38 0.63 -13.52
N VAL A 69 13.38 1.16 -14.23
CA VAL A 69 13.69 2.58 -14.15
C VAL A 69 12.66 3.40 -14.94
N ALA A 70 12.17 2.83 -16.03
CA ALA A 70 11.14 3.49 -16.82
C ALA A 70 9.83 3.53 -16.04
N TYR A 71 9.55 2.43 -15.35
CA TYR A 71 8.38 2.32 -14.51
C TYR A 71 8.41 3.37 -13.40
N ARG A 72 9.54 3.48 -12.72
CA ARG A 72 9.71 4.45 -11.65
C ARG A 72 9.62 5.87 -12.16
N ALA A 73 10.21 6.10 -13.33
CA ALA A 73 10.21 7.43 -13.93
C ALA A 73 8.79 7.92 -14.20
N ASP A 74 7.97 7.05 -14.78
CA ASP A 74 6.58 7.41 -15.10
C ASP A 74 5.77 7.60 -13.82
N TYR A 75 6.02 6.74 -12.84
CA TYR A 75 5.32 6.82 -11.56
C TYR A 75 5.66 8.12 -10.82
N SER A 76 6.93 8.51 -10.86
CA SER A 76 7.37 9.72 -10.20
C SER A 76 6.92 10.97 -10.96
N ALA A 77 6.61 10.82 -12.24
CA ALA A 77 6.23 11.96 -13.08
C ALA A 77 4.72 12.09 -13.22
N ARG A 78 4.04 10.98 -13.45
CA ARG A 78 2.61 10.98 -13.67
C ARG A 78 1.85 10.26 -12.55
N GLY A 79 2.50 9.31 -11.89
CA GLY A 79 1.85 8.52 -10.85
C GLY A 79 1.28 9.35 -9.72
N TRP A 80 2.11 10.24 -9.17
CA TRP A 80 1.70 11.11 -8.05
C TRP A 80 0.52 12.00 -8.43
N ALA A 81 0.25 12.12 -9.71
CA ALA A 81 -0.84 12.95 -10.20
C ALA A 81 -2.04 12.10 -10.60
N MET A 82 -1.78 10.85 -10.99
CA MET A 82 -2.84 9.96 -11.43
C MET A 82 -3.37 9.12 -10.27
N ASN A 83 -3.99 9.80 -9.34
CA ASN A 83 -4.59 9.15 -8.17
C ASN A 83 -5.69 10.04 -7.61
N SER A 84 -6.76 9.42 -7.16
CA SER A 84 -7.87 10.16 -6.59
C SER A 84 -8.73 9.25 -5.72
N LEU A 85 -9.07 9.72 -4.53
CA LEU A 85 -9.94 8.96 -3.65
C LEU A 85 -11.39 9.39 -3.85
N PHE A 86 -12.28 8.43 -3.80
CA PHE A 86 -13.71 8.70 -3.95
C PHE A 86 -14.49 7.71 -3.09
N ASP A 87 -13.76 7.03 -2.25
CA ASP A 87 -14.33 6.04 -1.35
C ASP A 87 -14.66 6.68 -0.02
N GLY A 88 -14.96 5.86 0.96
CA GLY A 88 -15.31 6.37 2.28
C GLY A 88 -14.10 6.56 3.17
N ILE A 89 -12.93 6.74 2.56
CA ILE A 89 -11.69 6.94 3.30
C ILE A 89 -11.79 8.21 4.16
N GLY A 90 -12.42 9.23 3.62
CA GLY A 90 -12.59 10.49 4.34
C GLY A 90 -13.27 10.31 5.68
N PRO A 91 -14.55 9.86 5.70
CA PRO A 91 -15.28 9.63 6.95
C PRO A 91 -14.62 8.55 7.81
N LEU A 92 -13.90 7.64 7.17
CA LEU A 92 -13.19 6.59 7.88
C LEU A 92 -12.18 7.20 8.85
N LEU A 93 -11.28 8.00 8.30
CA LEU A 93 -10.22 8.63 9.09
C LEU A 93 -10.82 9.64 10.06
N ALA A 94 -11.92 10.27 9.67
CA ALA A 94 -12.59 11.23 10.53
C ALA A 94 -13.21 10.53 11.74
N ASP A 95 -13.87 9.41 11.48
CA ASP A 95 -14.51 8.62 12.51
C ASP A 95 -13.47 8.11 13.50
N LEU A 96 -12.39 7.53 12.95
CA LEU A 96 -11.30 7.01 13.77
C LEU A 96 -10.68 8.11 14.62
N ARG A 97 -10.45 9.28 14.02
CA ARG A 97 -9.85 10.41 14.73
C ARG A 97 -10.75 10.88 15.86
N THR A 98 -12.06 10.86 15.62
CA THR A 98 -13.03 11.26 16.62
C THR A 98 -12.98 10.34 17.85
N ALA A 99 -12.67 9.07 17.62
CA ALA A 99 -12.59 8.09 18.69
C ALA A 99 -11.31 8.24 19.51
N GLY A 100 -10.36 8.99 18.97
CA GLY A 100 -9.12 9.24 19.67
C GLY A 100 -8.06 8.18 19.45
N VAL A 101 -8.23 7.39 18.40
CA VAL A 101 -7.27 6.34 18.09
C VAL A 101 -6.08 6.93 17.33
N ARG A 102 -4.88 6.41 17.58
CA ARG A 102 -3.69 6.93 16.92
C ARG A 102 -3.58 6.36 15.51
N LEU A 103 -3.43 7.24 14.54
CA LEU A 103 -3.34 6.82 13.14
C LEU A 103 -1.98 7.15 12.57
N ALA A 104 -1.44 6.25 11.77
CA ALA A 104 -0.14 6.44 11.16
C ALA A 104 -0.06 5.75 9.82
N VAL A 105 0.93 6.11 9.03
CA VAL A 105 1.12 5.53 7.72
C VAL A 105 2.55 5.06 7.55
N ALA A 106 2.72 3.86 7.04
CA ALA A 106 4.04 3.28 6.82
C ALA A 106 4.08 2.64 5.46
N THR A 107 4.59 3.36 4.48
CA THR A 107 4.59 2.87 3.12
C THR A 107 6.00 2.89 2.52
N SER A 108 6.36 1.81 1.85
CA SER A 108 7.65 1.71 1.20
C SER A 108 7.52 2.22 -0.24
N LYS A 109 7.56 3.54 -0.39
CA LYS A 109 7.42 4.14 -1.70
C LYS A 109 8.54 5.16 -1.92
N ALA A 110 8.34 6.37 -1.40
CA ALA A 110 9.30 7.45 -1.52
C ALA A 110 8.80 8.63 -0.71
N GLU A 111 9.68 9.25 0.07
CA GLU A 111 9.29 10.37 0.94
C GLU A 111 8.64 11.52 0.15
N PRO A 112 9.36 12.12 -0.84
CA PRO A 112 8.81 13.24 -1.62
C PRO A 112 7.49 12.90 -2.31
N THR A 113 7.44 11.73 -2.94
CA THR A 113 6.26 11.31 -3.68
C THR A 113 5.08 11.05 -2.73
N ALA A 114 5.37 10.51 -1.55
CA ALA A 114 4.34 10.19 -0.57
C ALA A 114 3.61 11.44 -0.12
N ARG A 115 4.36 12.43 0.35
CA ARG A 115 3.77 13.67 0.86
C ARG A 115 3.03 14.43 -0.24
N ARG A 116 3.46 14.26 -1.48
CA ARG A 116 2.75 14.86 -2.61
C ARG A 116 1.34 14.29 -2.69
N ILE A 117 1.23 13.00 -2.44
CA ILE A 117 -0.07 12.33 -2.42
C ILE A 117 -0.85 12.74 -1.18
N LEU A 118 -0.16 12.81 -0.05
CA LEU A 118 -0.79 13.22 1.20
C LEU A 118 -1.37 14.62 1.10
N ARG A 119 -0.59 15.52 0.49
CA ARG A 119 -0.99 16.91 0.34
C ARG A 119 -2.06 17.04 -0.75
N HIS A 120 -1.96 16.20 -1.77
CA HIS A 120 -2.93 16.17 -2.86
C HIS A 120 -4.36 16.05 -2.33
N PHE A 121 -4.55 15.13 -1.40
CA PHE A 121 -5.86 14.92 -0.79
C PHE A 121 -6.04 15.81 0.44
N GLY A 122 -4.94 16.07 1.13
CA GLY A 122 -4.98 16.91 2.31
C GLY A 122 -5.30 16.14 3.57
N ILE A 123 -5.01 14.85 3.57
CA ILE A 123 -5.30 14.01 4.73
C ILE A 123 -4.05 13.82 5.57
N GLU A 124 -2.99 14.54 5.20
CA GLU A 124 -1.69 14.43 5.85
C GLU A 124 -1.73 14.87 7.31
N GLN A 125 -2.39 15.99 7.59
CA GLN A 125 -2.37 16.60 8.92
C GLN A 125 -2.92 15.69 10.01
N HIS A 126 -3.87 14.81 9.68
CA HIS A 126 -4.45 13.97 10.73
C HIS A 126 -3.77 12.61 10.83
N PHE A 127 -2.63 12.48 10.17
CA PHE A 127 -1.79 11.30 10.30
C PHE A 127 -0.64 11.64 11.24
N GLU A 128 -0.54 10.92 12.34
CA GLU A 128 0.47 11.20 13.35
C GLU A 128 1.88 10.91 12.84
N VAL A 129 2.17 9.65 12.61
CA VAL A 129 3.50 9.25 12.17
C VAL A 129 3.53 8.92 10.69
N ILE A 130 4.21 9.74 9.92
CA ILE A 130 4.37 9.48 8.50
C ILE A 130 5.69 8.73 8.27
N ALA A 131 5.60 7.42 8.14
CA ALA A 131 6.78 6.59 7.96
C ALA A 131 7.12 6.45 6.48
N GLY A 132 8.04 7.29 6.02
CA GLY A 132 8.52 7.23 4.66
C GLY A 132 9.49 6.09 4.47
N ALA A 133 9.77 5.73 3.22
CA ALA A 133 10.68 4.63 2.94
C ALA A 133 12.13 5.05 3.16
N SER A 134 12.42 6.32 2.93
CA SER A 134 13.76 6.83 3.11
C SER A 134 14.05 7.14 4.56
N THR A 135 14.62 6.17 5.27
CA THR A 135 14.96 6.35 6.67
C THR A 135 16.43 6.76 6.83
N ASP A 136 16.99 7.29 5.72
CA ASP A 136 18.39 7.74 5.65
C ASP A 136 19.33 6.55 5.70
N GLY A 137 19.87 6.20 4.54
CA GLY A 137 20.75 5.06 4.43
C GLY A 137 20.17 4.01 3.51
N SER A 138 18.86 4.05 3.34
CA SER A 138 18.12 3.13 2.47
C SER A 138 18.33 1.68 2.88
N ARG A 139 18.55 1.45 4.17
CA ARG A 139 18.77 0.12 4.70
C ARG A 139 17.46 -0.46 5.23
N GLY A 140 16.36 0.20 4.91
CA GLY A 140 15.05 -0.26 5.37
C GLY A 140 14.46 -1.31 4.47
N SER A 141 15.02 -2.51 4.54
CA SER A 141 14.58 -3.61 3.70
C SER A 141 13.47 -4.42 4.36
N LYS A 142 13.71 -4.87 5.59
CA LYS A 142 12.75 -5.73 6.28
C LYS A 142 12.09 -5.01 7.46
N VAL A 143 10.83 -4.58 7.24
CA VAL A 143 9.97 -3.97 8.27
C VAL A 143 10.63 -2.81 9.04
N ASP A 144 11.66 -2.22 8.46
CA ASP A 144 12.40 -1.13 9.11
C ASP A 144 11.50 0.08 9.34
N VAL A 145 10.79 0.50 8.30
CA VAL A 145 9.89 1.66 8.40
C VAL A 145 8.85 1.49 9.51
N LEU A 146 8.25 0.30 9.62
CA LEU A 146 7.24 0.04 10.65
C LEU A 146 7.90 0.06 12.02
N ALA A 147 9.05 -0.58 12.12
CA ALA A 147 9.81 -0.63 13.37
C ALA A 147 10.20 0.77 13.83
N HIS A 148 10.79 1.55 12.93
CA HIS A 148 11.24 2.90 13.25
C HIS A 148 10.04 3.80 13.60
N ALA A 149 8.91 3.56 12.96
CA ALA A 149 7.71 4.34 13.22
C ALA A 149 7.27 4.16 14.66
N LEU A 150 7.16 2.90 15.08
CA LEU A 150 6.70 2.55 16.42
C LEU A 150 7.72 2.96 17.47
N ALA A 151 9.00 2.80 17.15
CA ALA A 151 10.08 3.16 18.06
C ALA A 151 10.14 4.67 18.26
N GLN A 152 9.59 5.42 17.30
CA GLN A 152 9.60 6.87 17.38
C GLN A 152 8.46 7.38 18.26
N LEU A 153 7.30 6.74 18.14
CA LEU A 153 6.10 7.15 18.88
C LEU A 153 6.06 6.57 20.29
N ARG A 154 7.24 6.29 20.86
CA ARG A 154 7.34 5.72 22.21
C ARG A 154 6.45 6.45 23.22
N PRO A 155 5.98 5.73 24.24
CA PRO A 155 6.32 4.31 24.45
C PRO A 155 5.68 3.37 23.43
N LEU A 156 6.02 2.10 23.53
CA LEU A 156 5.54 1.10 22.59
C LEU A 156 4.16 0.58 22.99
N PRO A 157 3.18 0.71 22.08
CA PRO A 157 1.81 0.22 22.29
C PRO A 157 1.73 -1.30 22.14
N GLU A 158 0.70 -1.89 22.73
CA GLU A 158 0.52 -3.33 22.68
C GLU A 158 -0.56 -3.73 21.67
N ARG A 159 -1.40 -2.77 21.30
CA ARG A 159 -2.46 -3.03 20.32
C ARG A 159 -2.20 -2.27 19.03
N LEU A 160 -1.69 -2.99 18.04
CA LEU A 160 -1.37 -2.41 16.74
C LEU A 160 -2.03 -3.22 15.64
N VAL A 161 -2.37 -2.55 14.54
CA VAL A 161 -2.98 -3.23 13.40
C VAL A 161 -2.60 -2.53 12.10
N MET A 162 -2.33 -3.30 11.06
CA MET A 162 -2.01 -2.75 9.75
C MET A 162 -3.16 -2.98 8.79
N VAL A 163 -3.31 -2.05 7.86
CA VAL A 163 -4.36 -2.15 6.85
C VAL A 163 -3.74 -1.98 5.46
N GLY A 164 -3.80 -3.04 4.67
CA GLY A 164 -3.22 -3.00 3.33
C GLY A 164 -3.76 -4.10 2.44
N ASP A 165 -3.02 -4.43 1.38
CA ASP A 165 -3.45 -5.46 0.45
C ASP A 165 -2.26 -6.00 -0.37
N ARG A 166 -1.10 -6.09 0.25
CA ARG A 166 0.08 -6.65 -0.42
C ARG A 166 0.83 -7.63 0.47
N SER A 167 1.71 -8.39 -0.16
CA SER A 167 2.53 -9.36 0.55
C SER A 167 3.59 -8.64 1.38
N HIS A 168 3.90 -7.41 1.00
CA HIS A 168 4.93 -6.63 1.67
C HIS A 168 4.49 -6.16 3.04
N ASP A 169 3.31 -5.57 3.12
CA ASP A 169 2.78 -5.04 4.37
C ASP A 169 2.30 -6.14 5.31
N VAL A 170 1.52 -7.07 4.75
CA VAL A 170 0.97 -8.16 5.53
C VAL A 170 2.07 -8.99 6.19
N ASP A 171 3.11 -9.31 5.42
CA ASP A 171 4.22 -10.11 5.93
C ASP A 171 5.01 -9.31 6.97
N GLY A 172 5.21 -8.03 6.69
CA GLY A 172 5.95 -7.17 7.59
C GLY A 172 5.27 -7.04 8.95
N ALA A 173 3.97 -6.79 8.93
CA ALA A 173 3.20 -6.64 10.16
C ALA A 173 3.17 -7.96 10.93
N ALA A 174 3.02 -9.06 10.21
CA ALA A 174 3.00 -10.38 10.84
C ALA A 174 4.34 -10.71 11.48
N ALA A 175 5.42 -10.34 10.80
CA ALA A 175 6.77 -10.58 11.29
C ALA A 175 7.07 -9.72 12.51
N HIS A 176 6.33 -8.64 12.67
CA HIS A 176 6.52 -7.72 13.79
C HIS A 176 5.52 -8.04 14.90
N GLY A 177 4.71 -9.07 14.67
CA GLY A 177 3.70 -9.46 15.63
C GLY A 177 2.59 -8.45 15.74
N ILE A 178 2.00 -8.12 14.61
CA ILE A 178 0.95 -7.11 14.53
C ILE A 178 -0.23 -7.65 13.74
N ASP A 179 -1.44 -7.35 14.20
CA ASP A 179 -2.64 -7.78 13.50
C ASP A 179 -2.77 -7.05 12.17
N THR A 180 -3.30 -7.70 11.17
CA THR A 180 -3.41 -7.11 9.85
C THR A 180 -4.74 -7.47 9.19
N VAL A 181 -5.29 -6.51 8.45
CA VAL A 181 -6.55 -6.69 7.75
C VAL A 181 -6.39 -6.29 6.28
N VAL A 182 -6.90 -7.11 5.38
CA VAL A 182 -6.80 -6.80 3.96
C VAL A 182 -8.09 -6.18 3.45
N VAL A 183 -7.96 -5.27 2.51
CA VAL A 183 -9.11 -4.59 1.96
C VAL A 183 -9.30 -4.94 0.49
N GLY A 184 -10.54 -5.25 0.10
CA GLY A 184 -10.79 -5.63 -1.27
C GLY A 184 -11.77 -4.70 -1.95
N TRP A 185 -11.24 -3.75 -2.71
CA TRP A 185 -12.10 -2.80 -3.44
C TRP A 185 -12.56 -3.38 -4.77
N GLY A 186 -12.03 -4.54 -5.14
CA GLY A 186 -12.38 -5.13 -6.43
C GLY A 186 -12.45 -6.65 -6.39
N TYR A 187 -12.34 -7.28 -7.55
CA TYR A 187 -12.39 -8.74 -7.68
C TYR A 187 -12.05 -9.14 -9.12
N GLY A 188 -11.06 -10.00 -9.27
CA GLY A 188 -10.64 -10.39 -10.62
C GLY A 188 -10.83 -11.87 -10.89
N ARG A 189 -10.38 -12.32 -12.06
CA ARG A 189 -10.43 -13.74 -12.39
C ARG A 189 -9.15 -14.40 -11.92
N ALA A 190 -8.03 -13.73 -12.18
CA ALA A 190 -6.75 -14.15 -11.66
C ALA A 190 -6.55 -13.50 -10.28
N ASP A 191 -7.64 -13.53 -9.53
CA ASP A 191 -7.74 -12.86 -8.25
C ASP A 191 -6.70 -13.37 -7.26
N PHE A 192 -6.71 -14.68 -7.04
CA PHE A 192 -5.78 -15.29 -6.10
C PHE A 192 -4.56 -15.82 -6.82
N ILE A 193 -3.38 -15.49 -6.29
CA ILE A 193 -2.14 -15.97 -6.85
C ILE A 193 -1.95 -17.45 -6.48
N ASP A 194 -1.69 -18.26 -7.48
CA ASP A 194 -1.57 -19.71 -7.29
C ASP A 194 -0.17 -20.12 -6.88
N LYS A 195 0.84 -19.56 -7.54
CA LYS A 195 2.23 -19.94 -7.26
C LYS A 195 2.70 -19.44 -5.89
N THR A 196 2.27 -18.24 -5.51
CA THR A 196 2.67 -17.66 -4.24
C THR A 196 1.66 -18.00 -3.15
N SER A 197 2.14 -18.62 -2.08
CA SER A 197 1.28 -19.06 -0.99
C SER A 197 0.91 -17.89 -0.08
N THR A 198 -0.37 -17.60 0.00
CA THR A 198 -0.89 -16.54 0.85
C THR A 198 -2.38 -16.80 1.12
N THR A 199 -2.88 -16.32 2.25
CA THR A 199 -4.28 -16.57 2.62
C THR A 199 -4.92 -15.32 3.22
N VAL A 200 -6.23 -15.24 3.12
CA VAL A 200 -6.97 -14.11 3.64
C VAL A 200 -7.67 -14.48 4.94
N VAL A 201 -7.19 -13.93 6.06
CA VAL A 201 -7.78 -14.20 7.36
C VAL A 201 -9.03 -13.34 7.56
N THR A 202 -8.83 -12.03 7.51
CA THR A 202 -9.93 -11.08 7.67
C THR A 202 -9.91 -10.08 6.52
N HIS A 203 -11.08 -9.61 6.10
CA HIS A 203 -11.17 -8.74 4.95
C HIS A 203 -12.24 -7.67 5.14
N ALA A 204 -12.18 -6.63 4.32
CA ALA A 204 -13.19 -5.58 4.31
C ALA A 204 -13.62 -5.28 2.88
N ALA A 205 -14.85 -5.63 2.56
CA ALA A 205 -15.39 -5.38 1.22
C ALA A 205 -15.77 -3.92 1.05
N THR A 206 -16.48 -3.38 2.03
CA THR A 206 -16.87 -1.97 1.99
C THR A 206 -16.07 -1.18 3.01
N ILE A 207 -16.10 0.13 2.89
CA ILE A 207 -15.36 1.00 3.78
C ILE A 207 -16.00 1.03 5.15
N ASP A 208 -17.31 0.80 5.20
CA ASP A 208 -18.04 0.77 6.45
C ASP A 208 -17.58 -0.41 7.31
N GLU A 209 -17.11 -1.47 6.65
CA GLU A 209 -16.61 -2.63 7.37
C GLU A 209 -15.25 -2.31 7.97
N LEU A 210 -14.49 -1.47 7.29
CA LEU A 210 -13.17 -1.06 7.75
C LEU A 210 -13.27 -0.44 9.14
N ARG A 211 -14.06 0.64 9.22
CA ARG A 211 -14.27 1.36 10.47
C ARG A 211 -14.79 0.43 11.58
N GLU A 212 -15.80 -0.36 11.29
CA GLU A 212 -16.38 -1.22 12.32
C GLU A 212 -15.43 -2.36 12.71
N ALA A 213 -14.63 -2.83 11.76
CA ALA A 213 -13.68 -3.90 12.03
C ALA A 213 -12.58 -3.40 12.96
N LEU A 214 -12.16 -2.15 12.76
CA LEU A 214 -11.16 -1.54 13.63
C LEU A 214 -11.76 -1.29 15.01
N GLY A 215 -13.07 -1.14 15.06
CA GLY A 215 -13.76 -0.96 16.32
C GLY A 215 -13.95 0.49 16.68
N VAL A 216 -14.39 1.31 15.72
CA VAL A 216 -14.63 2.72 16.00
C VAL A 216 -16.09 2.93 16.43
N GLY A 1 -16.89 -4.17 20.28
CA GLY A 1 -15.42 -4.19 20.09
C GLY A 1 -14.78 -2.87 20.49
N GLU A 2 -13.49 -2.91 20.75
CA GLU A 2 -12.75 -1.73 21.19
C GLU A 2 -11.85 -1.22 20.07
N SER A 3 -11.37 0.00 20.22
CA SER A 3 -10.45 0.58 19.26
C SER A 3 -9.03 0.47 19.81
N PRO A 4 -8.05 0.15 18.94
CA PRO A 4 -6.65 -0.02 19.36
C PRO A 4 -5.99 1.32 19.67
N GLN A 5 -4.68 1.28 19.86
CA GLN A 5 -3.92 2.49 20.18
C GLN A 5 -3.34 3.10 18.91
N LEU A 6 -2.75 2.27 18.06
CA LEU A 6 -2.14 2.74 16.82
C LEU A 6 -2.66 1.94 15.63
N VAL A 7 -2.99 2.63 14.56
CA VAL A 7 -3.46 1.99 13.34
C VAL A 7 -2.69 2.52 12.13
N ILE A 8 -1.98 1.63 11.46
CA ILE A 8 -1.20 2.02 10.29
C ILE A 8 -1.93 1.66 9.01
N PHE A 9 -2.07 2.64 8.14
CA PHE A 9 -2.77 2.46 6.87
C PHE A 9 -1.80 2.40 5.70
N ASP A 10 -2.14 1.59 4.70
CA ASP A 10 -1.38 1.57 3.44
C ASP A 10 -1.98 2.60 2.49
N LEU A 11 -1.14 3.24 1.69
CA LEU A 11 -1.60 4.26 0.76
C LEU A 11 -1.83 3.72 -0.65
N ASP A 12 -0.99 2.78 -1.07
CA ASP A 12 -0.96 2.35 -2.47
C ASP A 12 -2.21 1.58 -2.89
N GLY A 13 -2.65 0.63 -2.07
CA GLY A 13 -3.81 -0.16 -2.46
C GLY A 13 -4.97 -0.06 -1.49
N THR A 14 -4.69 0.42 -0.28
CA THR A 14 -5.71 0.47 0.75
C THR A 14 -6.48 1.80 0.75
N LEU A 15 -5.83 2.87 0.31
CA LEU A 15 -6.49 4.18 0.33
C LEU A 15 -6.75 4.72 -1.08
N THR A 16 -5.69 4.95 -1.84
CA THR A 16 -5.81 5.55 -3.16
C THR A 16 -5.76 4.51 -4.28
N ASP A 17 -6.31 4.87 -5.43
CA ASP A 17 -6.24 4.02 -6.62
C ASP A 17 -4.89 4.21 -7.28
N SER A 18 -3.90 3.48 -6.81
CA SER A 18 -2.58 3.53 -7.39
C SER A 18 -2.52 2.54 -8.56
N ALA A 19 -3.63 1.87 -8.81
CA ALA A 19 -3.68 0.87 -9.86
C ALA A 19 -3.58 1.52 -11.22
N ARG A 20 -4.46 2.49 -11.48
CA ARG A 20 -4.45 3.23 -12.73
C ARG A 20 -3.06 3.82 -12.99
N GLY A 21 -2.47 4.39 -11.94
CA GLY A 21 -1.14 4.98 -12.05
C GLY A 21 -0.07 3.96 -12.38
N ILE A 22 -0.05 2.84 -11.65
CA ILE A 22 0.95 1.82 -11.87
C ILE A 22 0.81 1.18 -13.25
N VAL A 23 -0.42 0.88 -13.65
CA VAL A 23 -0.66 0.27 -14.96
C VAL A 23 -0.16 1.18 -16.08
N SER A 24 -0.38 2.47 -15.94
CA SER A 24 0.08 3.44 -16.94
C SER A 24 1.60 3.36 -17.10
N SER A 25 2.31 3.47 -15.99
CA SER A 25 3.76 3.41 -16.00
C SER A 25 4.27 2.02 -16.39
N PHE A 26 3.54 0.99 -15.98
CA PHE A 26 3.88 -0.39 -16.30
C PHE A 26 3.91 -0.59 -17.81
N ARG A 27 2.85 -0.13 -18.49
CA ARG A 27 2.78 -0.26 -19.94
C ARG A 27 3.90 0.55 -20.58
N HIS A 28 4.17 1.72 -20.03
CA HIS A 28 5.24 2.58 -20.53
C HIS A 28 6.59 1.90 -20.38
N ALA A 29 6.82 1.28 -19.23
CA ALA A 29 8.08 0.59 -18.95
C ALA A 29 8.34 -0.52 -19.97
N LEU A 30 7.42 -1.48 -20.06
CA LEU A 30 7.57 -2.60 -20.98
C LEU A 30 7.62 -2.13 -22.43
N ASN A 31 6.82 -1.14 -22.77
CA ASN A 31 6.78 -0.61 -24.13
C ASN A 31 8.10 0.07 -24.49
N HIS A 32 8.69 0.71 -23.49
CA HIS A 32 9.93 1.47 -23.65
C HIS A 32 11.11 0.56 -23.97
N ILE A 33 11.09 -0.65 -23.41
CA ILE A 33 12.20 -1.59 -23.62
C ILE A 33 11.91 -2.56 -24.76
N GLY A 34 10.75 -2.40 -25.39
CA GLY A 34 10.39 -3.25 -26.51
C GLY A 34 9.84 -4.60 -26.09
N ALA A 35 9.16 -4.63 -24.96
CA ALA A 35 8.57 -5.86 -24.45
C ALA A 35 7.06 -5.86 -24.69
N PRO A 36 6.45 -7.04 -24.92
CA PRO A 36 5.02 -7.16 -25.16
C PRO A 36 4.19 -6.86 -23.92
N VAL A 37 3.20 -5.98 -24.08
CA VAL A 37 2.32 -5.63 -22.98
C VAL A 37 0.96 -6.28 -23.16
N PRO A 38 0.61 -7.26 -22.33
CA PRO A 38 -0.68 -7.92 -22.38
C PRO A 38 -1.80 -7.01 -21.89
N GLU A 39 -2.85 -6.87 -22.70
CA GLU A 39 -3.97 -6.00 -22.35
C GLU A 39 -5.13 -6.83 -21.79
N GLY A 40 -5.09 -7.10 -20.50
CA GLY A 40 -6.13 -7.90 -19.88
C GLY A 40 -6.02 -7.91 -18.38
N ASP A 41 -5.91 -9.11 -17.80
CA ASP A 41 -5.80 -9.26 -16.36
C ASP A 41 -4.40 -8.93 -15.88
N LEU A 42 -4.12 -7.65 -15.71
CA LEU A 42 -2.81 -7.21 -15.25
C LEU A 42 -2.92 -6.46 -13.93
N ALA A 43 -4.01 -5.73 -13.77
CA ALA A 43 -4.26 -4.99 -12.53
C ALA A 43 -4.25 -5.94 -11.34
N THR A 44 -5.02 -7.01 -11.45
CA THR A 44 -5.11 -8.03 -10.41
C THR A 44 -3.77 -8.77 -10.26
N HIS A 45 -2.97 -8.75 -11.32
CA HIS A 45 -1.70 -9.46 -11.33
C HIS A 45 -0.61 -8.66 -10.61
N ILE A 46 -0.74 -7.34 -10.62
CA ILE A 46 0.29 -6.48 -10.02
C ILE A 46 -0.16 -5.91 -8.68
N VAL A 47 -1.38 -6.20 -8.27
CA VAL A 47 -1.86 -5.70 -6.99
C VAL A 47 -1.54 -6.71 -5.87
N GLY A 48 -0.28 -6.73 -5.47
CA GLY A 48 0.13 -7.63 -4.40
C GLY A 48 1.63 -7.86 -4.39
N PRO A 49 2.19 -8.46 -5.44
CA PRO A 49 3.64 -8.74 -5.53
C PRO A 49 4.47 -7.46 -5.69
N PRO A 50 5.74 -7.51 -5.27
CA PRO A 50 6.66 -6.37 -5.37
C PRO A 50 6.97 -6.00 -6.83
N MET A 51 7.42 -4.77 -7.03
CA MET A 51 7.69 -4.25 -8.37
C MET A 51 8.80 -5.04 -9.08
N HIS A 52 9.85 -5.40 -8.36
CA HIS A 52 10.96 -6.14 -8.97
C HIS A 52 10.56 -7.57 -9.30
N GLU A 53 9.74 -8.18 -8.44
CA GLU A 53 9.34 -9.56 -8.65
C GLU A 53 8.33 -9.67 -9.79
N THR A 54 7.40 -8.72 -9.84
CA THR A 54 6.39 -8.71 -10.90
C THR A 54 7.06 -8.58 -12.27
N LEU A 55 8.06 -7.71 -12.37
CA LEU A 55 8.77 -7.49 -13.62
C LEU A 55 9.62 -8.72 -13.98
N ARG A 56 10.16 -9.37 -12.95
CA ARG A 56 10.98 -10.56 -13.13
C ARG A 56 10.12 -11.77 -13.53
N ALA A 57 8.88 -11.77 -13.09
CA ALA A 57 7.97 -12.87 -13.38
C ALA A 57 7.24 -12.67 -14.71
N MET A 58 7.12 -11.42 -15.13
CA MET A 58 6.43 -11.10 -16.38
C MET A 58 7.37 -11.10 -17.57
N GLY A 59 8.52 -10.47 -17.40
CA GLY A 59 9.45 -10.34 -18.51
C GLY A 59 10.77 -11.03 -18.28
N LEU A 60 11.71 -10.30 -17.72
CA LEU A 60 13.07 -10.82 -17.54
C LEU A 60 13.81 -10.01 -16.48
N GLY A 61 15.04 -10.42 -16.19
CA GLY A 61 15.85 -9.71 -15.22
C GLY A 61 17.02 -8.99 -15.88
N GLU A 62 17.13 -9.15 -17.19
CA GLU A 62 18.20 -8.54 -17.96
C GLU A 62 17.96 -7.04 -18.11
N SER A 63 16.89 -6.67 -18.81
CA SER A 63 16.54 -5.28 -19.03
C SER A 63 15.56 -4.82 -17.96
N ALA A 64 15.40 -5.63 -16.92
CA ALA A 64 14.48 -5.32 -15.84
C ALA A 64 14.87 -4.04 -15.11
N GLU A 65 16.17 -3.84 -14.96
CA GLU A 65 16.67 -2.68 -14.24
C GLU A 65 16.36 -1.41 -15.01
N GLU A 66 16.48 -1.46 -16.33
CA GLU A 66 16.15 -0.32 -17.18
C GLU A 66 14.63 -0.08 -17.13
N ALA A 67 13.89 -1.17 -17.23
CA ALA A 67 12.43 -1.11 -17.22
C ALA A 67 11.90 -0.56 -15.90
N ILE A 68 12.48 -1.01 -14.79
CA ILE A 68 12.03 -0.55 -13.49
C ILE A 68 12.30 0.95 -13.33
N VAL A 69 13.39 1.43 -13.91
CA VAL A 69 13.71 2.86 -13.86
C VAL A 69 12.71 3.65 -14.70
N ALA A 70 12.37 3.11 -15.87
CA ALA A 70 11.39 3.73 -16.74
C ALA A 70 10.04 3.83 -16.02
N TYR A 71 9.67 2.74 -15.36
CA TYR A 71 8.44 2.72 -14.56
C TYR A 71 8.49 3.79 -13.49
N ARG A 72 9.61 3.87 -12.79
CA ARG A 72 9.82 4.87 -11.75
C ARG A 72 9.71 6.28 -12.30
N ALA A 73 10.38 6.52 -13.42
CA ALA A 73 10.39 7.83 -14.06
C ALA A 73 8.99 8.30 -14.40
N ASP A 74 8.22 7.44 -15.06
CA ASP A 74 6.86 7.78 -15.48
C ASP A 74 5.95 7.92 -14.27
N TYR A 75 6.15 7.07 -13.28
CA TYR A 75 5.33 7.09 -12.08
C TYR A 75 5.64 8.34 -11.23
N SER A 76 6.90 8.69 -11.10
CA SER A 76 7.29 9.84 -10.30
C SER A 76 6.92 11.16 -10.98
N ALA A 77 6.79 11.15 -12.30
CA ALA A 77 6.50 12.36 -13.06
C ALA A 77 5.01 12.48 -13.42
N ARG A 78 4.39 11.37 -13.75
CA ARG A 78 2.98 11.38 -14.14
C ARG A 78 2.10 10.63 -13.13
N GLY A 79 2.65 9.56 -12.57
CA GLY A 79 1.89 8.69 -11.68
C GLY A 79 1.37 9.37 -10.43
N TRP A 80 2.10 10.35 -9.91
CA TRP A 80 1.71 11.01 -8.67
C TRP A 80 0.39 11.77 -8.82
N ALA A 81 0.00 12.04 -10.06
CA ALA A 81 -1.23 12.75 -10.34
C ALA A 81 -2.22 11.83 -11.03
N MET A 82 -1.83 10.57 -11.21
CA MET A 82 -2.69 9.59 -11.85
C MET A 82 -3.40 8.73 -10.82
N ASN A 83 -3.19 9.09 -9.57
CA ASN A 83 -3.81 8.39 -8.45
C ASN A 83 -4.89 9.27 -7.82
N SER A 84 -5.86 8.64 -7.16
CA SER A 84 -6.96 9.38 -6.55
C SER A 84 -7.74 8.48 -5.59
N LEU A 85 -8.80 9.03 -4.98
CA LEU A 85 -9.66 8.29 -4.08
C LEU A 85 -11.04 8.91 -4.09
N PHE A 86 -12.07 8.08 -4.15
CA PHE A 86 -13.45 8.55 -4.21
C PHE A 86 -13.96 9.00 -2.85
N ASP A 87 -14.35 8.03 -2.04
CA ASP A 87 -14.90 8.31 -0.71
C ASP A 87 -14.76 7.08 0.18
N GLY A 88 -15.12 7.24 1.45
CA GLY A 88 -15.01 6.16 2.40
C GLY A 88 -13.84 6.38 3.34
N ILE A 89 -12.68 6.66 2.75
CA ILE A 89 -11.48 6.92 3.53
C ILE A 89 -11.61 8.21 4.34
N GLY A 90 -12.29 9.18 3.75
CA GLY A 90 -12.51 10.47 4.40
C GLY A 90 -13.19 10.32 5.75
N PRO A 91 -14.45 9.85 5.78
CA PRO A 91 -15.19 9.64 7.03
C PRO A 91 -14.50 8.60 7.91
N LEU A 92 -13.73 7.70 7.29
CA LEU A 92 -13.01 6.67 8.03
C LEU A 92 -12.03 7.32 9.01
N LEU A 93 -11.14 8.14 8.46
CA LEU A 93 -10.13 8.82 9.27
C LEU A 93 -10.79 9.83 10.22
N ALA A 94 -11.98 10.28 9.86
CA ALA A 94 -12.71 11.22 10.68
C ALA A 94 -13.21 10.56 11.96
N ASP A 95 -13.93 9.45 11.80
CA ASP A 95 -14.46 8.70 12.94
C ASP A 95 -13.34 8.17 13.81
N LEU A 96 -12.26 7.72 13.18
CA LEU A 96 -11.09 7.22 13.88
C LEU A 96 -10.52 8.29 14.81
N ARG A 97 -10.31 9.49 14.25
CA ARG A 97 -9.73 10.59 15.00
C ARG A 97 -10.67 10.99 16.14
N THR A 98 -11.97 10.88 15.89
CA THR A 98 -12.98 11.20 16.88
C THR A 98 -12.85 10.30 18.12
N ALA A 99 -12.48 9.04 17.90
CA ALA A 99 -12.34 8.08 18.98
C ALA A 99 -11.09 8.32 19.81
N GLY A 100 -10.15 9.10 19.27
CA GLY A 100 -8.95 9.42 20.01
C GLY A 100 -7.79 8.49 19.70
N VAL A 101 -7.99 7.61 18.73
CA VAL A 101 -6.95 6.65 18.36
C VAL A 101 -5.88 7.32 17.49
N ARG A 102 -4.61 6.94 17.71
CA ARG A 102 -3.52 7.50 16.93
C ARG A 102 -3.44 6.79 15.59
N LEU A 103 -3.38 7.55 14.53
CA LEU A 103 -3.29 6.99 13.20
C LEU A 103 -1.90 7.20 12.64
N ALA A 104 -1.45 6.27 11.82
CA ALA A 104 -0.14 6.35 11.20
C ALA A 104 -0.19 5.74 9.81
N VAL A 105 0.84 5.99 9.02
CA VAL A 105 0.87 5.48 7.66
C VAL A 105 2.23 4.89 7.37
N ALA A 106 2.26 3.80 6.60
CA ALA A 106 3.50 3.13 6.26
C ALA A 106 3.42 2.56 4.86
N THR A 107 4.13 3.18 3.94
CA THR A 107 4.13 2.73 2.57
C THR A 107 5.53 2.83 1.99
N SER A 108 6.11 1.69 1.63
CA SER A 108 7.44 1.65 1.06
C SER A 108 7.45 2.28 -0.34
N LYS A 109 7.63 3.58 -0.37
CA LYS A 109 7.64 4.31 -1.63
C LYS A 109 8.73 5.38 -1.57
N ALA A 110 8.46 6.45 -0.80
CA ALA A 110 9.39 7.55 -0.61
C ALA A 110 8.70 8.68 0.15
N GLU A 111 9.39 9.28 1.12
CA GLU A 111 8.84 10.39 1.88
C GLU A 111 8.35 11.53 0.97
N PRO A 112 9.17 12.00 -0.01
CA PRO A 112 8.78 13.09 -0.92
C PRO A 112 7.44 12.82 -1.59
N THR A 113 7.28 11.63 -2.17
CA THR A 113 6.04 11.28 -2.83
C THR A 113 4.92 11.11 -1.83
N ALA A 114 5.22 10.52 -0.68
CA ALA A 114 4.23 10.30 0.34
C ALA A 114 3.64 11.60 0.86
N ARG A 115 4.50 12.53 1.30
CA ARG A 115 4.02 13.79 1.88
C ARG A 115 3.22 14.62 0.88
N ARG A 116 3.63 14.62 -0.39
CA ARG A 116 2.91 15.40 -1.40
C ARG A 116 1.58 14.75 -1.73
N ILE A 117 1.48 13.44 -1.51
CA ILE A 117 0.22 12.72 -1.73
C ILE A 117 -0.70 12.94 -0.53
N LEU A 118 -0.14 12.78 0.66
CA LEU A 118 -0.88 12.99 1.90
C LEU A 118 -1.48 14.38 1.94
N ARG A 119 -0.67 15.38 1.58
CA ARG A 119 -1.09 16.77 1.58
C ARG A 119 -2.11 17.06 0.47
N HIS A 120 -1.83 16.55 -0.73
CA HIS A 120 -2.69 16.81 -1.89
C HIS A 120 -4.11 16.28 -1.66
N PHE A 121 -4.21 15.09 -1.07
CA PHE A 121 -5.51 14.51 -0.78
C PHE A 121 -6.12 15.10 0.47
N GLY A 122 -5.27 15.54 1.39
CA GLY A 122 -5.74 16.21 2.59
C GLY A 122 -5.89 15.27 3.77
N ILE A 123 -5.25 14.12 3.69
CA ILE A 123 -5.33 13.12 4.75
C ILE A 123 -4.04 13.11 5.58
N GLU A 124 -3.14 14.02 5.24
CA GLU A 124 -1.83 14.15 5.88
C GLU A 124 -1.92 14.27 7.41
N GLN A 125 -2.59 15.32 7.86
CA GLN A 125 -2.66 15.66 9.29
C GLN A 125 -3.39 14.59 10.12
N HIS A 126 -4.00 13.62 9.47
CA HIS A 126 -4.69 12.56 10.19
C HIS A 126 -3.70 11.53 10.72
N PHE A 127 -2.54 11.45 10.08
CA PHE A 127 -1.52 10.50 10.47
C PHE A 127 -0.41 11.20 11.25
N GLU A 128 -0.15 10.70 12.45
CA GLU A 128 0.89 11.25 13.30
C GLU A 128 2.28 10.95 12.74
N VAL A 129 2.49 9.71 12.32
CA VAL A 129 3.77 9.29 11.79
C VAL A 129 3.63 8.77 10.36
N ILE A 130 4.21 9.51 9.42
CA ILE A 130 4.22 9.10 8.02
C ILE A 130 5.54 8.40 7.72
N ALA A 131 5.46 7.09 7.50
CA ALA A 131 6.65 6.30 7.19
C ALA A 131 6.80 6.10 5.69
N GLY A 132 7.94 6.55 5.16
CA GLY A 132 8.20 6.42 3.74
C GLY A 132 9.15 5.26 3.42
N ALA A 133 10.34 5.59 2.92
CA ALA A 133 11.34 4.60 2.56
C ALA A 133 12.68 5.29 2.28
N SER A 134 13.73 4.78 2.91
CA SER A 134 15.05 5.40 2.76
C SER A 134 15.73 4.89 1.49
N THR A 135 16.44 5.78 0.81
CA THR A 135 17.13 5.44 -0.42
C THR A 135 18.50 4.81 -0.15
N ASP A 136 18.85 4.68 1.12
CA ASP A 136 20.13 4.12 1.51
C ASP A 136 19.97 2.69 2.01
N GLY A 137 19.04 2.49 2.95
CA GLY A 137 18.78 1.16 3.47
C GLY A 137 19.87 0.68 4.41
N SER A 138 19.88 -0.63 4.68
CA SER A 138 20.87 -1.24 5.55
C SER A 138 21.06 -2.71 5.16
N ARG A 139 22.02 -3.36 5.81
CA ARG A 139 22.32 -4.77 5.51
C ARG A 139 21.31 -5.72 6.16
N GLY A 140 20.80 -5.35 7.33
CA GLY A 140 19.86 -6.22 8.02
C GLY A 140 18.58 -5.51 8.41
N SER A 141 17.83 -5.06 7.42
CA SER A 141 16.59 -4.35 7.68
C SER A 141 15.39 -5.12 7.14
N LYS A 142 14.49 -5.49 8.04
CA LYS A 142 13.26 -6.17 7.65
C LYS A 142 12.08 -5.48 8.31
N VAL A 143 11.14 -5.01 7.49
CA VAL A 143 9.97 -4.28 7.98
C VAL A 143 10.43 -2.99 8.65
N ASP A 144 11.56 -2.47 8.19
CA ASP A 144 12.17 -1.26 8.75
C ASP A 144 11.20 -0.08 8.73
N VAL A 145 10.47 0.08 7.62
CA VAL A 145 9.48 1.14 7.49
C VAL A 145 8.54 1.19 8.70
N LEU A 146 7.95 0.05 9.02
CA LEU A 146 7.01 -0.04 10.13
C LEU A 146 7.74 0.00 11.47
N ALA A 147 8.90 -0.65 11.52
CA ALA A 147 9.72 -0.67 12.73
C ALA A 147 10.12 0.75 13.14
N HIS A 148 10.56 1.53 12.17
CA HIS A 148 10.99 2.91 12.41
C HIS A 148 9.81 3.77 12.84
N ALA A 149 8.65 3.52 12.25
CA ALA A 149 7.44 4.28 12.58
C ALA A 149 7.08 4.08 14.05
N LEU A 150 7.08 2.82 14.49
CA LEU A 150 6.72 2.50 15.86
C LEU A 150 7.76 3.03 16.85
N ALA A 151 9.02 3.03 16.46
CA ALA A 151 10.08 3.54 17.33
C ALA A 151 9.97 5.05 17.48
N GLN A 152 9.30 5.70 16.55
CA GLN A 152 9.11 7.15 16.63
C GLN A 152 7.84 7.50 17.39
N LEU A 153 6.80 6.68 17.24
CA LEU A 153 5.52 6.96 17.90
C LEU A 153 5.49 6.36 19.30
N ARG A 154 6.64 5.85 19.75
CA ARG A 154 6.77 5.24 21.06
C ARG A 154 6.28 6.16 22.18
N PRO A 155 5.98 5.61 23.36
CA PRO A 155 6.16 4.18 23.66
C PRO A 155 5.16 3.29 22.93
N LEU A 156 5.57 2.06 22.66
CA LEU A 156 4.71 1.10 21.98
C LEU A 156 3.61 0.63 22.92
N PRO A 157 2.36 0.92 22.59
CA PRO A 157 1.20 0.62 23.44
C PRO A 157 0.72 -0.83 23.33
N GLU A 158 -0.43 -1.08 23.95
CA GLU A 158 -1.01 -2.41 24.03
C GLU A 158 -1.47 -2.97 22.68
N ARG A 159 -2.29 -2.21 21.95
CA ARG A 159 -2.86 -2.73 20.71
C ARG A 159 -2.35 -1.98 19.49
N LEU A 160 -1.92 -2.76 18.50
CA LEU A 160 -1.42 -2.24 17.25
C LEU A 160 -2.09 -2.99 16.11
N VAL A 161 -2.38 -2.32 15.02
CA VAL A 161 -3.02 -2.97 13.88
C VAL A 161 -2.65 -2.27 12.57
N MET A 162 -2.57 -3.04 11.51
CA MET A 162 -2.25 -2.52 10.19
C MET A 162 -3.32 -2.91 9.20
N VAL A 163 -3.52 -2.07 8.21
CA VAL A 163 -4.46 -2.36 7.15
C VAL A 163 -3.72 -2.38 5.83
N GLY A 164 -3.62 -3.56 5.25
CA GLY A 164 -2.86 -3.73 4.04
C GLY A 164 -3.71 -4.16 2.86
N ASP A 165 -3.05 -4.34 1.74
CA ASP A 165 -3.71 -4.74 0.50
C ASP A 165 -2.78 -5.58 -0.37
N ARG A 166 -1.47 -5.41 -0.19
CA ARG A 166 -0.50 -6.13 -1.00
C ARG A 166 0.19 -7.20 -0.16
N SER A 167 1.04 -7.99 -0.80
CA SER A 167 1.64 -9.16 -0.16
C SER A 167 2.73 -8.80 0.86
N HIS A 168 3.50 -7.74 0.63
CA HIS A 168 4.63 -7.49 1.51
C HIS A 168 4.27 -6.58 2.68
N ASP A 169 3.15 -5.87 2.58
CA ASP A 169 2.68 -5.04 3.68
C ASP A 169 1.95 -5.90 4.70
N VAL A 170 1.12 -6.83 4.21
CA VAL A 170 0.45 -7.77 5.10
C VAL A 170 1.50 -8.67 5.76
N ASP A 171 2.52 -9.02 4.98
CA ASP A 171 3.64 -9.83 5.46
C ASP A 171 4.49 -9.05 6.46
N GLY A 172 4.76 -7.79 6.13
CA GLY A 172 5.57 -6.94 6.98
C GLY A 172 4.98 -6.75 8.37
N ALA A 173 3.68 -6.45 8.42
CA ALA A 173 3.01 -6.24 9.70
C ALA A 173 3.04 -7.52 10.53
N ALA A 174 2.85 -8.65 9.87
CA ALA A 174 2.85 -9.93 10.54
C ALA A 174 4.26 -10.30 11.00
N ALA A 175 5.25 -9.94 10.18
CA ALA A 175 6.66 -10.21 10.47
C ALA A 175 7.13 -9.44 11.70
N HIS A 176 6.48 -8.30 11.97
CA HIS A 176 6.85 -7.49 13.13
C HIS A 176 5.93 -7.79 14.32
N GLY A 177 5.16 -8.86 14.18
CA GLY A 177 4.27 -9.29 15.24
C GLY A 177 3.11 -8.33 15.47
N ILE A 178 2.50 -7.90 14.39
CA ILE A 178 1.37 -6.97 14.45
C ILE A 178 0.19 -7.52 13.68
N ASP A 179 -1.00 -7.33 14.22
CA ASP A 179 -2.21 -7.80 13.56
C ASP A 179 -2.53 -6.93 12.36
N THR A 180 -2.74 -7.55 11.21
CA THR A 180 -3.03 -6.82 10.00
C THR A 180 -4.20 -7.45 9.25
N VAL A 181 -5.00 -6.61 8.62
CA VAL A 181 -6.16 -7.05 7.87
C VAL A 181 -6.04 -6.62 6.42
N VAL A 182 -6.71 -7.34 5.52
CA VAL A 182 -6.67 -7.01 4.11
C VAL A 182 -8.01 -6.44 3.65
N VAL A 183 -7.96 -5.40 2.83
CA VAL A 183 -9.16 -4.78 2.32
C VAL A 183 -9.66 -5.49 1.07
N GLY A 184 -10.92 -5.27 0.73
CA GLY A 184 -11.48 -5.88 -0.45
C GLY A 184 -11.65 -4.90 -1.59
N TRP A 185 -10.64 -4.06 -1.80
CA TRP A 185 -10.67 -3.07 -2.86
C TRP A 185 -10.52 -3.78 -4.21
N GLY A 186 -9.45 -4.53 -4.34
CA GLY A 186 -9.23 -5.31 -5.55
C GLY A 186 -9.80 -6.71 -5.39
N TYR A 187 -9.80 -7.48 -6.47
CA TYR A 187 -10.33 -8.83 -6.41
C TYR A 187 -9.23 -9.83 -6.70
N GLY A 188 -9.06 -10.80 -5.82
CA GLY A 188 -8.06 -11.82 -5.99
C GLY A 188 -8.37 -12.72 -7.17
N ARG A 189 -7.50 -12.74 -8.15
CA ARG A 189 -7.69 -13.58 -9.32
C ARG A 189 -6.34 -14.08 -9.83
N ALA A 190 -5.39 -13.16 -9.98
CA ALA A 190 -4.06 -13.54 -10.42
C ALA A 190 -3.17 -13.88 -9.22
N ASP A 191 -3.79 -14.36 -8.16
CA ASP A 191 -3.09 -14.72 -6.93
C ASP A 191 -2.36 -16.05 -7.09
N PHE A 192 -2.19 -16.76 -5.98
CA PHE A 192 -1.43 -17.99 -5.97
C PHE A 192 -2.21 -19.13 -5.32
N ILE A 193 -3.50 -18.92 -5.11
CA ILE A 193 -4.34 -19.95 -4.52
C ILE A 193 -4.79 -20.92 -5.60
N ASP A 194 -3.93 -21.88 -5.91
CA ASP A 194 -4.19 -22.85 -6.97
C ASP A 194 -4.99 -24.03 -6.44
N LYS A 195 -4.64 -24.50 -5.25
CA LYS A 195 -5.31 -25.63 -4.64
C LYS A 195 -5.78 -25.28 -3.23
N THR A 196 -4.83 -24.94 -2.37
CA THR A 196 -5.13 -24.62 -0.99
C THR A 196 -4.65 -23.23 -0.61
N SER A 197 -5.11 -22.74 0.53
CA SER A 197 -4.71 -21.43 1.02
C SER A 197 -3.58 -21.61 2.04
N THR A 198 -2.41 -21.05 1.73
CA THR A 198 -1.26 -21.15 2.61
C THR A 198 -1.50 -20.42 3.93
N THR A 199 -2.19 -19.29 3.86
CA THR A 199 -2.50 -18.51 5.04
C THR A 199 -3.80 -17.73 4.83
N VAL A 200 -4.75 -17.91 5.74
CA VAL A 200 -6.01 -17.21 5.66
C VAL A 200 -5.89 -15.82 6.28
N VAL A 201 -6.73 -14.90 5.84
CA VAL A 201 -6.72 -13.55 6.35
C VAL A 201 -8.07 -12.89 6.20
N THR A 202 -8.53 -12.21 7.24
CA THR A 202 -9.80 -11.51 7.22
C THR A 202 -9.79 -10.38 6.19
N HIS A 203 -10.84 -10.30 5.39
CA HIS A 203 -10.95 -9.27 4.36
C HIS A 203 -12.25 -8.50 4.48
N ALA A 204 -12.15 -7.19 4.55
CA ALA A 204 -13.31 -6.32 4.65
C ALA A 204 -13.87 -6.02 3.27
N ALA A 205 -15.14 -6.36 3.07
CA ALA A 205 -15.79 -6.19 1.79
C ALA A 205 -16.05 -4.72 1.48
N THR A 206 -16.32 -3.94 2.51
CA THR A 206 -16.60 -2.53 2.34
C THR A 206 -15.91 -1.70 3.42
N ILE A 207 -15.98 -0.38 3.28
CA ILE A 207 -15.35 0.54 4.22
C ILE A 207 -16.09 0.53 5.56
N ASP A 208 -17.38 0.21 5.50
CA ASP A 208 -18.22 0.15 6.69
C ASP A 208 -17.66 -0.85 7.70
N GLU A 209 -17.17 -1.99 7.20
CA GLU A 209 -16.63 -3.03 8.06
C GLU A 209 -15.29 -2.61 8.64
N LEU A 210 -14.54 -1.82 7.87
CA LEU A 210 -13.24 -1.34 8.32
C LEU A 210 -13.41 -0.44 9.53
N ARG A 211 -14.31 0.53 9.41
CA ARG A 211 -14.59 1.46 10.49
C ARG A 211 -14.96 0.72 11.77
N GLU A 212 -15.97 -0.15 11.68
CA GLU A 212 -16.47 -0.85 12.84
C GLU A 212 -15.42 -1.82 13.40
N ALA A 213 -14.58 -2.38 12.55
CA ALA A 213 -13.54 -3.30 12.98
C ALA A 213 -12.51 -2.57 13.84
N LEU A 214 -12.25 -1.32 13.49
CA LEU A 214 -11.33 -0.49 14.24
C LEU A 214 -12.00 0.09 15.48
N GLY A 215 -13.26 -0.26 15.71
CA GLY A 215 -13.97 0.19 16.89
C GLY A 215 -14.74 1.47 16.69
N VAL A 216 -14.29 2.28 15.75
CA VAL A 216 -14.94 3.57 15.48
C VAL A 216 -16.27 3.38 14.77
N GLY A 1 -16.72 1.65 19.24
CA GLY A 1 -15.86 2.54 20.06
C GLY A 1 -14.76 1.77 20.77
N GLU A 2 -14.45 0.58 20.29
CA GLU A 2 -13.44 -0.27 20.90
C GLU A 2 -12.16 -0.25 20.06
N SER A 3 -11.89 0.90 19.45
CA SER A 3 -10.72 1.07 18.60
C SER A 3 -9.42 0.83 19.38
N PRO A 4 -8.35 0.40 18.70
CA PRO A 4 -7.05 0.18 19.33
C PRO A 4 -6.35 1.49 19.66
N GLN A 5 -5.05 1.44 19.85
CA GLN A 5 -4.30 2.64 20.21
C GLN A 5 -3.58 3.21 18.99
N LEU A 6 -3.05 2.34 18.14
CA LEU A 6 -2.32 2.76 16.97
C LEU A 6 -2.69 1.91 15.76
N VAL A 7 -3.07 2.58 14.68
CA VAL A 7 -3.43 1.89 13.44
C VAL A 7 -2.59 2.42 12.30
N ILE A 8 -1.69 1.59 11.80
CA ILE A 8 -0.86 1.98 10.67
C ILE A 8 -1.55 1.63 9.36
N PHE A 9 -1.76 2.65 8.56
CA PHE A 9 -2.38 2.49 7.27
C PHE A 9 -1.35 2.60 6.16
N ASP A 10 -1.63 1.96 5.05
CA ASP A 10 -0.83 2.12 3.86
C ASP A 10 -1.36 3.35 3.11
N LEU A 11 -1.25 3.37 1.80
CA LEU A 11 -1.75 4.50 1.03
C LEU A 11 -2.57 4.01 -0.15
N ASP A 12 -2.01 3.08 -0.90
CA ASP A 12 -2.65 2.59 -2.11
C ASP A 12 -3.30 1.25 -1.87
N GLY A 13 -4.28 0.94 -2.71
CA GLY A 13 -4.96 -0.34 -2.61
C GLY A 13 -6.09 -0.32 -1.60
N THR A 14 -5.76 0.07 -0.38
CA THR A 14 -6.74 0.11 0.69
C THR A 14 -7.33 1.51 0.88
N LEU A 15 -6.65 2.53 0.36
CA LEU A 15 -7.14 3.90 0.50
C LEU A 15 -7.31 4.56 -0.86
N THR A 16 -6.20 4.91 -1.50
CA THR A 16 -6.25 5.57 -2.80
C THR A 16 -6.06 4.57 -3.94
N ASP A 17 -6.73 4.82 -5.05
CA ASP A 17 -6.60 3.96 -6.23
C ASP A 17 -5.43 4.43 -7.07
N SER A 18 -4.26 3.92 -6.78
CA SER A 18 -3.09 4.22 -7.59
C SER A 18 -3.11 3.36 -8.85
N ALA A 19 -3.95 2.31 -8.82
CA ALA A 19 -4.09 1.38 -9.94
C ALA A 19 -4.08 2.08 -11.30
N ARG A 20 -4.94 3.08 -11.48
CA ARG A 20 -5.00 3.81 -12.75
C ARG A 20 -3.62 4.32 -13.15
N GLY A 21 -2.94 4.96 -12.21
CA GLY A 21 -1.61 5.48 -12.45
C GLY A 21 -0.58 4.40 -12.65
N ILE A 22 -0.72 3.30 -11.91
CA ILE A 22 0.22 2.19 -11.98
C ILE A 22 0.10 1.49 -13.33
N VAL A 23 -1.13 1.21 -13.74
CA VAL A 23 -1.37 0.56 -15.02
C VAL A 23 -0.85 1.42 -16.17
N SER A 24 -1.05 2.72 -16.07
CA SER A 24 -0.55 3.65 -17.07
C SER A 24 0.97 3.56 -17.16
N SER A 25 1.62 3.63 -15.99
CA SER A 25 3.07 3.55 -15.91
C SER A 25 3.57 2.19 -16.39
N PHE A 26 2.87 1.12 -15.97
CA PHE A 26 3.23 -0.24 -16.36
C PHE A 26 3.18 -0.39 -17.89
N ARG A 27 2.13 0.15 -18.49
CA ARG A 27 1.98 0.12 -19.94
C ARG A 27 3.13 0.88 -20.60
N HIS A 28 3.45 2.05 -20.04
CA HIS A 28 4.53 2.88 -20.56
C HIS A 28 5.87 2.14 -20.46
N ALA A 29 6.11 1.53 -19.31
CA ALA A 29 7.34 0.79 -19.06
C ALA A 29 7.53 -0.34 -20.06
N LEU A 30 6.53 -1.23 -20.15
CA LEU A 30 6.61 -2.36 -21.07
C LEU A 30 6.69 -1.91 -22.52
N ASN A 31 5.96 -0.86 -22.88
CA ASN A 31 5.98 -0.36 -24.24
C ASN A 31 7.34 0.27 -24.55
N HIS A 32 7.96 0.83 -23.53
CA HIS A 32 9.27 1.45 -23.64
C HIS A 32 10.36 0.42 -23.92
N ILE A 33 10.17 -0.80 -23.41
CA ILE A 33 11.18 -1.84 -23.60
C ILE A 33 10.84 -2.74 -24.78
N GLY A 34 9.68 -2.52 -25.38
CA GLY A 34 9.27 -3.32 -26.53
C GLY A 34 8.67 -4.66 -26.13
N ALA A 35 8.00 -4.68 -24.99
CA ALA A 35 7.36 -5.89 -24.51
C ALA A 35 5.89 -5.89 -24.86
N PRO A 36 5.25 -7.07 -24.89
CA PRO A 36 3.83 -7.20 -25.18
C PRO A 36 2.98 -6.79 -23.99
N VAL A 37 2.18 -5.75 -24.16
CA VAL A 37 1.35 -5.27 -23.08
C VAL A 37 -0.05 -5.89 -23.16
N PRO A 38 -0.49 -6.57 -22.08
CA PRO A 38 -1.85 -7.13 -22.00
C PRO A 38 -2.90 -6.03 -22.14
N GLU A 39 -3.81 -6.19 -23.10
CA GLU A 39 -4.80 -5.16 -23.38
C GLU A 39 -6.02 -5.31 -22.48
N GLY A 40 -6.01 -6.31 -21.62
CA GLY A 40 -7.15 -6.55 -20.75
C GLY A 40 -6.87 -6.08 -19.34
N ASP A 41 -6.87 -7.01 -18.39
CA ASP A 41 -6.60 -6.67 -17.01
C ASP A 41 -5.22 -7.17 -16.60
N LEU A 42 -4.49 -6.32 -15.90
CA LEU A 42 -3.20 -6.69 -15.35
C LEU A 42 -3.04 -6.07 -13.97
N ALA A 43 -3.98 -5.19 -13.62
CA ALA A 43 -3.94 -4.44 -12.37
C ALA A 43 -4.12 -5.35 -11.15
N THR A 44 -5.21 -6.09 -11.13
CA THR A 44 -5.49 -6.99 -10.01
C THR A 44 -4.55 -8.19 -10.03
N HIS A 45 -3.84 -8.35 -11.14
CA HIS A 45 -2.93 -9.47 -11.32
C HIS A 45 -1.51 -9.16 -10.83
N ILE A 46 -1.16 -7.88 -10.72
CA ILE A 46 0.19 -7.49 -10.28
C ILE A 46 0.25 -7.26 -8.77
N VAL A 47 -0.34 -8.17 -8.01
CA VAL A 47 -0.34 -8.06 -6.55
C VAL A 47 0.30 -9.30 -5.91
N GLY A 48 1.10 -9.07 -4.89
CA GLY A 48 1.72 -10.18 -4.17
C GLY A 48 3.23 -10.05 -4.09
N PRO A 49 3.95 -10.62 -5.07
CA PRO A 49 5.42 -10.59 -5.11
C PRO A 49 5.98 -9.19 -5.41
N PRO A 50 7.29 -8.99 -5.15
CA PRO A 50 7.95 -7.70 -5.40
C PRO A 50 7.86 -7.27 -6.86
N MET A 51 7.91 -5.96 -7.07
CA MET A 51 7.79 -5.36 -8.41
C MET A 51 8.73 -6.00 -9.44
N HIS A 52 10.01 -6.11 -9.11
CA HIS A 52 10.98 -6.64 -10.07
C HIS A 52 10.74 -8.13 -10.34
N GLU A 53 10.10 -8.81 -9.39
CA GLU A 53 9.80 -10.23 -9.54
C GLU A 53 8.66 -10.40 -10.51
N THR A 54 7.60 -9.63 -10.31
CA THR A 54 6.44 -9.66 -11.19
C THR A 54 6.83 -9.22 -12.60
N LEU A 55 7.72 -8.23 -12.69
CA LEU A 55 8.19 -7.73 -13.98
C LEU A 55 8.87 -8.85 -14.76
N ARG A 56 9.67 -9.64 -14.06
CA ARG A 56 10.38 -10.75 -14.69
C ARG A 56 9.44 -11.92 -14.93
N ALA A 57 8.36 -11.98 -14.14
CA ALA A 57 7.39 -13.05 -14.26
C ALA A 57 6.46 -12.84 -15.43
N MET A 58 6.48 -11.62 -15.97
CA MET A 58 5.67 -11.30 -17.14
C MET A 58 6.39 -11.70 -18.43
N GLY A 59 7.58 -12.26 -18.27
CA GLY A 59 8.36 -12.67 -19.41
C GLY A 59 9.41 -11.65 -19.76
N LEU A 60 10.18 -11.23 -18.76
CA LEU A 60 11.20 -10.21 -18.93
C LEU A 60 12.53 -10.72 -18.41
N GLY A 61 13.61 -10.40 -19.13
CA GLY A 61 14.92 -10.89 -18.74
C GLY A 61 15.92 -9.79 -18.44
N GLU A 62 16.54 -9.24 -19.48
CA GLU A 62 17.62 -8.28 -19.32
C GLU A 62 17.12 -6.85 -19.23
N SER A 63 15.93 -6.59 -19.75
CA SER A 63 15.41 -5.24 -19.82
C SER A 63 14.79 -4.80 -18.48
N ALA A 64 15.12 -5.51 -17.40
CA ALA A 64 14.60 -5.18 -16.08
C ALA A 64 15.03 -3.79 -15.65
N GLU A 65 16.31 -3.48 -15.85
CA GLU A 65 16.87 -2.19 -15.47
C GLU A 65 16.22 -1.06 -16.29
N GLU A 66 16.00 -1.35 -17.57
CA GLU A 66 15.37 -0.41 -18.48
C GLU A 66 13.92 -0.15 -18.08
N ALA A 67 13.18 -1.23 -17.83
CA ALA A 67 11.78 -1.12 -17.45
C ALA A 67 11.60 -0.42 -16.12
N ILE A 68 12.41 -0.79 -15.14
CA ILE A 68 12.32 -0.20 -13.81
C ILE A 68 12.56 1.32 -13.83
N VAL A 69 13.54 1.77 -14.59
CA VAL A 69 13.84 3.20 -14.65
C VAL A 69 12.72 3.96 -15.37
N ALA A 70 12.17 3.34 -16.42
CA ALA A 70 11.08 3.94 -17.16
C ALA A 70 9.84 4.05 -16.28
N TYR A 71 9.57 2.98 -15.55
CA TYR A 71 8.46 2.94 -14.61
C TYR A 71 8.60 4.04 -13.57
N ARG A 72 9.77 4.10 -12.95
CA ARG A 72 10.09 5.11 -11.93
C ARG A 72 9.85 6.53 -12.45
N ALA A 73 10.38 6.80 -13.64
CA ALA A 73 10.28 8.12 -14.25
C ALA A 73 8.82 8.54 -14.47
N ASP A 74 8.04 7.66 -15.10
CA ASP A 74 6.66 7.98 -15.44
C ASP A 74 5.78 8.04 -14.19
N TYR A 75 6.05 7.17 -13.22
CA TYR A 75 5.29 7.15 -11.97
C TYR A 75 5.47 8.47 -11.21
N SER A 76 6.71 8.87 -11.02
CA SER A 76 7.02 10.08 -10.26
C SER A 76 6.62 11.35 -11.02
N ALA A 77 6.47 11.23 -12.34
CA ALA A 77 6.15 12.39 -13.16
C ALA A 77 4.65 12.51 -13.41
N ARG A 78 4.00 11.42 -13.78
CA ARG A 78 2.59 11.45 -14.12
C ARG A 78 1.75 10.45 -13.33
N GLY A 79 2.32 9.30 -13.02
CA GLY A 79 1.59 8.25 -12.35
C GLY A 79 0.92 8.68 -11.05
N TRP A 80 1.63 9.48 -10.26
CA TRP A 80 1.13 9.94 -8.97
C TRP A 80 -0.12 10.81 -9.10
N ALA A 81 -0.26 11.48 -10.24
CA ALA A 81 -1.36 12.41 -10.45
C ALA A 81 -2.64 11.67 -10.84
N MET A 82 -2.52 10.39 -11.14
CA MET A 82 -3.66 9.58 -11.50
C MET A 82 -4.17 8.81 -10.30
N ASN A 83 -3.77 9.26 -9.11
CA ASN A 83 -4.25 8.68 -7.87
C ASN A 83 -5.47 9.45 -7.38
N SER A 84 -6.33 8.79 -6.63
CA SER A 84 -7.54 9.42 -6.14
C SER A 84 -8.14 8.60 -5.00
N LEU A 85 -8.64 9.30 -3.98
CA LEU A 85 -9.30 8.64 -2.87
C LEU A 85 -10.80 8.58 -3.12
N PHE A 86 -11.39 7.42 -2.93
CA PHE A 86 -12.82 7.26 -3.12
C PHE A 86 -13.58 7.87 -1.95
N ASP A 87 -14.81 8.33 -2.23
CA ASP A 87 -15.67 8.89 -1.18
C ASP A 87 -16.03 7.82 -0.16
N GLY A 88 -15.25 7.79 0.89
CA GLY A 88 -15.44 6.82 1.95
C GLY A 88 -14.26 6.83 2.89
N ILE A 89 -13.07 7.05 2.32
CA ILE A 89 -11.85 7.15 3.12
C ILE A 89 -11.89 8.38 4.02
N GLY A 90 -12.47 9.45 3.49
CA GLY A 90 -12.62 10.69 4.24
C GLY A 90 -13.32 10.47 5.57
N PRO A 91 -14.60 10.05 5.56
CA PRO A 91 -15.36 9.79 6.80
C PRO A 91 -14.74 8.68 7.63
N LEU A 92 -14.04 7.75 6.97
CA LEU A 92 -13.34 6.68 7.67
C LEU A 92 -12.32 7.28 8.62
N LEU A 93 -11.43 8.09 8.06
CA LEU A 93 -10.37 8.74 8.82
C LEU A 93 -10.96 9.74 9.82
N ALA A 94 -12.10 10.32 9.47
CA ALA A 94 -12.79 11.25 10.34
C ALA A 94 -13.33 10.54 11.58
N ASP A 95 -14.04 9.44 11.35
CA ASP A 95 -14.61 8.64 12.44
C ASP A 95 -13.50 8.16 13.38
N LEU A 96 -12.42 7.65 12.79
CA LEU A 96 -11.29 7.14 13.54
C LEU A 96 -10.69 8.22 14.43
N ARG A 97 -10.45 9.40 13.86
CA ARG A 97 -9.85 10.50 14.61
C ARG A 97 -10.79 10.92 15.73
N THR A 98 -12.08 10.85 15.46
CA THR A 98 -13.11 11.20 16.45
C THR A 98 -13.04 10.27 17.67
N ALA A 99 -12.80 8.99 17.42
CA ALA A 99 -12.72 8.00 18.49
C ALA A 99 -11.46 8.20 19.33
N GLY A 100 -10.51 8.92 18.79
CA GLY A 100 -9.29 9.20 19.51
C GLY A 100 -8.18 8.21 19.21
N VAL A 101 -8.41 7.36 18.22
CA VAL A 101 -7.40 6.37 17.85
C VAL A 101 -6.31 7.06 17.03
N ARG A 102 -5.06 6.75 17.34
CA ARG A 102 -3.95 7.36 16.64
C ARG A 102 -3.62 6.58 15.37
N LEU A 103 -3.76 7.24 14.23
CA LEU A 103 -3.46 6.59 12.97
C LEU A 103 -2.01 6.87 12.60
N ALA A 104 -1.46 6.08 11.70
CA ALA A 104 -0.10 6.27 11.25
C ALA A 104 0.06 5.75 9.84
N VAL A 105 1.21 6.01 9.23
CA VAL A 105 1.46 5.57 7.87
C VAL A 105 2.78 4.83 7.81
N ALA A 106 2.81 3.77 7.03
CA ALA A 106 4.02 2.99 6.82
C ALA A 106 3.98 2.39 5.43
N THR A 107 4.43 3.16 4.45
CA THR A 107 4.38 2.70 3.07
C THR A 107 5.77 2.78 2.44
N SER A 108 6.19 1.68 1.86
CA SER A 108 7.49 1.61 1.20
C SER A 108 7.46 2.35 -0.14
N LYS A 109 7.43 3.67 -0.07
CA LYS A 109 7.41 4.50 -1.27
C LYS A 109 8.65 5.39 -1.25
N ALA A 110 8.58 6.50 -0.51
CA ALA A 110 9.69 7.44 -0.37
C ALA A 110 9.26 8.62 0.48
N GLU A 111 10.18 9.18 1.26
CA GLU A 111 9.88 10.32 2.13
C GLU A 111 9.24 11.48 1.34
N PRO A 112 9.92 12.06 0.33
CA PRO A 112 9.37 13.20 -0.42
C PRO A 112 8.18 12.81 -1.29
N THR A 113 8.22 11.60 -1.84
CA THR A 113 7.16 11.12 -2.71
C THR A 113 5.86 10.93 -1.93
N ALA A 114 5.95 10.36 -0.74
CA ALA A 114 4.77 10.15 0.08
C ALA A 114 4.21 11.48 0.55
N ARG A 115 5.10 12.39 0.91
CA ARG A 115 4.70 13.69 1.42
C ARG A 115 3.98 14.51 0.35
N ARG A 116 4.50 14.47 -0.88
CA ARG A 116 3.91 15.24 -1.97
C ARG A 116 2.50 14.72 -2.30
N ILE A 117 2.31 13.41 -2.15
CA ILE A 117 1.01 12.80 -2.42
C ILE A 117 0.03 13.08 -1.28
N LEU A 118 0.49 12.86 -0.05
CA LEU A 118 -0.33 13.06 1.13
C LEU A 118 -0.73 14.52 1.30
N ARG A 119 0.17 15.43 0.91
CA ARG A 119 -0.11 16.86 1.01
C ARG A 119 -1.10 17.28 -0.07
N HIS A 120 -0.99 16.68 -1.25
CA HIS A 120 -1.92 16.96 -2.35
C HIS A 120 -3.35 16.64 -1.94
N PHE A 121 -3.53 15.51 -1.24
CA PHE A 121 -4.85 15.11 -0.77
C PHE A 121 -5.22 15.87 0.50
N GLY A 122 -4.24 16.14 1.35
CA GLY A 122 -4.47 16.89 2.57
C GLY A 122 -4.95 16.01 3.72
N ILE A 123 -4.45 14.78 3.77
CA ILE A 123 -4.84 13.84 4.82
C ILE A 123 -3.72 13.59 5.82
N GLU A 124 -2.68 14.41 5.73
CA GLU A 124 -1.48 14.25 6.57
C GLU A 124 -1.79 14.32 8.06
N GLN A 125 -2.46 15.40 8.47
CA GLN A 125 -2.70 15.66 9.90
C GLN A 125 -3.57 14.60 10.57
N HIS A 126 -4.14 13.69 9.80
CA HIS A 126 -4.95 12.61 10.37
C HIS A 126 -4.05 11.54 10.96
N PHE A 127 -2.81 11.49 10.49
CA PHE A 127 -1.88 10.47 10.93
C PHE A 127 -0.83 11.03 11.88
N GLU A 128 -0.42 10.21 12.82
CA GLU A 128 0.60 10.56 13.81
C GLU A 128 1.97 10.66 13.16
N VAL A 129 2.45 9.53 12.65
CA VAL A 129 3.77 9.47 12.04
C VAL A 129 3.69 8.88 10.64
N ILE A 130 4.19 9.64 9.67
CA ILE A 130 4.22 9.19 8.28
C ILE A 130 5.55 8.52 7.99
N ALA A 131 5.58 7.19 7.97
CA ALA A 131 6.82 6.46 7.72
C ALA A 131 7.08 6.31 6.23
N GLY A 132 7.95 7.18 5.73
CA GLY A 132 8.35 7.11 4.35
C GLY A 132 9.63 6.33 4.18
N ALA A 133 9.78 5.67 3.04
CA ALA A 133 10.96 4.88 2.76
C ALA A 133 12.14 5.77 2.39
N SER A 134 13.34 5.24 2.57
CA SER A 134 14.56 5.97 2.28
C SER A 134 15.64 5.01 1.80
N THR A 135 16.85 5.51 1.60
CA THR A 135 17.94 4.67 1.15
C THR A 135 19.10 4.67 2.14
N ASP A 136 19.06 3.73 3.07
CA ASP A 136 20.13 3.61 4.07
C ASP A 136 20.97 2.37 3.80
N GLY A 137 20.35 1.21 3.96
CA GLY A 137 21.04 -0.03 3.70
C GLY A 137 20.17 -1.25 4.01
N SER A 138 20.10 -2.16 3.05
CA SER A 138 19.31 -3.38 3.21
C SER A 138 20.12 -4.45 3.95
N ARG A 139 20.75 -4.04 5.04
CA ARG A 139 21.65 -4.90 5.79
C ARG A 139 20.88 -5.74 6.82
N GLY A 140 19.80 -6.36 6.38
CA GLY A 140 19.01 -7.21 7.26
C GLY A 140 17.68 -6.59 7.62
N SER A 141 17.37 -5.44 7.05
CA SER A 141 16.12 -4.76 7.31
C SER A 141 14.93 -5.56 6.78
N LYS A 142 14.17 -6.16 7.69
CA LYS A 142 13.00 -6.94 7.33
C LYS A 142 11.74 -6.10 7.49
N VAL A 143 11.50 -5.67 8.72
CA VAL A 143 10.31 -4.89 9.03
C VAL A 143 10.67 -3.43 9.28
N ASP A 144 11.71 -2.97 8.59
CA ASP A 144 12.28 -1.62 8.76
C ASP A 144 11.20 -0.54 8.87
N VAL A 145 10.47 -0.32 7.78
CA VAL A 145 9.45 0.73 7.72
C VAL A 145 8.51 0.74 8.93
N LEU A 146 7.88 -0.40 9.21
CA LEU A 146 6.93 -0.49 10.32
C LEU A 146 7.63 -0.33 11.67
N ALA A 147 8.74 -1.03 11.84
CA ALA A 147 9.52 -0.96 13.08
C ALA A 147 10.00 0.47 13.34
N HIS A 148 10.48 1.11 12.28
CA HIS A 148 10.98 2.48 12.36
C HIS A 148 9.84 3.42 12.73
N ALA A 149 8.66 3.19 12.17
CA ALA A 149 7.49 3.98 12.48
C ALA A 149 7.13 3.89 13.96
N LEU A 150 7.17 2.66 14.48
CA LEU A 150 6.82 2.40 15.87
C LEU A 150 7.84 3.02 16.82
N ALA A 151 9.11 2.96 16.43
CA ALA A 151 10.18 3.53 17.24
C ALA A 151 10.11 5.07 17.24
N GLN A 152 9.51 5.62 16.20
CA GLN A 152 9.37 7.06 16.07
C GLN A 152 8.14 7.56 16.84
N LEU A 153 7.07 6.77 16.84
CA LEU A 153 5.82 7.18 17.48
C LEU A 153 5.80 6.85 18.98
N ARG A 154 6.97 6.68 19.58
CA ARG A 154 7.08 6.35 21.01
C ARG A 154 6.21 7.27 21.87
N PRO A 155 5.63 6.72 22.95
CA PRO A 155 5.83 5.33 23.34
C PRO A 155 5.02 4.34 22.49
N LEU A 156 5.42 3.07 22.54
CA LEU A 156 4.74 2.03 21.77
C LEU A 156 3.55 1.48 22.55
N PRO A 157 2.36 1.56 21.96
CA PRO A 157 1.12 1.07 22.58
C PRO A 157 1.05 -0.45 22.60
N GLU A 158 0.03 -0.97 23.28
CA GLU A 158 -0.16 -2.41 23.40
C GLU A 158 -1.07 -2.92 22.27
N ARG A 159 -2.04 -2.11 21.88
CA ARG A 159 -2.98 -2.49 20.85
C ARG A 159 -2.58 -1.88 19.51
N LEU A 160 -2.08 -2.74 18.62
CA LEU A 160 -1.59 -2.30 17.32
C LEU A 160 -2.26 -3.09 16.20
N VAL A 161 -2.45 -2.45 15.05
CA VAL A 161 -3.02 -3.13 13.90
C VAL A 161 -2.54 -2.48 12.59
N MET A 162 -2.18 -3.32 11.62
CA MET A 162 -1.70 -2.87 10.33
C MET A 162 -2.81 -3.03 9.28
N VAL A 163 -2.94 -2.05 8.40
CA VAL A 163 -3.95 -2.11 7.36
C VAL A 163 -3.31 -1.97 5.98
N GLY A 164 -3.34 -3.05 5.22
CA GLY A 164 -2.74 -3.07 3.90
C GLY A 164 -3.38 -4.11 3.00
N ASP A 165 -2.59 -4.65 2.07
CA ASP A 165 -3.10 -5.65 1.12
C ASP A 165 -1.99 -6.57 0.60
N ARG A 166 -0.82 -6.01 0.32
CA ARG A 166 0.29 -6.79 -0.22
C ARG A 166 0.80 -7.83 0.77
N SER A 167 1.33 -8.92 0.22
CA SER A 167 1.83 -10.03 1.02
C SER A 167 3.01 -9.63 1.90
N HIS A 168 3.83 -8.70 1.44
CA HIS A 168 5.03 -8.32 2.21
C HIS A 168 4.70 -7.35 3.33
N ASP A 169 3.63 -6.59 3.19
CA ASP A 169 3.24 -5.67 4.25
C ASP A 169 2.58 -6.47 5.37
N VAL A 170 1.80 -7.47 4.96
CA VAL A 170 1.20 -8.41 5.90
C VAL A 170 2.29 -9.22 6.59
N ASP A 171 3.28 -9.63 5.79
CA ASP A 171 4.43 -10.39 6.27
C ASP A 171 5.17 -9.63 7.36
N GLY A 172 5.46 -8.36 7.09
CA GLY A 172 6.17 -7.52 8.04
C GLY A 172 5.39 -7.32 9.33
N ALA A 173 4.08 -7.15 9.21
CA ALA A 173 3.23 -6.94 10.38
C ALA A 173 3.22 -8.19 11.25
N ALA A 174 3.02 -9.35 10.63
CA ALA A 174 2.99 -10.61 11.34
C ALA A 174 4.34 -10.93 11.95
N ALA A 175 5.40 -10.55 11.24
CA ALA A 175 6.76 -10.79 11.70
C ALA A 175 7.07 -10.00 12.97
N HIS A 176 6.41 -8.85 13.12
CA HIS A 176 6.62 -8.03 14.30
C HIS A 176 5.52 -8.28 15.34
N GLY A 177 4.73 -9.31 15.08
CA GLY A 177 3.67 -9.70 15.99
C GLY A 177 2.53 -8.70 16.04
N ILE A 178 2.11 -8.25 14.88
CA ILE A 178 1.05 -7.27 14.77
C ILE A 178 -0.05 -7.80 13.86
N ASP A 179 -1.30 -7.58 14.24
CA ASP A 179 -2.42 -8.04 13.43
C ASP A 179 -2.54 -7.19 12.18
N THR A 180 -3.11 -7.75 11.14
CA THR A 180 -3.22 -7.06 9.87
C THR A 180 -4.60 -7.23 9.27
N VAL A 181 -5.12 -6.16 8.69
CA VAL A 181 -6.41 -6.17 8.03
C VAL A 181 -6.20 -5.90 6.55
N VAL A 182 -6.62 -6.84 5.71
CA VAL A 182 -6.45 -6.71 4.27
C VAL A 182 -7.69 -6.10 3.63
N VAL A 183 -7.58 -4.86 3.20
CA VAL A 183 -8.71 -4.17 2.58
C VAL A 183 -8.41 -3.90 1.11
N GLY A 184 -9.34 -4.26 0.24
CA GLY A 184 -9.11 -4.06 -1.19
C GLY A 184 -10.35 -3.62 -1.93
N TRP A 185 -10.22 -2.53 -2.68
CA TRP A 185 -11.33 -2.02 -3.47
C TRP A 185 -11.41 -2.73 -4.82
N GLY A 186 -10.35 -3.47 -5.14
CA GLY A 186 -10.31 -4.22 -6.38
C GLY A 186 -11.06 -5.52 -6.29
N TYR A 187 -11.28 -6.18 -7.41
CA TYR A 187 -12.01 -7.44 -7.42
C TYR A 187 -11.26 -8.50 -8.20
N GLY A 188 -10.50 -9.32 -7.48
CA GLY A 188 -9.77 -10.41 -8.10
C GLY A 188 -9.62 -11.57 -7.14
N ARG A 189 -10.57 -12.50 -7.18
CA ARG A 189 -10.58 -13.61 -6.24
C ARG A 189 -10.81 -14.95 -6.92
N ALA A 190 -11.38 -14.92 -8.11
CA ALA A 190 -11.74 -16.16 -8.79
C ALA A 190 -10.62 -16.65 -9.69
N ASP A 191 -9.49 -15.96 -9.66
CA ASP A 191 -8.36 -16.31 -10.52
C ASP A 191 -7.66 -17.61 -10.11
N PHE A 192 -6.95 -17.59 -8.98
CA PHE A 192 -6.19 -18.76 -8.56
C PHE A 192 -6.24 -18.97 -7.05
N ILE A 193 -5.75 -20.13 -6.63
CA ILE A 193 -5.71 -20.50 -5.22
C ILE A 193 -4.41 -20.02 -4.59
N ASP A 194 -4.47 -19.62 -3.32
CA ASP A 194 -3.30 -19.09 -2.63
C ASP A 194 -2.34 -20.19 -2.19
N LYS A 195 -1.20 -19.78 -1.65
CA LYS A 195 -0.21 -20.70 -1.13
C LYS A 195 -0.38 -20.86 0.38
N THR A 196 0.63 -21.41 1.04
CA THR A 196 0.60 -21.58 2.48
C THR A 196 0.41 -20.24 3.19
N SER A 197 -0.78 -20.05 3.76
CA SER A 197 -1.10 -18.81 4.43
C SER A 197 -1.54 -19.08 5.87
N THR A 198 -0.84 -18.47 6.82
CA THR A 198 -1.13 -18.64 8.24
C THR A 198 -2.21 -17.66 8.71
N THR A 199 -3.20 -17.45 7.87
CA THR A 199 -4.31 -16.58 8.18
C THR A 199 -5.58 -17.11 7.52
N VAL A 200 -6.74 -16.59 7.89
CA VAL A 200 -7.99 -17.09 7.35
C VAL A 200 -9.03 -15.97 7.20
N VAL A 201 -9.20 -15.54 5.95
CA VAL A 201 -10.18 -14.52 5.56
C VAL A 201 -10.10 -13.28 6.46
N THR A 202 -9.15 -12.42 6.17
CA THR A 202 -8.97 -11.19 6.90
C THR A 202 -9.16 -9.98 5.97
N HIS A 203 -10.03 -10.14 4.98
CA HIS A 203 -10.22 -9.09 3.98
C HIS A 203 -11.50 -8.29 4.23
N ALA A 204 -11.50 -7.05 3.74
CA ALA A 204 -12.67 -6.19 3.81
C ALA A 204 -13.05 -5.72 2.41
N ALA A 205 -14.31 -5.94 2.05
CA ALA A 205 -14.82 -5.57 0.73
C ALA A 205 -15.13 -4.09 0.65
N THR A 206 -15.93 -3.59 1.59
CA THR A 206 -16.34 -2.19 1.58
C THR A 206 -15.68 -1.41 2.71
N ILE A 207 -15.92 -0.10 2.73
CA ILE A 207 -15.32 0.80 3.70
C ILE A 207 -16.00 0.66 5.07
N ASP A 208 -17.29 0.35 5.07
CA ASP A 208 -18.04 0.22 6.31
C ASP A 208 -17.53 -0.95 7.15
N GLU A 209 -17.05 -2.00 6.47
CA GLU A 209 -16.51 -3.16 7.15
C GLU A 209 -15.20 -2.80 7.83
N LEU A 210 -14.45 -1.91 7.19
CA LEU A 210 -13.18 -1.44 7.74
C LEU A 210 -13.42 -0.76 9.08
N ARG A 211 -14.45 0.08 9.12
CA ARG A 211 -14.81 0.82 10.32
C ARG A 211 -15.13 -0.13 11.48
N GLU A 212 -16.01 -1.10 11.24
CA GLU A 212 -16.42 -2.02 12.30
C GLU A 212 -15.28 -2.96 12.68
N ALA A 213 -14.39 -3.25 11.74
CA ALA A 213 -13.25 -4.12 12.01
C ALA A 213 -12.28 -3.44 12.97
N LEU A 214 -12.06 -2.16 12.75
CA LEU A 214 -11.20 -1.38 13.62
C LEU A 214 -11.90 -1.07 14.94
N GLY A 215 -13.22 -1.18 14.93
CA GLY A 215 -14.00 -0.97 16.12
C GLY A 215 -14.24 0.50 16.41
N VAL A 216 -14.48 1.29 15.37
CA VAL A 216 -14.71 2.71 15.55
C VAL A 216 -16.18 2.94 15.91
N GLY A 1 -16.22 1.75 19.58
CA GLY A 1 -16.18 0.33 20.02
C GLY A 1 -14.89 0.01 20.73
N GLU A 2 -14.39 -1.19 20.52
CA GLU A 2 -13.12 -1.59 21.13
C GLU A 2 -11.99 -1.50 20.11
N SER A 3 -11.43 -0.31 20.00
CA SER A 3 -10.35 -0.04 19.05
C SER A 3 -8.98 -0.22 19.71
N PRO A 4 -7.93 -0.43 18.89
CA PRO A 4 -6.56 -0.54 19.40
C PRO A 4 -5.99 0.82 19.79
N GLN A 5 -4.69 0.88 20.03
CA GLN A 5 -4.07 2.13 20.41
C GLN A 5 -3.37 2.80 19.23
N LEU A 6 -2.94 2.00 18.26
CA LEU A 6 -2.25 2.55 17.09
C LEU A 6 -2.58 1.71 15.86
N VAL A 7 -2.93 2.39 14.78
CA VAL A 7 -3.30 1.73 13.53
C VAL A 7 -2.48 2.29 12.37
N ILE A 8 -1.68 1.43 11.75
CA ILE A 8 -0.87 1.84 10.60
C ILE A 8 -1.55 1.41 9.32
N PHE A 9 -1.73 2.36 8.41
CA PHE A 9 -2.36 2.10 7.13
C PHE A 9 -1.33 2.10 6.01
N ASP A 10 -1.70 1.47 4.89
CA ASP A 10 -0.88 1.51 3.68
C ASP A 10 -1.70 2.22 2.60
N LEU A 11 -1.05 2.67 1.55
CA LEU A 11 -1.74 3.42 0.51
C LEU A 11 -2.02 2.56 -0.71
N ASP A 12 -1.15 1.60 -0.98
CA ASP A 12 -1.29 0.78 -2.18
C ASP A 12 -2.44 -0.20 -2.04
N GLY A 13 -3.44 -0.04 -2.92
CA GLY A 13 -4.58 -0.93 -2.94
C GLY A 13 -5.66 -0.54 -1.96
N THR A 14 -5.26 -0.08 -0.78
CA THR A 14 -6.21 0.24 0.28
C THR A 14 -6.63 1.72 0.28
N LEU A 15 -5.66 2.62 0.29
CA LEU A 15 -5.96 4.04 0.47
C LEU A 15 -6.33 4.73 -0.85
N THR A 16 -5.83 4.22 -1.97
CA THR A 16 -6.10 4.87 -3.25
C THR A 16 -6.13 3.87 -4.40
N ASP A 17 -6.89 4.21 -5.44
CA ASP A 17 -6.95 3.38 -6.64
C ASP A 17 -5.73 3.64 -7.50
N SER A 18 -4.66 2.93 -7.17
CA SER A 18 -3.39 3.09 -7.85
C SER A 18 -3.42 2.43 -9.23
N ALA A 19 -4.41 1.55 -9.45
CA ALA A 19 -4.58 0.83 -10.72
C ALA A 19 -4.20 1.64 -11.97
N ARG A 20 -5.03 2.64 -12.32
CA ARG A 20 -4.79 3.44 -13.52
C ARG A 20 -3.36 4.00 -13.55
N GLY A 21 -2.89 4.52 -12.42
CA GLY A 21 -1.55 5.07 -12.33
C GLY A 21 -0.47 4.06 -12.66
N ILE A 22 -0.54 2.89 -12.01
CA ILE A 22 0.45 1.85 -12.20
C ILE A 22 0.39 1.30 -13.63
N VAL A 23 -0.82 1.02 -14.11
CA VAL A 23 -1.01 0.49 -15.45
C VAL A 23 -0.43 1.43 -16.50
N SER A 24 -0.57 2.73 -16.29
CA SER A 24 -0.04 3.71 -17.22
C SER A 24 1.48 3.63 -17.30
N SER A 25 2.13 3.66 -16.13
CA SER A 25 3.58 3.60 -16.06
C SER A 25 4.12 2.25 -16.53
N PHE A 26 3.43 1.17 -16.16
CA PHE A 26 3.81 -0.18 -16.57
C PHE A 26 3.82 -0.28 -18.10
N ARG A 27 2.82 0.34 -18.73
CA ARG A 27 2.73 0.34 -20.19
C ARG A 27 3.90 1.09 -20.80
N HIS A 28 4.20 2.26 -20.23
CA HIS A 28 5.33 3.07 -20.71
C HIS A 28 6.64 2.33 -20.56
N ALA A 29 6.80 1.65 -19.43
CA ALA A 29 8.00 0.89 -19.12
C ALA A 29 8.26 -0.19 -20.17
N LEU A 30 7.32 -1.12 -20.30
CA LEU A 30 7.47 -2.22 -21.24
C LEU A 30 7.58 -1.73 -22.68
N ASN A 31 6.83 -0.70 -23.02
CA ASN A 31 6.87 -0.18 -24.39
C ASN A 31 8.21 0.47 -24.67
N HIS A 32 8.87 0.94 -23.61
CA HIS A 32 10.18 1.57 -23.72
C HIS A 32 11.24 0.57 -24.15
N ILE A 33 11.11 -0.66 -23.65
CA ILE A 33 12.10 -1.70 -23.93
C ILE A 33 11.72 -2.54 -25.14
N GLY A 34 10.54 -2.28 -25.69
CA GLY A 34 10.09 -3.02 -26.86
C GLY A 34 9.43 -4.33 -26.51
N ALA A 35 8.86 -4.40 -25.31
CA ALA A 35 8.18 -5.61 -24.87
C ALA A 35 6.67 -5.48 -25.10
N PRO A 36 5.95 -6.62 -25.17
CA PRO A 36 4.50 -6.62 -25.35
C PRO A 36 3.80 -6.01 -24.14
N VAL A 37 2.58 -5.51 -24.33
CA VAL A 37 1.84 -4.85 -23.25
C VAL A 37 0.35 -5.11 -23.41
N PRO A 38 -0.21 -5.96 -22.52
CA PRO A 38 -1.64 -6.25 -22.53
C PRO A 38 -2.46 -5.08 -21.98
N GLU A 39 -3.43 -4.63 -22.76
CA GLU A 39 -4.25 -3.49 -22.37
C GLU A 39 -5.55 -3.95 -21.71
N GLY A 40 -5.44 -4.93 -20.81
CA GLY A 40 -6.61 -5.47 -20.15
C GLY A 40 -6.55 -5.29 -18.65
N ASP A 41 -6.95 -6.32 -17.91
CA ASP A 41 -6.98 -6.28 -16.46
C ASP A 41 -5.62 -6.65 -15.86
N LEU A 42 -4.56 -6.13 -16.46
CA LEU A 42 -3.19 -6.40 -16.01
C LEU A 42 -2.97 -5.90 -14.58
N ALA A 43 -3.89 -5.05 -14.11
CA ALA A 43 -3.79 -4.47 -12.77
C ALA A 43 -3.79 -5.54 -11.68
N THR A 44 -4.66 -6.54 -11.82
CA THR A 44 -4.76 -7.60 -10.82
C THR A 44 -3.51 -8.50 -10.86
N HIS A 45 -2.83 -8.51 -11.99
CA HIS A 45 -1.63 -9.32 -12.17
C HIS A 45 -0.42 -8.65 -11.53
N ILE A 46 -0.42 -7.33 -11.46
CA ILE A 46 0.73 -6.60 -10.93
C ILE A 46 0.51 -6.14 -9.47
N VAL A 47 -0.45 -6.75 -8.80
CA VAL A 47 -0.70 -6.43 -7.40
C VAL A 47 -0.43 -7.67 -6.54
N GLY A 48 0.16 -7.45 -5.38
CA GLY A 48 0.49 -8.55 -4.50
C GLY A 48 1.98 -8.64 -4.23
N PRO A 49 2.75 -9.32 -5.09
CA PRO A 49 4.20 -9.44 -4.93
C PRO A 49 4.92 -8.12 -5.18
N PRO A 50 6.21 -8.04 -4.79
CA PRO A 50 7.02 -6.83 -5.01
C PRO A 50 7.16 -6.54 -6.51
N MET A 51 7.04 -5.27 -6.87
CA MET A 51 7.08 -4.85 -8.26
C MET A 51 8.35 -5.34 -8.97
N HIS A 52 9.46 -5.43 -8.23
CA HIS A 52 10.71 -5.90 -8.82
C HIS A 52 10.53 -7.28 -9.44
N GLU A 53 10.01 -8.21 -8.65
CA GLU A 53 9.83 -9.57 -9.13
C GLU A 53 8.59 -9.69 -10.00
N THR A 54 7.63 -8.79 -9.83
CA THR A 54 6.47 -8.72 -10.69
C THR A 54 6.91 -8.46 -12.12
N LEU A 55 7.83 -7.52 -12.26
CA LEU A 55 8.38 -7.16 -13.55
C LEU A 55 9.19 -8.33 -14.11
N ARG A 56 9.84 -9.06 -13.22
CA ARG A 56 10.63 -10.23 -13.60
C ARG A 56 9.68 -11.37 -13.98
N ALA A 57 8.46 -11.30 -13.46
CA ALA A 57 7.43 -12.30 -13.72
C ALA A 57 6.76 -12.05 -15.06
N MET A 58 6.93 -10.84 -15.57
CA MET A 58 6.35 -10.46 -16.85
C MET A 58 7.23 -10.96 -18.00
N GLY A 59 8.37 -11.55 -17.65
CA GLY A 59 9.24 -12.11 -18.66
C GLY A 59 10.46 -11.23 -18.93
N LEU A 60 11.05 -10.69 -17.87
CA LEU A 60 12.22 -9.84 -17.99
C LEU A 60 13.33 -10.30 -17.06
N GLY A 61 14.57 -10.01 -17.44
CA GLY A 61 15.70 -10.38 -16.61
C GLY A 61 16.70 -9.25 -16.47
N GLU A 62 17.60 -9.14 -17.44
CA GLU A 62 18.62 -8.11 -17.43
C GLU A 62 18.05 -6.73 -17.78
N SER A 63 16.94 -6.73 -18.50
CA SER A 63 16.32 -5.48 -18.90
C SER A 63 15.31 -5.01 -17.86
N ALA A 64 15.17 -5.79 -16.80
CA ALA A 64 14.25 -5.45 -15.72
C ALA A 64 14.64 -4.11 -15.09
N GLU A 65 15.94 -3.85 -15.06
CA GLU A 65 16.46 -2.62 -14.47
C GLU A 65 16.05 -1.39 -15.28
N GLU A 66 16.07 -1.50 -16.60
CA GLU A 66 15.66 -0.39 -17.44
C GLU A 66 14.16 -0.18 -17.36
N ALA A 67 13.42 -1.27 -17.40
CA ALA A 67 11.97 -1.19 -17.36
C ALA A 67 11.48 -0.64 -16.02
N ILE A 68 12.09 -1.09 -14.93
CA ILE A 68 11.68 -0.64 -13.60
C ILE A 68 11.95 0.86 -13.42
N VAL A 69 13.06 1.36 -13.96
CA VAL A 69 13.38 2.78 -13.81
C VAL A 69 12.45 3.64 -14.67
N ALA A 70 12.04 3.10 -15.82
CA ALA A 70 11.11 3.79 -16.69
C ALA A 70 9.75 3.91 -16.00
N TYR A 71 9.35 2.81 -15.35
CA TYR A 71 8.13 2.77 -14.58
C TYR A 71 8.18 3.81 -13.47
N ARG A 72 9.32 3.86 -12.78
CA ARG A 72 9.54 4.81 -11.70
C ARG A 72 9.45 6.25 -12.20
N ALA A 73 10.06 6.48 -13.37
CA ALA A 73 10.10 7.81 -13.97
C ALA A 73 8.69 8.31 -14.30
N ASP A 74 7.91 7.49 -14.97
CA ASP A 74 6.56 7.89 -15.37
C ASP A 74 5.66 8.02 -14.15
N TYR A 75 5.87 7.16 -13.15
CA TYR A 75 5.10 7.22 -11.92
C TYR A 75 5.39 8.53 -11.18
N SER A 76 6.66 8.91 -11.15
CA SER A 76 7.08 10.14 -10.50
C SER A 76 6.70 11.37 -11.33
N ALA A 77 6.37 11.15 -12.60
CA ALA A 77 6.04 12.26 -13.50
C ALA A 77 4.53 12.43 -13.65
N ARG A 78 3.84 11.35 -13.97
CA ARG A 78 2.41 11.41 -14.21
C ARG A 78 1.63 10.59 -13.19
N GLY A 79 2.28 9.60 -12.60
CA GLY A 79 1.61 8.71 -11.66
C GLY A 79 0.97 9.42 -10.50
N TRP A 80 1.69 10.34 -9.86
CA TRP A 80 1.19 11.09 -8.71
C TRP A 80 -0.01 11.97 -9.10
N ALA A 81 -0.22 12.15 -10.38
CA ALA A 81 -1.32 12.98 -10.87
C ALA A 81 -2.49 12.12 -11.34
N MET A 82 -2.20 10.87 -11.69
CA MET A 82 -3.24 9.95 -12.15
C MET A 82 -3.72 9.08 -11.00
N ASN A 83 -4.39 9.71 -10.04
CA ASN A 83 -4.88 9.01 -8.85
C ASN A 83 -5.96 9.81 -8.15
N SER A 84 -6.83 9.09 -7.45
CA SER A 84 -7.92 9.72 -6.70
C SER A 84 -8.63 8.66 -5.86
N LEU A 85 -8.96 8.99 -4.63
CA LEU A 85 -9.73 8.09 -3.79
C LEU A 85 -11.21 8.35 -4.02
N PHE A 86 -11.94 7.31 -4.40
CA PHE A 86 -13.35 7.44 -4.71
C PHE A 86 -14.22 6.91 -3.59
N ASP A 87 -13.60 6.26 -2.63
CA ASP A 87 -14.30 5.65 -1.51
C ASP A 87 -14.38 6.62 -0.33
N GLY A 88 -14.36 6.08 0.89
CA GLY A 88 -14.54 6.90 2.06
C GLY A 88 -13.36 6.87 3.03
N ILE A 89 -12.15 6.99 2.51
CA ILE A 89 -10.96 7.07 3.37
C ILE A 89 -11.06 8.31 4.26
N GLY A 90 -11.69 9.36 3.73
CA GLY A 90 -11.86 10.60 4.47
C GLY A 90 -12.57 10.40 5.80
N PRO A 91 -13.87 10.01 5.78
CA PRO A 91 -14.64 9.78 7.02
C PRO A 91 -14.03 8.69 7.90
N LEU A 92 -13.31 7.77 7.27
CA LEU A 92 -12.64 6.69 8.00
C LEU A 92 -11.70 7.29 9.05
N LEU A 93 -10.79 8.13 8.59
CA LEU A 93 -9.81 8.77 9.46
C LEU A 93 -10.48 9.73 10.43
N ALA A 94 -11.61 10.30 10.02
CA ALA A 94 -12.35 11.22 10.85
C ALA A 94 -12.90 10.52 12.09
N ASP A 95 -13.63 9.42 11.88
CA ASP A 95 -14.21 8.66 12.98
C ASP A 95 -13.12 8.09 13.87
N LEU A 96 -12.06 7.58 13.25
CA LEU A 96 -10.95 7.00 13.98
C LEU A 96 -10.28 8.02 14.90
N ARG A 97 -9.94 9.17 14.35
CA ARG A 97 -9.25 10.21 15.11
C ARG A 97 -10.12 10.69 16.27
N THR A 98 -11.43 10.76 16.01
CA THR A 98 -12.40 11.18 17.02
C THR A 98 -12.43 10.19 18.19
N ALA A 99 -12.26 8.91 17.89
CA ALA A 99 -12.29 7.87 18.92
C ALA A 99 -11.05 7.93 19.81
N GLY A 100 -10.05 8.72 19.39
CA GLY A 100 -8.86 8.90 20.19
C GLY A 100 -7.75 7.94 19.81
N VAL A 101 -7.99 7.12 18.80
CA VAL A 101 -6.99 6.15 18.37
C VAL A 101 -5.89 6.86 17.57
N ARG A 102 -4.67 6.43 17.75
CA ARG A 102 -3.54 7.01 17.06
C ARG A 102 -3.41 6.41 15.66
N LEU A 103 -3.56 7.25 14.63
CA LEU A 103 -3.45 6.76 13.27
C LEU A 103 -2.08 7.07 12.70
N ALA A 104 -1.57 6.16 11.88
CA ALA A 104 -0.27 6.34 11.26
C ALA A 104 -0.26 5.70 9.88
N VAL A 105 0.76 5.98 9.09
CA VAL A 105 0.85 5.44 7.75
C VAL A 105 2.29 5.13 7.39
N ALA A 106 2.56 3.87 7.11
CA ALA A 106 3.88 3.45 6.69
C ALA A 106 3.82 3.13 5.20
N THR A 107 3.90 4.16 4.39
CA THR A 107 3.80 4.00 2.95
C THR A 107 4.57 5.09 2.22
N SER A 108 5.84 4.85 2.04
CA SER A 108 6.69 5.77 1.32
C SER A 108 7.86 5.03 0.74
N LYS A 109 8.01 5.05 -0.56
CA LYS A 109 9.18 4.47 -1.17
C LYS A 109 10.28 5.53 -1.16
N ALA A 110 9.80 6.74 -0.98
CA ALA A 110 10.63 7.92 -0.87
C ALA A 110 9.76 9.04 -0.32
N GLU A 111 10.16 9.58 0.83
CA GLU A 111 9.36 10.59 1.54
C GLU A 111 8.83 11.70 0.61
N PRO A 112 9.71 12.37 -0.19
CA PRO A 112 9.28 13.43 -1.10
C PRO A 112 8.06 13.06 -1.94
N THR A 113 8.08 11.87 -2.50
CA THR A 113 6.99 11.40 -3.33
C THR A 113 5.71 11.19 -2.51
N ALA A 114 5.87 10.65 -1.31
CA ALA A 114 4.73 10.36 -0.45
C ALA A 114 4.04 11.64 0.02
N ARG A 115 4.82 12.59 0.52
CA ARG A 115 4.26 13.86 1.00
C ARG A 115 3.55 14.61 -0.12
N ARG A 116 4.01 14.42 -1.36
CA ARG A 116 3.36 15.03 -2.52
C ARG A 116 1.96 14.46 -2.70
N ILE A 117 1.87 13.13 -2.70
CA ILE A 117 0.58 12.44 -2.87
C ILE A 117 -0.33 12.66 -1.67
N LEU A 118 0.25 12.57 -0.48
CA LEU A 118 -0.49 12.74 0.77
C LEU A 118 -1.13 14.12 0.83
N ARG A 119 -0.35 15.13 0.47
CA ARG A 119 -0.80 16.52 0.47
C ARG A 119 -1.85 16.73 -0.61
N HIS A 120 -1.66 16.02 -1.73
CA HIS A 120 -2.59 16.08 -2.86
C HIS A 120 -4.01 15.71 -2.45
N PHE A 121 -4.15 14.69 -1.61
CA PHE A 121 -5.47 14.28 -1.14
C PHE A 121 -5.95 15.18 -0.01
N GLY A 122 -5.09 15.39 0.99
CA GLY A 122 -5.47 16.23 2.10
C GLY A 122 -5.79 15.45 3.37
N ILE A 123 -5.42 14.17 3.39
CA ILE A 123 -5.65 13.34 4.57
C ILE A 123 -4.39 13.35 5.44
N GLU A 124 -3.47 14.23 5.05
CA GLU A 124 -2.19 14.40 5.72
C GLU A 124 -2.31 14.64 7.22
N GLN A 125 -3.09 15.66 7.59
CA GLN A 125 -3.20 16.08 8.97
C GLN A 125 -4.06 15.14 9.82
N HIS A 126 -4.63 14.13 9.19
CA HIS A 126 -5.41 13.14 9.93
C HIS A 126 -4.50 12.04 10.47
N PHE A 127 -3.38 11.84 9.80
CA PHE A 127 -2.39 10.85 10.22
C PHE A 127 -1.37 11.50 11.14
N GLU A 128 -1.05 10.82 12.23
CA GLU A 128 -0.08 11.35 13.19
C GLU A 128 1.33 11.30 12.62
N VAL A 129 1.87 10.10 12.48
CA VAL A 129 3.23 9.92 12.01
C VAL A 129 3.24 9.36 10.59
N ILE A 130 3.83 10.11 9.67
CA ILE A 130 3.99 9.65 8.30
C ILE A 130 5.38 9.02 8.16
N ALA A 131 5.43 7.74 7.82
CA ALA A 131 6.70 7.04 7.74
C ALA A 131 6.87 6.29 6.42
N GLY A 132 8.12 5.96 6.12
CA GLY A 132 8.44 5.25 4.90
C GLY A 132 9.92 5.25 4.60
N ALA A 133 10.24 4.91 3.36
CA ALA A 133 11.62 4.85 2.90
C ALA A 133 12.00 6.09 2.11
N SER A 134 13.20 6.07 1.55
CA SER A 134 13.68 7.15 0.70
C SER A 134 14.71 6.61 -0.28
N THR A 135 14.81 5.28 -0.35
CA THR A 135 15.78 4.61 -1.21
C THR A 135 15.26 3.22 -1.60
N ASP A 136 15.53 2.81 -2.84
CA ASP A 136 15.15 1.48 -3.30
C ASP A 136 16.40 0.63 -3.49
N GLY A 137 16.68 -0.22 -2.51
CA GLY A 137 17.86 -1.06 -2.57
C GLY A 137 18.51 -1.24 -1.21
N SER A 138 18.13 -0.37 -0.27
CA SER A 138 18.65 -0.45 1.09
C SER A 138 18.15 -1.71 1.79
N ARG A 139 19.00 -2.74 1.84
CA ARG A 139 18.65 -3.99 2.46
C ARG A 139 19.00 -3.98 3.94
N GLY A 140 18.00 -3.71 4.76
CA GLY A 140 18.19 -3.72 6.19
C GLY A 140 17.47 -4.89 6.82
N SER A 141 16.18 -4.96 6.58
CA SER A 141 15.36 -6.04 7.11
C SER A 141 14.09 -6.18 6.25
N LYS A 142 12.94 -6.24 6.90
CA LYS A 142 11.66 -6.34 6.20
C LYS A 142 10.61 -5.48 6.89
N VAL A 143 10.65 -5.49 8.22
CA VAL A 143 9.68 -4.77 9.03
C VAL A 143 10.25 -3.45 9.54
N ASP A 144 11.32 -2.99 8.91
CA ASP A 144 12.03 -1.79 9.36
C ASP A 144 11.14 -0.55 9.31
N VAL A 145 10.47 -0.32 8.19
CA VAL A 145 9.58 0.84 8.05
C VAL A 145 8.53 0.88 9.16
N LEU A 146 7.88 -0.26 9.39
CA LEU A 146 6.84 -0.38 10.41
C LEU A 146 7.44 -0.20 11.80
N ALA A 147 8.55 -0.89 12.05
CA ALA A 147 9.25 -0.84 13.34
C ALA A 147 9.73 0.58 13.66
N HIS A 148 10.25 1.27 12.65
CA HIS A 148 10.77 2.61 12.82
C HIS A 148 9.67 3.56 13.30
N ALA A 149 8.50 3.43 12.71
CA ALA A 149 7.36 4.27 13.08
C ALA A 149 7.01 4.08 14.55
N LEU A 150 6.98 2.82 14.97
CA LEU A 150 6.62 2.46 16.34
C LEU A 150 7.66 2.96 17.34
N ALA A 151 8.92 2.72 17.03
CA ALA A 151 10.01 3.10 17.92
C ALA A 151 10.20 4.61 17.97
N GLN A 152 9.63 5.31 17.01
CA GLN A 152 9.72 6.77 16.95
C GLN A 152 8.68 7.44 17.86
N LEU A 153 7.47 6.89 17.86
CA LEU A 153 6.36 7.46 18.62
C LEU A 153 6.29 6.94 20.06
N ARG A 154 7.42 6.51 20.62
CA ARG A 154 7.46 5.96 21.97
C ARG A 154 6.77 6.90 22.98
N PRO A 155 6.26 6.34 24.09
CA PRO A 155 6.34 4.92 24.41
C PRO A 155 5.44 4.05 23.53
N LEU A 156 5.70 2.74 23.53
CA LEU A 156 4.97 1.80 22.69
C LEU A 156 3.64 1.40 23.30
N PRO A 157 2.58 1.39 22.48
CA PRO A 157 1.25 0.97 22.90
C PRO A 157 1.13 -0.56 22.96
N GLU A 158 0.11 -1.06 23.64
CA GLU A 158 -0.09 -2.50 23.79
C GLU A 158 -0.91 -3.07 22.63
N ARG A 159 -1.82 -2.28 22.09
CA ARG A 159 -2.68 -2.75 21.01
C ARG A 159 -2.29 -2.11 19.68
N LEU A 160 -1.77 -2.92 18.79
CA LEU A 160 -1.32 -2.46 17.47
C LEU A 160 -2.00 -3.26 16.37
N VAL A 161 -2.24 -2.63 15.23
CA VAL A 161 -2.86 -3.30 14.10
C VAL A 161 -2.42 -2.66 12.77
N MET A 162 -2.15 -3.50 11.79
CA MET A 162 -1.76 -3.04 10.46
C MET A 162 -2.95 -3.16 9.52
N VAL A 163 -3.04 -2.24 8.56
CA VAL A 163 -4.11 -2.27 7.59
C VAL A 163 -3.54 -2.11 6.18
N GLY A 164 -3.70 -3.14 5.37
CA GLY A 164 -3.16 -3.10 4.02
C GLY A 164 -3.91 -4.02 3.07
N ASP A 165 -3.32 -4.29 1.92
CA ASP A 165 -3.96 -5.14 0.91
C ASP A 165 -2.89 -5.86 0.08
N ARG A 166 -1.64 -5.74 0.49
CA ARG A 166 -0.56 -6.33 -0.29
C ARG A 166 0.30 -7.25 0.58
N SER A 167 1.08 -8.10 -0.07
CA SER A 167 1.95 -9.05 0.63
C SER A 167 3.03 -8.32 1.44
N HIS A 168 3.23 -7.04 1.15
CA HIS A 168 4.25 -6.25 1.84
C HIS A 168 3.87 -6.01 3.29
N ASP A 169 2.67 -5.51 3.50
CA ASP A 169 2.19 -5.17 4.84
C ASP A 169 1.77 -6.41 5.63
N VAL A 170 1.12 -7.35 4.96
CA VAL A 170 0.64 -8.55 5.64
C VAL A 170 1.79 -9.40 6.18
N ASP A 171 2.87 -9.52 5.41
CA ASP A 171 4.01 -10.33 5.82
C ASP A 171 4.83 -9.58 6.87
N GLY A 172 5.00 -8.28 6.67
CA GLY A 172 5.76 -7.48 7.61
C GLY A 172 5.09 -7.40 8.97
N ALA A 173 3.79 -7.19 8.97
CA ALA A 173 3.05 -7.11 10.22
C ALA A 173 3.12 -8.43 10.96
N ALA A 174 2.99 -9.53 10.23
CA ALA A 174 3.04 -10.86 10.83
C ALA A 174 4.44 -11.16 11.37
N ALA A 175 5.46 -10.75 10.63
CA ALA A 175 6.84 -10.99 11.03
C ALA A 175 7.21 -10.19 12.29
N HIS A 176 6.45 -9.13 12.57
CA HIS A 176 6.69 -8.32 13.75
C HIS A 176 5.68 -8.67 14.84
N GLY A 177 4.91 -9.72 14.60
CA GLY A 177 3.93 -10.19 15.57
C GLY A 177 2.77 -9.22 15.74
N ILE A 178 2.27 -8.69 14.64
CA ILE A 178 1.20 -7.71 14.67
C ILE A 178 0.06 -8.15 13.78
N ASP A 179 -1.15 -8.13 14.33
CA ASP A 179 -2.34 -8.50 13.59
C ASP A 179 -2.61 -7.47 12.50
N THR A 180 -3.08 -7.93 11.35
CA THR A 180 -3.32 -7.06 10.22
C THR A 180 -4.71 -7.29 9.65
N VAL A 181 -5.24 -6.26 9.02
CA VAL A 181 -6.56 -6.33 8.39
C VAL A 181 -6.42 -6.02 6.91
N VAL A 182 -6.82 -6.96 6.06
CA VAL A 182 -6.74 -6.77 4.62
C VAL A 182 -7.92 -5.95 4.14
N VAL A 183 -7.69 -5.05 3.20
CA VAL A 183 -8.75 -4.21 2.66
C VAL A 183 -8.70 -4.20 1.15
N GLY A 184 -9.54 -5.00 0.52
CA GLY A 184 -9.54 -5.10 -0.91
C GLY A 184 -10.84 -4.65 -1.52
N TRP A 185 -10.79 -3.57 -2.30
CA TRP A 185 -11.98 -3.01 -2.93
C TRP A 185 -12.38 -3.81 -4.18
N GLY A 186 -11.48 -4.65 -4.64
CA GLY A 186 -11.74 -5.40 -5.86
C GLY A 186 -11.86 -6.89 -5.64
N TYR A 187 -11.68 -7.65 -6.71
CA TYR A 187 -11.78 -9.10 -6.67
C TYR A 187 -10.53 -9.71 -7.29
N GLY A 188 -10.55 -11.00 -7.52
CA GLY A 188 -9.38 -11.66 -8.08
C GLY A 188 -9.70 -12.54 -9.28
N ARG A 189 -8.67 -12.87 -10.04
CA ARG A 189 -8.80 -13.75 -11.20
C ARG A 189 -7.52 -14.56 -11.36
N ALA A 190 -6.40 -13.86 -11.25
CA ALA A 190 -5.08 -14.48 -11.39
C ALA A 190 -4.64 -15.17 -10.11
N ASP A 191 -5.60 -15.75 -9.39
CA ASP A 191 -5.31 -16.45 -8.14
C ASP A 191 -4.44 -17.67 -8.39
N PHE A 192 -4.47 -18.14 -9.63
CA PHE A 192 -3.74 -19.33 -10.02
C PHE A 192 -2.30 -19.02 -10.38
N ILE A 193 -1.62 -18.32 -9.49
CA ILE A 193 -0.20 -18.00 -9.68
C ILE A 193 0.67 -19.03 -8.96
N ASP A 194 1.93 -18.69 -8.74
CA ASP A 194 2.86 -19.60 -8.07
C ASP A 194 2.58 -19.59 -6.57
N LYS A 195 3.22 -20.50 -5.84
CA LYS A 195 2.99 -20.65 -4.40
C LYS A 195 3.46 -19.41 -3.66
N THR A 196 2.51 -18.56 -3.28
CA THR A 196 2.81 -17.34 -2.57
C THR A 196 1.88 -17.16 -1.37
N SER A 197 0.69 -16.61 -1.63
CA SER A 197 -0.31 -16.38 -0.60
C SER A 197 -1.63 -16.00 -1.24
N THR A 198 -2.73 -16.21 -0.54
CA THR A 198 -4.05 -15.91 -1.07
C THR A 198 -4.51 -14.52 -0.64
N THR A 199 -4.28 -14.19 0.63
CA THR A 199 -4.67 -12.89 1.19
C THR A 199 -6.20 -12.71 1.19
N VAL A 200 -6.91 -13.81 1.00
CA VAL A 200 -8.36 -13.79 0.93
C VAL A 200 -8.97 -13.67 2.32
N VAL A 201 -8.26 -14.21 3.31
CA VAL A 201 -8.74 -14.23 4.68
C VAL A 201 -8.83 -12.83 5.28
N THR A 202 -9.98 -12.55 5.89
CA THR A 202 -10.26 -11.28 6.56
C THR A 202 -9.87 -10.05 5.74
N HIS A 203 -10.71 -9.70 4.77
CA HIS A 203 -10.48 -8.52 3.94
C HIS A 203 -11.77 -7.71 3.86
N ALA A 204 -11.64 -6.40 4.06
CA ALA A 204 -12.79 -5.51 4.02
C ALA A 204 -13.22 -5.22 2.59
N ALA A 205 -14.49 -5.46 2.32
CA ALA A 205 -15.06 -5.18 1.00
C ALA A 205 -15.38 -3.70 0.86
N THR A 206 -16.10 -3.15 1.83
CA THR A 206 -16.42 -1.73 1.82
C THR A 206 -15.65 -1.00 2.92
N ILE A 207 -15.76 0.32 2.94
CA ILE A 207 -15.07 1.14 3.92
C ILE A 207 -15.82 1.12 5.26
N ASP A 208 -17.12 0.89 5.18
CA ASP A 208 -17.98 0.85 6.36
C ASP A 208 -17.59 -0.28 7.29
N GLU A 209 -17.28 -1.45 6.72
CA GLU A 209 -16.93 -2.61 7.51
C GLU A 209 -15.52 -2.45 8.09
N LEU A 210 -14.66 -1.76 7.36
CA LEU A 210 -13.31 -1.47 7.83
C LEU A 210 -13.42 -0.62 9.08
N ARG A 211 -14.21 0.45 8.94
CA ARG A 211 -14.46 1.40 10.00
C ARG A 211 -14.94 0.70 11.27
N GLU A 212 -16.00 -0.10 11.14
CA GLU A 212 -16.57 -0.78 12.30
C GLU A 212 -15.63 -1.84 12.85
N ALA A 213 -14.84 -2.47 11.98
CA ALA A 213 -13.90 -3.52 12.40
C ALA A 213 -12.80 -2.95 13.29
N LEU A 214 -12.39 -1.72 13.01
CA LEU A 214 -11.36 -1.09 13.81
C LEU A 214 -11.92 -0.70 15.19
N GLY A 215 -13.22 -0.52 15.28
CA GLY A 215 -13.84 -0.28 16.56
C GLY A 215 -14.18 1.18 16.83
N VAL A 216 -14.69 1.88 15.83
CA VAL A 216 -15.11 3.27 16.03
C VAL A 216 -16.61 3.35 16.30
N GLY A 1 -16.49 -3.70 20.66
CA GLY A 1 -15.07 -3.50 21.02
C GLY A 1 -14.76 -2.05 21.29
N GLU A 2 -13.50 -1.74 21.55
CA GLU A 2 -13.08 -0.38 21.80
C GLU A 2 -11.90 -0.06 20.89
N SER A 3 -11.80 1.21 20.49
CA SER A 3 -10.74 1.65 19.59
C SER A 3 -9.36 1.33 20.17
N PRO A 4 -8.38 1.07 19.30
CA PRO A 4 -7.02 0.81 19.72
C PRO A 4 -6.26 2.09 19.99
N GLN A 5 -4.96 1.98 20.17
CA GLN A 5 -4.13 3.15 20.45
C GLN A 5 -3.61 3.74 19.16
N LEU A 6 -3.23 2.88 18.24
CA LEU A 6 -2.70 3.34 16.97
C LEU A 6 -3.03 2.36 15.86
N VAL A 7 -3.46 2.89 14.74
CA VAL A 7 -3.81 2.10 13.57
C VAL A 7 -2.82 2.37 12.45
N ILE A 8 -2.13 1.33 12.02
CA ILE A 8 -1.15 1.46 10.94
C ILE A 8 -1.81 1.17 9.61
N PHE A 9 -1.62 2.07 8.66
CA PHE A 9 -2.13 1.86 7.30
C PHE A 9 -0.98 1.92 6.30
N ASP A 10 -1.11 1.15 5.23
CA ASP A 10 -0.15 1.23 4.13
C ASP A 10 -0.59 2.39 3.21
N LEU A 11 -0.18 2.39 1.95
CA LEU A 11 -0.54 3.47 1.06
C LEU A 11 -1.31 2.96 -0.16
N ASP A 12 -0.58 2.45 -1.14
CA ASP A 12 -1.20 1.96 -2.37
C ASP A 12 -1.84 0.60 -2.16
N GLY A 13 -2.95 0.36 -2.83
CA GLY A 13 -3.63 -0.92 -2.73
C GLY A 13 -4.70 -0.91 -1.65
N THR A 14 -4.31 -0.52 -0.45
CA THR A 14 -5.23 -0.51 0.67
C THR A 14 -5.86 0.86 0.88
N LEU A 15 -5.02 1.87 1.06
CA LEU A 15 -5.50 3.21 1.38
C LEU A 15 -5.79 4.03 0.13
N THR A 16 -5.07 3.75 -0.94
CA THR A 16 -5.23 4.51 -2.19
C THR A 16 -5.09 3.62 -3.42
N ASP A 17 -5.35 4.21 -4.58
CA ASP A 17 -5.22 3.54 -5.87
C ASP A 17 -4.81 4.54 -6.92
N SER A 18 -4.25 4.07 -8.01
CA SER A 18 -3.78 4.93 -9.07
C SER A 18 -3.70 4.17 -10.40
N ALA A 19 -4.58 3.17 -10.56
CA ALA A 19 -4.66 2.39 -11.80
C ALA A 19 -4.52 3.26 -13.04
N ARG A 20 -5.29 4.35 -13.09
CA ARG A 20 -5.23 5.29 -14.20
C ARG A 20 -3.80 5.74 -14.48
N GLY A 21 -3.11 6.18 -13.44
CA GLY A 21 -1.74 6.62 -13.57
C GLY A 21 -0.78 5.49 -13.94
N ILE A 22 -1.00 4.33 -13.33
CA ILE A 22 -0.13 3.17 -13.56
C ILE A 22 -0.29 2.65 -15.00
N VAL A 23 -1.53 2.50 -15.43
CA VAL A 23 -1.82 2.01 -16.76
C VAL A 23 -1.26 2.97 -17.82
N SER A 24 -1.35 4.25 -17.55
CA SER A 24 -0.82 5.25 -18.45
C SER A 24 0.70 5.15 -18.57
N SER A 25 1.38 5.15 -17.41
CA SER A 25 2.83 5.04 -17.38
C SER A 25 3.34 3.72 -17.96
N PHE A 26 2.60 2.64 -17.73
CA PHE A 26 2.99 1.33 -18.26
C PHE A 26 3.02 1.38 -19.80
N ARG A 27 2.02 2.03 -20.37
CA ARG A 27 1.93 2.20 -21.82
C ARG A 27 3.11 3.01 -22.34
N HIS A 28 3.43 4.08 -21.62
CA HIS A 28 4.55 4.95 -21.99
C HIS A 28 5.87 4.19 -21.91
N ALA A 29 6.08 3.49 -20.80
CA ALA A 29 7.30 2.74 -20.57
C ALA A 29 7.59 1.73 -21.69
N LEU A 30 6.64 0.83 -21.92
CA LEU A 30 6.81 -0.18 -22.96
C LEU A 30 6.99 0.42 -24.34
N ASN A 31 6.21 1.46 -24.66
CA ASN A 31 6.29 2.05 -25.99
C ASN A 31 7.60 2.82 -26.16
N HIS A 32 8.12 3.35 -25.06
CA HIS A 32 9.36 4.12 -25.09
C HIS A 32 10.54 3.23 -25.48
N ILE A 33 10.50 1.97 -25.08
CA ILE A 33 11.58 1.04 -25.38
C ILE A 33 11.28 0.26 -26.67
N GLY A 34 10.20 0.63 -27.35
CA GLY A 34 9.85 -0.01 -28.59
C GLY A 34 9.15 -1.33 -28.42
N ALA A 35 8.68 -1.61 -27.21
CA ALA A 35 8.00 -2.86 -26.93
C ALA A 35 6.51 -2.74 -27.26
N PRO A 36 5.87 -3.87 -27.57
CA PRO A 36 4.45 -3.90 -27.95
C PRO A 36 3.51 -3.65 -26.77
N VAL A 37 2.61 -2.70 -26.94
CA VAL A 37 1.62 -2.39 -25.92
C VAL A 37 0.27 -2.95 -26.31
N PRO A 38 -0.27 -3.89 -25.52
CA PRO A 38 -1.57 -4.48 -25.78
C PRO A 38 -2.70 -3.45 -25.64
N GLU A 39 -3.60 -3.44 -26.61
CA GLU A 39 -4.70 -2.49 -26.61
C GLU A 39 -5.90 -3.06 -25.88
N GLY A 40 -6.20 -2.51 -24.71
CA GLY A 40 -7.31 -2.99 -23.91
C GLY A 40 -7.10 -2.66 -22.45
N ASP A 41 -7.66 -3.46 -21.56
CA ASP A 41 -7.51 -3.21 -20.13
C ASP A 41 -6.40 -4.06 -19.54
N LEU A 42 -5.25 -3.45 -19.33
CA LEU A 42 -4.14 -4.14 -18.70
C LEU A 42 -4.18 -3.93 -17.19
N ALA A 43 -5.13 -3.14 -16.73
CA ALA A 43 -5.26 -2.84 -15.31
C ALA A 43 -5.56 -4.11 -14.53
N THR A 44 -6.55 -4.86 -15.00
CA THR A 44 -6.95 -6.11 -14.37
C THR A 44 -5.81 -7.14 -14.40
N HIS A 45 -4.94 -7.00 -15.40
CA HIS A 45 -3.82 -7.92 -15.59
C HIS A 45 -2.62 -7.58 -14.72
N ILE A 46 -2.32 -6.27 -14.59
CA ILE A 46 -1.11 -5.85 -13.88
C ILE A 46 -1.34 -5.57 -12.40
N VAL A 47 -2.57 -5.24 -12.03
CA VAL A 47 -2.86 -4.96 -10.62
C VAL A 47 -2.99 -6.25 -9.84
N GLY A 48 -1.88 -6.68 -9.29
CA GLY A 48 -1.84 -7.91 -8.53
C GLY A 48 -0.42 -8.39 -8.30
N PRO A 49 0.28 -8.82 -9.37
CA PRO A 49 1.67 -9.25 -9.28
C PRO A 49 2.65 -8.06 -9.29
N PRO A 50 3.82 -8.22 -8.67
CA PRO A 50 4.84 -7.16 -8.62
C PRO A 50 5.22 -6.64 -10.01
N MET A 51 5.31 -5.31 -10.12
CA MET A 51 5.61 -4.65 -11.40
C MET A 51 6.84 -5.24 -12.10
N HIS A 52 7.89 -5.56 -11.35
CA HIS A 52 9.12 -6.08 -11.93
C HIS A 52 8.86 -7.44 -12.59
N GLU A 53 8.09 -8.28 -11.91
CA GLU A 53 7.78 -9.62 -12.41
C GLU A 53 6.77 -9.53 -13.54
N THR A 54 5.78 -8.66 -13.39
CA THR A 54 4.74 -8.47 -14.39
C THR A 54 5.33 -7.98 -15.71
N LEU A 55 6.21 -7.00 -15.63
CA LEU A 55 6.84 -6.43 -16.81
C LEU A 55 7.72 -7.49 -17.48
N ARG A 56 8.32 -8.34 -16.66
CA ARG A 56 9.14 -9.44 -17.13
C ARG A 56 8.27 -10.54 -17.77
N ALA A 57 7.01 -10.58 -17.35
CA ALA A 57 6.08 -11.60 -17.80
C ALA A 57 5.33 -11.17 -19.04
N MET A 58 5.38 -9.89 -19.37
CA MET A 58 4.68 -9.37 -20.54
C MET A 58 5.46 -9.67 -21.81
N GLY A 59 6.78 -9.74 -21.68
CA GLY A 59 7.62 -10.07 -22.83
C GLY A 59 8.71 -9.04 -23.06
N LEU A 60 9.68 -8.99 -22.17
CA LEU A 60 10.79 -8.05 -22.31
C LEU A 60 12.11 -8.79 -22.29
N GLY A 61 13.08 -8.28 -23.04
CA GLY A 61 14.40 -8.88 -23.07
C GLY A 61 15.33 -8.28 -22.03
N GLU A 62 16.44 -7.74 -22.49
CA GLU A 62 17.45 -7.17 -21.60
C GLU A 62 17.22 -5.67 -21.39
N SER A 63 16.00 -5.22 -21.63
CA SER A 63 15.67 -3.82 -21.52
C SER A 63 14.65 -3.58 -20.40
N ALA A 64 14.45 -4.58 -19.54
CA ALA A 64 13.46 -4.47 -18.46
C ALA A 64 13.77 -3.34 -17.50
N GLU A 65 15.04 -3.20 -17.13
CA GLU A 65 15.45 -2.19 -16.17
C GLU A 65 15.25 -0.79 -16.71
N GLU A 66 15.41 -0.64 -18.03
CA GLU A 66 15.19 0.65 -18.67
C GLU A 66 13.71 0.99 -18.65
N ALA A 67 12.88 -0.01 -18.84
CA ALA A 67 11.44 0.19 -18.81
C ALA A 67 10.97 0.53 -17.39
N ILE A 68 11.59 -0.12 -16.40
CA ILE A 68 11.28 0.16 -15.00
C ILE A 68 11.56 1.62 -14.64
N VAL A 69 12.74 2.12 -14.99
CA VAL A 69 13.09 3.51 -14.67
C VAL A 69 12.23 4.48 -15.48
N ALA A 70 11.85 4.09 -16.69
CA ALA A 70 10.99 4.91 -17.53
C ALA A 70 9.60 5.02 -16.93
N TYR A 71 9.09 3.89 -16.43
CA TYR A 71 7.80 3.84 -15.76
C TYR A 71 7.79 4.80 -14.58
N ARG A 72 8.88 4.81 -13.82
CA ARG A 72 9.04 5.70 -12.68
C ARG A 72 9.07 7.15 -13.13
N ALA A 73 9.84 7.42 -14.17
CA ALA A 73 9.98 8.77 -14.70
C ALA A 73 8.64 9.33 -15.17
N ASP A 74 7.88 8.53 -15.90
CA ASP A 74 6.58 8.96 -16.40
C ASP A 74 5.60 9.15 -15.26
N TYR A 75 5.71 8.31 -14.24
CA TYR A 75 4.87 8.40 -13.07
C TYR A 75 5.16 9.71 -12.33
N SER A 76 6.43 10.05 -12.23
CA SER A 76 6.84 11.27 -11.57
C SER A 76 6.53 12.50 -12.44
N ALA A 77 6.27 12.27 -13.72
CA ALA A 77 6.02 13.36 -14.66
C ALA A 77 4.52 13.58 -14.88
N ARG A 78 3.78 12.50 -15.09
CA ARG A 78 2.35 12.59 -15.34
C ARG A 78 1.53 11.74 -14.38
N GLY A 79 2.13 10.66 -13.87
CA GLY A 79 1.40 9.70 -13.04
C GLY A 79 0.88 10.28 -11.73
N TRP A 80 1.47 11.38 -11.28
CA TRP A 80 1.09 12.01 -10.02
C TRP A 80 -0.28 12.70 -10.10
N ALA A 81 -0.78 12.85 -11.32
CA ALA A 81 -2.03 13.56 -11.54
C ALA A 81 -3.20 12.61 -11.78
N MET A 82 -2.98 11.32 -11.54
CA MET A 82 -4.04 10.32 -11.72
C MET A 82 -4.15 9.41 -10.50
N ASN A 83 -3.89 9.97 -9.32
CA ASN A 83 -4.03 9.23 -8.06
C ASN A 83 -5.40 9.51 -7.45
N SER A 84 -5.84 8.66 -6.53
CA SER A 84 -7.14 8.86 -5.88
C SER A 84 -7.22 8.04 -4.59
N LEU A 85 -8.24 8.33 -3.77
CA LEU A 85 -8.44 7.64 -2.51
C LEU A 85 -9.92 7.56 -2.15
N PHE A 86 -10.74 8.45 -2.71
CA PHE A 86 -12.16 8.44 -2.44
C PHE A 86 -12.84 7.19 -2.98
N ASP A 87 -13.01 6.23 -2.08
CA ASP A 87 -13.67 4.96 -2.38
C ASP A 87 -14.16 4.38 -1.07
N GLY A 88 -14.23 5.26 -0.07
CA GLY A 88 -14.59 4.86 1.27
C GLY A 88 -13.51 5.25 2.26
N ILE A 89 -12.30 5.41 1.75
CA ILE A 89 -11.14 5.79 2.56
C ILE A 89 -11.30 7.21 3.11
N GLY A 90 -11.87 8.09 2.32
CA GLY A 90 -12.08 9.48 2.73
C GLY A 90 -12.82 9.58 4.06
N PRO A 91 -14.10 9.15 4.11
CA PRO A 91 -14.89 9.16 5.34
C PRO A 91 -14.26 8.30 6.43
N LEU A 92 -13.53 7.26 6.02
CA LEU A 92 -12.85 6.38 6.96
C LEU A 92 -11.88 7.17 7.82
N LEU A 93 -10.97 7.88 7.18
CA LEU A 93 -9.96 8.66 7.88
C LEU A 93 -10.61 9.74 8.74
N ALA A 94 -11.73 10.27 8.27
CA ALA A 94 -12.46 11.30 9.00
C ALA A 94 -13.05 10.72 10.28
N ASP A 95 -13.71 9.58 10.15
CA ASP A 95 -14.34 8.92 11.30
C ASP A 95 -13.31 8.56 12.36
N LEU A 96 -12.22 7.91 11.94
CA LEU A 96 -11.17 7.50 12.87
C LEU A 96 -10.62 8.70 13.64
N ARG A 97 -10.45 9.81 12.93
CA ARG A 97 -9.96 11.04 13.53
C ARG A 97 -10.94 11.52 14.59
N THR A 98 -12.23 11.42 14.27
CA THR A 98 -13.28 11.84 15.17
C THR A 98 -13.25 11.05 16.49
N ALA A 99 -12.86 9.78 16.40
CA ALA A 99 -12.78 8.92 17.57
C ALA A 99 -11.54 9.23 18.42
N GLY A 100 -10.61 9.98 17.85
CA GLY A 100 -9.42 10.38 18.59
C GLY A 100 -8.34 9.32 18.60
N VAL A 101 -8.45 8.34 17.71
CA VAL A 101 -7.46 7.28 17.62
C VAL A 101 -6.25 7.76 16.82
N ARG A 102 -5.06 7.27 17.16
CA ARG A 102 -3.85 7.67 16.46
C ARG A 102 -3.69 6.89 15.17
N LEU A 103 -3.57 7.61 14.06
CA LEU A 103 -3.40 6.99 12.76
C LEU A 103 -1.98 7.25 12.26
N ALA A 104 -1.37 6.24 11.67
CA ALA A 104 -0.02 6.38 11.16
C ALA A 104 0.17 5.57 9.89
N VAL A 105 0.95 6.12 8.99
CA VAL A 105 1.27 5.45 7.74
C VAL A 105 2.58 4.71 7.90
N ALA A 106 2.60 3.46 7.49
CA ALA A 106 3.81 2.66 7.55
C ALA A 106 3.89 1.79 6.32
N THR A 107 4.43 2.36 5.26
CA THR A 107 4.48 1.68 3.99
C THR A 107 5.92 1.39 3.59
N SER A 108 6.09 0.47 2.66
CA SER A 108 7.41 0.04 2.21
C SER A 108 7.93 0.93 1.07
N LYS A 109 7.34 2.11 0.90
CA LYS A 109 7.76 2.99 -0.17
C LYS A 109 8.48 4.22 0.38
N ALA A 110 9.00 5.06 -0.51
CA ALA A 110 9.81 6.20 -0.12
C ALA A 110 8.99 7.34 0.48
N GLU A 111 9.64 8.11 1.35
CA GLU A 111 9.02 9.25 2.05
C GLU A 111 8.68 10.40 1.09
N PRO A 112 9.65 10.89 0.27
CA PRO A 112 9.42 12.02 -0.65
C PRO A 112 8.19 11.83 -1.54
N THR A 113 8.06 10.64 -2.10
CA THR A 113 6.94 10.33 -2.97
C THR A 113 5.63 10.30 -2.19
N ALA A 114 5.67 9.70 -1.00
CA ALA A 114 4.50 9.58 -0.15
C ALA A 114 3.95 10.96 0.22
N ARG A 115 4.83 11.84 0.67
CA ARG A 115 4.42 13.17 1.13
C ARG A 115 3.77 13.97 0.00
N ARG A 116 4.36 13.94 -1.18
CA ARG A 116 3.83 14.71 -2.30
C ARG A 116 2.44 14.23 -2.71
N ILE A 117 2.21 12.93 -2.60
CA ILE A 117 0.91 12.36 -2.93
C ILE A 117 -0.11 12.72 -1.84
N LEU A 118 0.30 12.57 -0.60
CA LEU A 118 -0.55 12.86 0.54
C LEU A 118 -0.85 14.35 0.62
N ARG A 119 0.09 15.17 0.17
CA ARG A 119 -0.06 16.62 0.20
C ARG A 119 -1.10 17.05 -0.83
N HIS A 120 -1.08 16.44 -2.01
CA HIS A 120 -2.05 16.75 -3.06
C HIS A 120 -3.46 16.47 -2.60
N PHE A 121 -3.64 15.39 -1.84
CA PHE A 121 -4.94 15.04 -1.31
C PHE A 121 -5.29 15.94 -0.13
N GLY A 122 -4.30 16.17 0.73
CA GLY A 122 -4.53 16.99 1.90
C GLY A 122 -4.70 16.15 3.15
N ILE A 123 -4.18 14.93 3.11
CA ILE A 123 -4.30 14.01 4.25
C ILE A 123 -2.97 13.86 4.98
N GLU A 124 -1.99 14.67 4.56
CA GLU A 124 -0.64 14.63 5.13
C GLU A 124 -0.66 14.86 6.64
N GLN A 125 -1.14 16.03 7.06
CA GLN A 125 -1.15 16.39 8.47
C GLN A 125 -2.27 15.65 9.21
N HIS A 126 -3.07 14.90 8.47
CA HIS A 126 -4.14 14.11 9.06
C HIS A 126 -3.55 12.86 9.71
N PHE A 127 -2.35 12.51 9.28
CA PHE A 127 -1.64 11.36 9.84
C PHE A 127 -0.56 11.85 10.81
N GLU A 128 -0.47 11.19 11.95
CA GLU A 128 0.50 11.56 12.96
C GLU A 128 1.92 11.21 12.53
N VAL A 129 2.09 9.98 12.04
CA VAL A 129 3.41 9.51 11.64
C VAL A 129 3.37 8.85 10.27
N ILE A 130 3.98 9.51 9.29
CA ILE A 130 4.10 8.93 7.97
C ILE A 130 5.47 8.30 7.84
N ALA A 131 5.56 7.00 8.08
CA ALA A 131 6.83 6.30 8.04
C ALA A 131 7.05 5.64 6.67
N GLY A 132 8.20 5.92 6.09
CA GLY A 132 8.53 5.33 4.80
C GLY A 132 9.87 4.64 4.85
N ALA A 133 10.25 4.04 3.72
CA ALA A 133 11.53 3.34 3.63
C ALA A 133 12.67 4.34 3.50
N SER A 134 13.78 4.04 4.13
CA SER A 134 14.94 4.91 4.09
C SER A 134 15.77 4.62 2.84
N THR A 135 16.75 5.47 2.55
CA THR A 135 17.59 5.32 1.36
C THR A 135 18.68 4.28 1.56
N ASP A 136 18.77 3.72 2.75
CA ASP A 136 19.74 2.68 3.05
C ASP A 136 19.05 1.58 3.86
N GLY A 137 19.81 0.60 4.32
CA GLY A 137 19.20 -0.51 5.02
C GLY A 137 19.61 -0.59 6.48
N SER A 138 18.65 -0.88 7.34
CA SER A 138 18.93 -1.06 8.76
C SER A 138 19.54 -2.45 8.98
N ARG A 139 20.39 -2.59 10.00
CA ARG A 139 21.03 -3.87 10.26
C ARG A 139 20.04 -4.81 10.94
N GLY A 140 19.89 -6.00 10.39
CA GLY A 140 18.97 -6.96 10.96
C GLY A 140 17.60 -6.85 10.33
N SER A 141 17.39 -7.61 9.27
CA SER A 141 16.12 -7.61 8.56
C SER A 141 15.03 -8.28 9.40
N LYS A 142 14.24 -7.45 10.06
CA LYS A 142 13.15 -7.94 10.90
C LYS A 142 11.99 -6.95 10.86
N VAL A 143 11.72 -6.46 9.64
CA VAL A 143 10.64 -5.50 9.37
C VAL A 143 10.94 -4.15 10.00
N ASP A 144 11.84 -3.43 9.35
CA ASP A 144 12.24 -2.10 9.80
C ASP A 144 11.06 -1.15 9.87
N VAL A 145 10.36 -1.00 8.75
CA VAL A 145 9.24 -0.06 8.63
C VAL A 145 8.34 -0.01 9.88
N LEU A 146 7.70 -1.11 10.22
CA LEU A 146 6.79 -1.15 11.35
C LEU A 146 7.54 -0.90 12.66
N ALA A 147 8.66 -1.60 12.86
CA ALA A 147 9.45 -1.45 14.08
C ALA A 147 9.96 -0.03 14.26
N HIS A 148 10.33 0.59 13.14
CA HIS A 148 10.85 1.95 13.13
C HIS A 148 9.78 2.93 13.55
N ALA A 149 8.61 2.82 12.92
CA ALA A 149 7.47 3.68 13.23
C ALA A 149 7.09 3.58 14.69
N LEU A 150 7.15 2.35 15.22
CA LEU A 150 6.81 2.09 16.61
C LEU A 150 7.85 2.67 17.55
N ALA A 151 9.10 2.72 17.11
CA ALA A 151 10.17 3.29 17.92
C ALA A 151 9.98 4.79 18.07
N GLN A 152 9.36 5.42 17.09
CA GLN A 152 9.09 6.86 17.15
C GLN A 152 7.83 7.17 17.97
N LEU A 153 6.84 6.29 17.89
CA LEU A 153 5.55 6.52 18.57
C LEU A 153 5.57 6.06 20.03
N ARG A 154 6.77 5.90 20.59
CA ARG A 154 6.93 5.48 21.98
C ARG A 154 6.10 6.35 22.92
N PRO A 155 5.59 5.77 24.02
CA PRO A 155 5.80 4.36 24.35
C PRO A 155 4.95 3.41 23.51
N LEU A 156 5.49 2.24 23.23
CA LEU A 156 4.78 1.24 22.43
C LEU A 156 3.60 0.67 23.22
N PRO A 157 2.38 0.82 22.70
CA PRO A 157 1.19 0.29 23.34
C PRO A 157 0.98 -1.18 22.98
N GLU A 158 -0.18 -1.72 23.35
CA GLU A 158 -0.50 -3.10 23.04
C GLU A 158 -1.65 -3.17 22.03
N ARG A 159 -2.40 -2.07 21.92
CA ARG A 159 -3.52 -2.02 20.99
C ARG A 159 -3.07 -1.39 19.68
N LEU A 160 -2.59 -2.24 18.79
CA LEU A 160 -2.11 -1.81 17.48
C LEU A 160 -2.73 -2.68 16.41
N VAL A 161 -3.03 -2.10 15.26
CA VAL A 161 -3.63 -2.86 14.18
C VAL A 161 -3.01 -2.45 12.83
N MET A 162 -2.63 -3.44 12.04
CA MET A 162 -2.02 -3.23 10.75
C MET A 162 -3.03 -3.44 9.64
N VAL A 163 -3.37 -2.37 8.94
CA VAL A 163 -4.30 -2.45 7.83
C VAL A 163 -3.54 -2.45 6.51
N GLY A 164 -3.50 -3.63 5.89
CA GLY A 164 -2.78 -3.79 4.63
C GLY A 164 -3.52 -4.68 3.67
N ASP A 165 -2.77 -5.37 2.81
CA ASP A 165 -3.38 -6.23 1.80
C ASP A 165 -2.48 -7.41 1.48
N ARG A 166 -1.23 -7.13 1.17
CA ARG A 166 -0.32 -8.17 0.72
C ARG A 166 0.23 -8.99 1.88
N SER A 167 0.59 -10.23 1.58
CA SER A 167 1.14 -11.16 2.56
C SER A 167 2.41 -10.63 3.22
N HIS A 168 3.13 -9.77 2.49
CA HIS A 168 4.37 -9.20 3.00
C HIS A 168 4.09 -8.23 4.13
N ASP A 169 2.96 -7.53 4.05
CA ASP A 169 2.59 -6.57 5.08
C ASP A 169 2.15 -7.33 6.32
N VAL A 170 1.47 -8.45 6.08
CA VAL A 170 1.02 -9.31 7.15
C VAL A 170 2.21 -9.95 7.84
N ASP A 171 3.15 -10.44 7.03
CA ASP A 171 4.38 -11.08 7.51
C ASP A 171 5.09 -10.21 8.55
N GLY A 172 5.23 -8.93 8.21
CA GLY A 172 5.89 -8.00 9.10
C GLY A 172 5.13 -7.76 10.39
N ALA A 173 3.84 -7.51 10.27
CA ALA A 173 3.01 -7.23 11.43
C ALA A 173 2.91 -8.45 12.33
N ALA A 174 2.79 -9.62 11.72
CA ALA A 174 2.70 -10.87 12.47
C ALA A 174 4.02 -11.19 13.14
N ALA A 175 5.12 -10.79 12.50
CA ALA A 175 6.46 -11.01 13.04
C ALA A 175 6.67 -10.21 14.32
N HIS A 176 5.99 -9.07 14.45
CA HIS A 176 6.11 -8.26 15.65
C HIS A 176 4.89 -8.48 16.55
N GLY A 177 3.93 -9.24 16.06
CA GLY A 177 2.75 -9.56 16.84
C GLY A 177 1.71 -8.46 16.85
N ILE A 178 1.31 -7.99 15.68
CA ILE A 178 0.27 -6.97 15.56
C ILE A 178 -0.91 -7.54 14.79
N ASP A 179 -2.13 -7.17 15.18
CA ASP A 179 -3.33 -7.63 14.49
C ASP A 179 -3.37 -7.12 13.06
N THR A 180 -3.12 -7.99 12.10
CA THR A 180 -3.13 -7.60 10.70
C THR A 180 -4.49 -7.84 10.08
N VAL A 181 -5.07 -6.79 9.51
CA VAL A 181 -6.36 -6.90 8.85
C VAL A 181 -6.19 -6.75 7.35
N VAL A 182 -6.37 -7.84 6.63
CA VAL A 182 -6.25 -7.84 5.18
C VAL A 182 -7.51 -7.23 4.58
N VAL A 183 -7.40 -6.01 4.11
CA VAL A 183 -8.53 -5.32 3.51
C VAL A 183 -8.31 -5.21 2.01
N GLY A 184 -9.06 -6.00 1.26
CA GLY A 184 -8.88 -6.02 -0.18
C GLY A 184 -10.17 -5.68 -0.91
N TRP A 185 -10.14 -4.61 -1.68
CA TRP A 185 -11.30 -4.16 -2.42
C TRP A 185 -11.51 -5.04 -3.65
N GLY A 186 -12.28 -6.11 -3.49
CA GLY A 186 -12.55 -7.00 -4.60
C GLY A 186 -12.66 -8.45 -4.15
N TYR A 187 -12.19 -9.36 -4.99
CA TYR A 187 -12.24 -10.79 -4.67
C TYR A 187 -11.16 -11.13 -3.64
N GLY A 188 -10.02 -10.46 -3.74
CA GLY A 188 -8.93 -10.71 -2.82
C GLY A 188 -7.98 -11.76 -3.34
N ARG A 189 -7.14 -12.27 -2.44
CA ARG A 189 -6.14 -13.27 -2.78
C ARG A 189 -5.30 -13.61 -1.56
N ALA A 190 -4.77 -12.59 -0.92
CA ALA A 190 -3.91 -12.77 0.25
C ALA A 190 -4.74 -12.84 1.53
N ASP A 191 -6.03 -13.13 1.37
CA ASP A 191 -6.95 -13.22 2.49
C ASP A 191 -6.59 -14.36 3.45
N PHE A 192 -6.03 -15.43 2.89
CA PHE A 192 -5.66 -16.60 3.69
C PHE A 192 -4.31 -17.15 3.25
N ILE A 193 -3.79 -18.11 4.02
CA ILE A 193 -2.53 -18.78 3.71
C ILE A 193 -1.36 -17.78 3.76
N ASP A 194 -1.46 -16.82 4.67
CA ASP A 194 -0.42 -15.84 4.88
C ASP A 194 0.59 -16.37 5.88
N LYS A 195 1.36 -15.48 6.50
CA LYS A 195 2.35 -15.89 7.49
C LYS A 195 1.80 -15.63 8.89
N THR A 196 0.51 -15.86 9.04
CA THR A 196 -0.19 -15.66 10.31
C THR A 196 0.45 -16.50 11.42
N SER A 197 0.19 -16.10 12.66
CA SER A 197 0.73 -16.79 13.82
C SER A 197 0.16 -18.20 13.93
N THR A 198 -1.17 -18.31 13.88
CA THR A 198 -1.84 -19.60 14.00
C THR A 198 -3.08 -19.67 13.13
N THR A 199 -4.20 -19.20 13.64
CA THR A 199 -5.47 -19.29 12.93
C THR A 199 -6.24 -17.97 12.94
N VAL A 200 -5.55 -16.87 13.23
CA VAL A 200 -6.18 -15.56 13.26
C VAL A 200 -6.37 -15.02 11.83
N VAL A 201 -7.60 -15.09 11.36
CA VAL A 201 -7.93 -14.66 10.00
C VAL A 201 -8.80 -13.40 10.01
N THR A 202 -8.16 -12.25 9.94
CA THR A 202 -8.86 -10.98 9.94
C THR A 202 -8.78 -10.29 8.57
N HIS A 203 -9.91 -10.22 7.88
CA HIS A 203 -9.95 -9.58 6.57
C HIS A 203 -11.22 -8.76 6.42
N ALA A 204 -11.19 -7.77 5.53
CA ALA A 204 -12.34 -6.93 5.32
C ALA A 204 -12.68 -6.81 3.84
N ALA A 205 -13.91 -7.15 3.51
CA ALA A 205 -14.41 -7.04 2.15
C ALA A 205 -14.79 -5.61 1.81
N THR A 206 -15.52 -4.97 2.72
CA THR A 206 -15.96 -3.60 2.52
C THR A 206 -15.36 -2.68 3.59
N ILE A 207 -15.55 -1.39 3.41
CA ILE A 207 -15.02 -0.40 4.33
C ILE A 207 -15.86 -0.35 5.60
N ASP A 208 -17.13 -0.74 5.47
CA ASP A 208 -18.04 -0.76 6.61
C ASP A 208 -17.54 -1.71 7.69
N GLU A 209 -16.97 -2.83 7.28
CA GLU A 209 -16.45 -3.82 8.21
C GLU A 209 -15.19 -3.31 8.90
N LEU A 210 -14.40 -2.56 8.15
CA LEU A 210 -13.17 -1.98 8.68
C LEU A 210 -13.53 -0.98 9.78
N ARG A 211 -14.55 -0.18 9.51
CA ARG A 211 -15.04 0.83 10.44
C ARG A 211 -15.42 0.22 11.77
N GLU A 212 -16.31 -0.78 11.75
CA GLU A 212 -16.77 -1.40 12.97
C GLU A 212 -15.67 -2.19 13.67
N ALA A 213 -14.70 -2.69 12.89
CA ALA A 213 -13.59 -3.46 13.44
C ALA A 213 -12.67 -2.58 14.28
N LEU A 214 -12.41 -1.37 13.79
CA LEU A 214 -11.54 -0.44 14.49
C LEU A 214 -12.26 0.20 15.68
N GLY A 215 -13.57 -0.01 15.75
CA GLY A 215 -14.36 0.53 16.83
C GLY A 215 -14.58 2.02 16.69
N VAL A 216 -14.75 2.47 15.45
CA VAL A 216 -15.01 3.88 15.20
C VAL A 216 -16.47 4.09 14.82
N GLY A 1 -15.69 3.67 19.74
CA GLY A 1 -14.85 3.90 20.94
C GLY A 1 -14.28 2.61 21.50
N GLU A 2 -14.08 1.63 20.62
CA GLU A 2 -13.52 0.35 21.00
C GLU A 2 -12.53 -0.08 19.93
N SER A 3 -11.38 0.57 19.94
CA SER A 3 -10.37 0.39 18.92
C SER A 3 -9.03 0.05 19.54
N PRO A 4 -8.04 -0.35 18.71
CA PRO A 4 -6.67 -0.56 19.18
C PRO A 4 -6.01 0.75 19.60
N GLN A 5 -4.73 0.71 19.93
CA GLN A 5 -4.04 1.92 20.37
C GLN A 5 -3.36 2.60 19.17
N LEU A 6 -3.05 1.81 18.15
CA LEU A 6 -2.42 2.34 16.95
C LEU A 6 -2.80 1.49 15.74
N VAL A 7 -3.22 2.17 14.69
CA VAL A 7 -3.61 1.51 13.45
C VAL A 7 -2.72 2.00 12.32
N ILE A 8 -1.93 1.09 11.76
CA ILE A 8 -1.04 1.43 10.66
C ILE A 8 -1.76 1.19 9.33
N PHE A 9 -1.84 2.24 8.52
CA PHE A 9 -2.44 2.10 7.20
C PHE A 9 -1.38 2.22 6.12
N ASP A 10 -1.73 1.77 4.93
CA ASP A 10 -0.87 1.90 3.77
C ASP A 10 -1.00 3.30 3.19
N LEU A 11 -0.69 3.43 1.91
CA LEU A 11 -0.81 4.72 1.23
C LEU A 11 -1.23 4.48 -0.21
N ASP A 12 -0.48 3.66 -0.90
CA ASP A 12 -0.77 3.33 -2.28
C ASP A 12 -1.33 1.91 -2.38
N GLY A 13 -2.65 1.83 -2.52
CA GLY A 13 -3.31 0.54 -2.61
C GLY A 13 -4.69 0.58 -1.97
N THR A 14 -4.72 0.80 -0.67
CA THR A 14 -5.95 0.87 0.08
C THR A 14 -6.31 2.32 0.42
N LEU A 15 -5.30 3.12 0.71
CA LEU A 15 -5.51 4.52 1.07
C LEU A 15 -5.68 5.39 -0.19
N THR A 16 -5.18 4.90 -1.32
CA THR A 16 -5.24 5.66 -2.56
C THR A 16 -5.56 4.74 -3.74
N ASP A 17 -6.33 5.25 -4.70
CA ASP A 17 -6.68 4.50 -5.90
C ASP A 17 -5.51 4.53 -6.87
N SER A 18 -4.48 3.78 -6.55
CA SER A 18 -3.27 3.76 -7.36
C SER A 18 -3.46 2.93 -8.63
N ALA A 19 -4.41 1.98 -8.57
CA ALA A 19 -4.73 1.08 -9.68
C ALA A 19 -4.41 1.64 -11.07
N ARG A 20 -5.16 2.66 -11.50
CA ARG A 20 -4.97 3.23 -12.84
C ARG A 20 -3.54 3.72 -13.07
N GLY A 21 -3.01 4.43 -12.07
CA GLY A 21 -1.65 4.97 -12.19
C GLY A 21 -0.60 3.89 -12.30
N ILE A 22 -0.80 2.78 -11.62
CA ILE A 22 0.15 1.68 -11.63
C ILE A 22 0.17 1.01 -13.00
N VAL A 23 -1.02 0.67 -13.51
CA VAL A 23 -1.14 0.03 -14.81
C VAL A 23 -0.57 0.93 -15.91
N SER A 24 -0.78 2.23 -15.76
CA SER A 24 -0.27 3.19 -16.73
C SER A 24 1.27 3.17 -16.78
N SER A 25 1.90 3.38 -15.62
CA SER A 25 3.36 3.41 -15.54
C SER A 25 3.97 2.05 -15.90
N PHE A 26 3.32 0.97 -15.45
CA PHE A 26 3.79 -0.38 -15.73
C PHE A 26 3.86 -0.64 -17.23
N ARG A 27 2.79 -0.28 -17.93
CA ARG A 27 2.74 -0.46 -19.39
C ARG A 27 3.80 0.39 -20.08
N HIS A 28 4.00 1.60 -19.57
CA HIS A 28 5.00 2.51 -20.12
C HIS A 28 6.41 1.94 -19.95
N ALA A 29 6.68 1.39 -18.77
CA ALA A 29 7.99 0.80 -18.50
C ALA A 29 8.31 -0.34 -19.46
N LEU A 30 7.42 -1.32 -19.53
CA LEU A 30 7.61 -2.46 -20.42
C LEU A 30 7.70 -2.03 -21.88
N ASN A 31 6.87 -1.08 -22.28
CA ASN A 31 6.86 -0.59 -23.66
C ASN A 31 8.18 0.11 -23.98
N HIS A 32 8.76 0.74 -22.98
CA HIS A 32 10.01 1.47 -23.15
C HIS A 32 11.17 0.53 -23.48
N ILE A 33 11.16 -0.67 -22.92
CA ILE A 33 12.24 -1.62 -23.15
C ILE A 33 11.93 -2.53 -24.32
N GLY A 34 10.78 -2.32 -24.94
CA GLY A 34 10.38 -3.10 -26.10
C GLY A 34 9.74 -4.43 -25.74
N ALA A 35 9.26 -4.55 -24.51
CA ALA A 35 8.62 -5.78 -24.08
C ALA A 35 7.12 -5.72 -24.31
N PRO A 36 6.54 -6.82 -24.82
CA PRO A 36 5.10 -6.91 -25.07
C PRO A 36 4.28 -6.85 -23.79
N VAL A 37 3.27 -6.02 -23.79
CA VAL A 37 2.41 -5.87 -22.63
C VAL A 37 1.10 -6.62 -22.82
N PRO A 38 0.91 -7.75 -22.12
CA PRO A 38 -0.33 -8.51 -22.18
C PRO A 38 -1.45 -7.77 -21.47
N GLU A 39 -2.62 -7.70 -22.07
CA GLU A 39 -3.73 -6.98 -21.46
C GLU A 39 -4.69 -7.94 -20.78
N GLY A 40 -5.62 -7.39 -20.02
CA GLY A 40 -6.57 -8.19 -19.28
C GLY A 40 -6.57 -7.84 -17.81
N ASP A 41 -6.91 -8.80 -16.96
CA ASP A 41 -6.95 -8.57 -15.52
C ASP A 41 -5.55 -8.64 -14.92
N LEU A 42 -4.66 -7.80 -15.42
CA LEU A 42 -3.29 -7.75 -14.93
C LEU A 42 -3.20 -7.10 -13.56
N ALA A 43 -4.20 -6.28 -13.23
CA ALA A 43 -4.22 -5.56 -11.95
C ALA A 43 -4.07 -6.51 -10.77
N THR A 44 -4.92 -7.52 -10.71
CA THR A 44 -4.90 -8.49 -9.62
C THR A 44 -3.62 -9.34 -9.63
N HIS A 45 -3.01 -9.48 -10.81
CA HIS A 45 -1.81 -10.30 -10.96
C HIS A 45 -0.54 -9.54 -10.58
N ILE A 46 -0.50 -8.24 -10.84
CA ILE A 46 0.68 -7.44 -10.53
C ILE A 46 0.65 -6.91 -9.10
N VAL A 47 -0.51 -6.99 -8.45
CA VAL A 47 -0.62 -6.51 -7.08
C VAL A 47 -0.27 -7.63 -6.10
N GLY A 48 0.66 -7.35 -5.21
CA GLY A 48 1.10 -8.35 -4.25
C GLY A 48 2.60 -8.56 -4.28
N PRO A 49 3.11 -9.30 -5.28
CA PRO A 49 4.55 -9.58 -5.42
C PRO A 49 5.38 -8.32 -5.61
N PRO A 50 6.68 -8.39 -5.30
CA PRO A 50 7.60 -7.26 -5.45
C PRO A 50 7.85 -6.93 -6.93
N MET A 51 8.16 -5.66 -7.19
CA MET A 51 8.35 -5.18 -8.57
C MET A 51 9.42 -5.99 -9.30
N HIS A 52 10.45 -6.42 -8.56
CA HIS A 52 11.52 -7.23 -9.13
C HIS A 52 10.98 -8.55 -9.67
N GLU A 53 10.07 -9.17 -8.92
CA GLU A 53 9.56 -10.46 -9.29
C GLU A 53 8.49 -10.34 -10.37
N THR A 54 7.61 -9.36 -10.21
CA THR A 54 6.55 -9.12 -11.19
C THR A 54 7.15 -8.85 -12.57
N LEU A 55 8.16 -7.99 -12.61
CA LEU A 55 8.81 -7.63 -13.87
C LEU A 55 9.52 -8.85 -14.48
N ARG A 56 10.15 -9.66 -13.63
CA ARG A 56 10.90 -10.82 -14.09
C ARG A 56 9.96 -11.93 -14.55
N ALA A 57 8.73 -11.90 -14.07
CA ALA A 57 7.74 -12.93 -14.43
C ALA A 57 6.92 -12.50 -15.63
N MET A 58 6.79 -11.20 -15.83
CA MET A 58 5.98 -10.65 -16.91
C MET A 58 6.73 -10.65 -18.23
N GLY A 59 8.02 -10.38 -18.16
CA GLY A 59 8.82 -10.33 -19.36
C GLY A 59 10.23 -10.82 -19.13
N LEU A 60 11.07 -9.95 -18.60
CA LEU A 60 12.45 -10.29 -18.36
C LEU A 60 13.01 -9.55 -17.16
N GLY A 61 14.00 -10.15 -16.52
CA GLY A 61 14.65 -9.52 -15.40
C GLY A 61 16.05 -9.07 -15.76
N GLU A 62 16.38 -9.23 -17.05
CA GLU A 62 17.68 -8.86 -17.57
C GLU A 62 17.86 -7.34 -17.54
N SER A 63 17.01 -6.64 -18.28
CA SER A 63 17.05 -5.19 -18.31
C SER A 63 16.10 -4.62 -17.26
N ALA A 64 15.97 -5.35 -16.16
CA ALA A 64 15.08 -4.95 -15.07
C ALA A 64 15.45 -3.60 -14.50
N GLU A 65 16.75 -3.30 -14.47
CA GLU A 65 17.24 -2.04 -13.92
C GLU A 65 16.69 -0.87 -14.73
N GLU A 66 16.72 -1.01 -16.05
CA GLU A 66 16.21 -0.01 -16.98
C GLU A 66 14.70 0.13 -16.87
N ALA A 67 14.02 -1.00 -16.82
CA ALA A 67 12.57 -1.02 -16.74
C ALA A 67 12.08 -0.44 -15.42
N ILE A 68 12.73 -0.82 -14.32
CA ILE A 68 12.39 -0.30 -13.00
C ILE A 68 12.57 1.20 -12.92
N VAL A 69 13.71 1.70 -13.40
CA VAL A 69 13.97 3.13 -13.35
C VAL A 69 13.03 3.90 -14.28
N ALA A 70 12.65 3.26 -15.39
CA ALA A 70 11.70 3.85 -16.32
C ALA A 70 10.32 3.91 -15.66
N TYR A 71 9.97 2.84 -14.97
CA TYR A 71 8.72 2.75 -14.22
C TYR A 71 8.65 3.88 -13.20
N ARG A 72 9.76 4.07 -12.50
CA ARG A 72 9.88 5.13 -11.49
C ARG A 72 9.73 6.51 -12.14
N ALA A 73 10.39 6.69 -13.28
CA ALA A 73 10.37 7.96 -13.99
C ALA A 73 8.96 8.37 -14.41
N ASP A 74 8.24 7.45 -15.05
CA ASP A 74 6.87 7.74 -15.51
C ASP A 74 5.95 7.97 -14.33
N TYR A 75 6.19 7.21 -13.26
CA TYR A 75 5.41 7.34 -12.03
C TYR A 75 5.62 8.72 -11.41
N SER A 76 6.86 9.15 -11.34
CA SER A 76 7.20 10.44 -10.75
C SER A 76 6.75 11.61 -11.63
N ALA A 77 6.55 11.33 -12.91
CA ALA A 77 6.20 12.38 -13.87
C ALA A 77 4.70 12.51 -14.08
N ARG A 78 4.01 11.38 -14.25
CA ARG A 78 2.57 11.41 -14.51
C ARG A 78 1.75 10.66 -13.46
N GLY A 79 2.41 9.82 -12.67
CA GLY A 79 1.72 9.03 -11.67
C GLY A 79 0.94 9.87 -10.66
N TRP A 80 1.55 10.96 -10.21
CA TRP A 80 0.93 11.83 -9.21
C TRP A 80 -0.35 12.49 -9.73
N ALA A 81 -0.52 12.53 -11.04
CA ALA A 81 -1.67 13.19 -11.63
C ALA A 81 -2.82 12.20 -11.84
N MET A 82 -2.53 10.92 -11.66
CA MET A 82 -3.54 9.89 -11.85
C MET A 82 -3.91 9.24 -10.51
N ASN A 83 -3.61 9.92 -9.42
CA ASN A 83 -3.93 9.39 -8.09
C ASN A 83 -5.21 10.04 -7.57
N SER A 84 -5.96 9.30 -6.77
CA SER A 84 -7.19 9.80 -6.18
C SER A 84 -7.63 8.86 -5.07
N LEU A 85 -8.73 9.19 -4.41
CA LEU A 85 -9.27 8.34 -3.36
C LEU A 85 -10.78 8.55 -3.28
N PHE A 86 -11.49 7.49 -2.91
CA PHE A 86 -12.94 7.56 -2.77
C PHE A 86 -13.32 8.24 -1.46
N ASP A 87 -14.58 8.67 -1.38
CA ASP A 87 -15.09 9.39 -0.21
C ASP A 87 -15.39 8.43 0.94
N GLY A 88 -14.66 7.33 1.00
CA GLY A 88 -14.84 6.38 2.09
C GLY A 88 -13.76 6.54 3.13
N ILE A 89 -12.55 6.83 2.67
CA ILE A 89 -11.41 7.03 3.56
C ILE A 89 -11.61 8.25 4.45
N GLY A 90 -12.19 9.29 3.87
CA GLY A 90 -12.47 10.52 4.59
C GLY A 90 -13.22 10.30 5.89
N PRO A 91 -14.49 9.84 5.83
CA PRO A 91 -15.28 9.56 7.02
C PRO A 91 -14.64 8.49 7.90
N LEU A 92 -13.91 7.57 7.27
CA LEU A 92 -13.22 6.52 8.00
C LEU A 92 -12.20 7.12 8.95
N LEU A 93 -11.28 7.90 8.38
CA LEU A 93 -10.20 8.53 9.14
C LEU A 93 -10.76 9.53 10.14
N ALA A 94 -11.83 10.22 9.76
CA ALA A 94 -12.47 11.18 10.64
C ALA A 94 -13.06 10.49 11.86
N ASP A 95 -13.76 9.39 11.62
CA ASP A 95 -14.36 8.61 12.69
C ASP A 95 -13.28 8.05 13.61
N LEU A 96 -12.20 7.56 13.00
CA LEU A 96 -11.08 7.00 13.74
C LEU A 96 -10.46 8.05 14.66
N ARG A 97 -10.26 9.25 14.12
CA ARG A 97 -9.67 10.35 14.88
C ARG A 97 -10.61 10.74 16.02
N THR A 98 -11.90 10.62 15.79
CA THR A 98 -12.92 10.91 16.79
C THR A 98 -12.85 9.91 17.95
N ALA A 99 -12.53 8.66 17.62
CA ALA A 99 -12.46 7.59 18.62
C ALA A 99 -11.22 7.75 19.50
N GLY A 100 -10.26 8.54 19.05
CA GLY A 100 -9.08 8.80 19.84
C GLY A 100 -7.92 7.86 19.53
N VAL A 101 -8.09 7.00 18.55
CA VAL A 101 -7.07 6.03 18.19
C VAL A 101 -5.93 6.71 17.43
N ARG A 102 -4.71 6.20 17.59
CA ARG A 102 -3.57 6.75 16.87
C ARG A 102 -3.54 6.18 15.45
N LEU A 103 -3.57 7.06 14.45
CA LEU A 103 -3.51 6.62 13.07
C LEU A 103 -2.12 6.90 12.50
N ALA A 104 -1.61 5.98 11.70
CA ALA A 104 -0.28 6.15 11.12
C ALA A 104 -0.20 5.53 9.74
N VAL A 105 0.87 5.84 9.01
CA VAL A 105 1.07 5.34 7.67
C VAL A 105 2.42 4.63 7.59
N ALA A 106 2.47 3.54 6.84
CA ALA A 106 3.71 2.79 6.66
C ALA A 106 3.73 2.15 5.28
N THR A 107 4.47 2.74 4.37
CA THR A 107 4.56 2.24 3.01
C THR A 107 5.96 2.42 2.45
N SER A 108 6.27 1.69 1.40
CA SER A 108 7.57 1.77 0.75
C SER A 108 7.65 2.98 -0.18
N LYS A 109 7.11 4.11 0.27
CA LYS A 109 7.11 5.34 -0.50
C LYS A 109 8.14 6.32 0.09
N ALA A 110 8.92 6.94 -0.78
CA ALA A 110 9.87 7.94 -0.34
C ALA A 110 9.14 9.21 0.07
N GLU A 111 9.78 10.04 0.87
CA GLU A 111 9.17 11.27 1.36
C GLU A 111 8.59 12.13 0.23
N PRO A 112 9.38 12.45 -0.83
CA PRO A 112 8.91 13.27 -1.96
C PRO A 112 7.56 12.82 -2.53
N THR A 113 7.42 11.52 -2.79
CA THR A 113 6.19 11.00 -3.37
C THR A 113 5.10 10.87 -2.31
N ALA A 114 5.48 10.53 -1.08
CA ALA A 114 4.50 10.40 -0.01
C ALA A 114 3.84 11.74 0.28
N ARG A 115 4.66 12.79 0.34
CA ARG A 115 4.17 14.13 0.60
C ARG A 115 3.23 14.57 -0.52
N ARG A 116 3.60 14.25 -1.76
CA ARG A 116 2.82 14.67 -2.91
C ARG A 116 1.42 14.06 -2.86
N ILE A 117 1.33 12.81 -2.46
CA ILE A 117 0.05 12.11 -2.36
C ILE A 117 -0.78 12.71 -1.23
N LEU A 118 -0.16 12.83 -0.06
CA LEU A 118 -0.82 13.34 1.13
C LEU A 118 -1.23 14.79 0.95
N ARG A 119 -0.44 15.56 0.21
CA ARG A 119 -0.73 16.97 -0.03
C ARG A 119 -1.85 17.13 -1.05
N HIS A 120 -1.89 16.28 -2.06
CA HIS A 120 -2.93 16.34 -3.08
C HIS A 120 -4.32 16.19 -2.43
N PHE A 121 -4.42 15.26 -1.50
CA PHE A 121 -5.69 15.02 -0.82
C PHE A 121 -5.85 15.94 0.40
N GLY A 122 -4.72 16.28 1.02
CA GLY A 122 -4.76 17.14 2.18
C GLY A 122 -5.15 16.37 3.43
N ILE A 123 -4.68 15.14 3.52
CA ILE A 123 -5.03 14.27 4.65
C ILE A 123 -3.81 13.98 5.54
N GLU A 124 -2.67 14.58 5.22
CA GLU A 124 -1.43 14.31 5.94
C GLU A 124 -1.54 14.73 7.41
N GLN A 125 -2.16 15.87 7.64
CA GLN A 125 -2.29 16.43 8.99
C GLN A 125 -3.09 15.53 9.91
N HIS A 126 -3.92 14.66 9.33
CA HIS A 126 -4.77 13.79 10.12
C HIS A 126 -4.00 12.55 10.60
N PHE A 127 -2.87 12.28 9.94
CA PHE A 127 -2.04 11.14 10.31
C PHE A 127 -0.92 11.58 11.26
N GLU A 128 -0.75 10.82 12.34
CA GLU A 128 0.26 11.14 13.34
C GLU A 128 1.67 10.91 12.81
N VAL A 129 1.93 9.69 12.34
CA VAL A 129 3.26 9.33 11.85
C VAL A 129 3.19 8.67 10.48
N ILE A 130 3.77 9.34 9.49
CA ILE A 130 3.84 8.78 8.15
C ILE A 130 5.23 8.21 7.92
N ALA A 131 5.34 6.89 7.97
CA ALA A 131 6.61 6.21 7.81
C ALA A 131 6.95 5.98 6.34
N GLY A 132 7.88 6.78 5.84
CA GLY A 132 8.35 6.63 4.48
C GLY A 132 9.51 5.66 4.41
N ALA A 133 9.77 5.16 3.22
CA ALA A 133 10.85 4.21 3.02
C ALA A 133 12.21 4.89 3.17
N SER A 134 13.09 4.28 3.95
CA SER A 134 14.42 4.83 4.18
C SER A 134 15.34 4.47 3.03
N THR A 135 16.46 5.17 2.93
CA THR A 135 17.43 4.91 1.88
C THR A 135 18.55 4.02 2.40
N ASP A 136 18.41 3.62 3.65
CA ASP A 136 19.38 2.73 4.29
C ASP A 136 19.06 1.28 3.98
N GLY A 137 19.91 0.37 4.44
CA GLY A 137 19.71 -1.04 4.16
C GLY A 137 18.98 -1.76 5.28
N SER A 138 18.22 -2.78 4.91
CA SER A 138 17.49 -3.57 5.88
C SER A 138 18.00 -5.00 5.87
N ARG A 139 18.13 -5.60 7.05
CA ARG A 139 18.66 -6.96 7.17
C ARG A 139 17.86 -7.76 8.20
N GLY A 140 18.04 -9.07 8.19
CA GLY A 140 17.38 -9.92 9.14
C GLY A 140 15.99 -10.35 8.68
N SER A 141 15.13 -10.61 9.64
CA SER A 141 13.76 -11.02 9.36
C SER A 141 12.76 -10.05 9.98
N LYS A 142 13.25 -8.85 10.27
CA LYS A 142 12.41 -7.82 10.88
C LYS A 142 12.08 -6.75 9.85
N VAL A 143 11.05 -5.95 10.15
CA VAL A 143 10.60 -4.92 9.23
C VAL A 143 11.03 -3.53 9.70
N ASP A 144 11.82 -2.87 8.86
CA ASP A 144 12.36 -1.54 9.15
C ASP A 144 11.28 -0.46 9.15
N VAL A 145 10.60 -0.29 8.01
CA VAL A 145 9.54 0.73 7.87
C VAL A 145 8.57 0.74 9.06
N LEU A 146 7.98 -0.42 9.35
CA LEU A 146 7.03 -0.53 10.44
C LEU A 146 7.68 -0.17 11.77
N ALA A 147 8.88 -0.69 12.00
CA ALA A 147 9.63 -0.41 13.23
C ALA A 147 9.91 1.08 13.37
N HIS A 148 10.28 1.72 12.27
CA HIS A 148 10.60 3.16 12.27
C HIS A 148 9.37 3.95 12.71
N ALA A 149 8.21 3.56 12.21
CA ALA A 149 6.96 4.22 12.58
C ALA A 149 6.72 4.12 14.07
N LEU A 150 6.83 2.89 14.59
CA LEU A 150 6.58 2.63 16.01
C LEU A 150 7.63 3.30 16.90
N ALA A 151 8.89 3.22 16.49
CA ALA A 151 9.97 3.81 17.26
C ALA A 151 9.87 5.33 17.30
N GLN A 152 9.24 5.90 16.28
CA GLN A 152 9.08 7.34 16.19
C GLN A 152 7.95 7.83 17.12
N LEU A 153 6.84 7.11 17.11
CA LEU A 153 5.68 7.49 17.91
C LEU A 153 5.74 6.90 19.32
N ARG A 154 6.94 6.53 19.77
CA ARG A 154 7.12 5.93 21.10
C ARG A 154 6.48 6.77 22.19
N PRO A 155 6.15 6.13 23.34
CA PRO A 155 6.42 4.71 23.54
C PRO A 155 5.54 3.79 22.70
N LEU A 156 5.88 2.52 22.66
CA LEU A 156 5.17 1.55 21.82
C LEU A 156 3.83 1.16 22.43
N PRO A 157 2.75 1.28 21.64
CA PRO A 157 1.39 0.91 22.07
C PRO A 157 1.22 -0.59 22.24
N GLU A 158 0.20 -1.01 22.99
CA GLU A 158 -0.03 -2.42 23.26
C GLU A 158 -0.79 -3.11 22.11
N ARG A 159 -1.90 -2.52 21.70
CA ARG A 159 -2.71 -3.13 20.64
C ARG A 159 -2.45 -2.44 19.31
N LEU A 160 -1.89 -3.21 18.37
CA LEU A 160 -1.53 -2.71 17.06
C LEU A 160 -2.25 -3.48 15.97
N VAL A 161 -2.51 -2.82 14.84
CA VAL A 161 -3.13 -3.48 13.70
C VAL A 161 -2.70 -2.80 12.39
N MET A 162 -2.28 -3.62 11.43
CA MET A 162 -1.85 -3.13 10.13
C MET A 162 -2.97 -3.27 9.11
N VAL A 163 -3.16 -2.25 8.30
CA VAL A 163 -4.21 -2.25 7.28
C VAL A 163 -3.61 -1.97 5.90
N GLY A 164 -3.87 -2.89 4.98
CA GLY A 164 -3.35 -2.76 3.63
C GLY A 164 -3.93 -3.81 2.72
N ASP A 165 -3.42 -3.89 1.49
CA ASP A 165 -3.91 -4.85 0.52
C ASP A 165 -2.80 -5.79 0.06
N ARG A 166 -1.60 -5.23 -0.08
CA ARG A 166 -0.46 -5.98 -0.59
C ARG A 166 0.07 -6.98 0.43
N SER A 167 0.23 -8.22 -0.02
CA SER A 167 0.70 -9.31 0.82
C SER A 167 2.09 -9.04 1.39
N HIS A 168 2.93 -8.36 0.63
CA HIS A 168 4.29 -8.01 1.06
C HIS A 168 4.28 -7.28 2.40
N ASP A 169 3.40 -6.31 2.53
CA ASP A 169 3.32 -5.50 3.74
C ASP A 169 2.59 -6.26 4.84
N VAL A 170 1.65 -7.11 4.42
CA VAL A 170 0.92 -7.97 5.36
C VAL A 170 1.88 -8.97 6.01
N ASP A 171 2.75 -9.54 5.18
CA ASP A 171 3.76 -10.49 5.63
C ASP A 171 4.69 -9.83 6.65
N GLY A 172 5.04 -8.58 6.38
CA GLY A 172 5.92 -7.84 7.27
C GLY A 172 5.30 -7.61 8.63
N ALA A 173 4.03 -7.21 8.65
CA ALA A 173 3.31 -6.98 9.89
C ALA A 173 3.25 -8.25 10.71
N ALA A 174 3.03 -9.37 10.02
CA ALA A 174 2.94 -10.67 10.67
C ALA A 174 4.33 -11.10 11.15
N ALA A 175 5.35 -10.72 10.40
CA ALA A 175 6.74 -11.04 10.74
C ALA A 175 7.18 -10.36 12.03
N HIS A 176 6.53 -9.24 12.37
CA HIS A 176 6.87 -8.53 13.61
C HIS A 176 5.85 -8.88 14.70
N GLY A 177 5.02 -9.87 14.41
CA GLY A 177 4.01 -10.33 15.36
C GLY A 177 2.93 -9.30 15.60
N ILE A 178 2.37 -8.78 14.53
CA ILE A 178 1.33 -7.77 14.60
C ILE A 178 0.13 -8.18 13.76
N ASP A 179 -1.06 -7.97 14.31
CA ASP A 179 -2.30 -8.33 13.62
C ASP A 179 -2.52 -7.40 12.43
N THR A 180 -3.10 -7.92 11.36
CA THR A 180 -3.28 -7.14 10.16
C THR A 180 -4.57 -7.52 9.44
N VAL A 181 -5.21 -6.52 8.83
CA VAL A 181 -6.44 -6.73 8.08
C VAL A 181 -6.25 -6.27 6.64
N VAL A 182 -6.59 -7.14 5.71
CA VAL A 182 -6.46 -6.84 4.28
C VAL A 182 -7.73 -6.14 3.78
N VAL A 183 -7.56 -5.18 2.89
CA VAL A 183 -8.69 -4.46 2.32
C VAL A 183 -8.75 -4.69 0.82
N GLY A 184 -9.96 -4.80 0.28
CA GLY A 184 -10.10 -5.01 -1.14
C GLY A 184 -11.17 -4.12 -1.75
N TRP A 185 -10.74 -3.06 -2.45
CA TRP A 185 -11.67 -2.17 -3.12
C TRP A 185 -12.09 -2.75 -4.47
N GLY A 186 -11.36 -3.77 -4.92
CA GLY A 186 -11.65 -4.41 -6.18
C GLY A 186 -11.98 -5.88 -5.99
N TYR A 187 -12.00 -6.64 -7.08
CA TYR A 187 -12.32 -8.05 -6.99
C TYR A 187 -11.15 -8.90 -7.49
N GLY A 188 -10.54 -9.62 -6.55
CA GLY A 188 -9.44 -10.51 -6.89
C GLY A 188 -9.05 -11.36 -5.70
N ARG A 189 -9.31 -12.65 -5.78
CA ARG A 189 -9.03 -13.54 -4.67
C ARG A 189 -8.84 -14.99 -5.11
N ALA A 190 -9.83 -15.55 -5.78
CA ALA A 190 -9.81 -16.97 -6.16
C ALA A 190 -9.21 -17.18 -7.55
N ASP A 191 -8.52 -16.17 -8.06
CA ASP A 191 -7.91 -16.28 -9.39
C ASP A 191 -6.76 -17.27 -9.37
N PHE A 192 -5.88 -17.13 -8.39
CA PHE A 192 -4.72 -18.00 -8.28
C PHE A 192 -4.51 -18.44 -6.84
N ILE A 193 -4.11 -19.68 -6.65
CA ILE A 193 -3.79 -20.18 -5.33
C ILE A 193 -2.30 -20.09 -5.09
N ASP A 194 -1.91 -19.42 -4.02
CA ASP A 194 -0.50 -19.24 -3.71
C ASP A 194 -0.05 -20.27 -2.68
N LYS A 195 1.24 -20.36 -2.47
CA LYS A 195 1.81 -21.34 -1.57
C LYS A 195 1.53 -21.00 -0.11
N THR A 196 0.78 -21.89 0.56
CA THR A 196 0.41 -21.75 1.97
C THR A 196 -0.18 -20.38 2.30
N SER A 197 -0.96 -19.85 1.36
CA SER A 197 -1.58 -18.55 1.55
C SER A 197 -3.11 -18.68 1.56
N THR A 198 -3.79 -17.56 1.79
CA THR A 198 -5.26 -17.52 1.80
C THR A 198 -5.83 -18.37 2.95
N THR A 199 -5.17 -18.35 4.09
CA THR A 199 -5.63 -19.10 5.25
C THR A 199 -6.30 -18.18 6.28
N VAL A 200 -7.64 -18.25 6.33
CA VAL A 200 -8.48 -17.48 7.26
C VAL A 200 -8.01 -16.01 7.39
N VAL A 201 -7.79 -15.39 6.25
CA VAL A 201 -7.31 -14.02 6.21
C VAL A 201 -8.46 -13.03 6.39
N THR A 202 -8.47 -12.35 7.52
CA THR A 202 -9.49 -11.34 7.77
C THR A 202 -9.32 -10.18 6.80
N HIS A 203 -10.43 -9.62 6.34
CA HIS A 203 -10.37 -8.58 5.33
C HIS A 203 -11.63 -7.73 5.33
N ALA A 204 -11.49 -6.51 4.85
CA ALA A 204 -12.61 -5.60 4.76
C ALA A 204 -13.18 -5.61 3.34
N ALA A 205 -14.40 -6.10 3.23
CA ALA A 205 -15.09 -6.16 1.95
C ALA A 205 -15.55 -4.77 1.52
N THR A 206 -15.82 -3.92 2.50
CA THR A 206 -16.26 -2.57 2.24
C THR A 206 -15.64 -1.62 3.26
N ILE A 207 -15.87 -0.33 3.08
CA ILE A 207 -15.27 0.68 3.96
C ILE A 207 -15.96 0.70 5.33
N ASP A 208 -17.26 0.50 5.35
CA ASP A 208 -18.03 0.52 6.58
C ASP A 208 -17.67 -0.67 7.46
N GLU A 209 -17.19 -1.73 6.85
CA GLU A 209 -16.78 -2.91 7.55
C GLU A 209 -15.45 -2.64 8.27
N LEU A 210 -14.61 -1.83 7.65
CA LEU A 210 -13.34 -1.43 8.24
C LEU A 210 -13.59 -0.68 9.54
N ARG A 211 -14.38 0.38 9.46
CA ARG A 211 -14.69 1.21 10.62
C ARG A 211 -15.34 0.37 11.73
N GLU A 212 -16.22 -0.55 11.35
CA GLU A 212 -16.88 -1.42 12.31
C GLU A 212 -15.85 -2.35 12.97
N ALA A 213 -14.96 -2.90 12.16
CA ALA A 213 -13.94 -3.81 12.67
C ALA A 213 -12.97 -3.09 13.59
N LEU A 214 -12.67 -1.84 13.27
CA LEU A 214 -11.76 -1.04 14.09
C LEU A 214 -12.45 -0.57 15.37
N GLY A 215 -13.77 -0.40 15.32
CA GLY A 215 -14.53 -0.07 16.52
C GLY A 215 -14.69 1.41 16.77
N VAL A 216 -15.09 2.15 15.74
CA VAL A 216 -15.30 3.58 15.88
C VAL A 216 -16.74 3.90 16.24
#